data_1M2F
#
_entry.id   1M2F
#
_entity_poly.entity_id   1
_entity_poly.type   'polypeptide(L)'
_entity_poly.pdbx_seq_one_letter_code
;MLSQIAICIWVESTAILQDCQRALSADRYQLQVCESGEMLLEYAQTHRDQIDCLILVAANPSFRAVVQQLCFEGVVVPAI
VVGDRDSEDPDEPAKEQLYHSAELHLGIHQLEQLPYQVDAALAEFLRLAPVETMA
;
_entity_poly.pdbx_strand_id   A
#
# COMPACT_ATOMS: atom_id res chain seq x y z
N MET A 1 1.59 -20.95 -13.10
CA MET A 1 1.58 -19.50 -13.48
C MET A 1 0.98 -18.67 -12.35
N LEU A 2 0.72 -17.41 -12.61
CA LEU A 2 0.13 -16.54 -11.56
C LEU A 2 -1.38 -16.39 -11.82
N SER A 3 -2.20 -16.84 -10.91
CA SER A 3 -3.67 -16.72 -11.12
C SER A 3 -4.06 -15.25 -11.11
N GLN A 4 -3.98 -14.63 -9.97
CA GLN A 4 -4.34 -13.17 -9.89
C GLN A 4 -3.53 -12.50 -8.77
N ILE A 5 -3.59 -11.20 -8.70
CA ILE A 5 -2.83 -10.49 -7.64
C ILE A 5 -3.78 -9.95 -6.59
N ALA A 6 -3.48 -10.16 -5.33
CA ALA A 6 -4.39 -9.67 -4.26
C ALA A 6 -3.94 -8.29 -3.80
N ILE A 7 -4.77 -7.30 -3.96
CA ILE A 7 -4.39 -5.93 -3.52
C ILE A 7 -5.38 -5.43 -2.47
N CYS A 8 -4.89 -5.10 -1.31
CA CYS A 8 -5.80 -4.61 -0.24
C CYS A 8 -5.63 -3.11 -0.06
N ILE A 9 -6.56 -2.33 -0.56
CA ILE A 9 -6.40 -0.85 -0.42
C ILE A 9 -7.19 -0.32 0.77
N TRP A 10 -6.70 0.72 1.37
CA TRP A 10 -7.43 1.35 2.50
C TRP A 10 -7.67 2.82 2.18
N VAL A 11 -8.88 3.18 1.88
CA VAL A 11 -9.17 4.59 1.53
C VAL A 11 -10.65 4.90 1.81
N GLU A 12 -10.92 5.96 2.52
CA GLU A 12 -12.34 6.29 2.86
C GLU A 12 -12.95 7.20 1.79
N SER A 13 -12.27 7.41 0.71
CA SER A 13 -12.83 8.28 -0.37
C SER A 13 -13.07 7.44 -1.62
N THR A 14 -14.27 7.48 -2.15
CA THR A 14 -14.57 6.67 -3.37
C THR A 14 -13.66 7.07 -4.53
N ALA A 15 -13.53 8.35 -4.79
CA ALA A 15 -12.65 8.78 -5.92
C ALA A 15 -11.26 8.18 -5.76
N ILE A 16 -10.65 8.36 -4.62
CA ILE A 16 -9.30 7.77 -4.40
C ILE A 16 -9.39 6.26 -4.55
N LEU A 17 -10.38 5.66 -3.94
CA LEU A 17 -10.56 4.18 -4.05
C LEU A 17 -10.78 3.81 -5.52
N GLN A 18 -11.58 4.57 -6.21
CA GLN A 18 -11.84 4.26 -7.65
C GLN A 18 -10.59 4.53 -8.49
N ASP A 19 -9.96 5.66 -8.33
CA ASP A 19 -8.75 5.95 -9.14
C ASP A 19 -7.64 4.96 -8.76
N CYS A 20 -7.51 4.65 -7.49
CA CYS A 20 -6.45 3.69 -7.06
C CYS A 20 -6.74 2.30 -7.64
N GLN A 21 -7.99 1.93 -7.69
CA GLN A 21 -8.35 0.59 -8.25
C GLN A 21 -8.49 0.68 -9.76
N ARG A 22 -8.96 1.80 -10.24
CA ARG A 22 -9.10 1.98 -11.70
C ARG A 22 -7.78 1.58 -12.36
N ALA A 23 -6.71 2.22 -11.99
CA ALA A 23 -5.41 1.85 -12.57
C ALA A 23 -5.19 0.35 -12.33
N LEU A 24 -5.49 -0.11 -11.14
CA LEU A 24 -5.35 -1.56 -10.83
C LEU A 24 -6.61 -2.31 -11.24
N SER A 25 -6.89 -2.35 -12.51
CA SER A 25 -8.12 -3.06 -12.99
C SER A 25 -7.75 -4.32 -13.78
N ALA A 26 -6.48 -4.53 -14.02
CA ALA A 26 -6.03 -5.75 -14.78
C ALA A 26 -6.93 -6.94 -14.45
N ASP A 27 -7.18 -7.79 -15.41
CA ASP A 27 -8.06 -8.97 -15.16
C ASP A 27 -7.49 -9.85 -14.06
N ARG A 28 -6.26 -9.66 -13.69
CA ARG A 28 -5.66 -10.51 -12.62
C ARG A 28 -5.54 -9.73 -11.31
N TYR A 29 -6.37 -8.75 -11.10
CA TYR A 29 -6.27 -7.97 -9.83
C TYR A 29 -7.44 -8.26 -8.89
N GLN A 30 -7.15 -8.43 -7.64
CA GLN A 30 -8.23 -8.67 -6.64
C GLN A 30 -8.19 -7.52 -5.63
N LEU A 31 -8.89 -6.46 -5.93
CA LEU A 31 -8.85 -5.27 -5.03
C LEU A 31 -9.81 -5.43 -3.85
N GLN A 32 -9.31 -5.21 -2.67
CA GLN A 32 -10.17 -5.29 -1.46
C GLN A 32 -10.17 -3.93 -0.77
N VAL A 33 -11.29 -3.27 -0.71
CA VAL A 33 -11.31 -1.93 -0.07
C VAL A 33 -11.64 -2.05 1.41
N CYS A 34 -10.92 -1.32 2.23
CA CYS A 34 -11.19 -1.38 3.70
C CYS A 34 -11.84 -0.07 4.16
N GLU A 35 -13.05 -0.15 4.64
CA GLU A 35 -13.74 1.08 5.11
C GLU A 35 -12.96 1.73 6.26
N SER A 36 -12.21 0.96 6.98
CA SER A 36 -11.43 1.54 8.12
C SER A 36 -9.95 1.11 8.04
N GLY A 37 -9.21 1.31 9.10
CA GLY A 37 -7.78 0.90 9.10
C GLY A 37 -7.68 -0.35 9.96
N GLU A 38 -8.58 -0.47 10.90
CA GLU A 38 -8.60 -1.66 11.76
C GLU A 38 -9.07 -2.83 10.93
N MET A 39 -10.03 -2.59 10.08
CA MET A 39 -10.55 -3.65 9.19
C MET A 39 -9.40 -4.17 8.33
N LEU A 40 -8.53 -3.30 7.90
CA LEU A 40 -7.37 -3.73 7.08
C LEU A 40 -6.48 -4.67 7.90
N LEU A 41 -6.39 -4.43 9.18
CA LEU A 41 -5.53 -5.31 10.03
C LEU A 41 -6.08 -6.74 10.01
N GLU A 42 -7.36 -6.90 10.19
CA GLU A 42 -7.93 -8.28 10.18
C GLU A 42 -7.65 -8.95 8.83
N TYR A 43 -7.82 -8.23 7.76
CA TYR A 43 -7.57 -8.82 6.41
C TYR A 43 -6.08 -9.19 6.27
N ALA A 44 -5.19 -8.30 6.64
CA ALA A 44 -3.74 -8.61 6.53
C ALA A 44 -3.29 -9.52 7.68
N GLN A 45 -4.12 -9.65 8.68
CA GLN A 45 -3.73 -10.51 9.84
C GLN A 45 -4.01 -11.99 9.59
N THR A 46 -4.61 -12.32 8.49
CA THR A 46 -4.93 -13.76 8.25
C THR A 46 -4.62 -14.16 6.81
N HIS A 47 -3.86 -13.36 6.11
CA HIS A 47 -3.52 -13.70 4.70
C HIS A 47 -2.38 -12.82 4.20
N ARG A 48 -1.50 -12.40 5.08
CA ARG A 48 -0.37 -11.51 4.65
C ARG A 48 0.19 -12.00 3.32
N ASP A 49 0.49 -13.26 3.25
CA ASP A 49 1.06 -13.84 2.00
C ASP A 49 0.07 -13.74 0.84
N GLN A 50 -1.19 -13.96 1.07
CA GLN A 50 -2.18 -13.88 -0.04
C GLN A 50 -2.25 -12.44 -0.58
N ILE A 51 -1.79 -11.49 0.19
CA ILE A 51 -1.83 -10.07 -0.29
C ILE A 51 -0.66 -9.81 -1.24
N ASP A 52 -0.93 -9.35 -2.42
CA ASP A 52 0.17 -9.10 -3.39
C ASP A 52 0.62 -7.63 -3.36
N CYS A 53 -0.26 -6.72 -3.03
CA CYS A 53 0.14 -5.27 -2.99
C CYS A 53 -0.84 -4.48 -2.13
N LEU A 54 -0.35 -3.70 -1.20
CA LEU A 54 -1.30 -2.91 -0.36
C LEU A 54 -1.34 -1.45 -0.78
N ILE A 55 -2.52 -0.88 -0.88
CA ILE A 55 -2.61 0.55 -1.27
C ILE A 55 -2.89 1.37 -0.02
N LEU A 56 -2.16 2.42 0.20
CA LEU A 56 -2.41 3.24 1.42
C LEU A 56 -2.45 4.72 1.07
N VAL A 57 -3.20 5.47 1.82
CA VAL A 57 -3.28 6.93 1.58
C VAL A 57 -2.72 7.66 2.79
N ALA A 58 -1.62 8.34 2.64
CA ALA A 58 -1.03 9.05 3.81
C ALA A 58 -1.95 10.20 4.25
N ALA A 59 -2.81 10.65 3.39
CA ALA A 59 -3.73 11.76 3.75
C ALA A 59 -4.45 11.44 5.06
N ASN A 60 -4.50 10.19 5.45
CA ASN A 60 -5.20 9.84 6.73
C ASN A 60 -4.36 10.25 7.94
N PRO A 61 -5.03 10.54 9.01
CA PRO A 61 -4.35 10.99 10.26
C PRO A 61 -3.68 9.82 10.97
N SER A 62 -4.43 8.85 11.42
CA SER A 62 -3.83 7.69 12.13
C SER A 62 -3.42 6.61 11.14
N PHE A 63 -3.41 6.91 9.87
CA PHE A 63 -3.03 5.88 8.87
C PHE A 63 -1.71 5.21 9.27
N ARG A 64 -0.72 5.97 9.65
CA ARG A 64 0.58 5.37 10.05
C ARG A 64 0.33 4.37 11.17
N ALA A 65 -0.54 4.70 12.09
CA ALA A 65 -0.84 3.75 13.20
C ALA A 65 -1.32 2.43 12.61
N VAL A 66 -2.24 2.48 11.71
CA VAL A 66 -2.75 1.23 11.07
C VAL A 66 -1.59 0.51 10.38
N VAL A 67 -0.76 1.24 9.68
CA VAL A 67 0.39 0.59 9.00
C VAL A 67 1.35 0.01 10.05
N GLN A 68 1.50 0.69 11.16
CA GLN A 68 2.41 0.16 12.20
C GLN A 68 1.96 -1.25 12.58
N GLN A 69 0.67 -1.48 12.68
CA GLN A 69 0.20 -2.86 13.02
C GLN A 69 0.67 -3.81 11.93
N LEU A 70 0.44 -3.48 10.68
CA LEU A 70 0.90 -4.41 9.60
C LEU A 70 2.36 -4.76 9.87
N CYS A 71 3.18 -3.77 10.06
CA CYS A 71 4.62 -4.04 10.37
C CYS A 71 4.73 -4.67 11.77
N PHE A 72 3.85 -4.28 12.66
CA PHE A 72 3.88 -4.84 14.05
C PHE A 72 3.70 -6.35 14.02
N GLU A 73 2.75 -6.83 13.26
CA GLU A 73 2.55 -8.30 13.19
C GLU A 73 3.52 -8.90 12.19
N GLY A 74 4.25 -8.08 11.48
CA GLY A 74 5.21 -8.61 10.49
C GLY A 74 4.56 -8.67 9.11
N VAL A 75 3.42 -8.07 8.94
CA VAL A 75 2.78 -8.10 7.60
C VAL A 75 3.49 -7.14 6.66
N VAL A 76 4.35 -7.64 5.81
CA VAL A 76 5.08 -6.73 4.89
C VAL A 76 4.68 -7.04 3.44
N VAL A 77 4.29 -6.03 2.70
CA VAL A 77 3.89 -6.26 1.29
C VAL A 77 4.27 -5.04 0.44
N PRO A 78 4.31 -5.23 -0.84
CA PRO A 78 4.62 -4.10 -1.75
C PRO A 78 3.49 -3.08 -1.63
N ALA A 79 3.60 -2.24 -0.67
CA ALA A 79 2.52 -1.25 -0.43
C ALA A 79 2.80 0.07 -1.15
N ILE A 80 1.91 0.47 -2.02
CA ILE A 80 2.11 1.74 -2.75
C ILE A 80 1.49 2.87 -1.92
N VAL A 81 2.21 3.92 -1.66
CA VAL A 81 1.65 5.03 -0.83
C VAL A 81 1.24 6.23 -1.69
N VAL A 82 0.17 6.88 -1.33
CA VAL A 82 -0.30 8.05 -2.12
C VAL A 82 -0.17 9.34 -1.31
N GLY A 83 0.29 10.40 -1.92
CA GLY A 83 0.42 11.68 -1.17
C GLY A 83 1.89 11.99 -0.92
N ASP A 84 2.60 12.43 -1.93
CA ASP A 84 4.04 12.76 -1.74
C ASP A 84 4.36 14.13 -2.35
N ARG A 85 5.01 14.98 -1.61
CA ARG A 85 5.35 16.33 -2.13
C ARG A 85 6.27 16.21 -3.36
N ASP A 86 6.20 17.16 -4.25
CA ASP A 86 7.07 17.09 -5.46
C ASP A 86 8.20 18.12 -5.37
N SER A 87 8.58 18.51 -4.17
CA SER A 87 9.68 19.50 -4.03
C SER A 87 10.84 18.89 -3.25
N GLU A 88 12.05 19.24 -3.60
CA GLU A 88 13.24 18.68 -2.89
C GLU A 88 13.41 19.35 -1.52
N ASP A 89 12.52 20.24 -1.17
CA ASP A 89 12.65 20.94 0.14
C ASP A 89 12.97 19.94 1.25
N PRO A 90 13.94 20.28 2.06
CA PRO A 90 14.35 19.40 3.18
C PRO A 90 13.30 19.36 4.28
N ASP A 91 12.45 20.35 4.36
CA ASP A 91 11.41 20.36 5.42
C ASP A 91 10.45 19.17 5.25
N GLU A 92 10.05 18.88 4.05
CA GLU A 92 9.12 17.73 3.82
C GLU A 92 9.61 16.86 2.66
N PRO A 93 10.67 16.15 2.91
CA PRO A 93 11.26 15.27 1.88
C PRO A 93 10.49 13.95 1.79
N ALA A 94 9.35 13.86 2.42
CA ALA A 94 8.58 12.59 2.38
C ALA A 94 9.35 11.48 3.10
N LYS A 95 9.16 11.34 4.37
CA LYS A 95 9.88 10.28 5.14
C LYS A 95 9.39 8.89 4.73
N GLU A 96 10.19 7.88 4.93
CA GLU A 96 9.78 6.50 4.53
C GLU A 96 9.27 5.71 5.75
N GLN A 97 8.64 6.37 6.69
CA GLN A 97 8.13 5.65 7.88
C GLN A 97 6.65 5.30 7.71
N LEU A 98 6.05 5.67 6.60
CA LEU A 98 4.62 5.32 6.39
C LEU A 98 4.48 3.81 6.41
N TYR A 99 5.49 3.14 5.94
CA TYR A 99 5.46 1.66 5.92
C TYR A 99 6.89 1.10 5.90
N HIS A 100 7.14 0.08 5.14
CA HIS A 100 8.52 -0.49 5.08
C HIS A 100 9.31 0.11 3.91
N SER A 101 10.55 -0.25 3.78
CA SER A 101 11.38 0.29 2.68
C SER A 101 10.91 -0.23 1.32
N ALA A 102 10.15 -1.28 1.30
CA ALA A 102 9.67 -1.84 0.00
C ALA A 102 8.43 -1.09 -0.49
N GLU A 103 7.80 -0.33 0.37
CA GLU A 103 6.58 0.42 -0.06
C GLU A 103 6.92 1.39 -1.19
N LEU A 104 6.09 1.46 -2.20
CA LEU A 104 6.35 2.39 -3.33
C LEU A 104 5.54 3.68 -3.14
N HIS A 105 5.87 4.73 -3.83
CA HIS A 105 5.12 6.00 -3.67
C HIS A 105 4.38 6.36 -4.96
N LEU A 106 3.27 7.02 -4.83
CA LEU A 106 2.49 7.42 -6.04
C LEU A 106 1.91 8.82 -5.87
N GLY A 107 2.17 9.71 -6.80
CA GLY A 107 1.64 11.09 -6.68
C GLY A 107 0.12 11.03 -6.52
N ILE A 108 -0.47 11.99 -5.85
CA ILE A 108 -1.94 11.99 -5.67
C ILE A 108 -2.65 12.13 -7.01
N HIS A 109 -2.16 12.98 -7.86
CA HIS A 109 -2.81 13.15 -9.19
C HIS A 109 -2.19 12.15 -10.19
N GLN A 110 -1.33 11.28 -9.70
CA GLN A 110 -0.70 10.29 -10.61
C GLN A 110 -1.41 8.94 -10.48
N LEU A 111 -2.66 8.95 -10.10
CA LEU A 111 -3.38 7.65 -9.97
C LEU A 111 -3.57 7.04 -11.35
N GLU A 112 -2.76 6.08 -11.64
CA GLU A 112 -2.80 5.39 -12.96
C GLU A 112 -1.59 4.45 -13.06
N GLN A 113 -0.53 4.78 -12.37
CA GLN A 113 0.69 3.93 -12.40
C GLN A 113 0.57 2.80 -11.39
N LEU A 114 -0.52 2.74 -10.67
CA LEU A 114 -0.70 1.65 -9.68
C LEU A 114 -0.44 0.27 -10.30
N PRO A 115 -1.00 0.03 -11.47
CA PRO A 115 -0.79 -1.28 -12.13
C PRO A 115 0.69 -1.46 -12.46
N TYR A 116 1.26 -0.56 -13.19
CA TYR A 116 2.71 -0.68 -13.49
C TYR A 116 3.47 -0.63 -12.16
N GLN A 117 3.05 0.24 -11.28
CA GLN A 117 3.73 0.34 -9.95
C GLN A 117 3.60 -0.98 -9.21
N VAL A 118 2.44 -1.59 -9.25
CA VAL A 118 2.28 -2.90 -8.56
C VAL A 118 3.37 -3.84 -9.03
N ASP A 119 3.56 -3.96 -10.32
CA ASP A 119 4.64 -4.86 -10.82
C ASP A 119 5.98 -4.40 -10.26
N ALA A 120 6.20 -3.11 -10.20
CA ALA A 120 7.48 -2.62 -9.64
C ALA A 120 7.48 -2.84 -8.13
N ALA A 121 6.37 -2.58 -7.49
CA ALA A 121 6.29 -2.79 -6.02
C ALA A 121 6.54 -4.26 -5.70
N LEU A 122 5.98 -5.16 -6.48
CA LEU A 122 6.21 -6.60 -6.22
C LEU A 122 7.70 -6.92 -6.34
N ALA A 123 8.29 -6.58 -7.46
CA ALA A 123 9.74 -6.84 -7.64
C ALA A 123 10.53 -6.07 -6.58
N GLU A 124 10.17 -4.83 -6.34
CA GLU A 124 10.88 -4.03 -5.31
C GLU A 124 10.73 -4.69 -3.94
N PHE A 125 9.60 -5.29 -3.67
CA PHE A 125 9.40 -5.94 -2.35
C PHE A 125 10.08 -7.31 -2.30
N LEU A 126 9.97 -8.10 -3.35
CA LEU A 126 10.61 -9.44 -3.33
C LEU A 126 12.12 -9.31 -3.13
N ARG A 127 12.77 -8.46 -3.88
CA ARG A 127 14.24 -8.28 -3.72
C ARG A 127 14.55 -7.82 -2.30
N LEU A 128 13.74 -6.95 -1.75
CA LEU A 128 13.99 -6.46 -0.38
C LEU A 128 13.43 -7.44 0.65
N ALA A 129 12.44 -8.22 0.26
CA ALA A 129 11.86 -9.20 1.23
C ALA A 129 12.92 -10.21 1.68
N PRO A 130 12.95 -10.50 2.96
CA PRO A 130 12.00 -9.88 3.93
C PRO A 130 12.38 -8.41 4.17
N VAL A 131 11.43 -7.52 4.08
CA VAL A 131 11.73 -6.08 4.29
C VAL A 131 11.81 -5.74 5.79
N GLU A 132 12.36 -4.61 6.11
CA GLU A 132 12.47 -4.20 7.54
C GLU A 132 11.21 -3.43 7.94
N THR A 133 10.32 -4.05 8.68
CA THR A 133 9.07 -3.36 9.09
C THR A 133 9.09 -3.01 10.58
N MET A 134 9.95 -2.13 11.00
CA MET A 134 9.98 -1.76 12.44
C MET A 134 8.90 -0.71 12.74
N ALA A 135 8.16 -0.30 11.73
CA ALA A 135 7.10 0.71 11.94
C ALA A 135 7.69 1.98 12.58
N MET A 1 -0.57 -19.58 -14.71
CA MET A 1 0.72 -18.85 -14.72
C MET A 1 0.62 -17.56 -13.91
N LEU A 2 0.26 -16.47 -14.53
CA LEU A 2 0.14 -15.19 -13.79
C LEU A 2 -0.93 -15.29 -12.70
N SER A 3 -1.86 -16.19 -12.83
CA SER A 3 -2.92 -16.31 -11.80
C SER A 3 -3.53 -14.94 -11.51
N GLN A 4 -3.63 -14.55 -10.27
CA GLN A 4 -4.21 -13.21 -9.94
C GLN A 4 -3.39 -12.55 -8.83
N ILE A 5 -3.52 -11.26 -8.69
CA ILE A 5 -2.75 -10.55 -7.62
C ILE A 5 -3.70 -10.00 -6.56
N ALA A 6 -3.36 -10.16 -5.31
CA ALA A 6 -4.26 -9.64 -4.24
C ALA A 6 -3.76 -8.28 -3.77
N ILE A 7 -4.53 -7.25 -3.98
CA ILE A 7 -4.09 -5.89 -3.54
C ILE A 7 -5.13 -5.28 -2.60
N CYS A 8 -4.78 -5.09 -1.37
CA CYS A 8 -5.74 -4.51 -0.39
C CYS A 8 -5.50 -3.01 -0.26
N ILE A 9 -6.46 -2.21 -0.62
CA ILE A 9 -6.25 -0.74 -0.50
C ILE A 9 -7.01 -0.17 0.69
N TRP A 10 -6.46 0.84 1.30
CA TRP A 10 -7.16 1.49 2.44
C TRP A 10 -7.41 2.95 2.07
N VAL A 11 -8.63 3.32 1.89
CA VAL A 11 -8.91 4.73 1.51
C VAL A 11 -10.35 5.07 1.86
N GLU A 12 -10.54 6.08 2.65
CA GLU A 12 -11.91 6.48 3.05
C GLU A 12 -12.64 7.14 1.88
N SER A 13 -11.92 7.72 0.96
CA SER A 13 -12.56 8.39 -0.19
C SER A 13 -12.83 7.38 -1.32
N THR A 14 -14.08 7.24 -1.71
CA THR A 14 -14.40 6.28 -2.82
C THR A 14 -13.69 6.71 -4.11
N ALA A 15 -13.61 8.00 -4.34
CA ALA A 15 -12.91 8.49 -5.57
C ALA A 15 -11.49 7.93 -5.62
N ILE A 16 -10.77 8.07 -4.55
CA ILE A 16 -9.39 7.52 -4.49
C ILE A 16 -9.47 6.00 -4.54
N LEU A 17 -10.45 5.44 -3.89
CA LEU A 17 -10.63 3.98 -3.92
C LEU A 17 -10.85 3.52 -5.36
N GLN A 18 -11.59 4.30 -6.11
CA GLN A 18 -11.83 3.93 -7.53
C GLN A 18 -10.59 4.20 -8.38
N ASP A 19 -10.10 5.40 -8.39
CA ASP A 19 -8.89 5.69 -9.20
C ASP A 19 -7.77 4.69 -8.88
N CYS A 20 -7.62 4.33 -7.63
CA CYS A 20 -6.56 3.35 -7.26
C CYS A 20 -6.87 1.97 -7.84
N GLN A 21 -8.07 1.49 -7.66
CA GLN A 21 -8.42 0.14 -8.21
C GLN A 21 -8.71 0.26 -9.69
N ARG A 22 -9.19 1.39 -10.14
CA ARG A 22 -9.47 1.54 -11.58
C ARG A 22 -8.19 1.26 -12.34
N ALA A 23 -7.10 1.80 -11.88
CA ALA A 23 -5.79 1.51 -12.54
C ALA A 23 -5.49 0.02 -12.32
N LEU A 24 -5.70 -0.45 -11.11
CA LEU A 24 -5.46 -1.88 -10.81
C LEU A 24 -6.73 -2.69 -11.12
N SER A 25 -7.15 -2.67 -12.35
CA SER A 25 -8.38 -3.43 -12.73
C SER A 25 -8.00 -4.61 -13.63
N ALA A 26 -6.72 -4.87 -13.76
CA ALA A 26 -6.28 -6.01 -14.61
C ALA A 26 -7.17 -7.21 -14.32
N ASP A 27 -7.39 -8.05 -15.29
CA ASP A 27 -8.26 -9.24 -15.06
C ASP A 27 -7.62 -10.17 -14.04
N ARG A 28 -6.40 -9.92 -13.67
CA ARG A 28 -5.72 -10.79 -12.67
C ARG A 28 -5.52 -10.02 -11.36
N TYR A 29 -6.32 -9.02 -11.11
CA TYR A 29 -6.17 -8.23 -9.86
C TYR A 29 -7.28 -8.54 -8.86
N GLN A 30 -6.92 -8.91 -7.67
CA GLN A 30 -7.95 -9.20 -6.63
C GLN A 30 -7.85 -8.12 -5.56
N LEU A 31 -8.59 -7.06 -5.71
CA LEU A 31 -8.51 -5.95 -4.72
C LEU A 31 -9.58 -6.04 -3.65
N GLN A 32 -9.25 -5.58 -2.47
CA GLN A 32 -10.23 -5.55 -1.36
C GLN A 32 -10.27 -4.12 -0.83
N VAL A 33 -11.43 -3.58 -0.59
CA VAL A 33 -11.49 -2.18 -0.11
C VAL A 33 -11.76 -2.11 1.39
N CYS A 34 -10.93 -1.39 2.09
CA CYS A 34 -11.10 -1.26 3.56
C CYS A 34 -11.52 0.17 3.89
N GLU A 35 -12.75 0.37 4.30
CA GLU A 35 -13.21 1.75 4.62
C GLU A 35 -12.35 2.35 5.75
N SER A 36 -11.85 1.53 6.63
CA SER A 36 -11.03 2.08 7.75
C SER A 36 -9.64 1.45 7.73
N GLY A 37 -8.86 1.67 8.76
CA GLY A 37 -7.51 1.07 8.82
C GLY A 37 -7.63 -0.19 9.66
N GLU A 38 -8.63 -0.21 10.50
CA GLU A 38 -8.87 -1.40 11.35
C GLU A 38 -9.43 -2.51 10.47
N MET A 39 -10.31 -2.17 9.58
CA MET A 39 -10.87 -3.18 8.67
C MET A 39 -9.77 -3.73 7.77
N LEU A 40 -8.85 -2.88 7.39
CA LEU A 40 -7.70 -3.34 6.54
C LEU A 40 -6.91 -4.40 7.29
N LEU A 41 -6.71 -4.20 8.56
CA LEU A 41 -5.93 -5.20 9.36
C LEU A 41 -6.64 -6.55 9.37
N GLU A 42 -7.93 -6.55 9.52
CA GLU A 42 -8.66 -7.85 9.53
C GLU A 42 -8.44 -8.57 8.20
N TYR A 43 -8.47 -7.85 7.11
CA TYR A 43 -8.25 -8.52 5.80
C TYR A 43 -6.84 -9.10 5.74
N ALA A 44 -5.86 -8.32 6.07
CA ALA A 44 -4.46 -8.82 6.04
C ALA A 44 -4.19 -9.75 7.22
N GLN A 45 -4.77 -9.47 8.36
CA GLN A 45 -4.54 -10.35 9.55
C GLN A 45 -4.84 -11.82 9.21
N THR A 46 -5.52 -12.07 8.13
CA THR A 46 -5.86 -13.48 7.81
C THR A 46 -5.43 -13.82 6.38
N HIS A 47 -4.72 -12.94 5.74
CA HIS A 47 -4.26 -13.22 4.34
C HIS A 47 -2.90 -12.57 4.10
N ARG A 48 -2.17 -12.28 5.15
CA ARG A 48 -0.82 -11.62 4.99
C ARG A 48 -0.07 -12.23 3.83
N ASP A 49 0.10 -13.52 3.86
CA ASP A 49 0.86 -14.22 2.79
C ASP A 49 0.07 -14.20 1.47
N GLN A 50 -1.19 -13.88 1.51
CA GLN A 50 -1.98 -13.87 0.25
C GLN A 50 -2.15 -12.44 -0.30
N ILE A 51 -1.58 -11.46 0.35
CA ILE A 51 -1.71 -10.06 -0.17
C ILE A 51 -0.52 -9.77 -1.11
N ASP A 52 -0.79 -9.45 -2.34
CA ASP A 52 0.32 -9.18 -3.29
C ASP A 52 0.76 -7.71 -3.24
N CYS A 53 -0.11 -6.80 -2.87
CA CYS A 53 0.29 -5.36 -2.83
C CYS A 53 -0.68 -4.57 -1.95
N LEU A 54 -0.19 -3.68 -1.12
CA LEU A 54 -1.12 -2.89 -0.25
C LEU A 54 -1.16 -1.43 -0.69
N ILE A 55 -2.33 -0.87 -0.87
CA ILE A 55 -2.41 0.55 -1.29
C ILE A 55 -2.75 1.39 -0.07
N LEU A 56 -1.96 2.38 0.23
CA LEU A 56 -2.24 3.22 1.42
C LEU A 56 -2.27 4.69 1.06
N VAL A 57 -3.00 5.45 1.83
CA VAL A 57 -3.09 6.92 1.57
C VAL A 57 -2.46 7.68 2.74
N ALA A 58 -1.55 8.57 2.45
CA ALA A 58 -0.89 9.33 3.55
C ALA A 58 -1.77 10.49 4.02
N ALA A 59 -2.84 10.75 3.34
CA ALA A 59 -3.72 11.88 3.75
C ALA A 59 -4.36 11.58 5.11
N ASN A 60 -4.25 10.36 5.58
CA ASN A 60 -4.86 10.02 6.90
C ASN A 60 -3.86 10.26 8.03
N PRO A 61 -4.38 10.63 9.18
CA PRO A 61 -3.53 10.89 10.37
C PRO A 61 -2.99 9.60 10.99
N SER A 62 -3.84 8.77 11.52
CA SER A 62 -3.36 7.50 12.14
C SER A 62 -2.90 6.50 11.08
N PHE A 63 -2.88 6.90 9.83
CA PHE A 63 -2.45 5.96 8.76
C PHE A 63 -1.11 5.31 9.12
N ARG A 64 -0.12 6.07 9.47
CA ARG A 64 1.20 5.46 9.81
C ARG A 64 1.01 4.43 10.94
N ALA A 65 0.13 4.71 11.84
CA ALA A 65 -0.12 3.75 12.97
C ALA A 65 -0.72 2.45 12.40
N VAL A 66 -1.62 2.56 11.47
CA VAL A 66 -2.22 1.35 10.87
C VAL A 66 -1.16 0.55 10.12
N VAL A 67 -0.29 1.23 9.43
CA VAL A 67 0.77 0.52 8.66
C VAL A 67 1.70 -0.22 9.62
N GLN A 68 2.08 0.38 10.73
CA GLN A 68 2.96 -0.36 11.67
C GLN A 68 2.21 -1.57 12.20
N GLN A 69 0.90 -1.47 12.26
CA GLN A 69 0.10 -2.63 12.74
C GLN A 69 0.33 -3.81 11.80
N LEU A 70 0.32 -3.56 10.51
CA LEU A 70 0.57 -4.67 9.54
C LEU A 70 1.96 -5.25 9.82
N CYS A 71 2.95 -4.41 9.91
CA CYS A 71 4.33 -4.89 10.20
C CYS A 71 4.36 -5.59 11.56
N PHE A 72 3.64 -5.07 12.52
CA PHE A 72 3.62 -5.69 13.88
C PHE A 72 3.15 -7.14 13.79
N GLU A 73 2.05 -7.38 13.13
CA GLU A 73 1.55 -8.78 12.99
C GLU A 73 2.50 -9.58 12.10
N GLY A 74 3.25 -8.89 11.28
CA GLY A 74 4.21 -9.60 10.38
C GLY A 74 3.69 -9.52 8.94
N VAL A 75 2.67 -8.75 8.71
CA VAL A 75 2.12 -8.64 7.34
C VAL A 75 2.91 -7.63 6.52
N VAL A 76 3.90 -8.08 5.79
CA VAL A 76 4.70 -7.14 4.96
C VAL A 76 4.38 -7.36 3.48
N VAL A 77 4.09 -6.32 2.77
CA VAL A 77 3.76 -6.47 1.31
C VAL A 77 4.24 -5.24 0.54
N PRO A 78 4.30 -5.38 -0.75
CA PRO A 78 4.72 -4.24 -1.59
C PRO A 78 3.63 -3.18 -1.51
N ALA A 79 3.81 -2.20 -0.67
CA ALA A 79 2.77 -1.18 -0.48
C ALA A 79 3.06 0.12 -1.24
N ILE A 80 2.07 0.67 -1.87
CA ILE A 80 2.26 1.95 -2.59
C ILE A 80 1.62 3.07 -1.76
N VAL A 81 2.38 4.06 -1.38
CA VAL A 81 1.78 5.15 -0.54
C VAL A 81 1.40 6.35 -1.40
N VAL A 82 0.20 6.85 -1.23
CA VAL A 82 -0.25 8.01 -2.04
C VAL A 82 -0.23 9.30 -1.22
N GLY A 83 0.09 10.41 -1.83
CA GLY A 83 0.12 11.70 -1.09
C GLY A 83 1.53 11.99 -0.59
N ASP A 84 2.47 11.13 -0.87
CA ASP A 84 3.86 11.38 -0.40
C ASP A 84 4.63 12.24 -1.40
N ARG A 85 5.00 13.43 -0.99
CA ARG A 85 5.77 14.33 -1.91
C ARG A 85 7.25 13.92 -1.92
N ASP A 86 8.00 14.34 -2.90
CA ASP A 86 9.44 13.97 -2.93
C ASP A 86 10.31 15.22 -2.79
N SER A 87 10.91 15.40 -1.63
CA SER A 87 11.76 16.60 -1.43
C SER A 87 12.76 16.36 -0.29
N GLU A 88 13.58 17.33 0.01
CA GLU A 88 14.57 17.16 1.10
C GLU A 88 13.86 16.71 2.39
N ASP A 89 12.57 16.94 2.47
CA ASP A 89 11.81 16.54 3.68
C ASP A 89 12.62 16.86 4.95
N PRO A 90 12.67 18.13 5.25
CA PRO A 90 13.41 18.61 6.43
C PRO A 90 12.60 18.38 7.71
N ASP A 91 11.48 19.03 7.83
CA ASP A 91 10.63 18.85 9.06
C ASP A 91 9.58 17.77 8.80
N GLU A 92 9.74 17.02 7.74
CA GLU A 92 8.75 15.95 7.43
C GLU A 92 9.48 14.63 7.16
N PRO A 93 8.88 13.55 7.57
CA PRO A 93 9.48 12.22 7.38
C PRO A 93 9.16 11.68 5.98
N ALA A 94 8.06 10.98 5.84
CA ALA A 94 7.71 10.41 4.51
C ALA A 94 8.91 9.69 3.88
N LYS A 95 9.87 9.30 4.67
CA LYS A 95 11.06 8.60 4.12
C LYS A 95 10.80 7.09 4.09
N GLU A 96 10.69 6.47 5.24
CA GLU A 96 10.43 5.00 5.28
C GLU A 96 9.58 4.67 6.52
N GLN A 97 8.84 5.61 7.02
CA GLN A 97 8.00 5.34 8.23
C GLN A 97 6.54 5.06 7.85
N LEU A 98 6.12 5.49 6.69
CA LEU A 98 4.71 5.23 6.28
C LEU A 98 4.54 3.72 6.23
N TYR A 99 5.62 3.03 6.08
CA TYR A 99 5.60 1.55 6.01
C TYR A 99 7.04 1.04 5.92
N HIS A 100 7.29 0.01 5.17
CA HIS A 100 8.68 -0.50 5.06
C HIS A 100 9.43 0.36 4.03
N SER A 101 10.68 0.07 3.80
CA SER A 101 11.45 0.89 2.82
C SER A 101 11.17 0.44 1.38
N ALA A 102 10.49 -0.67 1.21
CA ALA A 102 10.17 -1.14 -0.18
C ALA A 102 8.95 -0.38 -0.72
N GLU A 103 8.16 0.16 0.17
CA GLU A 103 6.94 0.90 -0.24
C GLU A 103 7.23 1.90 -1.36
N LEU A 104 6.44 1.89 -2.39
CA LEU A 104 6.62 2.87 -3.50
C LEU A 104 5.67 4.05 -3.30
N HIS A 105 6.00 5.20 -3.78
CA HIS A 105 5.10 6.37 -3.59
C HIS A 105 4.41 6.76 -4.90
N LEU A 106 3.16 7.13 -4.84
CA LEU A 106 2.44 7.53 -6.08
C LEU A 106 1.81 8.92 -5.88
N GLY A 107 2.03 9.82 -6.79
CA GLY A 107 1.44 11.18 -6.64
C GLY A 107 -0.08 11.05 -6.51
N ILE A 108 -0.71 11.94 -5.80
CA ILE A 108 -2.18 11.85 -5.65
C ILE A 108 -2.86 11.95 -7.02
N HIS A 109 -2.44 12.89 -7.82
CA HIS A 109 -3.06 13.04 -9.17
C HIS A 109 -2.46 12.00 -10.12
N GLN A 110 -1.52 11.22 -9.65
CA GLN A 110 -0.91 10.19 -10.53
C GLN A 110 -1.61 8.85 -10.33
N LEU A 111 -2.89 8.86 -10.03
CA LEU A 111 -3.62 7.58 -9.84
C LEU A 111 -3.87 6.93 -11.20
N GLU A 112 -3.05 5.97 -11.51
CA GLU A 112 -3.14 5.24 -12.81
C GLU A 112 -1.88 4.38 -12.94
N GLN A 113 -0.81 4.82 -12.31
CA GLN A 113 0.46 4.05 -12.36
C GLN A 113 0.42 2.94 -11.30
N LEU A 114 -0.66 2.86 -10.56
CA LEU A 114 -0.77 1.80 -9.51
C LEU A 114 -0.42 0.41 -10.03
N PRO A 115 -0.93 0.06 -11.19
CA PRO A 115 -0.64 -1.29 -11.75
C PRO A 115 0.84 -1.38 -12.11
N TYR A 116 1.35 -0.41 -12.82
CA TYR A 116 2.79 -0.43 -13.16
C TYR A 116 3.57 -0.21 -11.86
N GLN A 117 2.99 0.52 -10.95
CA GLN A 117 3.63 0.74 -9.61
C GLN A 117 3.56 -0.55 -8.82
N VAL A 118 2.44 -1.21 -8.90
CA VAL A 118 2.26 -2.49 -8.17
C VAL A 118 3.34 -3.47 -8.62
N ASP A 119 3.49 -3.66 -9.91
CA ASP A 119 4.56 -4.58 -10.38
C ASP A 119 5.90 -4.05 -9.90
N ALA A 120 6.13 -2.78 -10.06
CA ALA A 120 7.40 -2.18 -9.59
C ALA A 120 7.51 -2.35 -8.07
N ALA A 121 6.43 -2.14 -7.37
CA ALA A 121 6.45 -2.31 -5.89
C ALA A 121 6.70 -3.77 -5.54
N LEU A 122 6.16 -4.68 -6.31
CA LEU A 122 6.38 -6.13 -6.03
C LEU A 122 7.86 -6.47 -6.13
N ALA A 123 8.49 -6.08 -7.20
CA ALA A 123 9.95 -6.38 -7.34
C ALA A 123 10.71 -5.77 -6.17
N GLU A 124 10.35 -4.58 -5.77
CA GLU A 124 11.05 -3.95 -4.61
C GLU A 124 10.84 -4.79 -3.35
N PHE A 125 9.63 -5.22 -3.11
CA PHE A 125 9.36 -6.04 -1.90
C PHE A 125 10.15 -7.36 -1.93
N LEU A 126 10.24 -7.98 -3.08
CA LEU A 126 11.00 -9.26 -3.16
C LEU A 126 12.49 -9.02 -2.93
N ARG A 127 13.02 -7.95 -3.45
CA ARG A 127 14.47 -7.65 -3.26
C ARG A 127 14.77 -7.35 -1.78
N LEU A 128 13.90 -6.64 -1.12
CA LEU A 128 14.15 -6.31 0.32
C LEU A 128 13.42 -7.27 1.24
N ALA A 129 12.52 -8.07 0.73
CA ALA A 129 11.78 -9.02 1.61
C ALA A 129 12.73 -9.96 2.35
N PRO A 130 12.61 -10.01 3.65
CA PRO A 130 11.62 -9.16 4.38
C PRO A 130 12.14 -7.72 4.45
N VAL A 131 11.48 -6.81 3.79
CA VAL A 131 11.96 -5.39 3.82
C VAL A 131 11.93 -4.85 5.26
N GLU A 132 12.69 -3.83 5.52
CA GLU A 132 12.70 -3.27 6.91
C GLU A 132 11.39 -2.52 7.17
N THR A 133 10.52 -3.06 7.99
CA THR A 133 9.23 -2.37 8.28
C THR A 133 9.36 -1.50 9.53
N MET A 134 10.43 -1.65 10.26
CA MET A 134 10.61 -0.84 11.49
C MET A 134 9.50 -1.13 12.50
N ALA A 135 8.79 -2.21 12.33
CA ALA A 135 7.69 -2.55 13.28
C ALA A 135 7.57 -4.07 13.43
N MET A 1 -1.34 -22.52 -11.55
CA MET A 1 -0.21 -21.81 -10.86
C MET A 1 -0.69 -20.48 -10.28
N LEU A 2 -0.53 -19.41 -11.01
CA LEU A 2 -0.99 -18.08 -10.48
C LEU A 2 -2.34 -17.71 -11.08
N SER A 3 -3.31 -17.40 -10.24
CA SER A 3 -4.64 -17.03 -10.76
C SER A 3 -4.79 -15.52 -10.87
N GLN A 4 -4.72 -14.82 -9.77
CA GLN A 4 -4.87 -13.34 -9.81
C GLN A 4 -3.98 -12.67 -8.76
N ILE A 5 -3.97 -11.36 -8.75
CA ILE A 5 -3.16 -10.60 -7.78
C ILE A 5 -4.02 -10.11 -6.62
N ALA A 6 -3.55 -10.24 -5.41
CA ALA A 6 -4.35 -9.78 -4.25
C ALA A 6 -3.86 -8.41 -3.80
N ILE A 7 -4.67 -7.40 -3.98
CA ILE A 7 -4.24 -6.03 -3.55
C ILE A 7 -5.26 -5.46 -2.57
N CYS A 8 -4.85 -5.15 -1.38
CA CYS A 8 -5.81 -4.58 -0.38
C CYS A 8 -5.60 -3.08 -0.29
N ILE A 9 -6.60 -2.31 -0.58
CA ILE A 9 -6.43 -0.85 -0.49
C ILE A 9 -7.22 -0.28 0.66
N TRP A 10 -6.67 0.70 1.31
CA TRP A 10 -7.39 1.34 2.43
C TRP A 10 -7.62 2.79 2.08
N VAL A 11 -8.84 3.16 1.86
CA VAL A 11 -9.12 4.57 1.50
C VAL A 11 -10.56 4.91 1.88
N GLU A 12 -10.74 5.94 2.64
CA GLU A 12 -12.12 6.32 3.05
C GLU A 12 -12.74 7.24 2.00
N SER A 13 -12.06 7.42 0.89
CA SER A 13 -12.60 8.30 -0.18
C SER A 13 -12.95 7.46 -1.42
N THR A 14 -14.14 7.61 -1.93
CA THR A 14 -14.53 6.83 -3.14
C THR A 14 -13.68 7.26 -4.33
N ALA A 15 -13.56 8.54 -4.57
CA ALA A 15 -12.72 9.00 -5.72
C ALA A 15 -11.34 8.36 -5.63
N ILE A 16 -10.69 8.45 -4.50
CA ILE A 16 -9.35 7.82 -4.37
C ILE A 16 -9.50 6.30 -4.50
N LEU A 17 -10.51 5.75 -3.90
CA LEU A 17 -10.73 4.28 -4.00
C LEU A 17 -10.92 3.91 -5.47
N GLN A 18 -11.67 4.70 -6.19
CA GLN A 18 -11.88 4.39 -7.63
C GLN A 18 -10.59 4.59 -8.41
N ASP A 19 -9.92 5.71 -8.25
CA ASP A 19 -8.66 5.94 -9.00
C ASP A 19 -7.63 4.86 -8.67
N CYS A 20 -7.44 4.57 -7.43
CA CYS A 20 -6.44 3.53 -7.05
C CYS A 20 -6.84 2.20 -7.70
N GLN A 21 -8.12 1.90 -7.72
CA GLN A 21 -8.54 0.61 -8.34
C GLN A 21 -8.74 0.79 -9.84
N ARG A 22 -8.96 2.00 -10.30
CA ARG A 22 -9.12 2.20 -11.77
C ARG A 22 -7.88 1.67 -12.44
N ALA A 23 -6.76 2.22 -12.09
CA ALA A 23 -5.48 1.74 -12.67
C ALA A 23 -5.33 0.26 -12.35
N LEU A 24 -5.53 -0.14 -11.12
CA LEU A 24 -5.43 -1.59 -10.77
C LEU A 24 -6.72 -2.32 -11.12
N SER A 25 -7.08 -2.30 -12.37
CA SER A 25 -8.31 -3.00 -12.81
C SER A 25 -7.93 -4.21 -13.65
N ALA A 26 -6.68 -4.58 -13.62
CA ALA A 26 -6.25 -5.75 -14.44
C ALA A 26 -7.20 -6.91 -14.18
N ASP A 27 -7.47 -7.69 -15.19
CA ASP A 27 -8.41 -8.84 -15.02
C ASP A 27 -7.89 -9.79 -13.94
N ARG A 28 -6.67 -9.65 -13.54
CA ARG A 28 -6.12 -10.56 -12.49
C ARG A 28 -5.91 -9.78 -11.19
N TYR A 29 -6.74 -8.79 -10.93
CA TYR A 29 -6.58 -7.99 -9.69
C TYR A 29 -7.72 -8.26 -8.70
N GLN A 30 -7.38 -8.54 -7.47
CA GLN A 30 -8.42 -8.78 -6.43
C GLN A 30 -8.37 -7.61 -5.44
N LEU A 31 -9.13 -6.59 -5.70
CA LEU A 31 -9.09 -5.41 -4.80
C LEU A 31 -10.04 -5.57 -3.61
N GLN A 32 -9.51 -5.42 -2.43
CA GLN A 32 -10.36 -5.52 -1.22
C GLN A 32 -10.39 -4.13 -0.57
N VAL A 33 -11.47 -3.43 -0.71
CA VAL A 33 -11.54 -2.07 -0.14
C VAL A 33 -11.88 -2.12 1.35
N CYS A 34 -11.05 -1.53 2.15
CA CYS A 34 -11.31 -1.50 3.61
C CYS A 34 -11.66 -0.07 4.02
N GLU A 35 -12.86 0.16 4.48
CA GLU A 35 -13.26 1.53 4.87
C GLU A 35 -12.40 2.04 6.03
N SER A 36 -12.07 1.19 6.95
CA SER A 36 -11.24 1.63 8.09
C SER A 36 -9.82 1.09 7.95
N GLY A 37 -9.04 1.18 8.98
CA GLY A 37 -7.64 0.64 8.91
C GLY A 37 -7.68 -0.72 9.57
N GLU A 38 -8.60 -0.89 10.48
CA GLU A 38 -8.75 -2.19 11.17
C GLU A 38 -9.30 -3.19 10.16
N MET A 39 -10.12 -2.72 9.26
CA MET A 39 -10.67 -3.63 8.23
C MET A 39 -9.53 -4.12 7.36
N LEU A 40 -8.58 -3.26 7.13
CA LEU A 40 -7.39 -3.63 6.32
C LEU A 40 -6.59 -4.69 7.07
N LEU A 41 -6.31 -4.44 8.33
CA LEU A 41 -5.55 -5.43 9.14
C LEU A 41 -6.26 -6.78 9.12
N GLU A 42 -7.56 -6.77 9.14
CA GLU A 42 -8.33 -8.04 9.11
C GLU A 42 -8.01 -8.81 7.84
N TYR A 43 -8.05 -8.17 6.70
CA TYR A 43 -7.74 -8.88 5.43
C TYR A 43 -6.28 -9.36 5.43
N ALA A 44 -5.39 -8.57 5.95
CA ALA A 44 -3.95 -8.96 5.98
C ALA A 44 -3.66 -9.89 7.17
N GLN A 45 -4.39 -9.74 8.24
CA GLN A 45 -4.16 -10.60 9.44
C GLN A 45 -4.25 -12.09 9.10
N THR A 46 -4.77 -12.42 7.96
CA THR A 46 -4.91 -13.87 7.61
C THR A 46 -4.33 -14.17 6.23
N HIS A 47 -3.80 -13.19 5.58
CA HIS A 47 -3.20 -13.42 4.23
C HIS A 47 -1.94 -12.57 4.10
N ARG A 48 -1.29 -12.31 5.21
CA ARG A 48 -0.05 -11.45 5.19
C ARG A 48 0.81 -11.78 3.97
N ASP A 49 1.21 -13.01 3.86
CA ASP A 49 2.08 -13.43 2.72
C ASP A 49 1.25 -13.61 1.44
N GLN A 50 -0.06 -13.60 1.57
CA GLN A 50 -0.91 -13.79 0.36
C GLN A 50 -1.37 -12.45 -0.23
N ILE A 51 -0.70 -11.36 0.08
CA ILE A 51 -1.11 -10.06 -0.50
C ILE A 51 -0.14 -9.67 -1.62
N ASP A 52 -0.64 -9.38 -2.78
CA ASP A 52 0.27 -8.99 -3.89
C ASP A 52 0.65 -7.51 -3.77
N CYS A 53 -0.15 -6.72 -3.12
CA CYS A 53 0.19 -5.28 -2.99
C CYS A 53 -0.82 -4.54 -2.10
N LEU A 54 -0.37 -3.82 -1.11
CA LEU A 54 -1.34 -3.08 -0.25
C LEU A 54 -1.34 -1.60 -0.65
N ILE A 55 -2.49 -0.98 -0.74
CA ILE A 55 -2.53 0.46 -1.12
C ILE A 55 -2.79 1.32 0.13
N LEU A 56 -2.08 2.39 0.28
CA LEU A 56 -2.31 3.24 1.46
C LEU A 56 -2.32 4.73 1.10
N VAL A 57 -3.11 5.49 1.79
CA VAL A 57 -3.19 6.95 1.53
C VAL A 57 -2.65 7.70 2.76
N ALA A 58 -1.56 8.41 2.60
CA ALA A 58 -1.00 9.15 3.78
C ALA A 58 -1.95 10.25 4.23
N ALA A 59 -2.94 10.53 3.46
CA ALA A 59 -3.90 11.62 3.84
C ALA A 59 -4.60 11.30 5.18
N ASN A 60 -4.56 10.07 5.61
CA ASN A 60 -5.23 9.71 6.90
C ASN A 60 -4.30 9.99 8.10
N PRO A 61 -4.91 10.28 9.22
CA PRO A 61 -4.14 10.61 10.46
C PRO A 61 -3.56 9.35 11.12
N SER A 62 -4.39 8.48 11.63
CA SER A 62 -3.86 7.25 12.29
C SER A 62 -3.33 6.27 11.24
N PHE A 63 -3.39 6.63 9.99
CA PHE A 63 -2.88 5.71 8.93
C PHE A 63 -1.51 5.17 9.35
N ARG A 64 -0.61 6.03 9.75
CA ARG A 64 0.72 5.53 10.18
C ARG A 64 0.52 4.41 11.20
N ALA A 65 -0.36 4.62 12.15
CA ALA A 65 -0.63 3.58 13.18
C ALA A 65 -1.12 2.31 12.52
N VAL A 66 -2.11 2.41 11.68
CA VAL A 66 -2.63 1.20 11.01
C VAL A 66 -1.50 0.48 10.27
N VAL A 67 -0.66 1.19 9.59
CA VAL A 67 0.46 0.50 8.88
C VAL A 67 1.38 -0.16 9.92
N GLN A 68 1.68 0.54 10.98
CA GLN A 68 2.54 -0.06 12.04
C GLN A 68 1.89 -1.37 12.51
N GLN A 69 0.59 -1.41 12.55
CA GLN A 69 -0.09 -2.65 12.97
C GLN A 69 0.27 -3.78 12.02
N LEU A 70 0.28 -3.50 10.73
CA LEU A 70 0.66 -4.56 9.76
C LEU A 70 2.07 -5.05 10.09
N CYS A 71 3.01 -4.15 10.16
CA CYS A 71 4.40 -4.53 10.52
C CYS A 71 4.41 -5.17 11.91
N PHE A 72 3.61 -4.65 12.80
CA PHE A 72 3.55 -5.20 14.19
C PHE A 72 3.22 -6.69 14.17
N GLU A 73 2.28 -7.10 13.35
CA GLU A 73 1.95 -8.56 13.29
C GLU A 73 2.93 -9.27 12.35
N GLY A 74 3.74 -8.52 11.65
CA GLY A 74 4.71 -9.17 10.72
C GLY A 74 4.13 -9.22 9.32
N VAL A 75 3.12 -8.43 9.04
CA VAL A 75 2.53 -8.46 7.68
C VAL A 75 3.25 -7.45 6.80
N VAL A 76 4.21 -7.88 6.03
CA VAL A 76 4.93 -6.93 5.16
C VAL A 76 4.61 -7.24 3.70
N VAL A 77 4.22 -6.24 2.96
CA VAL A 77 3.85 -6.45 1.53
C VAL A 77 4.28 -5.26 0.70
N PRO A 78 4.30 -5.46 -0.59
CA PRO A 78 4.63 -4.36 -1.53
C PRO A 78 3.52 -3.31 -1.44
N ALA A 79 3.66 -2.36 -0.56
CA ALA A 79 2.60 -1.34 -0.38
C ALA A 79 2.92 -0.05 -1.14
N ILE A 80 1.94 0.51 -1.82
CA ILE A 80 2.16 1.78 -2.55
C ILE A 80 1.51 2.93 -1.76
N VAL A 81 2.27 3.94 -1.44
CA VAL A 81 1.70 5.08 -0.66
C VAL A 81 1.33 6.24 -1.58
N VAL A 82 0.37 7.02 -1.18
CA VAL A 82 -0.06 8.17 -2.03
C VAL A 82 -0.05 9.46 -1.21
N GLY A 83 0.23 10.59 -1.83
CA GLY A 83 0.25 11.87 -1.06
C GLY A 83 1.60 12.06 -0.37
N ASP A 84 2.66 11.59 -0.96
CA ASP A 84 3.99 11.77 -0.31
C ASP A 84 4.41 13.24 -0.35
N ARG A 85 5.21 13.67 0.57
CA ARG A 85 5.64 15.09 0.59
C ARG A 85 6.79 15.29 -0.40
N ASP A 86 7.97 14.86 -0.04
CA ASP A 86 9.14 15.03 -0.96
C ASP A 86 9.51 16.49 -1.10
N SER A 87 10.68 16.85 -0.66
CA SER A 87 11.12 18.28 -0.76
C SER A 87 12.39 18.38 -1.62
N GLU A 88 12.81 19.59 -1.94
CA GLU A 88 14.03 19.75 -2.77
C GLU A 88 15.12 18.76 -2.32
N ASP A 89 15.07 18.35 -1.07
CA ASP A 89 16.10 17.37 -0.58
C ASP A 89 15.46 15.99 -0.46
N PRO A 90 15.95 15.06 -1.23
CA PRO A 90 15.41 13.68 -1.21
C PRO A 90 15.88 12.94 0.05
N ASP A 91 16.83 13.50 0.76
CA ASP A 91 17.34 12.83 2.00
C ASP A 91 16.23 12.64 3.03
N GLU A 92 15.12 13.33 2.88
CA GLU A 92 14.01 13.18 3.86
C GLU A 92 13.36 11.80 3.73
N PRO A 93 13.28 11.11 4.85
CA PRO A 93 12.68 9.76 4.86
C PRO A 93 11.15 9.86 5.00
N ALA A 94 10.53 10.71 4.23
CA ALA A 94 9.05 10.86 4.32
C ALA A 94 8.34 9.55 3.91
N LYS A 95 8.91 8.82 3.01
CA LYS A 95 8.26 7.55 2.56
C LYS A 95 8.79 6.35 3.35
N GLU A 96 9.36 6.60 4.50
CA GLU A 96 9.90 5.47 5.32
C GLU A 96 8.97 5.16 6.48
N GLN A 97 8.68 6.13 7.29
CA GLN A 97 7.79 5.91 8.47
C GLN A 97 6.43 5.36 8.04
N LEU A 98 6.01 5.64 6.83
CA LEU A 98 4.69 5.16 6.36
C LEU A 98 4.67 3.64 6.32
N TYR A 99 5.69 3.03 5.80
CA TYR A 99 5.71 1.55 5.75
C TYR A 99 7.17 1.05 5.71
N HIS A 100 7.42 -0.03 5.05
CA HIS A 100 8.83 -0.53 4.98
C HIS A 100 9.55 0.16 3.81
N SER A 101 10.81 -0.12 3.63
CA SER A 101 11.58 0.55 2.53
C SER A 101 11.16 0.04 1.16
N ALA A 102 10.46 -1.06 1.08
CA ALA A 102 10.06 -1.58 -0.26
C ALA A 102 8.74 -0.95 -0.72
N GLU A 103 7.95 -0.44 0.19
CA GLU A 103 6.66 0.18 -0.21
C GLU A 103 6.88 1.15 -1.37
N LEU A 104 6.01 1.14 -2.34
CA LEU A 104 6.17 2.06 -3.50
C LEU A 104 5.48 3.40 -3.20
N HIS A 105 5.79 4.42 -3.95
CA HIS A 105 5.16 5.75 -3.70
C HIS A 105 4.52 6.28 -4.98
N LEU A 106 3.33 6.82 -4.86
CA LEU A 106 2.64 7.38 -6.07
C LEU A 106 2.12 8.78 -5.76
N GLY A 107 2.26 9.69 -6.67
CA GLY A 107 1.76 11.07 -6.43
C GLY A 107 0.23 11.05 -6.39
N ILE A 108 -0.36 11.95 -5.66
CA ILE A 108 -1.84 12.01 -5.57
C ILE A 108 -2.43 12.17 -6.97
N HIS A 109 -1.80 12.98 -7.77
CA HIS A 109 -2.30 13.21 -9.16
C HIS A 109 -1.71 12.16 -10.10
N GLN A 110 -1.02 11.20 -9.58
CA GLN A 110 -0.42 10.15 -10.45
C GLN A 110 -1.22 8.85 -10.32
N LEU A 111 -2.47 8.94 -9.94
CA LEU A 111 -3.28 7.70 -9.80
C LEU A 111 -3.50 7.08 -11.17
N GLU A 112 -2.73 6.08 -11.46
CA GLU A 112 -2.81 5.39 -12.78
C GLU A 112 -1.58 4.48 -12.92
N GLN A 113 -0.51 4.86 -12.27
CA GLN A 113 0.74 4.04 -12.33
C GLN A 113 0.63 2.86 -11.36
N LEU A 114 -0.41 2.83 -10.57
CA LEU A 114 -0.58 1.73 -9.57
C LEU A 114 -0.36 0.34 -10.18
N PRO A 115 -0.93 0.07 -11.32
CA PRO A 115 -0.76 -1.26 -11.95
C PRO A 115 0.71 -1.46 -12.32
N TYR A 116 1.28 -0.52 -13.01
CA TYR A 116 2.71 -0.64 -13.36
C TYR A 116 3.51 -0.51 -12.06
N GLN A 117 2.95 0.18 -11.09
CA GLN A 117 3.62 0.33 -9.77
C GLN A 117 3.51 -0.99 -9.01
N VAL A 118 2.37 -1.62 -9.12
CA VAL A 118 2.16 -2.91 -8.41
C VAL A 118 3.19 -3.93 -8.91
N ASP A 119 3.34 -4.11 -10.19
CA ASP A 119 4.35 -5.08 -10.69
C ASP A 119 5.72 -4.63 -10.18
N ALA A 120 5.97 -3.36 -10.21
CA ALA A 120 7.27 -2.83 -9.71
C ALA A 120 7.35 -3.04 -8.20
N ALA A 121 6.27 -2.74 -7.51
CA ALA A 121 6.26 -2.93 -6.02
C ALA A 121 6.45 -4.41 -5.69
N LEU A 122 6.01 -5.28 -6.56
CA LEU A 122 6.21 -6.74 -6.29
C LEU A 122 7.70 -7.04 -6.35
N ALA A 123 8.30 -6.80 -7.47
CA ALA A 123 9.76 -7.05 -7.61
C ALA A 123 10.51 -6.22 -6.58
N GLU A 124 10.11 -4.98 -6.43
CA GLU A 124 10.78 -4.09 -5.45
C GLU A 124 10.63 -4.65 -4.04
N PHE A 125 9.55 -5.33 -3.76
CA PHE A 125 9.36 -5.88 -2.39
C PHE A 125 9.86 -7.32 -2.29
N LEU A 126 9.60 -8.13 -3.29
CA LEU A 126 10.07 -9.53 -3.21
C LEU A 126 11.58 -9.57 -3.03
N ARG A 127 12.28 -8.69 -3.69
CA ARG A 127 13.77 -8.65 -3.54
C ARG A 127 14.15 -7.96 -2.22
N LEU A 128 13.39 -6.99 -1.81
CA LEU A 128 13.71 -6.27 -0.53
C LEU A 128 13.26 -7.09 0.68
N ALA A 129 12.25 -7.90 0.53
CA ALA A 129 11.77 -8.72 1.67
C ALA A 129 12.85 -9.71 2.11
N PRO A 130 13.06 -9.82 3.41
CA PRO A 130 12.32 -9.01 4.40
C PRO A 130 12.78 -7.55 4.36
N VAL A 131 11.92 -6.63 4.72
CA VAL A 131 12.31 -5.18 4.70
C VAL A 131 12.28 -4.59 6.12
N GLU A 132 12.90 -3.46 6.32
CA GLU A 132 12.90 -2.84 7.68
C GLU A 132 11.52 -2.28 8.02
N THR A 133 10.73 -3.03 8.73
CA THR A 133 9.38 -2.53 9.10
C THR A 133 9.39 -1.98 10.53
N MET A 134 10.19 -0.99 10.79
CA MET A 134 10.24 -0.40 12.17
C MET A 134 8.86 0.12 12.57
N ALA A 135 8.06 0.49 11.60
CA ALA A 135 6.70 1.00 11.89
C ALA A 135 6.78 2.28 12.74
N MET A 1 -3.71 -20.14 -15.03
CA MET A 1 -4.33 -20.65 -13.77
C MET A 1 -4.28 -19.58 -12.68
N LEU A 2 -3.20 -18.85 -12.59
CA LEU A 2 -3.10 -17.79 -11.53
C LEU A 2 -4.39 -16.96 -11.53
N SER A 3 -5.23 -17.16 -10.54
CA SER A 3 -6.51 -16.38 -10.49
C SER A 3 -6.25 -14.89 -10.68
N GLN A 4 -5.96 -14.19 -9.62
CA GLN A 4 -5.69 -12.73 -9.75
C GLN A 4 -4.72 -12.26 -8.66
N ILE A 5 -4.25 -11.04 -8.78
CA ILE A 5 -3.31 -10.50 -7.75
C ILE A 5 -4.10 -10.00 -6.55
N ALA A 6 -3.70 -10.33 -5.36
CA ALA A 6 -4.48 -9.86 -4.18
C ALA A 6 -3.95 -8.52 -3.69
N ILE A 7 -4.72 -7.49 -3.85
CA ILE A 7 -4.28 -6.16 -3.40
C ILE A 7 -5.24 -5.62 -2.32
N CYS A 8 -4.71 -5.20 -1.22
CA CYS A 8 -5.55 -4.67 -0.11
C CYS A 8 -5.44 -3.14 -0.08
N ILE A 9 -6.50 -2.45 -0.44
CA ILE A 9 -6.43 -0.97 -0.44
C ILE A 9 -7.23 -0.34 0.69
N TRP A 10 -6.70 0.69 1.30
CA TRP A 10 -7.44 1.39 2.39
C TRP A 10 -7.74 2.83 1.95
N VAL A 11 -8.98 3.12 1.68
CA VAL A 11 -9.32 4.51 1.23
C VAL A 11 -10.63 4.97 1.86
N GLU A 12 -10.73 6.23 2.18
CA GLU A 12 -12.00 6.74 2.79
C GLU A 12 -12.80 7.53 1.75
N SER A 13 -12.30 7.59 0.54
CA SER A 13 -13.02 8.33 -0.55
C SER A 13 -13.21 7.41 -1.75
N THR A 14 -14.43 7.10 -2.09
CA THR A 14 -14.66 6.19 -3.26
C THR A 14 -13.92 6.70 -4.49
N ALA A 15 -13.98 7.96 -4.76
CA ALA A 15 -13.26 8.50 -5.96
C ALA A 15 -11.78 8.12 -5.89
N ILE A 16 -11.16 8.31 -4.76
CA ILE A 16 -9.73 7.93 -4.61
C ILE A 16 -9.63 6.40 -4.64
N LEU A 17 -10.54 5.73 -3.98
CA LEU A 17 -10.52 4.24 -3.98
C LEU A 17 -10.76 3.75 -5.41
N GLN A 18 -11.54 4.47 -6.16
CA GLN A 18 -11.82 4.07 -7.57
C GLN A 18 -10.57 4.28 -8.42
N ASP A 19 -9.86 5.36 -8.21
CA ASP A 19 -8.64 5.62 -9.02
C ASP A 19 -7.62 4.49 -8.78
N CYS A 20 -7.47 4.08 -7.55
CA CYS A 20 -6.51 2.99 -7.25
C CYS A 20 -6.92 1.71 -7.97
N GLN A 21 -8.20 1.43 -8.02
CA GLN A 21 -8.67 0.21 -8.71
C GLN A 21 -8.61 0.40 -10.22
N ARG A 22 -9.01 1.55 -10.68
CA ARG A 22 -8.99 1.82 -12.14
C ARG A 22 -7.64 1.42 -12.74
N ALA A 23 -6.58 1.93 -12.17
CA ALA A 23 -5.23 1.61 -12.69
C ALA A 23 -4.87 0.14 -12.42
N LEU A 24 -5.03 -0.31 -11.21
CA LEU A 24 -4.68 -1.73 -10.88
C LEU A 24 -5.68 -2.73 -11.47
N SER A 25 -6.92 -2.35 -11.57
CA SER A 25 -7.97 -3.27 -12.11
C SER A 25 -7.51 -3.91 -13.42
N ALA A 26 -6.73 -4.94 -13.34
CA ALA A 26 -6.27 -5.63 -14.57
C ALA A 26 -7.15 -6.85 -14.81
N ASP A 27 -6.83 -7.64 -15.79
CA ASP A 27 -7.66 -8.86 -16.04
C ASP A 27 -7.36 -9.88 -14.93
N ARG A 28 -6.48 -9.55 -14.02
CA ARG A 28 -6.14 -10.50 -12.94
C ARG A 28 -5.88 -9.78 -11.61
N TYR A 29 -6.70 -8.83 -11.24
CA TYR A 29 -6.46 -8.11 -9.96
C TYR A 29 -7.55 -8.45 -8.92
N GLN A 30 -7.15 -8.74 -7.72
CA GLN A 30 -8.16 -9.04 -6.66
C GLN A 30 -8.07 -7.94 -5.60
N LEU A 31 -8.82 -6.89 -5.77
CA LEU A 31 -8.75 -5.76 -4.80
C LEU A 31 -9.79 -5.88 -3.69
N GLN A 32 -9.38 -5.61 -2.49
CA GLN A 32 -10.33 -5.65 -1.34
C GLN A 32 -10.35 -4.25 -0.73
N VAL A 33 -11.50 -3.67 -0.59
CA VAL A 33 -11.55 -2.28 -0.05
C VAL A 33 -11.98 -2.25 1.41
N CYS A 34 -11.24 -1.57 2.24
CA CYS A 34 -11.59 -1.47 3.69
C CYS A 34 -11.92 -0.02 4.06
N GLU A 35 -13.06 0.20 4.63
CA GLU A 35 -13.46 1.60 5.02
C GLU A 35 -12.52 2.17 6.09
N SER A 36 -11.98 1.35 6.95
CA SER A 36 -11.11 1.89 8.04
C SER A 36 -9.71 1.25 7.99
N GLY A 37 -8.95 1.42 9.04
CA GLY A 37 -7.59 0.82 9.09
C GLY A 37 -7.70 -0.42 9.96
N GLU A 38 -8.63 -0.40 10.87
CA GLU A 38 -8.86 -1.55 11.75
C GLU A 38 -9.41 -2.68 10.88
N MET A 39 -10.27 -2.33 9.96
CA MET A 39 -10.83 -3.36 9.05
C MET A 39 -9.70 -3.87 8.15
N LEU A 40 -8.83 -2.99 7.74
CA LEU A 40 -7.69 -3.40 6.87
C LEU A 40 -6.85 -4.44 7.60
N LEU A 41 -6.56 -4.21 8.84
CA LEU A 41 -5.73 -5.19 9.59
C LEU A 41 -6.41 -6.56 9.57
N GLU A 42 -7.68 -6.61 9.84
CA GLU A 42 -8.38 -7.93 9.82
C GLU A 42 -8.21 -8.61 8.46
N TYR A 43 -8.32 -7.87 7.38
CA TYR A 43 -8.16 -8.49 6.04
C TYR A 43 -6.72 -9.01 5.88
N ALA A 44 -5.74 -8.22 6.23
CA ALA A 44 -4.33 -8.68 6.07
C ALA A 44 -3.92 -9.61 7.21
N GLN A 45 -4.51 -9.46 8.36
CA GLN A 45 -4.15 -10.34 9.53
C GLN A 45 -4.34 -11.82 9.18
N THR A 46 -5.02 -12.10 8.11
CA THR A 46 -5.25 -13.52 7.76
C THR A 46 -4.77 -13.80 6.34
N HIS A 47 -4.06 -12.88 5.76
CA HIS A 47 -3.55 -13.07 4.37
C HIS A 47 -2.25 -12.28 4.20
N ARG A 48 -1.59 -11.98 5.27
CA ARG A 48 -0.32 -11.19 5.18
C ARG A 48 0.52 -11.67 4.00
N ASP A 49 0.84 -12.93 4.00
CA ASP A 49 1.65 -13.50 2.89
C ASP A 49 0.80 -13.71 1.64
N GLN A 50 -0.48 -13.55 1.75
CA GLN A 50 -1.36 -13.75 0.56
C GLN A 50 -1.66 -12.42 -0.13
N ILE A 51 -1.46 -11.32 0.53
CA ILE A 51 -1.72 -10.01 -0.15
C ILE A 51 -0.57 -9.71 -1.11
N ASP A 52 -0.86 -9.51 -2.37
CA ASP A 52 0.22 -9.23 -3.35
C ASP A 52 0.66 -7.77 -3.30
N CYS A 53 -0.22 -6.88 -2.96
CA CYS A 53 0.16 -5.43 -2.91
C CYS A 53 -0.84 -4.66 -2.05
N LEU A 54 -0.38 -3.88 -1.10
CA LEU A 54 -1.36 -3.12 -0.27
C LEU A 54 -1.38 -1.64 -0.68
N ILE A 55 -2.55 -1.04 -0.79
CA ILE A 55 -2.59 0.40 -1.18
C ILE A 55 -2.88 1.26 0.04
N LEU A 56 -2.24 2.39 0.14
CA LEU A 56 -2.50 3.26 1.32
C LEU A 56 -2.48 4.73 0.93
N VAL A 57 -3.12 5.54 1.70
CA VAL A 57 -3.15 7.00 1.41
C VAL A 57 -2.64 7.76 2.65
N ALA A 58 -1.75 8.69 2.47
CA ALA A 58 -1.21 9.44 3.64
C ALA A 58 -2.19 10.53 4.07
N ALA A 59 -3.26 10.71 3.35
CA ALA A 59 -4.24 11.76 3.74
C ALA A 59 -5.02 11.32 4.99
N ASN A 60 -4.94 10.07 5.34
CA ASN A 60 -5.66 9.58 6.55
C ASN A 60 -4.98 10.11 7.82
N PRO A 61 -5.71 10.03 8.90
CA PRO A 61 -5.21 10.53 10.22
C PRO A 61 -4.12 9.61 10.79
N SER A 62 -4.52 8.61 11.53
CA SER A 62 -3.51 7.68 12.13
C SER A 62 -3.07 6.62 11.12
N PHE A 63 -3.14 6.93 9.86
CA PHE A 63 -2.71 5.96 8.82
C PHE A 63 -1.33 5.40 9.13
N ARG A 64 -0.40 6.22 9.53
CA ARG A 64 0.97 5.73 9.83
C ARG A 64 0.90 4.63 10.90
N ALA A 65 0.16 4.84 11.94
CA ALA A 65 0.03 3.81 13.00
C ALA A 65 -0.57 2.54 12.40
N VAL A 66 -1.57 2.68 11.59
CA VAL A 66 -2.21 1.49 10.97
C VAL A 66 -1.18 0.71 10.16
N VAL A 67 -0.37 1.37 9.37
CA VAL A 67 0.65 0.63 8.59
C VAL A 67 1.64 -0.03 9.54
N GLN A 68 2.00 0.64 10.59
CA GLN A 68 2.96 0.06 11.56
C GLN A 68 2.35 -1.21 12.16
N GLN A 69 1.06 -1.22 12.39
CA GLN A 69 0.42 -2.43 12.94
C GLN A 69 0.64 -3.59 11.98
N LEU A 70 0.52 -3.34 10.70
CA LEU A 70 0.77 -4.43 9.71
C LEU A 70 2.19 -4.96 9.93
N CYS A 71 3.14 -4.07 10.02
CA CYS A 71 4.54 -4.51 10.25
C CYS A 71 4.64 -5.19 11.61
N PHE A 72 3.90 -4.70 12.58
CA PHE A 72 3.94 -5.32 13.94
C PHE A 72 3.52 -6.79 13.85
N GLU A 73 2.52 -7.06 13.05
CA GLU A 73 2.05 -8.47 12.90
C GLU A 73 2.90 -9.18 11.86
N GLY A 74 3.88 -8.50 11.31
CA GLY A 74 4.75 -9.13 10.29
C GLY A 74 4.07 -9.07 8.92
N VAL A 75 2.99 -8.34 8.81
CA VAL A 75 2.31 -8.24 7.50
C VAL A 75 3.07 -7.25 6.62
N VAL A 76 4.09 -7.70 5.94
CA VAL A 76 4.86 -6.78 5.08
C VAL A 76 4.63 -7.14 3.61
N VAL A 77 4.27 -6.16 2.82
CA VAL A 77 3.98 -6.42 1.37
C VAL A 77 4.30 -5.17 0.55
N PRO A 78 4.37 -5.33 -0.74
CA PRO A 78 4.63 -4.17 -1.63
C PRO A 78 3.47 -3.18 -1.49
N ALA A 79 3.61 -2.27 -0.59
CA ALA A 79 2.51 -1.30 -0.36
C ALA A 79 2.76 0.03 -1.08
N ILE A 80 1.83 0.46 -1.88
CA ILE A 80 2.00 1.75 -2.59
C ILE A 80 1.37 2.87 -1.76
N VAL A 81 2.11 3.90 -1.46
CA VAL A 81 1.56 5.01 -0.63
C VAL A 81 1.19 6.21 -1.49
N VAL A 82 0.11 6.87 -1.17
CA VAL A 82 -0.32 8.04 -1.97
C VAL A 82 -0.29 9.30 -1.10
N GLY A 83 0.04 10.43 -1.67
CA GLY A 83 0.09 11.68 -0.88
C GLY A 83 1.54 11.98 -0.49
N ASP A 84 2.47 11.15 -0.91
CA ASP A 84 3.89 11.40 -0.56
C ASP A 84 4.50 12.45 -1.50
N ARG A 85 4.23 13.70 -1.24
CA ARG A 85 4.80 14.77 -2.10
C ARG A 85 6.05 15.35 -1.45
N ASP A 86 6.96 15.85 -2.23
CA ASP A 86 8.21 16.42 -1.64
C ASP A 86 8.18 17.94 -1.69
N SER A 87 8.26 18.59 -0.55
CA SER A 87 8.24 20.07 -0.54
C SER A 87 9.05 20.61 0.64
N GLU A 88 9.51 21.82 0.55
CA GLU A 88 10.31 22.41 1.66
C GLU A 88 9.47 22.42 2.95
N ASP A 89 8.18 22.34 2.81
CA ASP A 89 7.30 22.35 4.01
C ASP A 89 7.51 21.09 4.84
N PRO A 90 7.86 21.28 6.09
CA PRO A 90 8.09 20.14 7.00
C PRO A 90 6.75 19.51 7.41
N ASP A 91 5.66 20.19 7.15
CA ASP A 91 4.33 19.65 7.53
C ASP A 91 3.75 18.81 6.37
N GLU A 92 4.55 18.45 5.42
CA GLU A 92 4.04 17.65 4.27
C GLU A 92 3.20 16.46 4.77
N PRO A 93 2.31 16.03 3.91
CA PRO A 93 1.43 14.88 4.25
C PRO A 93 2.15 13.56 4.03
N ALA A 94 3.32 13.40 4.56
CA ALA A 94 4.06 12.12 4.36
C ALA A 94 5.26 12.00 5.30
N LYS A 95 5.62 10.80 5.64
CA LYS A 95 6.79 10.59 6.54
C LYS A 95 7.63 9.43 6.02
N GLU A 96 8.78 9.21 6.58
CA GLU A 96 9.65 8.09 6.10
C GLU A 96 9.27 6.77 6.78
N GLN A 97 8.39 6.82 7.77
CA GLN A 97 8.00 5.56 8.47
C GLN A 97 6.54 5.20 8.16
N LEU A 98 6.12 5.40 6.94
CA LEU A 98 4.71 5.06 6.59
C LEU A 98 4.56 3.54 6.55
N TYR A 99 5.56 2.86 6.07
CA TYR A 99 5.50 1.38 6.01
C TYR A 99 6.93 0.82 5.96
N HIS A 100 7.21 -0.10 5.09
CA HIS A 100 8.60 -0.64 5.03
C HIS A 100 9.40 0.06 3.93
N SER A 101 10.68 -0.18 3.87
CA SER A 101 11.53 0.51 2.84
C SER A 101 11.17 0.11 1.41
N ALA A 102 10.49 -0.98 1.20
CA ALA A 102 10.14 -1.39 -0.19
C ALA A 102 8.84 -0.69 -0.65
N GLU A 103 7.96 -0.37 0.25
CA GLU A 103 6.69 0.31 -0.15
C GLU A 103 6.95 1.37 -1.23
N LEU A 104 6.08 1.46 -2.21
CA LEU A 104 6.28 2.49 -3.26
C LEU A 104 5.40 3.72 -3.00
N HIS A 105 5.72 4.84 -3.59
CA HIS A 105 4.92 6.06 -3.37
C HIS A 105 4.30 6.54 -4.69
N LEU A 106 3.12 7.07 -4.65
CA LEU A 106 2.48 7.56 -5.89
C LEU A 106 1.91 8.97 -5.67
N GLY A 107 2.20 9.88 -6.55
CA GLY A 107 1.67 11.26 -6.40
C GLY A 107 0.14 11.19 -6.33
N ILE A 108 -0.48 12.08 -5.60
CA ILE A 108 -1.95 12.06 -5.49
C ILE A 108 -2.59 12.16 -6.88
N HIS A 109 -2.08 12.99 -7.74
CA HIS A 109 -2.67 13.11 -9.10
C HIS A 109 -2.02 12.07 -10.03
N GLN A 110 -1.20 11.23 -9.49
CA GLN A 110 -0.54 10.18 -10.34
C GLN A 110 -1.30 8.87 -10.23
N LEU A 111 -2.55 8.93 -9.90
CA LEU A 111 -3.34 7.67 -9.78
C LEU A 111 -3.60 7.08 -11.16
N GLU A 112 -2.84 6.08 -11.48
CA GLU A 112 -2.94 5.39 -12.80
C GLU A 112 -1.70 4.53 -12.98
N GLN A 113 -0.62 4.94 -12.37
CA GLN A 113 0.65 4.15 -12.46
C GLN A 113 0.61 3.00 -11.44
N LEU A 114 -0.44 2.93 -10.67
CA LEU A 114 -0.55 1.86 -9.64
C LEU A 114 -0.23 0.48 -10.23
N PRO A 115 -0.79 0.16 -11.37
CA PRO A 115 -0.52 -1.17 -11.98
C PRO A 115 0.97 -1.30 -12.31
N TYR A 116 1.55 -0.29 -12.89
CA TYR A 116 3.00 -0.38 -13.18
C TYR A 116 3.76 -0.21 -11.86
N GLN A 117 3.19 0.52 -10.92
CA GLN A 117 3.83 0.66 -9.59
C GLN A 117 3.66 -0.65 -8.81
N VAL A 118 2.53 -1.28 -9.00
CA VAL A 118 2.26 -2.58 -8.31
C VAL A 118 3.23 -3.64 -8.85
N ASP A 119 3.31 -3.78 -10.15
CA ASP A 119 4.26 -4.78 -10.71
C ASP A 119 5.67 -4.43 -10.26
N ALA A 120 5.98 -3.15 -10.24
CA ALA A 120 7.33 -2.73 -9.78
C ALA A 120 7.39 -2.93 -8.25
N ALA A 121 6.31 -2.62 -7.58
CA ALA A 121 6.28 -2.79 -6.10
C ALA A 121 6.44 -4.26 -5.72
N LEU A 122 5.84 -5.16 -6.46
CA LEU A 122 5.97 -6.60 -6.12
C LEU A 122 7.43 -7.04 -6.29
N ALA A 123 8.00 -6.79 -7.45
CA ALA A 123 9.42 -7.17 -7.66
C ALA A 123 10.31 -6.42 -6.68
N GLU A 124 9.96 -5.18 -6.40
CA GLU A 124 10.77 -4.38 -5.45
C GLU A 124 10.68 -4.99 -4.05
N PHE A 125 9.52 -5.39 -3.63
CA PHE A 125 9.37 -5.99 -2.27
C PHE A 125 10.23 -7.24 -2.16
N LEU A 126 10.31 -8.00 -3.22
CA LEU A 126 11.11 -9.25 -3.16
C LEU A 126 12.61 -8.93 -3.04
N ARG A 127 13.07 -7.93 -3.72
CA ARG A 127 14.52 -7.58 -3.63
C ARG A 127 14.87 -7.22 -2.18
N LEU A 128 14.00 -6.53 -1.50
CA LEU A 128 14.29 -6.15 -0.08
C LEU A 128 13.64 -7.14 0.89
N ALA A 129 12.83 -8.04 0.40
CA ALA A 129 12.19 -9.02 1.33
C ALA A 129 13.24 -10.01 1.87
N PRO A 130 13.25 -10.20 3.17
CA PRO A 130 12.31 -9.48 4.08
C PRO A 130 12.76 -8.03 4.28
N VAL A 131 11.98 -7.07 3.84
CA VAL A 131 12.37 -5.64 4.03
C VAL A 131 12.50 -5.30 5.52
N GLU A 132 13.07 -4.17 5.82
CA GLU A 132 13.24 -3.77 7.24
C GLU A 132 12.03 -2.95 7.72
N THR A 133 11.14 -3.56 8.47
CA THR A 133 9.96 -2.80 8.97
C THR A 133 10.24 -2.36 10.42
N MET A 134 10.35 -1.09 10.66
CA MET A 134 10.64 -0.61 12.05
C MET A 134 9.57 -1.09 13.03
N ALA A 135 8.34 -1.12 12.62
CA ALA A 135 7.26 -1.57 13.54
C ALA A 135 7.20 -3.10 13.57
N MET A 1 -1.47 -21.34 -9.83
CA MET A 1 -0.95 -20.65 -8.61
C MET A 1 -1.19 -19.14 -8.70
N LEU A 2 -0.68 -18.51 -9.73
CA LEU A 2 -0.84 -17.04 -9.87
C LEU A 2 -2.31 -16.63 -9.95
N SER A 3 -3.05 -17.24 -10.83
CA SER A 3 -4.50 -16.88 -10.97
C SER A 3 -4.68 -15.36 -10.95
N GLN A 4 -4.83 -14.78 -9.80
CA GLN A 4 -5.02 -13.31 -9.72
C GLN A 4 -4.12 -12.70 -8.64
N ILE A 5 -3.81 -11.42 -8.74
CA ILE A 5 -2.94 -10.78 -7.71
C ILE A 5 -3.80 -10.29 -6.55
N ALA A 6 -3.40 -10.57 -5.34
CA ALA A 6 -4.21 -10.11 -4.17
C ALA A 6 -3.80 -8.71 -3.77
N ILE A 7 -4.66 -7.76 -3.97
CA ILE A 7 -4.32 -6.37 -3.58
C ILE A 7 -5.34 -5.85 -2.56
N CYS A 8 -4.87 -5.16 -1.55
CA CYS A 8 -5.79 -4.63 -0.52
C CYS A 8 -5.63 -3.11 -0.43
N ILE A 9 -6.64 -2.37 -0.78
CA ILE A 9 -6.49 -0.89 -0.72
C ILE A 9 -7.28 -0.28 0.44
N TRP A 10 -6.70 0.70 1.07
CA TRP A 10 -7.42 1.37 2.19
C TRP A 10 -7.62 2.84 1.86
N VAL A 11 -8.83 3.21 1.57
CA VAL A 11 -9.11 4.63 1.24
C VAL A 11 -10.35 5.11 1.97
N GLU A 12 -10.33 6.31 2.46
CA GLU A 12 -11.53 6.81 3.19
C GLU A 12 -12.35 7.70 2.25
N SER A 13 -11.87 7.92 1.05
CA SER A 13 -12.64 8.72 0.07
C SER A 13 -12.90 7.85 -1.16
N THR A 14 -14.12 7.50 -1.42
CA THR A 14 -14.41 6.61 -2.59
C THR A 14 -13.69 7.11 -3.84
N ALA A 15 -13.57 8.39 -4.04
CA ALA A 15 -12.86 8.88 -5.25
C ALA A 15 -11.43 8.35 -5.25
N ILE A 16 -10.74 8.46 -4.16
CA ILE A 16 -9.35 7.94 -4.09
C ILE A 16 -9.39 6.42 -4.24
N LEU A 17 -10.35 5.80 -3.61
CA LEU A 17 -10.47 4.31 -3.72
C LEU A 17 -10.68 3.93 -5.19
N GLN A 18 -11.54 4.62 -5.88
CA GLN A 18 -11.76 4.29 -7.33
C GLN A 18 -10.49 4.57 -8.13
N ASP A 19 -9.91 5.74 -7.97
CA ASP A 19 -8.68 6.06 -8.74
C ASP A 19 -7.62 4.99 -8.49
N CYS A 20 -7.47 4.57 -7.27
CA CYS A 20 -6.45 3.54 -6.95
C CYS A 20 -6.77 2.22 -7.67
N GLN A 21 -8.01 1.81 -7.63
CA GLN A 21 -8.39 0.53 -8.30
C GLN A 21 -8.49 0.73 -9.81
N ARG A 22 -8.87 1.88 -10.25
CA ARG A 22 -8.98 2.12 -11.73
C ARG A 22 -7.62 1.85 -12.37
N ALA A 23 -6.59 2.37 -11.77
CA ALA A 23 -5.24 2.18 -12.33
C ALA A 23 -4.87 0.69 -12.33
N LEU A 24 -5.10 0.02 -11.23
CA LEU A 24 -4.79 -1.43 -11.17
C LEU A 24 -5.87 -2.22 -11.90
N SER A 25 -7.08 -2.10 -11.43
CA SER A 25 -8.26 -2.79 -12.03
C SER A 25 -7.88 -3.70 -13.20
N ALA A 26 -7.37 -4.86 -12.90
CA ALA A 26 -6.98 -5.82 -13.97
C ALA A 26 -7.71 -7.14 -13.72
N ASP A 27 -7.93 -7.92 -14.74
CA ASP A 27 -8.65 -9.21 -14.53
C ASP A 27 -7.86 -10.06 -13.53
N ARG A 28 -6.62 -9.72 -13.31
CA ARG A 28 -5.79 -10.50 -12.35
C ARG A 28 -5.54 -9.69 -11.08
N TYR A 29 -6.43 -8.77 -10.74
CA TYR A 29 -6.21 -7.98 -9.51
C TYR A 29 -7.31 -8.25 -8.51
N GLN A 30 -6.94 -8.55 -7.30
CA GLN A 30 -7.97 -8.78 -6.25
C GLN A 30 -7.90 -7.64 -5.26
N LEU A 31 -8.53 -6.56 -5.58
CA LEU A 31 -8.49 -5.38 -4.70
C LEU A 31 -9.55 -5.50 -3.61
N GLN A 32 -9.13 -5.36 -2.37
CA GLN A 32 -10.11 -5.44 -1.26
C GLN A 32 -10.24 -4.04 -0.65
N VAL A 33 -11.33 -3.40 -0.87
CA VAL A 33 -11.49 -2.02 -0.35
C VAL A 33 -11.78 -2.03 1.15
N CYS A 34 -11.08 -1.22 1.89
CA CYS A 34 -11.31 -1.15 3.36
C CYS A 34 -11.74 0.26 3.73
N GLU A 35 -12.94 0.43 4.18
CA GLU A 35 -13.41 1.79 4.53
C GLU A 35 -12.62 2.35 5.72
N SER A 36 -11.94 1.49 6.45
CA SER A 36 -11.17 1.98 7.62
C SER A 36 -9.76 1.36 7.65
N GLY A 37 -9.07 1.47 8.74
CA GLY A 37 -7.71 0.89 8.84
C GLY A 37 -7.83 -0.42 9.58
N GLU A 38 -8.83 -0.53 10.42
CA GLU A 38 -9.07 -1.78 11.16
C GLU A 38 -9.51 -2.83 10.16
N MET A 39 -10.31 -2.43 9.22
CA MET A 39 -10.78 -3.39 8.19
C MET A 39 -9.56 -3.94 7.45
N LEU A 40 -8.56 -3.13 7.27
CA LEU A 40 -7.33 -3.60 6.57
C LEU A 40 -6.61 -4.62 7.45
N LEU A 41 -6.56 -4.37 8.74
CA LEU A 41 -5.88 -5.32 9.65
C LEU A 41 -6.54 -6.70 9.56
N GLU A 42 -7.85 -6.75 9.63
CA GLU A 42 -8.52 -8.07 9.57
C GLU A 42 -8.20 -8.77 8.24
N TYR A 43 -8.13 -8.03 7.17
CA TYR A 43 -7.83 -8.66 5.86
C TYR A 43 -6.35 -9.06 5.77
N ALA A 44 -5.48 -8.27 6.35
CA ALA A 44 -4.03 -8.61 6.30
C ALA A 44 -3.65 -9.49 7.50
N GLN A 45 -4.51 -9.61 8.48
CA GLN A 45 -4.19 -10.44 9.67
C GLN A 45 -4.28 -11.93 9.36
N THR A 46 -4.86 -12.30 8.25
CA THR A 46 -4.98 -13.76 7.94
C THR A 46 -4.52 -14.03 6.51
N HIS A 47 -4.14 -13.01 5.77
CA HIS A 47 -3.68 -13.23 4.36
C HIS A 47 -2.35 -12.49 4.14
N ARG A 48 -1.60 -12.23 5.18
CA ARG A 48 -0.31 -11.49 5.02
C ARG A 48 0.43 -12.00 3.79
N ASP A 49 0.68 -13.27 3.76
CA ASP A 49 1.42 -13.88 2.63
C ASP A 49 0.55 -13.89 1.36
N GLN A 50 -0.75 -13.95 1.52
CA GLN A 50 -1.65 -13.97 0.34
C GLN A 50 -1.75 -12.58 -0.31
N ILE A 51 -1.47 -11.54 0.43
CA ILE A 51 -1.57 -10.18 -0.18
C ILE A 51 -0.38 -9.94 -1.12
N ASP A 52 -0.64 -9.69 -2.36
CA ASP A 52 0.46 -9.45 -3.32
C ASP A 52 0.83 -7.96 -3.33
N CYS A 53 -0.10 -7.09 -3.06
CA CYS A 53 0.21 -5.62 -3.05
C CYS A 53 -0.79 -4.86 -2.19
N LEU A 54 -0.35 -3.96 -1.35
CA LEU A 54 -1.32 -3.20 -0.50
C LEU A 54 -1.33 -1.71 -0.88
N ILE A 55 -2.50 -1.11 -1.03
CA ILE A 55 -2.52 0.33 -1.37
C ILE A 55 -2.85 1.15 -0.12
N LEU A 56 -2.21 2.26 0.06
CA LEU A 56 -2.51 3.08 1.27
C LEU A 56 -2.49 4.57 0.92
N VAL A 57 -3.15 5.36 1.71
CA VAL A 57 -3.17 6.82 1.43
C VAL A 57 -2.54 7.56 2.62
N ALA A 58 -1.46 8.23 2.39
CA ALA A 58 -0.78 8.96 3.51
C ALA A 58 -1.64 10.13 3.98
N ALA A 59 -2.59 10.55 3.20
CA ALA A 59 -3.44 11.69 3.62
C ALA A 59 -4.14 11.35 4.94
N ASN A 60 -4.23 10.09 5.26
CA ASN A 60 -4.90 9.69 6.53
C ASN A 60 -4.01 9.98 7.75
N PRO A 61 -4.65 10.34 8.82
CA PRO A 61 -3.92 10.67 10.09
C PRO A 61 -3.35 9.40 10.75
N SER A 62 -4.18 8.60 11.34
CA SER A 62 -3.69 7.37 12.03
C SER A 62 -3.18 6.33 11.02
N PHE A 63 -3.26 6.62 9.75
CA PHE A 63 -2.79 5.64 8.74
C PHE A 63 -1.42 5.08 9.15
N ARG A 64 -0.53 5.92 9.58
CA ARG A 64 0.80 5.42 10.02
C ARG A 64 0.59 4.34 11.08
N ALA A 65 -0.36 4.55 11.93
CA ALA A 65 -0.66 3.56 13.00
C ALA A 65 -1.14 2.24 12.36
N VAL A 66 -2.06 2.33 11.43
CA VAL A 66 -2.57 1.10 10.77
C VAL A 66 -1.42 0.36 10.09
N VAL A 67 -0.57 1.07 9.41
CA VAL A 67 0.58 0.41 8.74
C VAL A 67 1.47 -0.27 9.79
N GLN A 68 1.67 0.35 10.91
CA GLN A 68 2.50 -0.27 11.96
C GLN A 68 1.98 -1.66 12.27
N GLN A 69 0.68 -1.82 12.37
CA GLN A 69 0.13 -3.17 12.67
C GLN A 69 0.55 -4.14 11.57
N LEU A 70 0.34 -3.79 10.33
CA LEU A 70 0.77 -4.72 9.25
C LEU A 70 2.23 -5.11 9.50
N CYS A 71 3.05 -4.15 9.77
CA CYS A 71 4.49 -4.45 10.06
C CYS A 71 4.60 -5.19 11.40
N PHE A 72 3.85 -4.75 12.38
CA PHE A 72 3.91 -5.40 13.71
C PHE A 72 3.43 -6.85 13.60
N GLU A 73 2.30 -7.06 12.98
CA GLU A 73 1.79 -8.46 12.82
C GLU A 73 2.75 -9.25 11.93
N GLY A 74 3.56 -8.56 11.17
CA GLY A 74 4.53 -9.25 10.28
C GLY A 74 4.02 -9.22 8.83
N VAL A 75 2.96 -8.49 8.60
CA VAL A 75 2.41 -8.41 7.22
C VAL A 75 3.22 -7.43 6.37
N VAL A 76 4.14 -7.92 5.60
CA VAL A 76 4.97 -7.01 4.74
C VAL A 76 4.67 -7.29 3.27
N VAL A 77 4.36 -6.27 2.51
CA VAL A 77 4.03 -6.47 1.07
C VAL A 77 4.39 -5.23 0.25
N PRO A 78 4.41 -5.38 -1.04
CA PRO A 78 4.71 -4.23 -1.92
C PRO A 78 3.55 -3.24 -1.78
N ALA A 79 3.64 -2.39 -0.81
CA ALA A 79 2.55 -1.43 -0.56
C ALA A 79 2.80 -0.09 -1.26
N ILE A 80 1.89 0.31 -2.10
CA ILE A 80 2.04 1.61 -2.81
C ILE A 80 1.37 2.70 -1.98
N VAL A 81 2.11 3.69 -1.57
CA VAL A 81 1.50 4.76 -0.74
C VAL A 81 1.13 5.99 -1.59
N VAL A 82 0.07 6.67 -1.21
CA VAL A 82 -0.38 7.85 -2.00
C VAL A 82 -0.45 9.09 -1.10
N GLY A 83 -0.45 10.25 -1.68
CA GLY A 83 -0.55 11.50 -0.85
C GLY A 83 0.83 12.15 -0.72
N ASP A 84 1.59 12.16 -1.77
CA ASP A 84 2.93 12.80 -1.72
C ASP A 84 3.12 13.66 -2.96
N ARG A 85 3.90 14.71 -2.87
CA ARG A 85 4.12 15.57 -4.06
C ARG A 85 5.03 14.87 -5.07
N ASP A 86 5.45 15.59 -6.08
CA ASP A 86 6.34 14.96 -7.11
C ASP A 86 7.81 15.22 -6.73
N SER A 87 8.03 15.90 -5.66
CA SER A 87 9.43 16.19 -5.23
C SER A 87 9.72 15.49 -3.89
N GLU A 88 10.97 15.34 -3.56
CA GLU A 88 11.33 14.67 -2.27
C GLU A 88 11.88 15.70 -1.28
N ASP A 89 11.35 16.89 -1.28
CA ASP A 89 11.84 17.94 -0.35
C ASP A 89 11.79 17.46 1.10
N PRO A 90 12.72 17.94 1.88
CA PRO A 90 12.80 17.58 3.31
C PRO A 90 11.75 18.37 4.11
N ASP A 91 11.31 19.47 3.58
CA ASP A 91 10.30 20.30 4.30
C ASP A 91 9.01 19.50 4.54
N GLU A 92 8.66 18.64 3.63
CA GLU A 92 7.43 17.85 3.80
C GLU A 92 7.68 16.65 4.71
N PRO A 93 6.73 16.39 5.57
CA PRO A 93 6.85 15.26 6.52
C PRO A 93 6.62 13.93 5.80
N ALA A 94 7.35 13.69 4.74
CA ALA A 94 7.17 12.42 3.98
C ALA A 94 8.51 11.70 3.81
N LYS A 95 8.62 10.50 4.31
CA LYS A 95 9.89 9.74 4.16
C LYS A 95 9.60 8.24 4.20
N GLU A 96 10.63 7.44 4.19
CA GLU A 96 10.43 5.96 4.21
C GLU A 96 9.92 5.50 5.57
N GLN A 97 8.75 5.94 5.97
CA GLN A 97 8.22 5.51 7.29
C GLN A 97 6.73 5.20 7.23
N LEU A 98 6.09 5.45 6.12
CA LEU A 98 4.64 5.15 6.01
C LEU A 98 4.46 3.65 6.06
N TYR A 99 5.50 2.94 5.74
CA TYR A 99 5.46 1.45 5.76
C TYR A 99 6.89 0.90 5.80
N HIS A 100 7.20 -0.07 4.97
CA HIS A 100 8.60 -0.62 4.96
C HIS A 100 9.42 0.06 3.86
N SER A 101 10.68 -0.29 3.76
CA SER A 101 11.55 0.33 2.71
C SER A 101 11.19 -0.20 1.33
N ALA A 102 10.24 -1.10 1.26
CA ALA A 102 9.84 -1.67 -0.06
C ALA A 102 8.56 -1.02 -0.58
N GLU A 103 7.82 -0.37 0.28
CA GLU A 103 6.54 0.26 -0.16
C GLU A 103 6.79 1.28 -1.29
N LEU A 104 6.04 1.21 -2.35
CA LEU A 104 6.24 2.19 -3.46
C LEU A 104 5.42 3.46 -3.16
N HIS A 105 5.76 4.55 -3.76
CA HIS A 105 5.01 5.80 -3.49
C HIS A 105 4.35 6.33 -4.78
N LEU A 106 3.21 6.94 -4.66
CA LEU A 106 2.51 7.47 -5.87
C LEU A 106 1.82 8.80 -5.55
N GLY A 107 1.84 9.73 -6.47
CA GLY A 107 1.18 11.05 -6.22
C GLY A 107 -0.34 10.88 -6.25
N ILE A 108 -1.04 11.74 -5.55
CA ILE A 108 -2.52 11.66 -5.53
C ILE A 108 -3.09 11.86 -6.93
N HIS A 109 -2.55 12.79 -7.66
CA HIS A 109 -3.04 13.05 -9.04
C HIS A 109 -2.36 12.06 -10.00
N GLN A 110 -1.50 11.23 -9.49
CA GLN A 110 -0.81 10.24 -10.38
C GLN A 110 -1.53 8.90 -10.32
N LEU A 111 -2.75 8.88 -9.89
CA LEU A 111 -3.48 7.59 -9.82
C LEU A 111 -3.62 7.01 -11.23
N GLU A 112 -2.80 6.06 -11.54
CA GLU A 112 -2.83 5.41 -12.87
C GLU A 112 -1.57 4.56 -13.03
N GLN A 113 -0.54 4.88 -12.30
CA GLN A 113 0.72 4.09 -12.36
C GLN A 113 0.65 2.94 -11.36
N LEU A 114 -0.42 2.87 -10.61
CA LEU A 114 -0.55 1.79 -9.60
C LEU A 114 -0.24 0.42 -10.20
N PRO A 115 -0.74 0.13 -11.38
CA PRO A 115 -0.45 -1.18 -12.00
C PRO A 115 1.04 -1.29 -12.27
N TYR A 116 1.59 -0.33 -12.96
CA TYR A 116 3.04 -0.36 -13.22
C TYR A 116 3.78 -0.24 -11.87
N GLN A 117 3.21 0.50 -10.96
CA GLN A 117 3.84 0.62 -9.60
C GLN A 117 3.68 -0.71 -8.86
N VAL A 118 2.55 -1.36 -9.06
CA VAL A 118 2.31 -2.67 -8.38
C VAL A 118 3.35 -3.68 -8.87
N ASP A 119 3.49 -3.86 -10.15
CA ASP A 119 4.49 -4.85 -10.63
C ASP A 119 5.87 -4.42 -10.13
N ALA A 120 6.14 -3.14 -10.16
CA ALA A 120 7.46 -2.65 -9.66
C ALA A 120 7.52 -2.79 -8.14
N ALA A 121 6.45 -2.51 -7.47
CA ALA A 121 6.43 -2.64 -5.98
C ALA A 121 6.69 -4.10 -5.60
N LEU A 122 6.08 -5.01 -6.30
CA LEU A 122 6.29 -6.45 -5.99
C LEU A 122 7.77 -6.80 -6.07
N ALA A 123 8.37 -6.54 -7.18
CA ALA A 123 9.82 -6.86 -7.32
C ALA A 123 10.59 -6.14 -6.22
N GLU A 124 10.26 -4.89 -5.98
CA GLU A 124 10.97 -4.14 -4.91
C GLU A 124 10.78 -4.87 -3.57
N PHE A 125 9.57 -5.26 -3.28
CA PHE A 125 9.32 -5.97 -1.99
C PHE A 125 10.03 -7.33 -2.00
N LEU A 126 9.88 -8.08 -3.06
CA LEU A 126 10.54 -9.41 -3.13
C LEU A 126 12.06 -9.25 -3.01
N ARG A 127 12.62 -8.35 -3.77
CA ARG A 127 14.10 -8.15 -3.72
C ARG A 127 14.52 -7.53 -2.38
N LEU A 128 13.75 -6.60 -1.88
CA LEU A 128 14.11 -5.96 -0.58
C LEU A 128 13.67 -6.82 0.60
N ALA A 129 12.75 -7.71 0.40
CA ALA A 129 12.28 -8.58 1.51
C ALA A 129 13.40 -9.51 2.00
N PRO A 130 13.54 -9.62 3.30
CA PRO A 130 12.67 -8.89 4.25
C PRO A 130 13.04 -7.40 4.29
N VAL A 131 12.06 -6.55 4.50
CA VAL A 131 12.38 -5.09 4.54
C VAL A 131 12.26 -4.57 5.98
N GLU A 132 12.77 -3.40 6.23
CA GLU A 132 12.71 -2.84 7.62
C GLU A 132 11.28 -2.40 7.98
N THR A 133 10.54 -3.26 8.64
CA THR A 133 9.16 -2.89 9.05
C THR A 133 9.14 -2.51 10.53
N MET A 134 9.98 -1.59 10.93
CA MET A 134 10.02 -1.18 12.36
C MET A 134 8.69 -0.53 12.77
N ALA A 135 7.86 -0.20 11.81
CA ALA A 135 6.55 0.43 12.14
C ALA A 135 6.75 1.85 12.67
N MET A 1 -0.60 -22.03 -9.41
CA MET A 1 -0.99 -21.16 -10.55
C MET A 1 -1.36 -19.75 -10.07
N LEU A 2 -0.89 -18.72 -10.73
CA LEU A 2 -1.23 -17.34 -10.31
C LEU A 2 -2.61 -16.95 -10.83
N SER A 3 -3.63 -17.14 -10.04
CA SER A 3 -5.01 -16.78 -10.48
C SER A 3 -5.11 -15.27 -10.69
N GLN A 4 -5.01 -14.52 -9.63
CA GLN A 4 -5.10 -13.03 -9.73
C GLN A 4 -4.19 -12.39 -8.69
N ILE A 5 -3.66 -11.23 -8.97
CA ILE A 5 -2.78 -10.55 -7.98
C ILE A 5 -3.60 -10.13 -6.76
N ALA A 6 -3.08 -10.30 -5.58
CA ALA A 6 -3.86 -9.90 -4.37
C ALA A 6 -3.50 -8.47 -3.99
N ILE A 7 -4.45 -7.60 -4.04
CA ILE A 7 -4.18 -6.18 -3.68
C ILE A 7 -5.18 -5.70 -2.64
N CYS A 8 -4.71 -5.05 -1.61
CA CYS A 8 -5.62 -4.57 -0.55
C CYS A 8 -5.46 -3.08 -0.37
N ILE A 9 -6.48 -2.30 -0.62
CA ILE A 9 -6.31 -0.83 -0.45
C ILE A 9 -7.12 -0.32 0.73
N TRP A 10 -6.64 0.71 1.35
CA TRP A 10 -7.41 1.30 2.48
C TRP A 10 -7.66 2.78 2.16
N VAL A 11 -8.79 3.09 1.62
CA VAL A 11 -9.09 4.50 1.27
C VAL A 11 -10.51 4.85 1.68
N GLU A 12 -10.67 5.88 2.46
CA GLU A 12 -12.04 6.30 2.91
C GLU A 12 -12.68 7.19 1.85
N SER A 13 -11.95 7.50 0.81
CA SER A 13 -12.52 8.35 -0.27
C SER A 13 -12.77 7.47 -1.50
N THR A 14 -14.00 7.39 -1.93
CA THR A 14 -14.31 6.53 -3.11
C THR A 14 -13.58 7.04 -4.35
N ALA A 15 -13.46 8.33 -4.53
CA ALA A 15 -12.76 8.86 -5.72
C ALA A 15 -11.33 8.31 -5.77
N ILE A 16 -10.69 8.27 -4.64
CA ILE A 16 -9.31 7.73 -4.60
C ILE A 16 -9.40 6.21 -4.76
N LEU A 17 -10.35 5.61 -4.11
CA LEU A 17 -10.56 4.15 -4.23
C LEU A 17 -10.89 3.80 -5.68
N GLN A 18 -11.76 4.55 -6.29
CA GLN A 18 -12.11 4.27 -7.71
C GLN A 18 -10.86 4.46 -8.58
N ASP A 19 -10.11 5.50 -8.33
CA ASP A 19 -8.88 5.73 -9.13
C ASP A 19 -7.98 4.50 -9.04
N CYS A 20 -7.87 3.94 -7.87
CA CYS A 20 -7.02 2.72 -7.70
C CYS A 20 -7.58 1.61 -8.58
N GLN A 21 -8.80 1.24 -8.33
CA GLN A 21 -9.44 0.16 -9.12
C GLN A 21 -9.33 0.49 -10.61
N ARG A 22 -9.42 1.76 -10.95
CA ARG A 22 -9.31 2.13 -12.38
C ARG A 22 -7.93 1.72 -12.90
N ALA A 23 -6.89 2.18 -12.28
CA ALA A 23 -5.52 1.77 -12.73
C ALA A 23 -5.36 0.26 -12.49
N LEU A 24 -5.60 -0.17 -11.28
CA LEU A 24 -5.50 -1.63 -10.98
C LEU A 24 -6.83 -2.29 -11.33
N SER A 25 -7.16 -2.31 -12.59
CA SER A 25 -8.45 -2.90 -13.01
C SER A 25 -8.25 -4.28 -13.65
N ALA A 26 -7.02 -4.64 -13.93
CA ALA A 26 -6.74 -5.96 -14.57
C ALA A 26 -7.72 -7.02 -14.08
N ASP A 27 -8.22 -7.84 -14.96
CA ASP A 27 -9.18 -8.90 -14.54
C ASP A 27 -8.53 -9.80 -13.50
N ARG A 28 -7.23 -9.72 -13.37
CA ARG A 28 -6.53 -10.60 -12.38
C ARG A 28 -6.21 -9.83 -11.11
N TYR A 29 -6.89 -8.76 -10.84
CA TYR A 29 -6.58 -7.99 -9.60
C TYR A 29 -7.60 -8.28 -8.51
N GLN A 30 -7.13 -8.56 -7.32
CA GLN A 30 -8.08 -8.82 -6.19
C GLN A 30 -7.98 -7.67 -5.20
N LEU A 31 -8.60 -6.57 -5.50
CA LEU A 31 -8.54 -5.40 -4.60
C LEU A 31 -9.53 -5.51 -3.45
N GLN A 32 -9.04 -5.37 -2.25
CA GLN A 32 -9.96 -5.44 -1.08
C GLN A 32 -10.11 -4.03 -0.49
N VAL A 33 -11.26 -3.44 -0.64
CA VAL A 33 -11.46 -2.07 -0.10
C VAL A 33 -11.85 -2.12 1.36
N CYS A 34 -11.12 -1.43 2.19
CA CYS A 34 -11.44 -1.40 3.64
C CYS A 34 -11.83 0.01 4.07
N GLU A 35 -13.05 0.19 4.53
CA GLU A 35 -13.49 1.55 4.95
C GLU A 35 -12.60 2.08 6.08
N SER A 36 -12.12 1.22 6.92
CA SER A 36 -11.25 1.69 8.04
C SER A 36 -9.84 1.12 7.91
N GLY A 37 -9.05 1.25 8.93
CA GLY A 37 -7.67 0.69 8.89
C GLY A 37 -7.72 -0.66 9.59
N GLU A 38 -8.57 -0.74 10.57
CA GLU A 38 -8.75 -2.00 11.29
C GLU A 38 -9.28 -3.02 10.30
N MET A 39 -10.09 -2.57 9.39
CA MET A 39 -10.64 -3.47 8.36
C MET A 39 -9.50 -3.98 7.47
N LEU A 40 -8.58 -3.11 7.12
CA LEU A 40 -7.43 -3.53 6.29
C LEU A 40 -6.62 -4.60 7.05
N LEU A 41 -6.39 -4.36 8.33
CA LEU A 41 -5.63 -5.37 9.12
C LEU A 41 -6.35 -6.70 9.08
N GLU A 42 -7.66 -6.68 9.14
CA GLU A 42 -8.40 -7.96 9.11
C GLU A 42 -8.08 -8.73 7.84
N TYR A 43 -8.00 -8.07 6.72
CA TYR A 43 -7.68 -8.79 5.46
C TYR A 43 -6.22 -9.24 5.47
N ALA A 44 -5.34 -8.39 5.92
CA ALA A 44 -3.88 -8.75 5.96
C ALA A 44 -3.59 -9.64 7.18
N GLN A 45 -4.34 -9.49 8.22
CA GLN A 45 -4.10 -10.32 9.44
C GLN A 45 -4.18 -11.81 9.09
N THR A 46 -4.70 -12.12 7.94
CA THR A 46 -4.81 -13.55 7.54
C THR A 46 -4.14 -13.77 6.17
N HIS A 47 -3.59 -12.73 5.61
CA HIS A 47 -2.88 -12.84 4.31
C HIS A 47 -1.72 -11.86 4.31
N ARG A 48 -0.80 -12.03 5.21
CA ARG A 48 0.36 -11.09 5.28
C ARG A 48 1.32 -11.34 4.12
N ASP A 49 1.76 -12.56 4.03
CA ASP A 49 2.71 -12.94 2.96
C ASP A 49 1.94 -13.36 1.69
N GLN A 50 0.68 -12.99 1.61
CA GLN A 50 -0.13 -13.39 0.41
C GLN A 50 -0.63 -12.17 -0.38
N ILE A 51 -0.26 -10.99 0.01
CA ILE A 51 -0.73 -9.78 -0.72
C ILE A 51 0.26 -9.41 -1.82
N ASP A 52 -0.23 -9.10 -2.99
CA ASP A 52 0.70 -8.72 -4.08
C ASP A 52 0.95 -7.20 -4.05
N CYS A 53 0.10 -6.46 -3.39
CA CYS A 53 0.31 -4.99 -3.33
C CYS A 53 -0.69 -4.32 -2.38
N LEU A 54 -0.23 -3.78 -1.27
CA LEU A 54 -1.18 -3.09 -0.34
C LEU A 54 -1.25 -1.60 -0.70
N ILE A 55 -2.43 -1.06 -0.89
CA ILE A 55 -2.50 0.39 -1.22
C ILE A 55 -2.74 1.22 0.02
N LEU A 56 -2.12 2.35 0.13
CA LEU A 56 -2.34 3.22 1.32
C LEU A 56 -2.40 4.69 0.94
N VAL A 57 -3.18 5.44 1.67
CA VAL A 57 -3.29 6.89 1.39
C VAL A 57 -2.78 7.68 2.60
N ALA A 58 -1.69 8.36 2.46
CA ALA A 58 -1.13 9.14 3.60
C ALA A 58 -2.10 10.25 4.03
N ALA A 59 -2.96 10.69 3.15
CA ALA A 59 -3.91 11.78 3.51
C ALA A 59 -4.70 11.43 4.78
N ASN A 60 -4.73 10.19 5.17
CA ASN A 60 -5.48 9.84 6.41
C ASN A 60 -4.76 10.40 7.65
N PRO A 61 -5.48 10.42 8.73
CA PRO A 61 -4.93 10.95 10.01
C PRO A 61 -4.00 9.93 10.66
N SER A 62 -4.54 8.95 11.33
CA SER A 62 -3.70 7.94 12.02
C SER A 62 -3.24 6.84 11.05
N PHE A 63 -3.33 7.08 9.77
CA PHE A 63 -2.92 6.03 8.79
C PHE A 63 -1.57 5.43 9.17
N ARG A 64 -0.60 6.25 9.48
CA ARG A 64 0.74 5.72 9.86
C ARG A 64 0.59 4.68 10.97
N ALA A 65 -0.24 4.95 11.93
CA ALA A 65 -0.44 3.98 13.05
C ALA A 65 -1.03 2.68 12.50
N VAL A 66 -1.81 2.75 11.45
CA VAL A 66 -2.37 1.49 10.87
C VAL A 66 -1.27 0.75 10.13
N VAL A 67 -0.50 1.44 9.34
CA VAL A 67 0.60 0.76 8.59
C VAL A 67 1.55 0.11 9.57
N GLN A 68 1.75 0.72 10.72
CA GLN A 68 2.66 0.11 11.71
C GLN A 68 2.05 -1.20 12.19
N GLN A 69 0.77 -1.21 12.45
CA GLN A 69 0.14 -2.47 12.91
C GLN A 69 0.42 -3.55 11.87
N LEU A 70 0.32 -3.22 10.60
CA LEU A 70 0.62 -4.25 9.56
C LEU A 70 2.03 -4.77 9.82
N CYS A 71 2.94 -3.88 10.11
CA CYS A 71 4.33 -4.29 10.40
C CYS A 71 4.39 -4.98 11.76
N PHE A 72 3.71 -4.42 12.73
CA PHE A 72 3.71 -5.02 14.09
C PHE A 72 3.34 -6.50 14.03
N GLU A 73 2.31 -6.84 13.30
CA GLU A 73 1.90 -8.27 13.20
C GLU A 73 2.95 -9.02 12.37
N GLY A 74 3.59 -8.34 11.47
CA GLY A 74 4.61 -8.99 10.61
C GLY A 74 4.13 -8.97 9.16
N VAL A 75 3.14 -8.15 8.88
CA VAL A 75 2.62 -8.08 7.49
C VAL A 75 3.39 -7.04 6.68
N VAL A 76 4.38 -7.45 5.94
CA VAL A 76 5.14 -6.48 5.12
C VAL A 76 4.92 -6.82 3.64
N VAL A 77 4.36 -5.92 2.88
CA VAL A 77 4.09 -6.20 1.45
C VAL A 77 4.45 -5.01 0.57
N PRO A 78 4.44 -5.24 -0.72
CA PRO A 78 4.73 -4.14 -1.67
C PRO A 78 3.57 -3.15 -1.57
N ALA A 79 3.62 -2.31 -0.59
CA ALA A 79 2.51 -1.36 -0.36
C ALA A 79 2.75 -0.03 -1.10
N ILE A 80 1.84 0.36 -1.93
CA ILE A 80 2.01 1.65 -2.66
C ILE A 80 1.37 2.78 -1.86
N VAL A 81 2.16 3.69 -1.36
CA VAL A 81 1.58 4.80 -0.56
C VAL A 81 1.25 6.01 -1.44
N VAL A 82 0.21 6.72 -1.10
CA VAL A 82 -0.18 7.91 -1.91
C VAL A 82 -0.24 9.16 -1.03
N GLY A 83 -0.39 10.31 -1.63
CA GLY A 83 -0.48 11.57 -0.81
C GLY A 83 0.84 12.34 -0.86
N ASP A 84 1.64 12.17 -1.88
CA ASP A 84 2.93 12.94 -1.94
C ASP A 84 2.72 14.24 -2.72
N ARG A 85 3.23 15.33 -2.21
CA ARG A 85 3.06 16.63 -2.94
C ARG A 85 4.35 17.00 -3.67
N ASP A 86 4.28 17.98 -4.54
CA ASP A 86 5.49 18.39 -5.31
C ASP A 86 5.97 19.76 -4.80
N SER A 87 5.80 20.02 -3.53
CA SER A 87 6.24 21.32 -2.95
C SER A 87 7.76 21.44 -3.00
N GLU A 88 8.29 22.58 -2.67
CA GLU A 88 9.76 22.77 -2.68
C GLU A 88 10.38 21.96 -1.55
N ASP A 89 9.56 21.46 -0.66
CA ASP A 89 10.10 20.66 0.48
C ASP A 89 10.87 19.45 -0.03
N PRO A 90 12.08 19.31 0.43
CA PRO A 90 12.94 18.17 0.00
C PRO A 90 12.47 16.88 0.67
N ASP A 91 12.49 16.83 1.96
CA ASP A 91 12.05 15.61 2.70
C ASP A 91 10.58 15.29 2.39
N GLU A 92 9.77 16.30 2.21
CA GLU A 92 8.34 16.06 1.90
C GLU A 92 7.67 15.19 2.99
N PRO A 93 6.38 15.28 3.04
CA PRO A 93 5.59 14.50 4.03
C PRO A 93 5.43 13.05 3.55
N ALA A 94 6.46 12.46 3.01
CA ALA A 94 6.35 11.05 2.53
C ALA A 94 7.68 10.33 2.68
N LYS A 95 7.74 9.38 3.58
CA LYS A 95 9.01 8.63 3.80
C LYS A 95 8.72 7.16 4.06
N GLU A 96 9.72 6.31 3.94
CA GLU A 96 9.50 4.86 4.20
C GLU A 96 8.92 4.66 5.60
N GLN A 97 9.16 5.59 6.50
CA GLN A 97 8.63 5.48 7.90
C GLN A 97 7.12 5.16 7.88
N LEU A 98 6.45 5.45 6.80
CA LEU A 98 4.99 5.17 6.73
C LEU A 98 4.76 3.67 6.81
N TYR A 99 5.62 2.92 6.18
CA TYR A 99 5.46 1.44 6.18
C TYR A 99 6.84 0.77 6.27
N HIS A 100 7.08 -0.25 5.50
CA HIS A 100 8.41 -0.93 5.56
C HIS A 100 9.41 -0.21 4.63
N SER A 101 10.61 -0.73 4.53
CA SER A 101 11.64 -0.05 3.68
C SER A 101 11.51 -0.42 2.20
N ALA A 102 10.37 -0.91 1.78
CA ALA A 102 10.24 -1.26 0.33
C ALA A 102 8.89 -0.80 -0.25
N GLU A 103 7.93 -0.43 0.57
CA GLU A 103 6.63 0.01 0.00
C GLU A 103 6.87 1.08 -1.07
N LEU A 104 6.07 1.13 -2.08
CA LEU A 104 6.27 2.16 -3.15
C LEU A 104 5.43 3.39 -2.86
N HIS A 105 5.87 4.53 -3.32
CA HIS A 105 5.11 5.78 -3.09
C HIS A 105 4.54 6.27 -4.43
N LEU A 106 3.35 6.80 -4.42
CA LEU A 106 2.74 7.30 -5.69
C LEU A 106 2.17 8.70 -5.51
N GLY A 107 2.18 9.49 -6.55
CA GLY A 107 1.63 10.86 -6.43
C GLY A 107 0.11 10.79 -6.34
N ILE A 108 -0.50 11.74 -5.70
CA ILE A 108 -1.99 11.73 -5.58
C ILE A 108 -2.63 11.75 -6.96
N HIS A 109 -2.05 12.46 -7.89
CA HIS A 109 -2.62 12.51 -9.26
C HIS A 109 -1.92 11.46 -10.13
N GLN A 110 -1.19 10.57 -9.52
CA GLN A 110 -0.49 9.51 -10.30
C GLN A 110 -1.07 8.15 -9.95
N LEU A 111 -2.32 8.11 -9.59
CA LEU A 111 -2.97 6.83 -9.22
C LEU A 111 -2.97 5.86 -10.39
N GLU A 112 -3.20 6.35 -11.58
CA GLU A 112 -3.21 5.44 -12.76
C GLU A 112 -1.90 4.66 -12.83
N GLN A 113 -0.89 5.12 -12.14
CA GLN A 113 0.42 4.40 -12.16
C GLN A 113 0.40 3.22 -11.16
N LEU A 114 -0.69 3.06 -10.45
CA LEU A 114 -0.79 1.95 -9.45
C LEU A 114 -0.44 0.59 -10.04
N PRO A 115 -0.96 0.28 -11.20
CA PRO A 115 -0.66 -1.04 -11.82
C PRO A 115 0.82 -1.09 -12.18
N TYR A 116 1.28 -0.13 -12.93
CA TYR A 116 2.72 -0.12 -13.26
C TYR A 116 3.50 -0.06 -11.95
N GLN A 117 2.96 0.62 -10.98
CA GLN A 117 3.61 0.68 -9.64
C GLN A 117 3.45 -0.68 -8.96
N VAL A 118 2.29 -1.27 -9.12
CA VAL A 118 2.05 -2.60 -8.50
C VAL A 118 3.08 -3.60 -9.00
N ASP A 119 3.27 -3.69 -10.29
CA ASP A 119 4.30 -4.63 -10.80
C ASP A 119 5.67 -4.19 -10.28
N ALA A 120 5.89 -2.91 -10.22
CA ALA A 120 7.19 -2.40 -9.71
C ALA A 120 7.27 -2.70 -8.21
N ALA A 121 6.21 -2.51 -7.49
CA ALA A 121 6.22 -2.78 -6.02
C ALA A 121 6.51 -4.26 -5.78
N LEU A 122 5.91 -5.12 -6.54
CA LEU A 122 6.15 -6.57 -6.35
C LEU A 122 7.64 -6.85 -6.47
N ALA A 123 8.27 -6.40 -7.52
CA ALA A 123 9.73 -6.65 -7.66
C ALA A 123 10.50 -5.91 -6.56
N GLU A 124 10.16 -4.67 -6.31
CA GLU A 124 10.87 -3.90 -5.25
C GLU A 124 10.63 -4.54 -3.88
N PHE A 125 9.49 -5.14 -3.67
CA PHE A 125 9.22 -5.77 -2.34
C PHE A 125 9.85 -7.17 -2.27
N LEU A 126 9.84 -7.89 -3.35
CA LEU A 126 10.42 -9.26 -3.35
C LEU A 126 11.92 -9.20 -3.06
N ARG A 127 12.65 -8.38 -3.77
CA ARG A 127 14.12 -8.29 -3.55
C ARG A 127 14.44 -7.87 -2.11
N LEU A 128 13.64 -7.03 -1.52
CA LEU A 128 13.93 -6.60 -0.11
C LEU A 128 13.07 -7.42 0.88
N ALA A 129 12.36 -8.42 0.41
CA ALA A 129 11.52 -9.24 1.34
C ALA A 129 12.35 -10.42 1.90
N PRO A 130 12.21 -10.69 3.18
CA PRO A 130 11.30 -9.90 4.04
C PRO A 130 11.90 -8.51 4.27
N VAL A 131 11.09 -7.50 4.32
CA VAL A 131 11.65 -6.12 4.50
C VAL A 131 11.86 -5.83 5.98
N GLU A 132 12.62 -4.81 6.28
CA GLU A 132 12.87 -4.48 7.70
C GLU A 132 11.87 -3.42 8.16
N THR A 133 10.88 -3.81 8.92
CA THR A 133 9.87 -2.83 9.39
C THR A 133 10.17 -2.40 10.83
N MET A 134 10.47 -1.14 11.00
CA MET A 134 10.78 -0.62 12.36
C MET A 134 9.59 -0.82 13.31
N ALA A 135 8.39 -0.65 12.83
CA ALA A 135 7.21 -0.84 13.72
C ALA A 135 7.36 -2.13 14.52
N MET A 1 -2.00 -20.62 -5.44
CA MET A 1 -2.20 -20.45 -6.91
C MET A 1 -2.12 -18.96 -7.28
N LEU A 2 -1.31 -18.62 -8.25
CA LEU A 2 -1.19 -17.19 -8.66
C LEU A 2 -2.55 -16.65 -9.09
N SER A 3 -3.23 -17.36 -9.94
CA SER A 3 -4.57 -16.89 -10.42
C SER A 3 -4.55 -15.38 -10.65
N GLN A 4 -4.91 -14.62 -9.66
CA GLN A 4 -4.91 -13.14 -9.83
C GLN A 4 -4.07 -12.50 -8.71
N ILE A 5 -3.67 -11.27 -8.88
CA ILE A 5 -2.86 -10.60 -7.84
C ILE A 5 -3.75 -10.05 -6.72
N ALA A 6 -3.34 -10.18 -5.50
CA ALA A 6 -4.18 -9.66 -4.37
C ALA A 6 -3.69 -8.29 -3.92
N ILE A 7 -4.53 -7.28 -4.01
CA ILE A 7 -4.11 -5.92 -3.57
C ILE A 7 -5.13 -5.36 -2.60
N CYS A 8 -4.71 -5.01 -1.42
CA CYS A 8 -5.68 -4.45 -0.43
C CYS A 8 -5.44 -2.95 -0.26
N ILE A 9 -6.35 -2.14 -0.71
CA ILE A 9 -6.16 -0.67 -0.56
C ILE A 9 -6.95 -0.15 0.63
N TRP A 10 -6.41 0.83 1.30
CA TRP A 10 -7.14 1.41 2.45
C TRP A 10 -7.36 2.89 2.18
N VAL A 11 -8.58 3.30 2.02
CA VAL A 11 -8.83 4.73 1.73
C VAL A 11 -10.28 5.10 2.04
N GLU A 12 -10.47 6.04 2.92
CA GLU A 12 -11.84 6.47 3.29
C GLU A 12 -12.48 7.29 2.16
N SER A 13 -11.74 7.53 1.11
CA SER A 13 -12.30 8.30 -0.04
C SER A 13 -12.65 7.35 -1.18
N THR A 14 -13.87 7.36 -1.65
CA THR A 14 -14.25 6.43 -2.74
C THR A 14 -13.53 6.79 -4.05
N ALA A 15 -13.48 8.05 -4.41
CA ALA A 15 -12.77 8.42 -5.67
C ALA A 15 -11.37 7.80 -5.66
N ILE A 16 -10.63 8.05 -4.62
CA ILE A 16 -9.26 7.48 -4.51
C ILE A 16 -9.38 5.96 -4.49
N LEU A 17 -10.30 5.44 -3.72
CA LEU A 17 -10.48 3.97 -3.69
C LEU A 17 -10.75 3.49 -5.10
N GLN A 18 -11.58 4.19 -5.81
CA GLN A 18 -11.89 3.79 -7.20
C GLN A 18 -10.71 4.09 -8.12
N ASP A 19 -10.26 5.31 -8.14
CA ASP A 19 -9.11 5.66 -9.01
C ASP A 19 -7.95 4.69 -8.77
N CYS A 20 -7.66 4.40 -7.53
CA CYS A 20 -6.54 3.45 -7.25
C CYS A 20 -6.87 2.07 -7.82
N GLN A 21 -8.07 1.61 -7.63
CA GLN A 21 -8.45 0.26 -8.15
C GLN A 21 -8.70 0.34 -9.65
N ARG A 22 -9.22 1.45 -10.11
CA ARG A 22 -9.47 1.60 -11.57
C ARG A 22 -8.18 1.31 -12.32
N ALA A 23 -7.09 1.90 -11.89
CA ALA A 23 -5.80 1.63 -12.56
C ALA A 23 -5.48 0.14 -12.41
N LEU A 24 -5.67 -0.41 -11.24
CA LEU A 24 -5.40 -1.86 -11.01
C LEU A 24 -6.62 -2.69 -11.43
N SER A 25 -7.05 -2.56 -12.65
CA SER A 25 -8.24 -3.32 -13.12
C SER A 25 -7.85 -4.54 -13.95
N ALA A 26 -6.57 -4.73 -14.18
CA ALA A 26 -6.11 -5.91 -15.00
C ALA A 26 -7.03 -7.11 -14.76
N ASP A 27 -7.22 -7.93 -15.74
CA ASP A 27 -8.12 -9.11 -15.57
C ASP A 27 -7.61 -10.03 -14.44
N ARG A 28 -6.42 -9.82 -13.96
CA ARG A 28 -5.89 -10.71 -12.89
C ARG A 28 -5.73 -9.94 -11.56
N TYR A 29 -6.45 -8.88 -11.35
CA TYR A 29 -6.29 -8.14 -10.07
C TYR A 29 -7.40 -8.49 -9.09
N GLN A 30 -7.06 -8.69 -7.84
CA GLN A 30 -8.08 -8.99 -6.81
C GLN A 30 -7.97 -7.91 -5.73
N LEU A 31 -8.68 -6.84 -5.90
CA LEU A 31 -8.57 -5.72 -4.93
C LEU A 31 -9.66 -5.77 -3.86
N GLN A 32 -9.25 -5.57 -2.63
CA GLN A 32 -10.23 -5.53 -1.51
C GLN A 32 -10.25 -4.12 -0.95
N VAL A 33 -11.40 -3.56 -0.73
CA VAL A 33 -11.45 -2.16 -0.21
C VAL A 33 -11.78 -2.10 1.27
N CYS A 34 -11.01 -1.38 2.02
CA CYS A 34 -11.30 -1.26 3.48
C CYS A 34 -11.58 0.21 3.84
N GLU A 35 -12.73 0.47 4.41
CA GLU A 35 -13.06 1.89 4.77
C GLU A 35 -12.44 2.27 6.11
N SER A 36 -11.72 1.37 6.72
CA SER A 36 -11.07 1.69 8.03
C SER A 36 -9.62 1.20 8.03
N GLY A 37 -8.93 1.35 9.12
CA GLY A 37 -7.52 0.88 9.18
C GLY A 37 -7.55 -0.47 9.88
N GLU A 38 -8.53 -0.65 10.71
CA GLU A 38 -8.69 -1.92 11.43
C GLU A 38 -9.24 -2.96 10.44
N MET A 39 -10.02 -2.50 9.51
CA MET A 39 -10.58 -3.44 8.49
C MET A 39 -9.47 -3.92 7.58
N LEU A 40 -8.60 -3.04 7.17
CA LEU A 40 -7.48 -3.44 6.30
C LEU A 40 -6.68 -4.53 7.00
N LEU A 41 -6.40 -4.35 8.26
CA LEU A 41 -5.64 -5.39 9.01
C LEU A 41 -6.40 -6.71 8.98
N GLU A 42 -7.70 -6.66 9.09
CA GLU A 42 -8.49 -7.92 9.08
C GLU A 42 -8.23 -8.69 7.78
N TYR A 43 -8.17 -8.01 6.67
CA TYR A 43 -7.92 -8.73 5.38
C TYR A 43 -6.50 -9.30 5.37
N ALA A 44 -5.55 -8.55 5.87
CA ALA A 44 -4.15 -9.04 5.86
C ALA A 44 -3.87 -9.91 7.08
N GLN A 45 -4.53 -9.69 8.19
CA GLN A 45 -4.28 -10.52 9.40
C GLN A 45 -4.41 -12.01 9.07
N THR A 46 -5.01 -12.33 7.98
CA THR A 46 -5.18 -13.77 7.63
C THR A 46 -4.57 -14.04 6.25
N HIS A 47 -4.08 -13.01 5.61
CA HIS A 47 -3.46 -13.17 4.27
C HIS A 47 -2.24 -12.25 4.17
N ARG A 48 -1.52 -12.10 5.25
CA ARG A 48 -0.32 -11.19 5.24
C ARG A 48 0.55 -11.47 4.03
N ASP A 49 1.00 -12.67 3.90
CA ASP A 49 1.89 -13.04 2.76
C ASP A 49 1.07 -13.33 1.50
N GLN A 50 -0.23 -13.31 1.61
CA GLN A 50 -1.08 -13.58 0.41
C GLN A 50 -1.41 -12.27 -0.31
N ILE A 51 -1.01 -11.15 0.24
CA ILE A 51 -1.32 -9.85 -0.42
C ILE A 51 -0.21 -9.53 -1.44
N ASP A 52 -0.57 -9.27 -2.66
CA ASP A 52 0.46 -8.95 -3.70
C ASP A 52 0.77 -7.45 -3.74
N CYS A 53 -0.08 -6.63 -3.17
CA CYS A 53 0.19 -5.16 -3.19
C CYS A 53 -0.80 -4.40 -2.30
N LEU A 54 -0.34 -3.76 -1.26
CA LEU A 54 -1.28 -2.99 -0.39
C LEU A 54 -1.21 -1.49 -0.73
N ILE A 55 -2.34 -0.83 -0.79
CA ILE A 55 -2.30 0.63 -1.12
C ILE A 55 -2.58 1.42 0.15
N LEU A 56 -1.91 2.53 0.33
CA LEU A 56 -2.16 3.32 1.57
C LEU A 56 -2.15 4.81 1.26
N VAL A 57 -2.84 5.57 2.07
CA VAL A 57 -2.89 7.03 1.86
C VAL A 57 -2.21 7.74 3.02
N ALA A 58 -1.17 8.48 2.76
CA ALA A 58 -0.48 9.18 3.88
C ALA A 58 -1.28 10.41 4.30
N ALA A 59 -2.39 10.65 3.66
CA ALA A 59 -3.21 11.83 4.03
C ALA A 59 -4.04 11.51 5.28
N ASN A 60 -4.05 10.26 5.67
CA ASN A 60 -4.82 9.88 6.90
C ASN A 60 -4.05 10.25 8.16
N PRO A 61 -4.78 10.42 9.23
CA PRO A 61 -4.17 10.80 10.53
C PRO A 61 -3.53 9.60 11.23
N SER A 62 -4.28 8.58 11.50
CA SER A 62 -3.73 7.39 12.20
C SER A 62 -3.12 6.40 11.21
N PHE A 63 -3.14 6.71 9.95
CA PHE A 63 -2.56 5.78 8.94
C PHE A 63 -1.20 5.27 9.43
N ARG A 64 -0.33 6.16 9.82
CA ARG A 64 1.00 5.72 10.32
C ARG A 64 0.80 4.60 11.34
N ALA A 65 -0.07 4.82 12.28
CA ALA A 65 -0.35 3.80 13.33
C ALA A 65 -0.85 2.51 12.67
N VAL A 66 -1.78 2.62 11.77
CA VAL A 66 -2.31 1.41 11.12
C VAL A 66 -1.19 0.63 10.42
N VAL A 67 -0.19 1.30 9.90
CA VAL A 67 0.92 0.57 9.22
C VAL A 67 1.74 -0.21 10.25
N GLN A 68 2.10 0.39 11.35
CA GLN A 68 2.87 -0.37 12.35
C GLN A 68 2.06 -1.60 12.78
N GLN A 69 0.75 -1.50 12.75
CA GLN A 69 -0.07 -2.68 13.12
C GLN A 69 0.19 -3.78 12.10
N LEU A 70 0.20 -3.44 10.84
CA LEU A 70 0.49 -4.46 9.80
C LEU A 70 1.86 -5.09 10.13
N CYS A 71 2.88 -4.27 10.21
CA CYS A 71 4.22 -4.80 10.57
C CYS A 71 4.17 -5.46 11.95
N PHE A 72 3.39 -4.91 12.84
CA PHE A 72 3.28 -5.49 14.20
C PHE A 72 2.84 -6.95 14.10
N GLU A 73 1.96 -7.24 13.20
CA GLU A 73 1.47 -8.64 13.04
C GLU A 73 2.39 -9.39 12.05
N GLY A 74 3.44 -8.76 11.61
CA GLY A 74 4.35 -9.42 10.65
C GLY A 74 3.72 -9.36 9.25
N VAL A 75 2.91 -8.37 8.99
CA VAL A 75 2.28 -8.27 7.66
C VAL A 75 3.06 -7.30 6.78
N VAL A 76 4.04 -7.77 6.08
CA VAL A 76 4.82 -6.86 5.22
C VAL A 76 4.51 -7.17 3.75
N VAL A 77 4.12 -6.18 3.00
CA VAL A 77 3.79 -6.42 1.57
C VAL A 77 4.22 -5.24 0.70
N PRO A 78 4.26 -5.48 -0.59
CA PRO A 78 4.60 -4.41 -1.56
C PRO A 78 3.51 -3.35 -1.51
N ALA A 79 3.62 -2.43 -0.61
CA ALA A 79 2.56 -1.41 -0.45
C ALA A 79 2.85 -0.11 -1.19
N ILE A 80 1.87 0.41 -1.91
CA ILE A 80 2.05 1.70 -2.63
C ILE A 80 1.43 2.82 -1.79
N VAL A 81 2.13 3.90 -1.57
CA VAL A 81 1.58 5.00 -0.72
C VAL A 81 1.11 6.20 -1.57
N VAL A 82 0.15 6.95 -1.07
CA VAL A 82 -0.36 8.12 -1.86
C VAL A 82 -0.17 9.45 -1.10
N GLY A 83 0.03 10.52 -1.82
CA GLY A 83 0.21 11.85 -1.19
C GLY A 83 1.72 12.12 -0.99
N ASP A 84 2.16 12.18 0.23
CA ASP A 84 3.62 12.43 0.49
C ASP A 84 4.07 13.75 -0.13
N ARG A 85 3.79 14.85 0.51
CA ARG A 85 4.22 16.17 -0.04
C ARG A 85 5.73 16.32 0.12
N ASP A 86 6.30 17.31 -0.53
CA ASP A 86 7.78 17.51 -0.44
C ASP A 86 8.13 18.50 0.67
N SER A 87 7.32 18.60 1.68
CA SER A 87 7.63 19.55 2.80
C SER A 87 8.91 19.13 3.52
N GLU A 88 9.77 20.05 3.80
CA GLU A 88 11.03 19.71 4.52
C GLU A 88 10.77 19.75 6.03
N ASP A 89 9.56 20.06 6.43
CA ASP A 89 9.23 20.12 7.88
C ASP A 89 9.72 18.86 8.59
N PRO A 90 10.32 19.06 9.74
CA PRO A 90 10.84 17.92 10.54
C PRO A 90 9.67 17.15 11.15
N ASP A 91 8.64 17.83 11.57
CA ASP A 91 7.47 17.12 12.15
C ASP A 91 6.92 16.10 11.15
N GLU A 92 6.97 16.41 9.88
CA GLU A 92 6.44 15.47 8.86
C GLU A 92 7.52 15.09 7.84
N PRO A 93 8.39 14.22 8.27
CA PRO A 93 9.50 13.73 7.41
C PRO A 93 9.01 12.64 6.45
N ALA A 94 7.98 12.92 5.69
CA ALA A 94 7.44 11.89 4.73
C ALA A 94 8.57 11.27 3.88
N LYS A 95 8.65 9.97 3.84
CA LYS A 95 9.73 9.32 3.01
C LYS A 95 9.65 7.79 3.10
N GLU A 96 10.12 7.21 4.17
CA GLU A 96 10.09 5.72 4.30
C GLU A 96 9.61 5.33 5.70
N GLN A 97 8.80 6.17 6.29
CA GLN A 97 8.29 5.88 7.66
C GLN A 97 6.82 5.48 7.60
N LEU A 98 6.19 5.68 6.46
CA LEU A 98 4.75 5.32 6.32
C LEU A 98 4.62 3.81 6.38
N TYR A 99 5.55 3.12 5.81
CA TYR A 99 5.52 1.63 5.83
C TYR A 99 6.95 1.10 5.80
N HIS A 100 7.22 0.10 5.02
CA HIS A 100 8.62 -0.42 4.96
C HIS A 100 9.35 0.19 3.75
N SER A 101 10.59 -0.14 3.57
CA SER A 101 11.35 0.41 2.43
C SER A 101 10.85 -0.20 1.11
N ALA A 102 10.10 -1.27 1.18
CA ALA A 102 9.60 -1.89 -0.07
C ALA A 102 8.35 -1.15 -0.57
N GLU A 103 7.73 -0.39 0.28
CA GLU A 103 6.50 0.35 -0.12
C GLU A 103 6.81 1.33 -1.25
N LEU A 104 5.97 1.39 -2.24
CA LEU A 104 6.20 2.34 -3.37
C LEU A 104 5.36 3.61 -3.14
N HIS A 105 5.73 4.70 -3.73
CA HIS A 105 4.96 5.97 -3.53
C HIS A 105 4.18 6.32 -4.80
N LEU A 106 3.10 7.04 -4.67
CA LEU A 106 2.32 7.41 -5.89
C LEU A 106 1.78 8.84 -5.80
N GLY A 107 1.68 9.52 -6.91
CA GLY A 107 1.16 10.91 -6.90
C GLY A 107 -0.36 10.88 -6.76
N ILE A 108 -0.91 11.74 -5.95
CA ILE A 108 -2.37 11.78 -5.77
C ILE A 108 -3.06 11.99 -7.13
N HIS A 109 -2.56 12.93 -7.89
CA HIS A 109 -3.14 13.17 -9.23
C HIS A 109 -2.51 12.21 -10.24
N GLN A 110 -1.70 11.30 -9.76
CA GLN A 110 -1.03 10.32 -10.65
C GLN A 110 -1.66 8.94 -10.45
N LEU A 111 -2.94 8.92 -10.15
CA LEU A 111 -3.64 7.62 -9.92
C LEU A 111 -3.74 6.83 -11.22
N GLU A 112 -2.61 6.52 -11.77
CA GLU A 112 -2.56 5.73 -13.03
C GLU A 112 -1.31 4.84 -13.03
N GLN A 113 -0.47 4.98 -12.04
CA GLN A 113 0.77 4.16 -11.97
C GLN A 113 0.57 2.99 -11.02
N LEU A 114 -0.52 2.96 -10.30
CA LEU A 114 -0.77 1.82 -9.37
C LEU A 114 -0.50 0.48 -10.07
N PRO A 115 -1.00 0.31 -11.27
CA PRO A 115 -0.77 -0.98 -11.99
C PRO A 115 0.71 -1.16 -12.25
N TYR A 116 1.34 -0.22 -12.91
CA TYR A 116 2.80 -0.36 -13.16
C TYR A 116 3.50 -0.37 -11.78
N GLN A 117 3.03 0.44 -10.89
CA GLN A 117 3.60 0.47 -9.52
C GLN A 117 3.37 -0.88 -8.83
N VAL A 118 2.21 -1.43 -9.00
CA VAL A 118 1.92 -2.74 -8.37
C VAL A 118 2.94 -3.77 -8.86
N ASP A 119 3.16 -3.85 -10.15
CA ASP A 119 4.16 -4.81 -10.67
C ASP A 119 5.55 -4.44 -10.15
N ALA A 120 5.87 -3.17 -10.18
CA ALA A 120 7.20 -2.73 -9.68
C ALA A 120 7.27 -2.90 -8.16
N ALA A 121 6.21 -2.59 -7.48
CA ALA A 121 6.21 -2.75 -5.99
C ALA A 121 6.47 -4.22 -5.65
N LEU A 122 5.93 -5.12 -6.43
CA LEU A 122 6.14 -6.56 -6.16
C LEU A 122 7.64 -6.89 -6.23
N ALA A 123 8.28 -6.53 -7.31
CA ALA A 123 9.74 -6.82 -7.43
C ALA A 123 10.50 -6.11 -6.31
N GLU A 124 10.12 -4.90 -6.00
CA GLU A 124 10.82 -4.14 -4.92
C GLU A 124 10.64 -4.85 -3.58
N PHE A 125 9.48 -5.43 -3.35
CA PHE A 125 9.25 -6.13 -2.05
C PHE A 125 10.05 -7.43 -1.95
N LEU A 126 10.22 -8.11 -3.05
CA LEU A 126 10.99 -9.40 -3.00
C LEU A 126 12.49 -9.15 -2.80
N ARG A 127 13.02 -8.14 -3.43
CA ARG A 127 14.48 -7.86 -3.26
C ARG A 127 14.80 -7.53 -1.80
N LEU A 128 13.93 -6.82 -1.14
CA LEU A 128 14.19 -6.49 0.29
C LEU A 128 13.49 -7.49 1.19
N ALA A 129 12.64 -8.30 0.63
CA ALA A 129 11.92 -9.30 1.46
C ALA A 129 12.92 -10.20 2.18
N PRO A 130 12.83 -10.25 3.49
CA PRO A 130 11.81 -9.47 4.24
C PRO A 130 12.28 -8.01 4.40
N VAL A 131 11.62 -7.08 3.76
CA VAL A 131 12.02 -5.65 3.87
C VAL A 131 12.03 -5.23 5.34
N GLU A 132 12.75 -4.19 5.67
CA GLU A 132 12.78 -3.74 7.09
C GLU A 132 11.52 -2.93 7.41
N THR A 133 10.73 -3.38 8.34
CA THR A 133 9.50 -2.63 8.71
C THR A 133 9.70 -1.92 10.05
N MET A 134 9.85 -0.62 10.03
CA MET A 134 10.04 0.12 11.31
C MET A 134 8.71 0.32 12.01
N ALA A 135 7.64 -0.11 11.40
CA ALA A 135 6.30 0.05 12.04
C ALA A 135 6.14 1.45 12.63
N MET A 1 -0.82 -21.08 -11.34
CA MET A 1 -0.72 -20.94 -9.86
C MET A 1 -1.12 -19.52 -9.43
N LEU A 2 -0.79 -18.56 -10.24
CA LEU A 2 -1.13 -17.15 -9.91
C LEU A 2 -2.34 -16.70 -10.74
N SER A 3 -3.52 -17.11 -10.37
CA SER A 3 -4.73 -16.71 -11.15
C SER A 3 -4.89 -15.19 -11.15
N GLN A 4 -4.73 -14.57 -10.02
CA GLN A 4 -4.87 -13.08 -9.95
C GLN A 4 -4.03 -12.52 -8.81
N ILE A 5 -3.85 -11.22 -8.77
CA ILE A 5 -3.04 -10.60 -7.68
C ILE A 5 -3.95 -10.06 -6.58
N ALA A 6 -3.63 -10.32 -5.34
CA ALA A 6 -4.49 -9.81 -4.24
C ALA A 6 -3.99 -8.45 -3.77
N ILE A 7 -4.79 -7.45 -3.94
CA ILE A 7 -4.35 -6.09 -3.50
C ILE A 7 -5.40 -5.50 -2.55
N CYS A 8 -5.03 -5.23 -1.32
CA CYS A 8 -6.00 -4.63 -0.38
C CYS A 8 -5.70 -3.15 -0.20
N ILE A 9 -6.60 -2.29 -0.60
CA ILE A 9 -6.33 -0.83 -0.48
C ILE A 9 -7.09 -0.21 0.68
N TRP A 10 -6.51 0.79 1.28
CA TRP A 10 -7.22 1.48 2.38
C TRP A 10 -7.50 2.92 1.95
N VAL A 11 -8.72 3.23 1.71
CA VAL A 11 -9.06 4.60 1.26
C VAL A 11 -10.52 4.91 1.63
N GLU A 12 -10.75 6.01 2.28
CA GLU A 12 -12.14 6.37 2.70
C GLU A 12 -12.88 7.10 1.60
N SER A 13 -12.21 7.42 0.54
CA SER A 13 -12.91 8.14 -0.57
C SER A 13 -13.08 7.20 -1.75
N THR A 14 -14.30 6.88 -2.08
CA THR A 14 -14.56 5.96 -3.22
C THR A 14 -13.86 6.48 -4.48
N ALA A 15 -13.88 7.77 -4.70
CA ALA A 15 -13.19 8.29 -5.91
C ALA A 15 -11.72 7.90 -5.85
N ILE A 16 -11.10 8.10 -4.72
CA ILE A 16 -9.67 7.71 -4.60
C ILE A 16 -9.59 6.19 -4.73
N LEU A 17 -10.48 5.51 -4.07
CA LEU A 17 -10.51 4.04 -4.16
C LEU A 17 -10.77 3.62 -5.61
N GLN A 18 -11.83 4.11 -6.19
CA GLN A 18 -12.12 3.74 -7.61
C GLN A 18 -10.91 4.06 -8.48
N ASP A 19 -10.27 5.17 -8.24
CA ASP A 19 -9.07 5.53 -9.07
C ASP A 19 -7.99 4.45 -8.93
N CYS A 20 -7.73 4.01 -7.72
CA CYS A 20 -6.70 2.96 -7.52
C CYS A 20 -7.15 1.68 -8.24
N GLN A 21 -8.41 1.36 -8.14
CA GLN A 21 -8.93 0.15 -8.84
C GLN A 21 -8.81 0.36 -10.34
N ARG A 22 -9.17 1.51 -10.81
CA ARG A 22 -9.07 1.81 -12.26
C ARG A 22 -7.68 1.43 -12.75
N ALA A 23 -6.66 1.91 -12.10
CA ALA A 23 -5.28 1.57 -12.51
C ALA A 23 -5.04 0.08 -12.29
N LEU A 24 -5.32 -0.40 -11.11
CA LEU A 24 -5.14 -1.85 -10.84
C LEU A 24 -6.39 -2.61 -11.28
N SER A 25 -6.75 -2.49 -12.53
CA SER A 25 -7.97 -3.19 -13.03
C SER A 25 -7.55 -4.39 -13.87
N ALA A 26 -6.27 -4.60 -14.04
CA ALA A 26 -5.78 -5.75 -14.84
C ALA A 26 -6.67 -6.96 -14.61
N ASP A 27 -6.98 -7.68 -15.63
CA ASP A 27 -7.86 -8.86 -15.47
C ASP A 27 -7.37 -9.75 -14.33
N ARG A 28 -6.13 -9.62 -13.92
CA ARG A 28 -5.61 -10.48 -12.83
C ARG A 28 -5.44 -9.71 -11.51
N TYR A 29 -6.26 -8.72 -11.25
CA TYR A 29 -6.10 -7.99 -9.97
C TYR A 29 -7.29 -8.26 -9.04
N GLN A 30 -6.99 -8.63 -7.82
CA GLN A 30 -8.09 -8.89 -6.84
C GLN A 30 -8.04 -7.77 -5.81
N LEU A 31 -8.70 -6.69 -6.07
CA LEU A 31 -8.66 -5.55 -5.11
C LEU A 31 -9.64 -5.72 -3.97
N GLN A 32 -9.18 -5.48 -2.78
CA GLN A 32 -10.07 -5.56 -1.60
C GLN A 32 -10.16 -4.16 -0.98
N VAL A 33 -11.34 -3.62 -0.85
CA VAL A 33 -11.47 -2.24 -0.32
C VAL A 33 -11.76 -2.24 1.19
N CYS A 34 -11.09 -1.39 1.92
CA CYS A 34 -11.33 -1.31 3.40
C CYS A 34 -11.89 0.05 3.77
N GLU A 35 -13.02 0.10 4.44
CA GLU A 35 -13.60 1.42 4.82
C GLU A 35 -12.65 2.18 5.76
N SER A 36 -11.78 1.50 6.45
CA SER A 36 -10.87 2.22 7.39
C SER A 36 -9.45 1.64 7.34
N GLY A 37 -8.62 1.98 8.30
CA GLY A 37 -7.23 1.46 8.31
C GLY A 37 -7.19 0.31 9.31
N GLU A 38 -8.05 0.37 10.27
CA GLU A 38 -8.12 -0.71 11.28
C GLU A 38 -8.74 -1.93 10.61
N MET A 39 -9.74 -1.70 9.82
CA MET A 39 -10.41 -2.81 9.10
C MET A 39 -9.41 -3.49 8.16
N LEU A 40 -8.61 -2.71 7.49
CA LEU A 40 -7.61 -3.27 6.57
C LEU A 40 -6.69 -4.22 7.34
N LEU A 41 -6.25 -3.83 8.50
CA LEU A 41 -5.36 -4.71 9.29
C LEU A 41 -6.03 -6.06 9.52
N GLU A 42 -7.26 -6.06 9.96
CA GLU A 42 -7.96 -7.35 10.21
C GLU A 42 -7.92 -8.21 8.95
N TYR A 43 -8.16 -7.63 7.81
CA TYR A 43 -8.10 -8.42 6.55
C TYR A 43 -6.69 -8.97 6.34
N ALA A 44 -5.70 -8.17 6.64
CA ALA A 44 -4.30 -8.62 6.47
C ALA A 44 -3.94 -9.68 7.51
N GLN A 45 -4.54 -9.62 8.68
CA GLN A 45 -4.23 -10.63 9.73
C GLN A 45 -4.82 -11.98 9.38
N THR A 46 -5.61 -12.05 8.33
CA THR A 46 -6.20 -13.36 7.96
C THR A 46 -5.43 -13.92 6.78
N HIS A 47 -4.98 -13.05 5.93
CA HIS A 47 -4.19 -13.46 4.75
C HIS A 47 -3.07 -12.45 4.56
N ARG A 48 -1.87 -12.80 4.95
CA ARG A 48 -0.74 -11.83 4.79
C ARG A 48 -0.01 -12.10 3.49
N ASP A 49 0.45 -13.32 3.32
CA ASP A 49 1.18 -13.70 2.09
C ASP A 49 0.23 -13.65 0.89
N GLN A 50 -1.00 -14.01 1.09
CA GLN A 50 -1.98 -14.00 -0.03
C GLN A 50 -2.09 -12.58 -0.58
N ILE A 51 -1.78 -11.60 0.22
CA ILE A 51 -1.86 -10.19 -0.27
C ILE A 51 -0.69 -9.93 -1.21
N ASP A 52 -0.96 -9.54 -2.42
CA ASP A 52 0.15 -9.29 -3.38
C ASP A 52 0.60 -7.83 -3.29
N CYS A 53 -0.28 -6.92 -2.96
CA CYS A 53 0.11 -5.49 -2.86
C CYS A 53 -0.89 -4.72 -1.97
N LEU A 54 -0.42 -3.86 -1.10
CA LEU A 54 -1.39 -3.11 -0.25
C LEU A 54 -1.38 -1.65 -0.66
N ILE A 55 -2.52 -1.03 -0.75
CA ILE A 55 -2.54 0.42 -1.12
C ILE A 55 -2.84 1.25 0.12
N LEU A 56 -2.18 2.36 0.29
CA LEU A 56 -2.43 3.20 1.48
C LEU A 56 -2.47 4.68 1.12
N VAL A 57 -3.13 5.46 1.92
CA VAL A 57 -3.18 6.92 1.66
C VAL A 57 -2.50 7.65 2.80
N ALA A 58 -1.34 8.20 2.57
CA ALA A 58 -0.61 8.91 3.66
C ALA A 58 -1.36 10.18 4.08
N ALA A 59 -2.38 10.54 3.36
CA ALA A 59 -3.13 11.76 3.71
C ALA A 59 -4.00 11.54 4.96
N ASN A 60 -4.09 10.33 5.44
CA ASN A 60 -4.93 10.08 6.66
C ASN A 60 -4.16 10.51 7.92
N PRO A 61 -4.89 10.61 8.99
CA PRO A 61 -4.28 11.04 10.28
C PRO A 61 -3.59 9.88 11.01
N SER A 62 -4.31 8.87 11.36
CA SER A 62 -3.71 7.72 12.09
C SER A 62 -3.30 6.61 11.13
N PHE A 63 -3.12 6.93 9.89
CA PHE A 63 -2.71 5.89 8.90
C PHE A 63 -1.37 5.28 9.33
N ARG A 64 -0.41 6.08 9.71
CA ARG A 64 0.90 5.53 10.14
C ARG A 64 0.68 4.44 11.20
N ALA A 65 -0.24 4.65 12.10
CA ALA A 65 -0.52 3.62 13.14
C ALA A 65 -0.97 2.32 12.46
N VAL A 66 -1.74 2.44 11.43
CA VAL A 66 -2.21 1.24 10.69
C VAL A 66 -1.02 0.49 10.08
N VAL A 67 -0.17 1.20 9.40
CA VAL A 67 1.01 0.55 8.77
C VAL A 67 1.86 -0.15 9.82
N GLN A 68 2.04 0.46 10.96
CA GLN A 68 2.85 -0.18 12.02
C GLN A 68 2.20 -1.50 12.45
N GLN A 69 0.89 -1.54 12.44
CA GLN A 69 0.20 -2.81 12.85
C GLN A 69 0.56 -3.93 11.88
N LEU A 70 0.57 -3.65 10.60
CA LEU A 70 0.91 -4.73 9.63
C LEU A 70 2.31 -5.26 9.94
N CYS A 71 3.26 -4.39 10.11
CA CYS A 71 4.64 -4.86 10.44
C CYS A 71 4.64 -5.55 11.81
N PHE A 72 3.81 -5.06 12.70
CA PHE A 72 3.73 -5.64 14.06
C PHE A 72 3.35 -7.12 14.00
N GLU A 73 2.39 -7.45 13.19
CA GLU A 73 1.97 -8.88 13.07
C GLU A 73 2.89 -9.57 12.06
N GLY A 74 3.81 -8.84 11.48
CA GLY A 74 4.74 -9.44 10.49
C GLY A 74 4.13 -9.37 9.08
N VAL A 75 3.12 -8.56 8.89
CA VAL A 75 2.49 -8.46 7.54
C VAL A 75 3.21 -7.42 6.68
N VAL A 76 4.14 -7.83 5.87
CA VAL A 76 4.87 -6.86 4.99
C VAL A 76 4.54 -7.16 3.51
N VAL A 77 4.30 -6.14 2.73
CA VAL A 77 3.95 -6.38 1.28
C VAL A 77 4.32 -5.16 0.44
N PRO A 78 4.32 -5.33 -0.85
CA PRO A 78 4.61 -4.20 -1.76
C PRO A 78 3.50 -3.17 -1.59
N ALA A 79 3.68 -2.25 -0.70
CA ALA A 79 2.61 -1.26 -0.43
C ALA A 79 2.91 0.08 -1.12
N ILE A 80 1.93 0.61 -1.80
CA ILE A 80 2.09 1.91 -2.50
C ILE A 80 1.46 3.01 -1.65
N VAL A 81 2.23 3.97 -1.20
CA VAL A 81 1.66 5.04 -0.35
C VAL A 81 1.22 6.25 -1.18
N VAL A 82 0.08 6.82 -0.86
CA VAL A 82 -0.42 7.99 -1.65
C VAL A 82 -0.51 9.24 -0.76
N GLY A 83 -0.34 10.40 -1.33
CA GLY A 83 -0.45 11.65 -0.51
C GLY A 83 0.95 12.22 -0.21
N ASP A 84 1.92 11.96 -1.04
CA ASP A 84 3.29 12.51 -0.80
C ASP A 84 3.58 13.66 -1.77
N ARG A 85 4.58 14.45 -1.48
CA ARG A 85 4.93 15.55 -2.40
C ARG A 85 6.30 15.30 -3.02
N ASP A 86 6.51 15.79 -4.21
CA ASP A 86 7.82 15.58 -4.89
C ASP A 86 8.95 16.21 -4.07
N SER A 87 8.68 17.33 -3.47
CA SER A 87 9.73 18.04 -2.67
C SER A 87 10.26 17.14 -1.54
N GLU A 88 11.56 17.15 -1.33
CA GLU A 88 12.15 16.31 -0.26
C GLU A 88 12.39 17.15 1.01
N ASP A 89 11.60 18.16 1.23
CA ASP A 89 11.81 19.01 2.44
C ASP A 89 12.02 18.12 3.67
N PRO A 90 13.09 18.35 4.36
CA PRO A 90 13.43 17.55 5.56
C PRO A 90 12.49 17.87 6.73
N ASP A 91 11.87 19.02 6.71
CA ASP A 91 10.95 19.37 7.83
C ASP A 91 9.85 18.32 7.97
N GLU A 92 9.34 17.82 6.88
CA GLU A 92 8.28 16.77 6.96
C GLU A 92 8.79 15.45 6.41
N PRO A 93 8.52 14.40 7.14
CA PRO A 93 8.95 13.05 6.72
C PRO A 93 8.02 12.52 5.63
N ALA A 94 7.01 11.77 6.00
CA ALA A 94 6.06 11.23 4.98
C ALA A 94 6.80 10.48 3.88
N LYS A 95 7.59 9.52 4.24
CA LYS A 95 8.34 8.74 3.21
C LYS A 95 8.26 7.24 3.53
N GLU A 96 9.35 6.54 3.38
CA GLU A 96 9.33 5.06 3.67
C GLU A 96 9.00 4.80 5.14
N GLN A 97 9.14 5.79 5.99
CA GLN A 97 8.86 5.56 7.44
C GLN A 97 7.41 5.13 7.65
N LEU A 98 6.56 5.40 6.70
CA LEU A 98 5.15 5.01 6.85
C LEU A 98 5.05 3.50 6.90
N TYR A 99 5.71 2.84 5.99
CA TYR A 99 5.67 1.36 5.97
C TYR A 99 7.09 0.80 5.89
N HIS A 100 7.37 -0.11 4.99
CA HIS A 100 8.76 -0.64 4.89
C HIS A 100 9.52 0.09 3.78
N SER A 101 10.79 -0.16 3.65
CA SER A 101 11.58 0.54 2.59
C SER A 101 11.12 0.13 1.18
N ALA A 102 10.43 -0.97 1.06
CA ALA A 102 9.97 -1.41 -0.29
C ALA A 102 8.71 -0.66 -0.71
N GLU A 103 7.87 -0.30 0.21
CA GLU A 103 6.62 0.40 -0.16
C GLU A 103 6.91 1.51 -1.19
N LEU A 104 6.18 1.54 -2.26
CA LEU A 104 6.42 2.59 -3.28
C LEU A 104 5.51 3.78 -2.99
N HIS A 105 5.87 4.95 -3.44
CA HIS A 105 5.02 6.15 -3.19
C HIS A 105 4.30 6.58 -4.47
N LEU A 106 3.08 7.00 -4.37
CA LEU A 106 2.34 7.44 -5.59
C LEU A 106 1.71 8.82 -5.39
N GLY A 107 1.71 9.63 -6.41
CA GLY A 107 1.12 10.99 -6.29
C GLY A 107 -0.41 10.90 -6.27
N ILE A 108 -1.04 11.69 -5.45
CA ILE A 108 -2.52 11.67 -5.36
C ILE A 108 -3.16 11.89 -6.74
N HIS A 109 -2.68 12.85 -7.48
CA HIS A 109 -3.25 13.08 -8.84
C HIS A 109 -2.67 12.06 -9.81
N GLN A 110 -1.81 11.20 -9.34
CA GLN A 110 -1.21 10.19 -10.24
C GLN A 110 -1.86 8.83 -10.06
N LEU A 111 -3.15 8.80 -9.81
CA LEU A 111 -3.83 7.49 -9.64
C LEU A 111 -3.98 6.85 -11.01
N GLU A 112 -3.12 5.92 -11.31
CA GLU A 112 -3.15 5.23 -12.63
C GLU A 112 -1.85 4.42 -12.77
N GLN A 113 -0.82 4.85 -12.08
CA GLN A 113 0.48 4.13 -12.13
C GLN A 113 0.48 2.96 -11.12
N LEU A 114 -0.59 2.81 -10.39
CA LEU A 114 -0.65 1.69 -9.39
C LEU A 114 -0.26 0.34 -10.02
N PRO A 115 -0.77 0.04 -11.19
CA PRO A 115 -0.44 -1.26 -11.82
C PRO A 115 1.06 -1.31 -12.12
N TYR A 116 1.56 -0.30 -12.78
CA TYR A 116 3.02 -0.28 -13.05
C TYR A 116 3.76 -0.11 -11.71
N GLN A 117 3.16 0.60 -10.78
CA GLN A 117 3.80 0.76 -9.45
C GLN A 117 3.72 -0.56 -8.70
N VAL A 118 2.62 -1.23 -8.85
CA VAL A 118 2.43 -2.54 -8.18
C VAL A 118 3.49 -3.51 -8.69
N ASP A 119 3.58 -3.67 -9.98
CA ASP A 119 4.62 -4.59 -10.53
C ASP A 119 5.99 -4.14 -9.99
N ALA A 120 6.18 -2.85 -9.90
CA ALA A 120 7.46 -2.31 -9.35
C ALA A 120 7.51 -2.58 -7.86
N ALA A 121 6.43 -2.32 -7.17
CA ALA A 121 6.39 -2.57 -5.71
C ALA A 121 6.59 -4.06 -5.46
N LEU A 122 5.97 -4.89 -6.25
CA LEU A 122 6.13 -6.35 -6.08
C LEU A 122 7.61 -6.73 -6.16
N ALA A 123 8.30 -6.30 -7.18
CA ALA A 123 9.75 -6.65 -7.27
C ALA A 123 10.51 -5.93 -6.16
N GLU A 124 10.22 -4.68 -5.93
CA GLU A 124 10.91 -3.93 -4.86
C GLU A 124 10.70 -4.66 -3.53
N PHE A 125 9.51 -5.18 -3.30
CA PHE A 125 9.29 -5.92 -2.03
C PHE A 125 10.07 -7.23 -2.05
N LEU A 126 10.08 -7.92 -3.16
CA LEU A 126 10.82 -9.22 -3.23
C LEU A 126 12.33 -8.99 -3.11
N ARG A 127 12.86 -8.01 -3.80
CA ARG A 127 14.32 -7.75 -3.72
C ARG A 127 14.74 -7.35 -2.29
N LEU A 128 13.88 -6.67 -1.60
CA LEU A 128 14.23 -6.23 -0.23
C LEU A 128 13.63 -7.16 0.83
N ALA A 129 12.83 -8.10 0.43
CA ALA A 129 12.20 -9.03 1.42
C ALA A 129 13.23 -9.98 2.04
N PRO A 130 13.19 -10.12 3.34
CA PRO A 130 12.22 -9.36 4.19
C PRO A 130 12.68 -7.90 4.35
N VAL A 131 11.95 -6.97 3.80
CA VAL A 131 12.35 -5.52 3.90
C VAL A 131 12.40 -5.07 5.36
N GLU A 132 13.03 -3.95 5.62
CA GLU A 132 13.09 -3.46 7.03
C GLU A 132 11.83 -2.66 7.36
N THR A 133 11.05 -3.15 8.29
CA THR A 133 9.80 -2.43 8.67
C THR A 133 10.01 -1.68 10.00
N MET A 134 9.51 -0.48 10.09
CA MET A 134 9.67 0.30 11.35
C MET A 134 9.02 -0.45 12.51
N ALA A 135 7.95 -1.12 12.26
CA ALA A 135 7.26 -1.88 13.34
C ALA A 135 7.17 -3.36 12.97
N MET A 1 3.21 -19.46 -9.89
CA MET A 1 1.75 -19.38 -10.23
C MET A 1 1.25 -17.94 -10.12
N LEU A 2 1.30 -17.20 -11.20
CA LEU A 2 0.79 -15.80 -11.15
C LEU A 2 -0.68 -15.76 -10.77
N SER A 3 -1.46 -16.68 -11.28
CA SER A 3 -2.92 -16.69 -10.98
C SER A 3 -3.47 -15.27 -10.97
N GLN A 4 -3.55 -14.65 -9.83
CA GLN A 4 -4.05 -13.26 -9.75
C GLN A 4 -3.30 -12.49 -8.66
N ILE A 5 -3.41 -11.20 -8.64
CA ILE A 5 -2.68 -10.42 -7.61
C ILE A 5 -3.65 -9.94 -6.53
N ALA A 6 -3.31 -10.14 -5.29
CA ALA A 6 -4.22 -9.69 -4.19
C ALA A 6 -3.81 -8.29 -3.75
N ILE A 7 -4.67 -7.32 -3.94
CA ILE A 7 -4.32 -5.94 -3.55
C ILE A 7 -5.39 -5.34 -2.63
N CYS A 8 -5.03 -4.98 -1.43
CA CYS A 8 -6.02 -4.37 -0.50
C CYS A 8 -5.72 -2.89 -0.35
N ILE A 9 -6.69 -2.05 -0.58
CA ILE A 9 -6.44 -0.59 -0.45
C ILE A 9 -7.19 0.00 0.74
N TRP A 10 -6.61 0.95 1.38
CA TRP A 10 -7.30 1.60 2.52
C TRP A 10 -7.59 3.05 2.13
N VAL A 11 -8.82 3.36 1.86
CA VAL A 11 -9.15 4.75 1.44
C VAL A 11 -10.59 5.08 1.84
N GLU A 12 -10.76 6.13 2.59
CA GLU A 12 -12.14 6.54 3.01
C GLU A 12 -12.88 7.21 1.86
N SER A 13 -12.15 7.71 0.90
CA SER A 13 -12.80 8.39 -0.26
C SER A 13 -13.03 7.38 -1.39
N THR A 14 -14.26 7.05 -1.70
CA THR A 14 -14.51 6.09 -2.81
C THR A 14 -13.83 6.59 -4.08
N ALA A 15 -13.81 7.87 -4.29
CA ALA A 15 -13.16 8.43 -5.50
C ALA A 15 -11.71 7.96 -5.59
N ILE A 16 -10.98 8.03 -4.51
CA ILE A 16 -9.58 7.55 -4.52
C ILE A 16 -9.59 6.04 -4.70
N LEU A 17 -10.49 5.39 -4.01
CA LEU A 17 -10.60 3.92 -4.13
C LEU A 17 -10.92 3.54 -5.57
N GLN A 18 -11.85 4.22 -6.17
CA GLN A 18 -12.21 3.91 -7.58
C GLN A 18 -11.03 4.22 -8.50
N ASP A 19 -10.26 5.23 -8.18
CA ASP A 19 -9.08 5.55 -9.05
C ASP A 19 -8.03 4.46 -8.90
N CYS A 20 -7.83 3.95 -7.72
CA CYS A 20 -6.83 2.87 -7.51
C CYS A 20 -7.29 1.59 -8.21
N GLN A 21 -8.55 1.27 -8.10
CA GLN A 21 -9.07 0.05 -8.76
C GLN A 21 -9.02 0.24 -10.28
N ARG A 22 -9.23 1.45 -10.70
CA ARG A 22 -9.20 1.75 -12.16
C ARG A 22 -7.85 1.34 -12.72
N ALA A 23 -6.79 1.76 -12.10
CA ALA A 23 -5.44 1.38 -12.60
C ALA A 23 -5.22 -0.12 -12.29
N LEU A 24 -5.48 -0.52 -11.08
CA LEU A 24 -5.32 -1.96 -10.72
C LEU A 24 -6.62 -2.70 -11.00
N SER A 25 -7.13 -2.55 -12.18
CA SER A 25 -8.41 -3.22 -12.56
C SER A 25 -8.09 -4.37 -13.52
N ALA A 26 -6.87 -4.82 -13.50
CA ALA A 26 -6.49 -5.93 -14.42
C ALA A 26 -7.33 -7.17 -14.12
N ASP A 27 -7.72 -7.88 -15.13
CA ASP A 27 -8.55 -9.10 -14.92
C ASP A 27 -7.88 -10.02 -13.89
N ARG A 28 -6.61 -9.84 -13.64
CA ARG A 28 -5.92 -10.72 -12.66
C ARG A 28 -5.67 -9.96 -11.34
N TYR A 29 -6.49 -8.99 -11.03
CA TYR A 29 -6.27 -8.22 -9.76
C TYR A 29 -7.39 -8.50 -8.76
N GLN A 30 -7.05 -8.59 -7.50
CA GLN A 30 -8.09 -8.82 -6.47
C GLN A 30 -8.16 -7.56 -5.60
N LEU A 31 -8.99 -6.61 -5.97
CA LEU A 31 -9.06 -5.34 -5.21
C LEU A 31 -9.96 -5.45 -3.98
N GLN A 32 -9.43 -5.24 -2.82
CA GLN A 32 -10.25 -5.28 -1.59
C GLN A 32 -10.34 -3.85 -1.02
N VAL A 33 -11.52 -3.39 -0.71
CA VAL A 33 -11.64 -2.00 -0.19
C VAL A 33 -11.95 -2.00 1.31
N CYS A 34 -11.24 -1.19 2.05
CA CYS A 34 -11.50 -1.13 3.52
C CYS A 34 -12.07 0.24 3.90
N GLU A 35 -13.23 0.24 4.51
CA GLU A 35 -13.86 1.54 4.91
C GLU A 35 -13.04 2.20 6.01
N SER A 36 -12.24 1.43 6.71
CA SER A 36 -11.42 2.03 7.80
C SER A 36 -9.96 1.58 7.66
N GLY A 37 -9.16 1.80 8.67
CA GLY A 37 -7.75 1.36 8.60
C GLY A 37 -7.63 0.08 9.41
N GLU A 38 -8.55 -0.09 10.31
CA GLU A 38 -8.57 -1.30 11.15
C GLU A 38 -9.06 -2.47 10.30
N MET A 39 -10.01 -2.19 9.45
CA MET A 39 -10.53 -3.25 8.56
C MET A 39 -9.41 -3.76 7.65
N LEU A 40 -8.49 -2.90 7.31
CA LEU A 40 -7.34 -3.34 6.45
C LEU A 40 -6.47 -4.30 7.25
N LEU A 41 -6.24 -4.00 8.50
CA LEU A 41 -5.41 -4.89 9.33
C LEU A 41 -6.05 -6.27 9.39
N GLU A 42 -7.30 -6.33 9.76
CA GLU A 42 -7.99 -7.64 9.84
C GLU A 42 -7.90 -8.39 8.52
N TYR A 43 -8.04 -7.71 7.40
CA TYR A 43 -7.95 -8.42 6.10
C TYR A 43 -6.54 -8.99 5.90
N ALA A 44 -5.54 -8.26 6.32
CA ALA A 44 -4.14 -8.76 6.15
C ALA A 44 -3.82 -9.81 7.22
N GLN A 45 -4.57 -9.84 8.29
CA GLN A 45 -4.30 -10.85 9.36
C GLN A 45 -4.45 -12.27 8.83
N THR A 46 -5.29 -12.47 7.87
CA THR A 46 -5.50 -13.86 7.36
C THR A 46 -4.93 -14.03 5.96
N HIS A 47 -4.06 -13.16 5.54
CA HIS A 47 -3.49 -13.29 4.17
C HIS A 47 -2.22 -12.42 4.02
N ARG A 48 -1.53 -12.16 5.11
CA ARG A 48 -0.30 -11.30 5.02
C ARG A 48 0.50 -11.66 3.77
N ASP A 49 0.86 -12.90 3.65
CA ASP A 49 1.66 -13.33 2.46
C ASP A 49 0.76 -13.34 1.21
N GLN A 50 -0.49 -13.65 1.34
CA GLN A 50 -1.38 -13.68 0.15
C GLN A 50 -1.53 -12.27 -0.43
N ILE A 51 -1.51 -11.25 0.38
CA ILE A 51 -1.65 -9.87 -0.18
C ILE A 51 -0.46 -9.60 -1.12
N ASP A 52 -0.75 -9.35 -2.36
CA ASP A 52 0.35 -9.09 -3.34
C ASP A 52 0.75 -7.62 -3.32
N CYS A 53 -0.14 -6.74 -2.94
CA CYS A 53 0.23 -5.30 -2.92
C CYS A 53 -0.80 -4.50 -2.09
N LEU A 54 -0.33 -3.64 -1.22
CA LEU A 54 -1.29 -2.86 -0.40
C LEU A 54 -1.32 -1.39 -0.85
N ILE A 55 -2.48 -0.82 -0.96
CA ILE A 55 -2.55 0.62 -1.34
C ILE A 55 -2.81 1.43 -0.09
N LEU A 56 -1.95 2.33 0.23
CA LEU A 56 -2.19 3.15 1.45
C LEU A 56 -2.22 4.63 1.10
N VAL A 57 -3.03 5.38 1.79
CA VAL A 57 -3.10 6.84 1.51
C VAL A 57 -2.44 7.57 2.67
N ALA A 58 -1.27 8.10 2.45
CA ALA A 58 -0.55 8.81 3.54
C ALA A 58 -1.28 10.09 3.95
N ALA A 59 -2.27 10.49 3.20
CA ALA A 59 -3.01 11.74 3.54
C ALA A 59 -3.81 11.55 4.84
N ASN A 60 -3.87 10.35 5.36
CA ASN A 60 -4.64 10.11 6.62
C ASN A 60 -3.75 10.42 7.83
N PRO A 61 -4.40 10.67 8.94
CA PRO A 61 -3.67 10.99 10.19
C PRO A 61 -3.04 9.74 10.80
N SER A 62 -3.78 8.97 11.54
CA SER A 62 -3.20 7.74 12.18
C SER A 62 -2.83 6.69 11.14
N PHE A 63 -2.98 6.98 9.86
CA PHE A 63 -2.63 5.96 8.85
C PHE A 63 -1.28 5.31 9.21
N ARG A 64 -0.29 6.10 9.51
CA ARG A 64 1.02 5.52 9.89
C ARG A 64 0.81 4.51 11.02
N ALA A 65 -0.04 4.84 11.96
CA ALA A 65 -0.31 3.90 13.10
C ALA A 65 -0.91 2.59 12.57
N VAL A 66 -1.85 2.68 11.66
CA VAL A 66 -2.45 1.45 11.09
C VAL A 66 -1.38 0.64 10.36
N VAL A 67 -0.49 1.32 9.70
CA VAL A 67 0.59 0.58 8.97
C VAL A 67 1.48 -0.12 9.98
N GLN A 68 1.92 0.56 11.01
CA GLN A 68 2.78 -0.11 12.01
C GLN A 68 2.06 -1.35 12.51
N GLN A 69 0.75 -1.34 12.50
CA GLN A 69 0.00 -2.55 12.95
C GLN A 69 0.30 -3.69 11.98
N LEU A 70 0.16 -3.46 10.70
CA LEU A 70 0.48 -4.53 9.71
C LEU A 70 1.88 -5.04 10.02
N CYS A 71 2.81 -4.14 10.16
CA CYS A 71 4.20 -4.54 10.50
C CYS A 71 4.19 -5.30 11.82
N PHE A 72 3.36 -4.86 12.73
CA PHE A 72 3.27 -5.53 14.05
C PHE A 72 2.77 -6.96 13.89
N GLU A 73 1.91 -7.20 12.95
CA GLU A 73 1.40 -8.59 12.73
C GLU A 73 2.38 -9.36 11.84
N GLY A 74 3.40 -8.70 11.36
CA GLY A 74 4.38 -9.38 10.49
C GLY A 74 3.88 -9.36 9.04
N VAL A 75 2.90 -8.54 8.75
CA VAL A 75 2.38 -8.48 7.37
C VAL A 75 3.15 -7.44 6.54
N VAL A 76 4.08 -7.88 5.73
CA VAL A 76 4.83 -6.90 4.89
C VAL A 76 4.48 -7.15 3.42
N VAL A 77 4.22 -6.11 2.69
CA VAL A 77 3.87 -6.29 1.25
C VAL A 77 4.30 -5.06 0.47
N PRO A 78 4.28 -5.17 -0.83
CA PRO A 78 4.63 -4.02 -1.67
C PRO A 78 3.51 -3.00 -1.54
N ALA A 79 3.63 -2.11 -0.61
CA ALA A 79 2.54 -1.13 -0.40
C ALA A 79 2.82 0.19 -1.12
N ILE A 80 1.92 0.61 -1.97
CA ILE A 80 2.10 1.90 -2.69
C ILE A 80 1.39 2.99 -1.89
N VAL A 81 2.12 3.97 -1.43
CA VAL A 81 1.47 5.03 -0.61
C VAL A 81 1.08 6.23 -1.47
N VAL A 82 0.06 6.94 -1.08
CA VAL A 82 -0.39 8.12 -1.88
C VAL A 82 -0.48 9.35 -0.98
N GLY A 83 -0.22 10.51 -1.51
CA GLY A 83 -0.33 11.74 -0.66
C GLY A 83 0.99 12.53 -0.63
N ASP A 84 1.36 13.03 0.51
CA ASP A 84 2.62 13.82 0.62
C ASP A 84 2.56 15.03 -0.32
N ARG A 85 1.61 15.90 -0.13
CA ARG A 85 1.48 17.09 -1.02
C ARG A 85 2.85 17.66 -1.37
N ASP A 86 2.95 18.36 -2.46
CA ASP A 86 4.26 18.94 -2.88
C ASP A 86 4.74 19.98 -1.86
N SER A 87 3.85 20.54 -1.09
CA SER A 87 4.26 21.56 -0.08
C SER A 87 5.53 21.10 0.65
N GLU A 88 6.13 21.95 1.43
CA GLU A 88 7.35 21.54 2.17
C GLU A 88 6.97 20.54 3.25
N ASP A 89 5.77 20.63 3.76
CA ASP A 89 5.30 19.70 4.83
C ASP A 89 6.45 19.41 5.80
N PRO A 90 6.62 20.31 6.73
CA PRO A 90 7.68 20.18 7.74
C PRO A 90 7.18 19.37 8.94
N ASP A 91 6.17 19.86 9.61
CA ASP A 91 5.62 19.14 10.79
C ASP A 91 4.99 17.79 10.37
N GLU A 92 4.86 17.54 9.09
CA GLU A 92 4.25 16.25 8.67
C GLU A 92 5.18 15.07 8.99
N PRO A 93 4.62 14.06 9.60
CA PRO A 93 5.39 12.85 9.97
C PRO A 93 5.50 11.90 8.78
N ALA A 94 5.42 12.41 7.59
CA ALA A 94 5.51 11.55 6.40
C ALA A 94 6.93 11.57 5.81
N LYS A 95 7.93 11.72 6.65
CA LYS A 95 9.32 11.76 6.11
C LYS A 95 9.64 10.47 5.36
N GLU A 96 9.51 9.35 6.00
CA GLU A 96 9.81 8.06 5.31
C GLU A 96 9.55 6.86 6.23
N GLN A 97 8.48 6.89 6.97
CA GLN A 97 8.18 5.74 7.87
C GLN A 97 6.72 5.34 7.71
N LEU A 98 6.17 5.55 6.55
CA LEU A 98 4.75 5.19 6.32
C LEU A 98 4.60 3.68 6.39
N TYR A 99 5.60 2.97 5.97
CA TYR A 99 5.53 1.48 6.00
C TYR A 99 6.93 0.90 6.05
N HIS A 100 7.22 -0.13 5.29
CA HIS A 100 8.58 -0.71 5.31
C HIS A 100 9.49 0.03 4.32
N SER A 101 10.73 -0.38 4.22
CA SER A 101 11.68 0.34 3.30
C SER A 101 11.51 -0.14 1.85
N ALA A 102 10.43 -0.78 1.53
CA ALA A 102 10.23 -1.23 0.12
C ALA A 102 8.93 -0.62 -0.45
N GLU A 103 8.00 -0.28 0.40
CA GLU A 103 6.73 0.33 -0.09
C GLU A 103 7.02 1.37 -1.17
N LEU A 104 6.12 1.53 -2.11
CA LEU A 104 6.34 2.54 -3.19
C LEU A 104 5.49 3.79 -2.92
N HIS A 105 5.81 4.86 -3.58
CA HIS A 105 5.03 6.12 -3.37
C HIS A 105 4.34 6.54 -4.68
N LEU A 106 3.19 7.14 -4.60
CA LEU A 106 2.49 7.58 -5.84
C LEU A 106 1.91 8.98 -5.66
N GLY A 107 1.67 9.68 -6.75
CA GLY A 107 1.10 11.04 -6.65
C GLY A 107 -0.42 10.94 -6.54
N ILE A 108 -1.01 11.75 -5.70
CA ILE A 108 -2.49 11.72 -5.54
C ILE A 108 -3.17 11.90 -6.88
N HIS A 109 -2.73 12.85 -7.67
CA HIS A 109 -3.36 13.07 -9.00
C HIS A 109 -2.75 12.11 -10.03
N GLN A 110 -1.86 11.26 -9.59
CA GLN A 110 -1.23 10.29 -10.53
C GLN A 110 -1.86 8.90 -10.33
N LEU A 111 -3.08 8.84 -9.87
CA LEU A 111 -3.71 7.50 -9.66
C LEU A 111 -3.89 6.81 -11.01
N GLU A 112 -2.95 5.98 -11.35
CA GLU A 112 -2.99 5.25 -12.64
C GLU A 112 -1.71 4.41 -12.77
N GLN A 113 -0.65 4.82 -12.12
CA GLN A 113 0.64 4.05 -12.20
C GLN A 113 0.60 2.88 -11.22
N LEU A 114 -0.48 2.74 -10.49
CA LEU A 114 -0.59 1.63 -9.51
C LEU A 114 -0.27 0.26 -10.11
N PRO A 115 -0.76 -0.02 -11.29
CA PRO A 115 -0.49 -1.34 -11.92
C PRO A 115 0.99 -1.44 -12.24
N TYR A 116 1.50 -0.53 -13.01
CA TYR A 116 2.95 -0.57 -13.31
C TYR A 116 3.70 -0.45 -11.98
N GLN A 117 3.21 0.37 -11.10
CA GLN A 117 3.85 0.51 -9.75
C GLN A 117 3.70 -0.81 -9.01
N VAL A 118 2.58 -1.45 -9.16
CA VAL A 118 2.36 -2.76 -8.50
C VAL A 118 3.43 -3.75 -8.96
N ASP A 119 3.66 -3.81 -10.24
CA ASP A 119 4.70 -4.73 -10.77
C ASP A 119 6.06 -4.29 -10.24
N ALA A 120 6.34 -3.01 -10.30
CA ALA A 120 7.64 -2.52 -9.76
C ALA A 120 7.67 -2.73 -8.25
N ALA A 121 6.57 -2.48 -7.58
CA ALA A 121 6.52 -2.67 -6.12
C ALA A 121 6.80 -4.14 -5.77
N LEU A 122 6.19 -5.05 -6.48
CA LEU A 122 6.41 -6.49 -6.21
C LEU A 122 7.91 -6.81 -6.29
N ALA A 123 8.55 -6.39 -7.34
CA ALA A 123 10.02 -6.64 -7.47
C ALA A 123 10.75 -5.85 -6.39
N GLU A 124 10.44 -4.59 -6.27
CA GLU A 124 11.10 -3.76 -5.24
C GLU A 124 10.83 -4.33 -3.85
N PHE A 125 9.66 -4.87 -3.63
CA PHE A 125 9.34 -5.44 -2.30
C PHE A 125 10.00 -6.81 -2.14
N LEU A 126 9.92 -7.65 -3.14
CA LEU A 126 10.53 -8.99 -3.04
C LEU A 126 12.05 -8.91 -2.93
N ARG A 127 12.68 -8.17 -3.78
CA ARG A 127 14.17 -8.06 -3.72
C ARG A 127 14.59 -7.48 -2.36
N LEU A 128 13.72 -6.76 -1.72
CA LEU A 128 14.08 -6.18 -0.39
C LEU A 128 13.66 -7.11 0.73
N ALA A 129 13.24 -8.31 0.40
CA ALA A 129 12.81 -9.25 1.48
C ALA A 129 14.03 -10.00 2.03
N PRO A 130 14.09 -10.14 3.33
CA PRO A 130 13.04 -9.59 4.24
C PRO A 130 13.12 -8.05 4.29
N VAL A 131 12.00 -7.41 4.48
CA VAL A 131 12.02 -5.91 4.54
C VAL A 131 12.00 -5.45 6.00
N GLU A 132 12.56 -4.31 6.26
CA GLU A 132 12.59 -3.79 7.65
C GLU A 132 11.41 -2.85 7.88
N THR A 133 10.35 -3.35 8.47
CA THR A 133 9.15 -2.52 8.73
C THR A 133 9.33 -1.70 10.01
N MET A 134 10.43 -1.87 10.67
CA MET A 134 10.69 -1.12 11.94
C MET A 134 9.46 -1.21 12.86
N ALA A 135 8.64 -2.21 12.71
CA ALA A 135 7.44 -2.33 13.59
C ALA A 135 7.05 -3.80 13.76
N MET A 1 0.40 -19.24 -8.85
CA MET A 1 -0.96 -18.75 -9.21
C MET A 1 -0.91 -17.29 -9.65
N LEU A 2 -0.32 -17.03 -10.77
CA LEU A 2 -0.24 -15.62 -11.24
C LEU A 2 -1.54 -15.24 -11.97
N SER A 3 -2.51 -16.11 -11.92
CA SER A 3 -3.81 -15.81 -12.61
C SER A 3 -4.41 -14.51 -12.08
N GLN A 4 -4.33 -14.30 -10.79
CA GLN A 4 -4.90 -13.05 -10.22
C GLN A 4 -4.02 -12.54 -9.07
N ILE A 5 -4.06 -11.26 -8.82
CA ILE A 5 -3.23 -10.68 -7.72
C ILE A 5 -4.15 -10.19 -6.59
N ALA A 6 -3.80 -10.45 -5.35
CA ALA A 6 -4.66 -9.97 -4.24
C ALA A 6 -4.17 -8.61 -3.75
N ILE A 7 -4.90 -7.58 -4.07
CA ILE A 7 -4.48 -6.22 -3.63
C ILE A 7 -5.53 -5.62 -2.70
N CYS A 8 -5.12 -5.15 -1.55
CA CYS A 8 -6.10 -4.56 -0.61
C CYS A 8 -5.78 -3.07 -0.41
N ILE A 9 -6.71 -2.21 -0.73
CA ILE A 9 -6.44 -0.75 -0.57
C ILE A 9 -7.28 -0.18 0.57
N TRP A 10 -6.79 0.87 1.18
CA TRP A 10 -7.55 1.51 2.27
C TRP A 10 -7.63 3.01 2.00
N VAL A 11 -8.78 3.48 1.62
CA VAL A 11 -8.93 4.93 1.34
C VAL A 11 -10.35 5.36 1.65
N GLU A 12 -10.52 6.37 2.45
CA GLU A 12 -11.90 6.82 2.80
C GLU A 12 -12.48 7.66 1.65
N SER A 13 -11.70 7.84 0.60
CA SER A 13 -12.20 8.63 -0.55
C SER A 13 -12.61 7.67 -1.68
N THR A 14 -13.87 7.63 -2.02
CA THR A 14 -14.29 6.71 -3.11
C THR A 14 -13.57 7.07 -4.39
N ALA A 15 -13.36 8.35 -4.63
CA ALA A 15 -12.65 8.77 -5.87
C ALA A 15 -11.26 8.14 -5.89
N ILE A 16 -10.51 8.26 -4.82
CA ILE A 16 -9.17 7.63 -4.79
C ILE A 16 -9.36 6.12 -4.82
N LEU A 17 -10.31 5.63 -4.08
CA LEU A 17 -10.57 4.17 -4.10
C LEU A 17 -10.82 3.75 -5.54
N GLN A 18 -11.62 4.50 -6.24
CA GLN A 18 -11.91 4.17 -7.67
C GLN A 18 -10.66 4.33 -8.51
N ASP A 19 -9.98 5.43 -8.40
CA ASP A 19 -8.75 5.65 -9.20
C ASP A 19 -7.72 4.54 -8.91
N CYS A 20 -7.56 4.21 -7.65
CA CYS A 20 -6.58 3.14 -7.30
C CYS A 20 -7.00 1.80 -7.92
N GLN A 21 -8.27 1.48 -7.86
CA GLN A 21 -8.73 0.20 -8.43
C GLN A 21 -8.83 0.30 -9.95
N ARG A 22 -9.22 1.44 -10.45
CA ARG A 22 -9.31 1.62 -11.92
C ARG A 22 -7.99 1.21 -12.58
N ALA A 23 -6.90 1.69 -12.05
CA ALA A 23 -5.58 1.32 -12.63
C ALA A 23 -5.27 -0.15 -12.31
N LEU A 24 -5.55 -0.60 -11.11
CA LEU A 24 -5.28 -2.02 -10.76
C LEU A 24 -6.46 -2.92 -11.13
N SER A 25 -7.08 -2.66 -12.23
CA SER A 25 -8.24 -3.50 -12.66
C SER A 25 -7.77 -4.56 -13.64
N ALA A 26 -6.50 -4.86 -13.67
CA ALA A 26 -6.02 -5.91 -14.62
C ALA A 26 -6.88 -7.17 -14.47
N ASP A 27 -7.03 -7.94 -15.50
CA ASP A 27 -7.87 -9.16 -15.40
C ASP A 27 -7.40 -10.02 -14.22
N ARG A 28 -6.20 -9.80 -13.77
CA ARG A 28 -5.67 -10.61 -12.63
C ARG A 28 -5.57 -9.76 -11.36
N TYR A 29 -6.59 -9.00 -11.04
CA TYR A 29 -6.52 -8.17 -9.81
C TYR A 29 -7.71 -8.44 -8.87
N GLN A 30 -7.43 -8.64 -7.61
CA GLN A 30 -8.54 -8.86 -6.62
C GLN A 30 -8.53 -7.71 -5.63
N LEU A 31 -9.23 -6.66 -5.93
CA LEU A 31 -9.22 -5.47 -5.03
C LEU A 31 -10.21 -5.58 -3.88
N GLN A 32 -9.76 -5.21 -2.71
CA GLN A 32 -10.64 -5.20 -1.51
C GLN A 32 -10.55 -3.80 -0.89
N VAL A 33 -11.66 -3.15 -0.70
CA VAL A 33 -11.60 -1.76 -0.15
C VAL A 33 -11.82 -1.76 1.37
N CYS A 34 -11.02 -1.02 2.07
CA CYS A 34 -11.18 -0.96 3.56
C CYS A 34 -11.72 0.42 3.96
N GLU A 35 -12.87 0.47 4.56
CA GLU A 35 -13.45 1.78 4.97
C GLU A 35 -12.60 2.40 6.08
N SER A 36 -11.97 1.60 6.89
CA SER A 36 -11.14 2.16 7.99
C SER A 36 -9.73 1.56 7.96
N GLY A 37 -8.97 1.76 8.99
CA GLY A 37 -7.60 1.18 9.03
C GLY A 37 -7.69 -0.08 9.87
N GLU A 38 -8.64 -0.10 10.75
CA GLU A 38 -8.86 -1.29 11.60
C GLU A 38 -9.34 -2.43 10.73
N MET A 39 -10.15 -2.10 9.75
CA MET A 39 -10.67 -3.12 8.83
C MET A 39 -9.53 -3.78 8.05
N LEU A 40 -8.63 -2.99 7.53
CA LEU A 40 -7.48 -3.57 6.78
C LEU A 40 -6.67 -4.50 7.69
N LEU A 41 -6.50 -4.16 8.94
CA LEU A 41 -5.73 -5.05 9.85
C LEU A 41 -6.41 -6.42 9.89
N GLU A 42 -7.71 -6.45 10.08
CA GLU A 42 -8.42 -7.76 10.11
C GLU A 42 -8.23 -8.47 8.77
N TYR A 43 -8.30 -7.75 7.69
CA TYR A 43 -8.12 -8.40 6.36
C TYR A 43 -6.67 -8.89 6.19
N ALA A 44 -5.72 -8.08 6.58
CA ALA A 44 -4.30 -8.49 6.45
C ALA A 44 -3.86 -9.39 7.61
N GLN A 45 -4.61 -9.37 8.69
CA GLN A 45 -4.25 -10.21 9.86
C GLN A 45 -4.46 -11.70 9.58
N THR A 46 -5.02 -12.04 8.46
CA THR A 46 -5.25 -13.49 8.19
C THR A 46 -4.84 -13.85 6.76
N HIS A 47 -4.27 -12.92 6.04
CA HIS A 47 -3.83 -13.20 4.64
C HIS A 47 -2.51 -12.47 4.36
N ARG A 48 -1.72 -12.23 5.38
CA ARG A 48 -0.43 -11.49 5.15
C ARG A 48 0.25 -11.99 3.89
N ASP A 49 0.51 -13.26 3.81
CA ASP A 49 1.18 -13.80 2.59
C ASP A 49 0.21 -13.82 1.41
N GLN A 50 -1.06 -13.88 1.68
CA GLN A 50 -2.07 -13.90 0.58
C GLN A 50 -2.17 -12.53 -0.09
N ILE A 51 -1.93 -11.47 0.63
CA ILE A 51 -2.02 -10.12 -0.01
C ILE A 51 -0.82 -9.89 -0.93
N ASP A 52 -1.06 -9.60 -2.18
CA ASP A 52 0.07 -9.37 -3.11
C ASP A 52 0.50 -7.90 -3.09
N CYS A 53 -0.40 -6.98 -2.88
CA CYS A 53 -0.02 -5.54 -2.85
C CYS A 53 -0.97 -4.72 -1.97
N LEU A 54 -0.45 -3.83 -1.17
CA LEU A 54 -1.35 -3.02 -0.30
C LEU A 54 -1.33 -1.53 -0.70
N ILE A 55 -2.47 -0.94 -0.91
CA ILE A 55 -2.50 0.49 -1.30
C ILE A 55 -2.84 1.34 -0.06
N LEU A 56 -2.19 2.46 0.11
CA LEU A 56 -2.51 3.30 1.31
C LEU A 56 -2.47 4.78 0.95
N VAL A 57 -3.13 5.59 1.74
CA VAL A 57 -3.12 7.05 1.49
C VAL A 57 -2.64 7.77 2.74
N ALA A 58 -1.50 8.39 2.68
CA ALA A 58 -0.96 9.09 3.87
C ALA A 58 -1.91 10.20 4.34
N ALA A 59 -2.84 10.58 3.52
CA ALA A 59 -3.79 11.66 3.93
C ALA A 59 -4.62 11.23 5.15
N ASN A 60 -4.59 9.97 5.50
CA ASN A 60 -5.38 9.53 6.69
C ASN A 60 -4.63 9.86 7.99
N PRO A 61 -5.37 10.04 9.04
CA PRO A 61 -4.76 10.40 10.36
C PRO A 61 -4.04 9.22 11.01
N SER A 62 -4.76 8.26 11.53
CA SER A 62 -4.07 7.11 12.19
C SER A 62 -3.53 6.11 11.15
N PHE A 63 -3.48 6.50 9.90
CA PHE A 63 -2.94 5.59 8.85
C PHE A 63 -1.61 4.99 9.32
N ARG A 64 -0.70 5.82 9.74
CA ARG A 64 0.61 5.31 10.23
C ARG A 64 0.39 4.14 11.18
N ALA A 65 -0.29 4.40 12.25
CA ALA A 65 -0.57 3.33 13.25
C ALA A 65 -1.06 2.06 12.53
N VAL A 66 -1.97 2.22 11.60
CA VAL A 66 -2.49 1.03 10.86
C VAL A 66 -1.36 0.31 10.12
N VAL A 67 -0.47 1.05 9.51
CA VAL A 67 0.66 0.38 8.79
C VAL A 67 1.61 -0.23 9.80
N GLN A 68 1.77 0.38 10.95
CA GLN A 68 2.69 -0.21 11.96
C GLN A 68 2.15 -1.58 12.34
N GLN A 69 0.85 -1.74 12.37
CA GLN A 69 0.28 -3.07 12.71
C GLN A 69 0.67 -4.06 11.61
N LEU A 70 0.44 -3.71 10.36
CA LEU A 70 0.84 -4.64 9.27
C LEU A 70 2.30 -5.05 9.52
N CYS A 71 3.15 -4.08 9.77
CA CYS A 71 4.59 -4.40 10.05
C CYS A 71 4.71 -5.09 11.42
N PHE A 72 3.90 -4.65 12.35
CA PHE A 72 3.94 -5.24 13.73
C PHE A 72 3.61 -6.73 13.67
N GLU A 73 2.52 -7.07 13.02
CA GLU A 73 2.15 -8.51 12.93
C GLU A 73 3.05 -9.20 11.90
N GLY A 74 3.82 -8.44 11.17
CA GLY A 74 4.75 -9.05 10.17
C GLY A 74 4.13 -8.99 8.76
N VAL A 75 2.99 -8.39 8.62
CA VAL A 75 2.35 -8.29 7.28
C VAL A 75 3.11 -7.28 6.41
N VAL A 76 4.12 -7.73 5.70
CA VAL A 76 4.89 -6.79 4.84
C VAL A 76 4.63 -7.12 3.37
N VAL A 77 4.14 -6.15 2.64
CA VAL A 77 3.84 -6.38 1.19
C VAL A 77 4.24 -5.16 0.36
N PRO A 78 4.29 -5.33 -0.93
CA PRO A 78 4.60 -4.21 -1.83
C PRO A 78 3.50 -3.17 -1.67
N ALA A 79 3.65 -2.29 -0.75
CA ALA A 79 2.58 -1.29 -0.49
C ALA A 79 2.84 0.02 -1.22
N ILE A 80 1.90 0.44 -2.03
CA ILE A 80 2.07 1.73 -2.76
C ILE A 80 1.43 2.85 -1.94
N VAL A 81 2.17 3.87 -1.62
CA VAL A 81 1.62 4.98 -0.81
C VAL A 81 1.35 6.21 -1.69
N VAL A 82 0.26 6.89 -1.43
CA VAL A 82 -0.10 8.08 -2.25
C VAL A 82 0.25 9.38 -1.53
N GLY A 83 0.63 10.40 -2.27
CA GLY A 83 0.99 11.70 -1.64
C GLY A 83 2.51 11.88 -1.69
N ASP A 84 3.04 12.83 -0.98
CA ASP A 84 4.52 13.04 -0.99
C ASP A 84 5.00 13.33 -2.41
N ARG A 85 4.45 14.33 -3.04
CA ARG A 85 4.88 14.65 -4.43
C ARG A 85 6.40 14.84 -4.49
N ASP A 86 6.92 15.25 -5.62
CA ASP A 86 8.39 15.43 -5.74
C ASP A 86 8.89 16.50 -4.76
N SER A 87 9.87 16.16 -3.96
CA SER A 87 10.41 17.14 -2.98
C SER A 87 11.94 17.09 -2.97
N GLU A 88 12.58 17.98 -3.68
CA GLU A 88 14.07 17.97 -3.72
C GLU A 88 14.67 18.17 -2.32
N ASP A 89 14.11 19.06 -1.54
CA ASP A 89 14.64 19.31 -0.17
C ASP A 89 14.04 18.28 0.81
N PRO A 90 14.87 17.82 1.71
CA PRO A 90 14.40 16.84 2.72
C PRO A 90 13.54 17.54 3.77
N ASP A 91 13.59 18.83 3.82
CA ASP A 91 12.77 19.57 4.83
C ASP A 91 11.35 19.02 4.85
N GLU A 92 10.79 18.75 3.70
CA GLU A 92 9.39 18.22 3.66
C GLU A 92 9.34 16.77 4.16
N PRO A 93 8.24 16.46 4.78
CA PRO A 93 8.00 15.09 5.32
C PRO A 93 7.84 14.06 4.21
N ALA A 94 8.85 13.88 3.40
CA ALA A 94 8.75 12.88 2.31
C ALA A 94 9.39 11.57 2.79
N LYS A 95 9.40 11.35 4.07
CA LYS A 95 10.02 10.12 4.62
C LYS A 95 9.20 8.90 4.19
N GLU A 96 9.82 7.74 4.17
CA GLU A 96 9.08 6.50 3.74
C GLU A 96 8.81 5.58 4.93
N GLN A 97 8.83 6.10 6.12
CA GLN A 97 8.58 5.23 7.32
C GLN A 97 7.09 4.89 7.42
N LEU A 98 6.29 5.36 6.51
CA LEU A 98 4.83 5.07 6.56
C LEU A 98 4.66 3.56 6.54
N TYR A 99 5.54 2.88 5.87
CA TYR A 99 5.48 1.40 5.83
C TYR A 99 6.91 0.84 5.83
N HIS A 100 7.23 -0.09 4.96
CA HIS A 100 8.63 -0.63 4.97
C HIS A 100 9.47 0.08 3.90
N SER A 101 10.75 -0.20 3.85
CA SER A 101 11.63 0.48 2.85
C SER A 101 11.29 0.07 1.41
N ALA A 102 10.54 -0.98 1.23
CA ALA A 102 10.20 -1.40 -0.17
C ALA A 102 8.91 -0.72 -0.65
N GLU A 103 8.05 -0.31 0.25
CA GLU A 103 6.79 0.35 -0.17
C GLU A 103 7.05 1.42 -1.23
N LEU A 104 6.20 1.52 -2.22
CA LEU A 104 6.40 2.54 -3.29
C LEU A 104 5.47 3.73 -3.04
N HIS A 105 5.75 4.83 -3.67
CA HIS A 105 4.88 6.05 -3.47
C HIS A 105 4.27 6.47 -4.81
N LEU A 106 3.10 7.06 -4.77
CA LEU A 106 2.44 7.49 -6.03
C LEU A 106 1.85 8.90 -5.86
N GLY A 107 2.15 9.79 -6.76
CA GLY A 107 1.60 11.17 -6.64
C GLY A 107 0.07 11.08 -6.48
N ILE A 108 -0.52 12.05 -5.86
CA ILE A 108 -2.00 12.03 -5.66
C ILE A 108 -2.73 12.10 -7.01
N HIS A 109 -2.38 13.06 -7.82
CA HIS A 109 -3.06 13.20 -9.15
C HIS A 109 -2.51 12.14 -10.11
N GLN A 110 -1.54 11.39 -9.67
CA GLN A 110 -0.95 10.36 -10.58
C GLN A 110 -1.60 9.00 -10.34
N LEU A 111 -2.81 8.97 -9.89
CA LEU A 111 -3.47 7.65 -9.67
C LEU A 111 -3.76 7.02 -11.01
N GLU A 112 -2.97 6.05 -11.35
CA GLU A 112 -3.11 5.34 -12.65
C GLU A 112 -1.90 4.43 -12.84
N GLN A 113 -0.78 4.81 -12.25
CA GLN A 113 0.45 3.98 -12.37
C GLN A 113 0.38 2.83 -11.36
N LEU A 114 -0.61 2.84 -10.51
CA LEU A 114 -0.75 1.76 -9.50
C LEU A 114 -0.40 0.39 -10.09
N PRO A 115 -0.94 0.06 -11.24
CA PRO A 115 -0.64 -1.25 -11.86
C PRO A 115 0.85 -1.35 -12.18
N TYR A 116 1.37 -0.46 -12.98
CA TYR A 116 2.83 -0.53 -13.27
C TYR A 116 3.58 -0.35 -11.94
N GLN A 117 3.02 0.40 -11.02
CA GLN A 117 3.67 0.56 -9.70
C GLN A 117 3.56 -0.77 -8.94
N VAL A 118 2.41 -1.37 -9.00
CA VAL A 118 2.20 -2.68 -8.31
C VAL A 118 3.25 -3.68 -8.81
N ASP A 119 3.36 -3.84 -10.10
CA ASP A 119 4.37 -4.78 -10.63
C ASP A 119 5.76 -4.35 -10.15
N ALA A 120 6.01 -3.08 -10.15
CA ALA A 120 7.34 -2.58 -9.67
C ALA A 120 7.43 -2.76 -8.15
N ALA A 121 6.33 -2.50 -7.47
CA ALA A 121 6.32 -2.66 -6.00
C ALA A 121 6.57 -4.12 -5.61
N LEU A 122 6.00 -5.05 -6.33
CA LEU A 122 6.22 -6.48 -6.00
C LEU A 122 7.71 -6.81 -6.14
N ALA A 123 8.29 -6.49 -7.27
CA ALA A 123 9.74 -6.77 -7.45
C ALA A 123 10.53 -5.97 -6.41
N GLU A 124 10.11 -4.75 -6.17
CA GLU A 124 10.82 -3.91 -5.15
C GLU A 124 10.73 -4.59 -3.78
N PHE A 125 9.60 -5.12 -3.44
CA PHE A 125 9.45 -5.79 -2.12
C PHE A 125 10.44 -6.96 -2.01
N LEU A 126 10.62 -7.71 -3.06
CA LEU A 126 11.57 -8.84 -3.01
C LEU A 126 12.99 -8.30 -2.93
N ARG A 127 13.20 -7.14 -3.48
CA ARG A 127 14.55 -6.51 -3.47
C ARG A 127 15.00 -6.27 -2.02
N LEU A 128 14.11 -5.86 -1.17
CA LEU A 128 14.49 -5.62 0.25
C LEU A 128 14.05 -6.80 1.11
N ALA A 129 13.62 -7.87 0.50
CA ALA A 129 13.18 -9.07 1.28
C ALA A 129 14.40 -9.84 1.81
N PRO A 130 14.37 -10.16 3.09
CA PRO A 130 13.23 -9.79 3.96
C PRO A 130 13.24 -8.27 4.22
N VAL A 131 12.17 -7.60 3.93
CA VAL A 131 12.14 -6.12 4.15
C VAL A 131 12.29 -5.81 5.64
N GLU A 132 12.69 -4.61 5.94
CA GLU A 132 12.90 -4.22 7.37
C GLU A 132 11.68 -3.48 7.91
N THR A 133 10.80 -4.16 8.57
CA THR A 133 9.60 -3.48 9.12
C THR A 133 9.73 -3.31 10.64
N MET A 134 10.31 -2.22 11.09
CA MET A 134 10.46 -1.99 12.56
C MET A 134 9.39 -1.02 13.05
N ALA A 135 8.24 -1.03 12.45
CA ALA A 135 7.15 -0.09 12.86
C ALA A 135 7.20 0.20 14.36
N MET A 1 -1.52 -19.81 -8.60
CA MET A 1 -0.56 -18.88 -7.93
C MET A 1 -0.60 -17.49 -8.61
N LEU A 2 -0.03 -17.36 -9.77
CA LEU A 2 -0.04 -16.04 -10.46
C LEU A 2 -1.39 -15.81 -11.18
N SER A 3 -2.31 -16.72 -11.02
CA SER A 3 -3.63 -16.56 -11.70
C SER A 3 -4.16 -15.13 -11.54
N GLN A 4 -4.20 -14.64 -10.33
CA GLN A 4 -4.69 -13.26 -10.10
C GLN A 4 -3.90 -12.62 -8.94
N ILE A 5 -3.92 -11.31 -8.84
CA ILE A 5 -3.16 -10.64 -7.75
C ILE A 5 -4.09 -10.09 -6.67
N ALA A 6 -3.85 -10.40 -5.42
CA ALA A 6 -4.72 -9.87 -4.34
C ALA A 6 -4.21 -8.50 -3.90
N ILE A 7 -5.01 -7.49 -4.03
CA ILE A 7 -4.54 -6.15 -3.63
C ILE A 7 -5.42 -5.55 -2.53
N CYS A 8 -4.82 -5.12 -1.47
CA CYS A 8 -5.62 -4.54 -0.36
C CYS A 8 -5.50 -3.02 -0.38
N ILE A 9 -6.55 -2.34 -0.72
CA ILE A 9 -6.47 -0.86 -0.76
C ILE A 9 -7.27 -0.22 0.37
N TRP A 10 -6.69 0.71 1.07
CA TRP A 10 -7.43 1.39 2.17
C TRP A 10 -7.65 2.86 1.79
N VAL A 11 -8.87 3.22 1.52
CA VAL A 11 -9.16 4.63 1.15
C VAL A 11 -10.42 5.11 1.85
N GLU A 12 -10.43 6.31 2.35
CA GLU A 12 -11.67 6.80 3.01
C GLU A 12 -12.41 7.75 2.06
N SER A 13 -12.10 7.68 0.79
CA SER A 13 -12.79 8.54 -0.22
C SER A 13 -13.01 7.72 -1.50
N THR A 14 -14.25 7.50 -1.88
CA THR A 14 -14.50 6.69 -3.11
C THR A 14 -13.65 7.15 -4.29
N ALA A 15 -13.70 8.40 -4.64
CA ALA A 15 -12.88 8.86 -5.80
C ALA A 15 -11.46 8.33 -5.68
N ILE A 16 -10.81 8.57 -4.57
CA ILE A 16 -9.42 8.05 -4.41
C ILE A 16 -9.44 6.53 -4.51
N LEU A 17 -10.37 5.91 -3.85
CA LEU A 17 -10.46 4.43 -3.91
C LEU A 17 -10.65 3.98 -5.35
N GLN A 18 -11.55 4.61 -6.07
CA GLN A 18 -11.78 4.21 -7.48
C GLN A 18 -10.52 4.43 -8.32
N ASP A 19 -9.89 5.57 -8.18
CA ASP A 19 -8.66 5.83 -8.99
C ASP A 19 -7.56 4.80 -8.69
N CYS A 20 -7.35 4.50 -7.43
CA CYS A 20 -6.30 3.49 -7.09
C CYS A 20 -6.64 2.15 -7.73
N GLN A 21 -7.90 1.79 -7.74
CA GLN A 21 -8.29 0.49 -8.36
C GLN A 21 -8.49 0.69 -9.87
N ARG A 22 -8.87 1.88 -10.28
CA ARG A 22 -9.07 2.11 -11.73
C ARG A 22 -7.84 1.63 -12.47
N ALA A 23 -6.70 2.07 -12.05
CA ALA A 23 -5.44 1.63 -12.71
C ALA A 23 -5.23 0.14 -12.43
N LEU A 24 -5.43 -0.29 -11.20
CA LEU A 24 -5.26 -1.73 -10.87
C LEU A 24 -6.52 -2.50 -11.27
N SER A 25 -6.93 -2.39 -12.49
CA SER A 25 -8.16 -3.10 -12.93
C SER A 25 -7.79 -4.28 -13.84
N ALA A 26 -6.54 -4.60 -13.96
CA ALA A 26 -6.16 -5.76 -14.83
C ALA A 26 -7.08 -6.94 -14.53
N ASP A 27 -7.46 -7.67 -15.53
CA ASP A 27 -8.38 -8.83 -15.31
C ASP A 27 -7.87 -9.74 -14.21
N ARG A 28 -6.62 -9.67 -13.89
CA ARG A 28 -6.08 -10.56 -12.82
C ARG A 28 -5.87 -9.80 -11.51
N TYR A 29 -6.62 -8.75 -11.29
CA TYR A 29 -6.47 -7.98 -10.02
C TYR A 29 -7.61 -8.27 -9.06
N GLN A 30 -7.28 -8.71 -7.88
CA GLN A 30 -8.34 -9.00 -6.86
C GLN A 30 -8.17 -8.01 -5.71
N LEU A 31 -8.69 -6.83 -5.85
CA LEU A 31 -8.50 -5.82 -4.79
C LEU A 31 -9.59 -5.90 -3.71
N GLN A 32 -9.18 -5.83 -2.47
CA GLN A 32 -10.17 -5.83 -1.36
C GLN A 32 -10.19 -4.42 -0.76
N VAL A 33 -11.34 -3.83 -0.63
CA VAL A 33 -11.39 -2.43 -0.09
C VAL A 33 -11.56 -2.44 1.43
N CYS A 34 -10.76 -1.66 2.11
CA CYS A 34 -10.88 -1.60 3.60
C CYS A 34 -11.49 -0.25 4.02
N GLU A 35 -12.70 -0.28 4.49
CA GLU A 35 -13.38 0.99 4.91
C GLU A 35 -12.61 1.67 6.04
N SER A 36 -11.93 0.91 6.86
CA SER A 36 -11.17 1.54 7.98
C SER A 36 -9.71 1.11 7.95
N GLY A 37 -8.97 1.43 8.98
CA GLY A 37 -7.54 1.03 9.02
C GLY A 37 -7.44 -0.19 9.92
N GLU A 38 -8.40 -0.34 10.80
CA GLU A 38 -8.43 -1.51 11.70
C GLU A 38 -8.93 -2.69 10.87
N MET A 39 -10.03 -2.47 10.20
CA MET A 39 -10.61 -3.53 9.34
C MET A 39 -9.54 -4.03 8.35
N LEU A 40 -8.68 -3.16 7.90
CA LEU A 40 -7.60 -3.58 6.97
C LEU A 40 -6.70 -4.60 7.67
N LEU A 41 -6.39 -4.37 8.91
CA LEU A 41 -5.52 -5.33 9.65
C LEU A 41 -6.18 -6.70 9.68
N GLU A 42 -7.47 -6.75 9.87
CA GLU A 42 -8.15 -8.06 9.91
C GLU A 42 -7.95 -8.81 8.59
N TYR A 43 -8.15 -8.16 7.48
CA TYR A 43 -7.97 -8.86 6.17
C TYR A 43 -6.51 -9.24 5.96
N ALA A 44 -5.61 -8.34 6.24
CA ALA A 44 -4.16 -8.66 6.03
C ALA A 44 -3.61 -9.52 7.17
N GLN A 45 -4.23 -9.49 8.33
CA GLN A 45 -3.71 -10.31 9.46
C GLN A 45 -3.76 -11.81 9.15
N THR A 46 -4.58 -12.21 8.21
CA THR A 46 -4.67 -13.66 7.93
C THR A 46 -4.38 -13.96 6.46
N HIS A 47 -4.27 -12.95 5.64
CA HIS A 47 -3.97 -13.18 4.21
C HIS A 47 -2.64 -12.51 3.84
N ARG A 48 -1.82 -12.23 4.82
CA ARG A 48 -0.51 -11.55 4.53
C ARG A 48 0.08 -12.13 3.26
N ASP A 49 0.24 -13.42 3.22
CA ASP A 49 0.78 -14.08 2.01
C ASP A 49 -0.18 -13.93 0.83
N GLN A 50 -1.45 -14.07 1.07
CA GLN A 50 -2.44 -13.95 -0.03
C GLN A 50 -2.50 -12.51 -0.54
N ILE A 51 -2.15 -11.56 0.29
CA ILE A 51 -2.19 -10.14 -0.17
C ILE A 51 -1.01 -9.89 -1.10
N ASP A 52 -1.26 -9.59 -2.35
CA ASP A 52 -0.15 -9.37 -3.31
C ASP A 52 0.33 -7.92 -3.29
N CYS A 53 -0.52 -6.97 -2.95
CA CYS A 53 -0.07 -5.55 -2.94
C CYS A 53 -1.03 -4.69 -2.11
N LEU A 54 -0.55 -3.86 -1.21
CA LEU A 54 -1.49 -3.03 -0.39
C LEU A 54 -1.43 -1.56 -0.81
N ILE A 55 -2.55 -0.90 -0.90
CA ILE A 55 -2.54 0.53 -1.30
C ILE A 55 -2.87 1.40 -0.08
N LEU A 56 -2.08 2.40 0.17
CA LEU A 56 -2.37 3.25 1.35
C LEU A 56 -2.37 4.73 0.98
N VAL A 57 -3.08 5.50 1.74
CA VAL A 57 -3.14 6.97 1.50
C VAL A 57 -2.57 7.66 2.74
N ALA A 58 -1.42 8.27 2.63
CA ALA A 58 -0.86 8.93 3.83
C ALA A 58 -1.74 10.11 4.28
N ALA A 59 -2.57 10.59 3.39
CA ALA A 59 -3.46 11.72 3.77
C ALA A 59 -4.37 11.32 4.94
N ASN A 60 -4.42 10.06 5.25
CA ASN A 60 -5.27 9.60 6.38
C ASN A 60 -4.66 10.06 7.71
N PRO A 61 -5.50 10.11 8.72
CA PRO A 61 -5.05 10.56 10.06
C PRO A 61 -4.20 9.50 10.77
N SER A 62 -4.81 8.57 11.45
CA SER A 62 -4.03 7.52 12.18
C SER A 62 -3.51 6.44 11.23
N PHE A 63 -3.51 6.69 9.95
CA PHE A 63 -3.01 5.68 8.98
C PHE A 63 -1.64 5.16 9.44
N ARG A 64 -0.73 6.03 9.77
CA ARG A 64 0.60 5.59 10.24
C ARG A 64 0.45 4.45 11.24
N ALA A 65 -0.38 4.65 12.22
CA ALA A 65 -0.60 3.59 13.25
C ALA A 65 -1.07 2.31 12.58
N VAL A 66 -1.94 2.43 11.61
CA VAL A 66 -2.44 1.22 10.92
C VAL A 66 -1.29 0.50 10.22
N VAL A 67 -0.46 1.23 9.53
CA VAL A 67 0.67 0.56 8.84
C VAL A 67 1.62 -0.08 9.86
N GLN A 68 1.87 0.59 10.96
CA GLN A 68 2.77 -0.02 11.98
C GLN A 68 2.20 -1.36 12.41
N GLN A 69 0.90 -1.48 12.50
CA GLN A 69 0.32 -2.77 12.91
C GLN A 69 0.69 -3.85 11.89
N LEU A 70 0.46 -3.59 10.64
CA LEU A 70 0.81 -4.61 9.61
C LEU A 70 2.23 -5.11 9.85
N CYS A 71 3.18 -4.21 9.98
CA CYS A 71 4.57 -4.66 10.26
C CYS A 71 4.63 -5.27 11.66
N PHE A 72 3.90 -4.71 12.59
CA PHE A 72 3.90 -5.26 13.98
C PHE A 72 3.45 -6.72 13.95
N GLU A 73 2.46 -7.00 13.15
CA GLU A 73 1.93 -8.39 13.06
C GLU A 73 2.78 -9.21 12.10
N GLY A 74 3.75 -8.60 11.47
CA GLY A 74 4.62 -9.35 10.52
C GLY A 74 4.01 -9.30 9.13
N VAL A 75 2.92 -8.60 8.96
CA VAL A 75 2.31 -8.52 7.61
C VAL A 75 2.99 -7.45 6.77
N VAL A 76 3.87 -7.84 5.90
CA VAL A 76 4.57 -6.85 5.05
C VAL A 76 4.29 -7.17 3.59
N VAL A 77 3.81 -6.22 2.84
CA VAL A 77 3.49 -6.47 1.41
C VAL A 77 3.96 -5.28 0.57
N PRO A 78 4.01 -5.48 -0.71
CA PRO A 78 4.42 -4.38 -1.61
C PRO A 78 3.35 -3.31 -1.57
N ALA A 79 3.47 -2.40 -0.64
CA ALA A 79 2.44 -1.35 -0.49
C ALA A 79 2.81 -0.07 -1.25
N ILE A 80 1.83 0.54 -1.86
CA ILE A 80 2.09 1.81 -2.60
C ILE A 80 1.42 2.96 -1.84
N VAL A 81 2.18 3.96 -1.44
CA VAL A 81 1.57 5.08 -0.65
C VAL A 81 1.20 6.26 -1.55
N VAL A 82 0.12 6.95 -1.25
CA VAL A 82 -0.29 8.12 -2.07
C VAL A 82 -0.16 9.41 -1.26
N GLY A 83 0.48 10.42 -1.81
CA GLY A 83 0.62 11.71 -1.07
C GLY A 83 1.84 11.67 -0.15
N ASP A 84 2.01 12.67 0.66
CA ASP A 84 3.19 12.72 1.58
C ASP A 84 4.49 12.67 0.78
N ARG A 85 4.56 13.43 -0.28
CA ARG A 85 5.79 13.45 -1.10
C ARG A 85 6.95 14.09 -0.31
N ASP A 86 8.16 13.88 -0.74
CA ASP A 86 9.31 14.49 -0.01
C ASP A 86 9.26 16.01 -0.12
N SER A 87 9.20 16.69 0.99
CA SER A 87 9.14 18.18 0.95
C SER A 87 10.38 18.78 1.61
N GLU A 88 11.14 19.58 0.90
CA GLU A 88 12.35 20.18 1.51
C GLU A 88 11.95 21.06 2.70
N ASP A 89 10.78 21.64 2.65
CA ASP A 89 10.32 22.51 3.77
C ASP A 89 10.16 21.69 5.06
N PRO A 90 10.50 22.30 6.15
CA PRO A 90 10.39 21.61 7.48
C PRO A 90 8.93 21.49 7.89
N ASP A 91 8.11 22.42 7.49
CA ASP A 91 6.67 22.36 7.85
C ASP A 91 6.06 21.03 7.39
N GLU A 92 6.64 20.42 6.39
CA GLU A 92 6.09 19.13 5.89
C GLU A 92 7.18 18.06 5.87
N PRO A 93 7.13 17.18 6.84
CA PRO A 93 8.13 16.09 6.95
C PRO A 93 7.86 15.00 5.91
N ALA A 94 6.68 14.46 5.91
CA ALA A 94 6.34 13.39 4.93
C ALA A 94 7.45 12.34 4.88
N LYS A 95 7.71 11.68 5.98
CA LYS A 95 8.78 10.64 5.98
C LYS A 95 8.33 9.43 5.16
N GLU A 96 9.26 8.75 4.55
CA GLU A 96 8.91 7.55 3.72
C GLU A 96 8.70 6.32 4.60
N GLN A 97 8.68 6.49 5.88
CA GLN A 97 8.51 5.31 6.78
C GLN A 97 7.03 5.01 7.01
N LEU A 98 6.18 5.46 6.13
CA LEU A 98 4.73 5.17 6.28
C LEU A 98 4.57 3.66 6.34
N TYR A 99 5.46 2.97 5.67
CA TYR A 99 5.42 1.48 5.68
C TYR A 99 6.86 0.97 5.66
N HIS A 100 7.17 -0.03 4.86
CA HIS A 100 8.57 -0.54 4.83
C HIS A 100 9.36 0.10 3.67
N SER A 101 10.61 -0.22 3.54
CA SER A 101 11.44 0.37 2.46
C SER A 101 10.97 -0.07 1.07
N ALA A 102 10.29 -1.19 0.98
CA ALA A 102 9.83 -1.65 -0.35
C ALA A 102 8.56 -0.93 -0.76
N GLU A 103 7.82 -0.42 0.19
CA GLU A 103 6.58 0.32 -0.17
C GLU A 103 6.88 1.38 -1.23
N LEU A 104 6.10 1.46 -2.27
CA LEU A 104 6.36 2.50 -3.31
C LEU A 104 5.48 3.71 -3.05
N HIS A 105 5.87 4.85 -3.57
CA HIS A 105 5.05 6.07 -3.36
C HIS A 105 4.38 6.48 -4.66
N LEU A 106 3.18 6.98 -4.58
CA LEU A 106 2.47 7.41 -5.82
C LEU A 106 1.94 8.83 -5.67
N GLY A 107 2.10 9.65 -6.66
CA GLY A 107 1.58 11.03 -6.54
C GLY A 107 0.06 10.94 -6.39
N ILE A 108 -0.54 11.83 -5.64
CA ILE A 108 -2.00 11.77 -5.46
C ILE A 108 -2.70 11.92 -6.80
N HIS A 109 -2.28 12.85 -7.60
CA HIS A 109 -2.92 13.07 -8.93
C HIS A 109 -2.31 12.12 -9.97
N GLN A 110 -1.46 11.23 -9.54
CA GLN A 110 -0.86 10.30 -10.53
C GLN A 110 -1.53 8.92 -10.44
N LEU A 111 -2.69 8.86 -9.85
CA LEU A 111 -3.40 7.55 -9.76
C LEU A 111 -3.55 6.97 -11.16
N GLU A 112 -2.67 6.07 -11.49
CA GLU A 112 -2.67 5.42 -12.83
C GLU A 112 -1.44 4.53 -12.93
N GLN A 113 -0.40 4.90 -12.21
CA GLN A 113 0.86 4.11 -12.23
C GLN A 113 0.76 2.94 -11.26
N LEU A 114 -0.33 2.84 -10.56
CA LEU A 114 -0.53 1.73 -9.60
C LEU A 114 -0.26 0.35 -10.22
N PRO A 115 -0.71 0.12 -11.42
CA PRO A 115 -0.48 -1.19 -12.05
C PRO A 115 1.00 -1.40 -12.30
N TYR A 116 1.66 -0.45 -12.91
CA TYR A 116 3.12 -0.58 -13.13
C TYR A 116 3.80 -0.48 -11.76
N GLN A 117 3.22 0.28 -10.87
CA GLN A 117 3.79 0.42 -9.50
C GLN A 117 3.58 -0.90 -8.76
N VAL A 118 2.44 -1.51 -8.94
CA VAL A 118 2.17 -2.81 -8.27
C VAL A 118 3.22 -3.83 -8.74
N ASP A 119 3.38 -3.98 -10.03
CA ASP A 119 4.39 -4.93 -10.54
C ASP A 119 5.78 -4.50 -10.05
N ALA A 120 6.02 -3.22 -10.04
CA ALA A 120 7.33 -2.71 -9.55
C ALA A 120 7.42 -2.92 -8.04
N ALA A 121 6.38 -2.57 -7.34
CA ALA A 121 6.38 -2.75 -5.85
C ALA A 121 6.60 -4.23 -5.52
N LEU A 122 6.02 -5.12 -6.27
CA LEU A 122 6.20 -6.56 -5.98
C LEU A 122 7.68 -6.96 -6.08
N ALA A 123 8.36 -6.62 -7.15
CA ALA A 123 9.80 -6.98 -7.22
C ALA A 123 10.55 -6.21 -6.13
N GLU A 124 10.19 -4.98 -5.89
CA GLU A 124 10.89 -4.20 -4.83
C GLU A 124 10.72 -4.89 -3.48
N PHE A 125 9.52 -5.28 -3.14
CA PHE A 125 9.31 -5.97 -1.83
C PHE A 125 10.14 -7.25 -1.77
N LEU A 126 10.13 -8.03 -2.81
CA LEU A 126 10.94 -9.28 -2.79
C LEU A 126 12.43 -8.93 -2.69
N ARG A 127 12.85 -7.96 -3.44
CA ARG A 127 14.29 -7.57 -3.41
C ARG A 127 14.66 -7.12 -1.99
N LEU A 128 13.79 -6.42 -1.32
CA LEU A 128 14.12 -5.95 0.04
C LEU A 128 13.68 -6.95 1.11
N ALA A 129 12.83 -7.89 0.77
CA ALA A 129 12.38 -8.88 1.79
C ALA A 129 13.58 -9.66 2.34
N PRO A 130 13.67 -9.73 3.64
CA PRO A 130 12.69 -9.07 4.54
C PRO A 130 12.93 -7.57 4.57
N VAL A 131 11.99 -6.78 4.11
CA VAL A 131 12.18 -5.30 4.11
C VAL A 131 12.22 -4.78 5.54
N GLU A 132 12.73 -3.60 5.73
CA GLU A 132 12.78 -3.03 7.09
C GLU A 132 11.55 -2.15 7.31
N THR A 133 10.53 -2.68 7.93
CA THR A 133 9.29 -1.86 8.15
C THR A 133 9.57 -0.75 9.14
N MET A 134 10.54 -0.93 10.01
CA MET A 134 10.86 0.14 11.00
C MET A 134 9.65 0.42 11.91
N ALA A 135 8.84 -0.58 12.13
CA ALA A 135 7.65 -0.40 13.00
C ALA A 135 7.88 -1.14 14.33
N MET A 1 3.05 -16.59 -7.46
CA MET A 1 1.60 -16.82 -7.77
C MET A 1 1.14 -15.83 -8.85
N LEU A 2 1.64 -16.00 -10.04
CA LEU A 2 1.24 -15.07 -11.16
C LEU A 2 -0.22 -15.28 -11.55
N SER A 3 -0.82 -16.37 -11.14
CA SER A 3 -2.25 -16.62 -11.50
C SER A 3 -3.05 -15.32 -11.32
N GLN A 4 -2.99 -14.75 -10.15
CA GLN A 4 -3.73 -13.48 -9.90
C GLN A 4 -3.09 -12.73 -8.71
N ILE A 5 -3.19 -11.44 -8.70
CA ILE A 5 -2.58 -10.66 -7.58
C ILE A 5 -3.63 -10.24 -6.56
N ALA A 6 -3.35 -10.41 -5.30
CA ALA A 6 -4.32 -10.00 -4.26
C ALA A 6 -3.96 -8.59 -3.77
N ILE A 7 -4.83 -7.64 -3.96
CA ILE A 7 -4.51 -6.26 -3.51
C ILE A 7 -5.56 -5.74 -2.52
N CYS A 8 -5.11 -5.20 -1.42
CA CYS A 8 -6.07 -4.66 -0.42
C CYS A 8 -5.82 -3.15 -0.27
N ILE A 9 -6.76 -2.35 -0.69
CA ILE A 9 -6.56 -0.88 -0.58
C ILE A 9 -7.36 -0.29 0.57
N TRP A 10 -6.80 0.65 1.26
CA TRP A 10 -7.55 1.31 2.36
C TRP A 10 -7.76 2.77 2.02
N VAL A 11 -8.95 3.14 1.65
CA VAL A 11 -9.20 4.56 1.29
C VAL A 11 -10.52 5.04 1.89
N GLU A 12 -10.56 6.25 2.36
CA GLU A 12 -11.82 6.76 2.96
C GLU A 12 -12.62 7.53 1.90
N SER A 13 -12.00 7.89 0.82
CA SER A 13 -12.74 8.63 -0.26
C SER A 13 -12.96 7.69 -1.44
N THR A 14 -14.19 7.34 -1.71
CA THR A 14 -14.47 6.42 -2.85
C THR A 14 -13.72 6.90 -4.09
N ALA A 15 -13.72 8.18 -4.34
CA ALA A 15 -13.00 8.71 -5.53
C ALA A 15 -11.55 8.21 -5.50
N ILE A 16 -10.87 8.38 -4.40
CA ILE A 16 -9.47 7.90 -4.31
C ILE A 16 -9.48 6.37 -4.37
N LEU A 17 -10.40 5.74 -3.69
CA LEU A 17 -10.48 4.26 -3.72
C LEU A 17 -10.73 3.80 -5.15
N GLN A 18 -11.50 4.55 -5.88
CA GLN A 18 -11.79 4.17 -7.29
C GLN A 18 -10.57 4.43 -8.16
N ASP A 19 -10.04 5.61 -8.11
CA ASP A 19 -8.84 5.93 -8.95
C ASP A 19 -7.74 4.90 -8.69
N CYS A 20 -7.54 4.51 -7.47
CA CYS A 20 -6.49 3.49 -7.17
C CYS A 20 -6.81 2.18 -7.87
N GLN A 21 -8.01 1.69 -7.69
CA GLN A 21 -8.40 0.42 -8.35
C GLN A 21 -8.57 0.65 -9.85
N ARG A 22 -8.94 1.84 -10.25
CA ARG A 22 -9.07 2.12 -11.71
C ARG A 22 -7.77 1.70 -12.37
N ALA A 23 -6.68 2.14 -11.83
CA ALA A 23 -5.36 1.75 -12.38
C ALA A 23 -5.21 0.23 -12.13
N LEU A 24 -5.40 -0.19 -10.91
CA LEU A 24 -5.31 -1.65 -10.61
C LEU A 24 -6.65 -2.30 -10.94
N SER A 25 -7.00 -2.36 -12.19
CA SER A 25 -8.31 -2.99 -12.58
C SER A 25 -8.05 -4.15 -13.53
N ALA A 26 -6.99 -4.88 -13.31
CA ALA A 26 -6.66 -6.02 -14.21
C ALA A 26 -7.54 -7.23 -13.86
N ASP A 27 -7.80 -8.07 -14.82
CA ASP A 27 -8.64 -9.28 -14.57
C ASP A 27 -7.97 -10.17 -13.52
N ARG A 28 -6.68 -10.03 -13.35
CA ARG A 28 -5.97 -10.88 -12.33
C ARG A 28 -5.77 -10.09 -11.04
N TYR A 29 -6.51 -9.03 -10.86
CA TYR A 29 -6.35 -8.21 -9.61
C TYR A 29 -7.46 -8.48 -8.61
N GLN A 30 -7.10 -8.59 -7.37
CA GLN A 30 -8.12 -8.80 -6.30
C GLN A 30 -8.12 -7.59 -5.39
N LEU A 31 -8.90 -6.60 -5.71
CA LEU A 31 -8.91 -5.36 -4.89
C LEU A 31 -9.91 -5.44 -3.74
N GLN A 32 -9.43 -5.41 -2.52
CA GLN A 32 -10.35 -5.42 -1.35
C GLN A 32 -10.40 -4.01 -0.77
N VAL A 33 -11.56 -3.41 -0.78
CA VAL A 33 -11.65 -2.01 -0.24
C VAL A 33 -11.97 -2.03 1.25
N CYS A 34 -11.18 -1.34 2.03
CA CYS A 34 -11.43 -1.29 3.49
C CYS A 34 -11.93 0.09 3.89
N GLU A 35 -13.15 0.18 4.33
CA GLU A 35 -13.71 1.50 4.72
C GLU A 35 -12.89 2.12 5.86
N SER A 36 -12.30 1.32 6.70
CA SER A 36 -11.49 1.90 7.83
C SER A 36 -10.04 1.41 7.75
N GLY A 37 -9.28 1.63 8.79
CA GLY A 37 -7.86 1.15 8.78
C GLY A 37 -7.83 -0.14 9.58
N GLU A 38 -8.76 -0.30 10.46
CA GLU A 38 -8.84 -1.54 11.27
C GLU A 38 -9.32 -2.66 10.37
N MET A 39 -10.24 -2.36 9.51
CA MET A 39 -10.76 -3.38 8.57
C MET A 39 -9.63 -3.91 7.70
N LEU A 40 -8.73 -3.06 7.30
CA LEU A 40 -7.57 -3.51 6.48
C LEU A 40 -6.74 -4.53 7.27
N LEU A 41 -6.49 -4.25 8.52
CA LEU A 41 -5.68 -5.20 9.33
C LEU A 41 -6.39 -6.55 9.41
N GLU A 42 -7.68 -6.54 9.57
CA GLU A 42 -8.43 -7.83 9.65
C GLU A 42 -8.21 -8.64 8.37
N TYR A 43 -8.28 -7.99 7.23
CA TYR A 43 -8.07 -8.72 5.95
C TYR A 43 -6.64 -9.24 5.86
N ALA A 44 -5.68 -8.40 6.16
CA ALA A 44 -4.26 -8.84 6.09
C ALA A 44 -3.89 -9.70 7.32
N GLN A 45 -4.58 -9.51 8.41
CA GLN A 45 -4.26 -10.30 9.64
C GLN A 45 -4.46 -11.79 9.40
N THR A 46 -5.11 -12.15 8.32
CA THR A 46 -5.35 -13.59 8.06
C THR A 46 -5.00 -13.96 6.62
N HIS A 47 -4.04 -13.28 6.04
CA HIS A 47 -3.66 -13.58 4.62
C HIS A 47 -2.44 -12.76 4.21
N ARG A 48 -1.60 -12.38 5.15
CA ARG A 48 -0.40 -11.54 4.80
C ARG A 48 0.21 -12.05 3.50
N ASP A 49 0.55 -13.31 3.50
CA ASP A 49 1.16 -13.92 2.28
C ASP A 49 0.17 -13.87 1.11
N GLN A 50 -1.09 -13.98 1.39
CA GLN A 50 -2.11 -13.95 0.31
C GLN A 50 -2.24 -12.52 -0.25
N ILE A 51 -1.61 -11.57 0.37
CA ILE A 51 -1.70 -10.18 -0.15
C ILE A 51 -0.51 -9.88 -1.05
N ASP A 52 -0.75 -9.68 -2.31
CA ASP A 52 0.36 -9.41 -3.25
C ASP A 52 0.77 -7.93 -3.22
N CYS A 53 -0.16 -7.05 -2.94
CA CYS A 53 0.19 -5.61 -2.92
C CYS A 53 -0.84 -4.81 -2.10
N LEU A 54 -0.42 -3.83 -1.35
CA LEU A 54 -1.40 -3.04 -0.55
C LEU A 54 -1.40 -1.57 -0.96
N ILE A 55 -2.54 -0.93 -0.99
CA ILE A 55 -2.60 0.51 -1.37
C ILE A 55 -2.89 1.34 -0.13
N LEU A 56 -2.16 2.41 0.09
CA LEU A 56 -2.42 3.22 1.31
C LEU A 56 -2.46 4.71 0.99
N VAL A 57 -3.21 5.44 1.76
CA VAL A 57 -3.32 6.92 1.57
C VAL A 57 -2.63 7.61 2.75
N ALA A 58 -1.62 8.40 2.50
CA ALA A 58 -0.91 9.06 3.63
C ALA A 58 -1.63 10.33 4.08
N ALA A 59 -2.66 10.73 3.39
CA ALA A 59 -3.37 11.96 3.80
C ALA A 59 -4.16 11.72 5.10
N ASN A 60 -4.25 10.48 5.53
CA ASN A 60 -4.99 10.17 6.78
C ASN A 60 -4.09 10.41 8.00
N PRO A 61 -4.73 10.54 9.14
CA PRO A 61 -3.98 10.82 10.39
C PRO A 61 -3.38 9.53 10.98
N SER A 62 -4.19 8.73 11.61
CA SER A 62 -3.66 7.48 12.23
C SER A 62 -3.29 6.44 11.16
N PHE A 63 -3.41 6.78 9.90
CA PHE A 63 -3.05 5.80 8.84
C PHE A 63 -1.68 5.19 9.15
N ARG A 64 -0.71 6.01 9.45
CA ARG A 64 0.65 5.47 9.76
C ARG A 64 0.53 4.40 10.85
N ALA A 65 -0.27 4.64 11.84
CA ALA A 65 -0.45 3.64 12.93
C ALA A 65 -1.00 2.34 12.36
N VAL A 66 -1.90 2.44 11.41
CA VAL A 66 -2.48 1.21 10.80
C VAL A 66 -1.40 0.41 10.10
N VAL A 67 -0.54 1.07 9.36
CA VAL A 67 0.54 0.32 8.66
C VAL A 67 1.50 -0.26 9.70
N GLN A 68 1.78 0.47 10.73
CA GLN A 68 2.69 -0.07 11.78
C GLN A 68 2.11 -1.39 12.27
N GLN A 69 0.81 -1.45 12.41
CA GLN A 69 0.18 -2.72 12.87
C GLN A 69 0.48 -3.83 11.86
N LEU A 70 0.37 -3.53 10.59
CA LEU A 70 0.67 -4.59 9.58
C LEU A 70 2.07 -5.17 9.82
N CYS A 71 3.04 -4.32 10.03
CA CYS A 71 4.42 -4.83 10.29
C CYS A 71 4.46 -5.54 11.65
N PHE A 72 3.80 -5.00 12.64
CA PHE A 72 3.81 -5.65 13.98
C PHE A 72 3.37 -7.11 13.85
N GLU A 73 2.28 -7.35 13.18
CA GLU A 73 1.82 -8.77 13.01
C GLU A 73 2.79 -9.48 12.07
N GLY A 74 3.46 -8.74 11.23
CA GLY A 74 4.42 -9.37 10.28
C GLY A 74 3.87 -9.29 8.86
N VAL A 75 2.86 -8.50 8.64
CA VAL A 75 2.29 -8.39 7.27
C VAL A 75 3.07 -7.36 6.44
N VAL A 76 4.05 -7.80 5.69
CA VAL A 76 4.84 -6.84 4.87
C VAL A 76 4.59 -7.13 3.38
N VAL A 77 4.07 -6.16 2.66
CA VAL A 77 3.77 -6.37 1.21
C VAL A 77 4.22 -5.15 0.40
N PRO A 78 4.26 -5.30 -0.88
CA PRO A 78 4.61 -4.16 -1.75
C PRO A 78 3.49 -3.15 -1.63
N ALA A 79 3.54 -2.35 -0.61
CA ALA A 79 2.45 -1.37 -0.39
C ALA A 79 2.75 -0.05 -1.08
N ILE A 80 1.82 0.44 -1.84
CA ILE A 80 2.02 1.72 -2.55
C ILE A 80 1.34 2.84 -1.75
N VAL A 81 2.07 3.88 -1.43
CA VAL A 81 1.49 4.98 -0.61
C VAL A 81 1.22 6.22 -1.47
N VAL A 82 0.17 6.95 -1.18
CA VAL A 82 -0.16 8.17 -1.98
C VAL A 82 -0.19 9.40 -1.06
N GLY A 83 -0.11 10.57 -1.64
CA GLY A 83 -0.16 11.81 -0.81
C GLY A 83 1.22 12.10 -0.19
N ASP A 84 2.27 11.96 -0.95
CA ASP A 84 3.62 12.26 -0.39
C ASP A 84 4.03 13.68 -0.78
N ARG A 85 4.99 14.25 -0.11
CA ARG A 85 5.42 15.64 -0.46
C ARG A 85 6.67 15.62 -1.33
N ASP A 86 6.98 16.73 -1.95
CA ASP A 86 8.20 16.78 -2.80
C ASP A 86 9.45 17.01 -1.94
N SER A 87 9.26 17.46 -0.73
CA SER A 87 10.43 17.71 0.17
C SER A 87 10.45 16.67 1.30
N GLU A 88 11.55 16.01 1.48
CA GLU A 88 11.66 14.99 2.55
C GLU A 88 11.46 15.62 3.93
N ASP A 89 11.81 16.87 4.08
CA ASP A 89 11.66 17.54 5.39
C ASP A 89 12.54 16.83 6.43
N PRO A 90 12.93 17.58 7.44
CA PRO A 90 13.79 17.04 8.51
C PRO A 90 13.00 16.16 9.48
N ASP A 91 11.75 16.46 9.69
CA ASP A 91 10.94 15.64 10.64
C ASP A 91 9.87 14.82 9.90
N GLU A 92 10.01 14.63 8.63
CA GLU A 92 8.99 13.83 7.89
C GLU A 92 9.64 12.68 7.12
N PRO A 93 10.03 11.67 7.86
CA PRO A 93 10.66 10.49 7.23
C PRO A 93 9.59 9.61 6.56
N ALA A 94 8.82 10.17 5.67
CA ALA A 94 7.78 9.36 4.99
C ALA A 94 8.41 8.10 4.37
N LYS A 95 9.61 8.22 3.89
CA LYS A 95 10.30 7.05 3.28
C LYS A 95 10.46 5.93 4.31
N GLU A 96 10.59 6.29 5.56
CA GLU A 96 10.76 5.25 6.61
C GLU A 96 9.79 5.50 7.77
N GLN A 97 8.55 5.13 7.60
CA GLN A 97 7.55 5.35 8.69
C GLN A 97 6.15 4.95 8.21
N LEU A 98 5.80 5.31 7.00
CA LEU A 98 4.46 4.94 6.47
C LEU A 98 4.35 3.43 6.42
N TYR A 99 5.43 2.78 6.07
CA TYR A 99 5.44 1.30 6.00
C TYR A 99 6.89 0.79 5.98
N HIS A 100 7.23 -0.16 5.14
CA HIS A 100 8.63 -0.64 5.11
C HIS A 100 9.46 0.15 4.09
N SER A 101 10.72 -0.17 3.94
CA SER A 101 11.58 0.59 2.97
C SER A 101 11.36 0.10 1.54
N ALA A 102 10.38 -0.72 1.32
CA ALA A 102 10.12 -1.23 -0.06
C ALA A 102 8.83 -0.63 -0.64
N GLU A 103 7.89 -0.27 0.19
CA GLU A 103 6.62 0.31 -0.34
C GLU A 103 6.93 1.41 -1.35
N LEU A 104 6.18 1.47 -2.42
CA LEU A 104 6.42 2.54 -3.44
C LEU A 104 5.48 3.71 -3.18
N HIS A 105 5.85 4.89 -3.55
CA HIS A 105 4.96 6.07 -3.31
C HIS A 105 4.30 6.49 -4.62
N LEU A 106 3.10 7.01 -4.54
CA LEU A 106 2.39 7.44 -5.77
C LEU A 106 1.85 8.87 -5.59
N GLY A 107 2.16 9.74 -6.52
CA GLY A 107 1.68 11.14 -6.40
C GLY A 107 0.14 11.16 -6.44
N ILE A 108 -0.47 12.02 -5.67
CA ILE A 108 -1.95 12.08 -5.65
C ILE A 108 -2.50 12.28 -7.07
N HIS A 109 -1.87 13.10 -7.85
CA HIS A 109 -2.37 13.35 -9.23
C HIS A 109 -1.85 12.27 -10.17
N GLN A 110 -1.08 11.35 -9.67
CA GLN A 110 -0.53 10.27 -10.54
C GLN A 110 -1.29 8.97 -10.35
N LEU A 111 -2.54 9.05 -9.96
CA LEU A 111 -3.32 7.80 -9.76
C LEU A 111 -3.54 7.11 -11.10
N GLU A 112 -2.77 6.08 -11.33
CA GLU A 112 -2.87 5.32 -12.60
C GLU A 112 -1.65 4.38 -12.71
N GLN A 113 -0.58 4.73 -12.04
CA GLN A 113 0.64 3.88 -12.09
C GLN A 113 0.53 2.71 -11.10
N LEU A 114 -0.54 2.65 -10.35
CA LEU A 114 -0.68 1.54 -9.37
C LEU A 114 -0.38 0.18 -10.03
N PRO A 115 -0.90 -0.06 -11.21
CA PRO A 115 -0.63 -1.36 -11.87
C PRO A 115 0.87 -1.47 -12.18
N TYR A 116 1.40 -0.51 -12.90
CA TYR A 116 2.86 -0.54 -13.18
C TYR A 116 3.61 -0.46 -11.84
N GLN A 117 3.08 0.29 -10.92
CA GLN A 117 3.70 0.40 -9.57
C GLN A 117 3.57 -0.93 -8.85
N VAL A 118 2.44 -1.58 -9.02
CA VAL A 118 2.22 -2.90 -8.37
C VAL A 118 3.27 -3.90 -8.86
N ASP A 119 3.41 -4.03 -10.14
CA ASP A 119 4.43 -4.98 -10.67
C ASP A 119 5.82 -4.53 -10.22
N ALA A 120 6.06 -3.25 -10.24
CA ALA A 120 7.39 -2.74 -9.78
C ALA A 120 7.49 -2.90 -8.26
N ALA A 121 6.41 -2.64 -7.56
CA ALA A 121 6.43 -2.79 -6.08
C ALA A 121 6.73 -4.25 -5.70
N LEU A 122 6.29 -5.18 -6.52
CA LEU A 122 6.56 -6.61 -6.21
C LEU A 122 8.06 -6.89 -6.37
N ALA A 123 8.60 -6.64 -7.53
CA ALA A 123 10.06 -6.88 -7.72
C ALA A 123 10.84 -5.98 -6.76
N GLU A 124 10.34 -4.80 -6.51
CA GLU A 124 11.04 -3.89 -5.56
C GLU A 124 10.93 -4.46 -4.15
N PHE A 125 9.77 -4.93 -3.79
CA PHE A 125 9.58 -5.52 -2.43
C PHE A 125 10.34 -6.84 -2.35
N LEU A 126 10.40 -7.57 -3.42
CA LEU A 126 11.12 -8.88 -3.40
C LEU A 126 12.62 -8.65 -3.27
N ARG A 127 13.17 -7.74 -4.02
CA ARG A 127 14.64 -7.48 -3.90
C ARG A 127 14.96 -6.99 -2.50
N LEU A 128 13.97 -6.48 -1.82
CA LEU A 128 14.18 -5.96 -0.44
C LEU A 128 13.53 -6.88 0.59
N ALA A 129 12.92 -7.95 0.15
CA ALA A 129 12.28 -8.89 1.12
C ALA A 129 13.33 -9.86 1.68
N PRO A 130 13.32 -10.05 2.98
CA PRO A 130 12.36 -9.36 3.87
C PRO A 130 12.78 -7.90 4.10
N VAL A 131 11.97 -6.96 3.72
CA VAL A 131 12.33 -5.53 3.93
C VAL A 131 12.48 -5.24 5.43
N GLU A 132 13.02 -4.10 5.78
CA GLU A 132 13.20 -3.78 7.22
C GLU A 132 12.02 -2.95 7.74
N THR A 133 11.07 -3.58 8.38
CA THR A 133 9.90 -2.83 8.92
C THR A 133 10.22 -2.30 10.32
N MET A 134 10.24 -1.01 10.49
CA MET A 134 10.56 -0.43 11.84
C MET A 134 9.27 -0.02 12.57
N ALA A 135 8.15 -0.57 12.18
CA ALA A 135 6.88 -0.18 12.86
C ALA A 135 7.02 -0.28 14.37
N MET A 1 0.92 -18.40 -11.02
CA MET A 1 0.91 -17.30 -10.00
C MET A 1 0.45 -15.99 -10.65
N LEU A 2 0.87 -15.72 -11.85
CA LEU A 2 0.45 -14.46 -12.53
C LEU A 2 -1.05 -14.47 -12.79
N SER A 3 -1.69 -15.60 -12.63
CA SER A 3 -3.16 -15.66 -12.88
C SER A 3 -3.86 -14.44 -12.27
N GLN A 4 -3.76 -14.27 -10.99
CA GLN A 4 -4.42 -13.11 -10.35
C GLN A 4 -3.57 -12.54 -9.20
N ILE A 5 -3.77 -11.30 -8.88
CA ILE A 5 -2.99 -10.64 -7.79
C ILE A 5 -3.93 -10.15 -6.68
N ALA A 6 -3.58 -10.38 -5.43
CA ALA A 6 -4.45 -9.92 -4.32
C ALA A 6 -3.97 -8.57 -3.80
N ILE A 7 -4.76 -7.55 -3.93
CA ILE A 7 -4.34 -6.21 -3.43
C ILE A 7 -5.31 -5.70 -2.38
N CYS A 8 -4.82 -5.36 -1.23
CA CYS A 8 -5.72 -4.85 -0.16
C CYS A 8 -5.61 -3.34 -0.09
N ILE A 9 -6.59 -2.63 -0.51
CA ILE A 9 -6.48 -1.15 -0.48
C ILE A 9 -7.27 -0.58 0.69
N TRP A 10 -6.73 0.42 1.34
CA TRP A 10 -7.47 1.04 2.46
C TRP A 10 -7.68 2.52 2.14
N VAL A 11 -8.89 2.90 1.87
CA VAL A 11 -9.14 4.31 1.52
C VAL A 11 -10.55 4.71 1.97
N GLU A 12 -10.68 5.82 2.66
CA GLU A 12 -12.03 6.24 3.12
C GLU A 12 -12.72 7.11 2.06
N SER A 13 -12.17 7.20 0.89
CA SER A 13 -12.79 8.02 -0.17
C SER A 13 -13.10 7.18 -1.40
N THR A 14 -14.23 7.37 -2.02
CA THR A 14 -14.56 6.57 -3.22
C THR A 14 -13.71 7.02 -4.41
N ALA A 15 -13.63 8.30 -4.65
CA ALA A 15 -12.81 8.78 -5.79
C ALA A 15 -11.40 8.17 -5.67
N ILE A 16 -10.82 8.23 -4.50
CA ILE A 16 -9.48 7.62 -4.31
C ILE A 16 -9.60 6.10 -4.45
N LEU A 17 -10.62 5.54 -3.86
CA LEU A 17 -10.82 4.06 -3.97
C LEU A 17 -10.96 3.69 -5.44
N GLN A 18 -11.68 4.47 -6.18
CA GLN A 18 -11.86 4.17 -7.63
C GLN A 18 -10.54 4.39 -8.38
N ASP A 19 -9.89 5.50 -8.13
CA ASP A 19 -8.60 5.77 -8.83
C ASP A 19 -7.58 4.68 -8.53
N CYS A 20 -7.52 4.25 -7.30
CA CYS A 20 -6.54 3.19 -6.93
C CYS A 20 -6.87 1.87 -7.64
N GLN A 21 -8.13 1.54 -7.77
CA GLN A 21 -8.49 0.27 -8.45
C GLN A 21 -8.59 0.50 -9.96
N ARG A 22 -9.02 1.68 -10.36
CA ARG A 22 -9.13 1.93 -11.83
C ARG A 22 -7.79 1.61 -12.48
N ALA A 23 -6.73 2.16 -11.98
CA ALA A 23 -5.41 1.84 -12.57
C ALA A 23 -5.19 0.33 -12.38
N LEU A 24 -5.42 -0.16 -11.19
CA LEU A 24 -5.29 -1.63 -10.95
C LEU A 24 -6.60 -2.30 -11.37
N SER A 25 -6.92 -2.26 -12.64
CA SER A 25 -8.19 -2.86 -13.12
C SER A 25 -7.93 -4.19 -13.84
N ALA A 26 -6.69 -4.52 -14.05
CA ALA A 26 -6.36 -5.80 -14.75
C ALA A 26 -7.32 -6.90 -14.28
N ASP A 27 -7.77 -7.73 -15.17
CA ASP A 27 -8.72 -8.81 -14.78
C ASP A 27 -8.07 -9.73 -13.75
N ARG A 28 -6.79 -9.63 -13.57
CA ARG A 28 -6.10 -10.50 -12.59
C ARG A 28 -5.93 -9.76 -11.26
N TYR A 29 -6.58 -8.64 -11.10
CA TYR A 29 -6.41 -7.88 -9.82
C TYR A 29 -7.55 -8.17 -8.85
N GLN A 30 -7.21 -8.49 -7.64
CA GLN A 30 -8.25 -8.76 -6.61
C GLN A 30 -8.13 -7.70 -5.52
N LEU A 31 -8.75 -6.56 -5.72
CA LEU A 31 -8.62 -5.49 -4.71
C LEU A 31 -9.72 -5.55 -3.65
N GLN A 32 -9.32 -5.64 -2.41
CA GLN A 32 -10.32 -5.67 -1.30
C GLN A 32 -10.35 -4.28 -0.67
N VAL A 33 -11.46 -3.60 -0.72
CA VAL A 33 -11.49 -2.23 -0.14
C VAL A 33 -11.89 -2.24 1.34
N CYS A 34 -11.08 -1.62 2.16
CA CYS A 34 -11.40 -1.57 3.61
C CYS A 34 -11.82 -0.14 3.99
N GLU A 35 -13.02 0.04 4.45
CA GLU A 35 -13.50 1.41 4.80
C GLU A 35 -12.60 2.05 5.86
N SER A 36 -12.17 1.30 6.83
CA SER A 36 -11.31 1.90 7.89
C SER A 36 -9.88 1.39 7.76
N GLY A 37 -9.05 1.63 8.74
CA GLY A 37 -7.65 1.15 8.67
C GLY A 37 -7.59 -0.15 9.46
N GLU A 38 -8.45 -0.27 10.42
CA GLU A 38 -8.51 -1.50 11.23
C GLU A 38 -9.07 -2.62 10.37
N MET A 39 -9.91 -2.28 9.43
CA MET A 39 -10.48 -3.30 8.53
C MET A 39 -9.38 -3.87 7.63
N LEU A 40 -8.43 -3.05 7.22
CA LEU A 40 -7.32 -3.57 6.37
C LEU A 40 -6.53 -4.61 7.16
N LEU A 41 -6.23 -4.30 8.39
CA LEU A 41 -5.47 -5.26 9.24
C LEU A 41 -6.22 -6.58 9.32
N GLU A 42 -7.49 -6.55 9.60
CA GLU A 42 -8.25 -7.83 9.69
C GLU A 42 -8.10 -8.62 8.38
N TYR A 43 -8.13 -7.95 7.26
CA TYR A 43 -7.98 -8.70 5.97
C TYR A 43 -6.54 -9.21 5.83
N ALA A 44 -5.58 -8.45 6.27
CA ALA A 44 -4.16 -8.89 6.14
C ALA A 44 -3.75 -9.73 7.36
N GLN A 45 -4.44 -9.58 8.45
CA GLN A 45 -4.09 -10.36 9.68
C GLN A 45 -4.33 -11.85 9.47
N THR A 46 -4.98 -12.23 8.40
CA THR A 46 -5.26 -13.67 8.19
C THR A 46 -4.89 -14.11 6.76
N HIS A 47 -4.06 -13.36 6.10
CA HIS A 47 -3.66 -13.75 4.71
C HIS A 47 -2.52 -12.86 4.21
N ARG A 48 -1.57 -12.53 5.05
CA ARG A 48 -0.44 -11.66 4.59
C ARG A 48 0.20 -12.28 3.35
N ASP A 49 0.61 -13.51 3.47
CA ASP A 49 1.26 -14.20 2.33
C ASP A 49 0.32 -14.25 1.13
N GLN A 50 -0.94 -14.08 1.34
CA GLN A 50 -1.90 -14.14 0.20
C GLN A 50 -2.08 -12.75 -0.43
N ILE A 51 -1.74 -11.69 0.26
CA ILE A 51 -1.87 -10.33 -0.33
C ILE A 51 -0.68 -10.06 -1.26
N ASP A 52 -0.93 -9.58 -2.44
CA ASP A 52 0.18 -9.32 -3.39
C ASP A 52 0.59 -7.84 -3.42
N CYS A 53 -0.28 -6.95 -2.99
CA CYS A 53 0.08 -5.51 -3.00
C CYS A 53 -0.85 -4.73 -2.07
N LEU A 54 -0.31 -3.93 -1.18
CA LEU A 54 -1.20 -3.16 -0.25
C LEU A 54 -1.29 -1.69 -0.69
N ILE A 55 -2.49 -1.15 -0.81
CA ILE A 55 -2.59 0.28 -1.21
C ILE A 55 -2.89 1.14 0.01
N LEU A 56 -2.24 2.25 0.13
CA LEU A 56 -2.49 3.10 1.31
C LEU A 56 -2.50 4.58 0.93
N VAL A 57 -3.10 5.40 1.76
CA VAL A 57 -3.17 6.86 1.46
C VAL A 57 -2.66 7.67 2.65
N ALA A 58 -1.62 8.43 2.47
CA ALA A 58 -1.09 9.25 3.59
C ALA A 58 -2.14 10.27 4.06
N ALA A 59 -3.03 10.66 3.19
CA ALA A 59 -4.08 11.66 3.56
C ALA A 59 -4.76 11.27 4.88
N ASN A 60 -4.73 10.02 5.23
CA ASN A 60 -5.41 9.58 6.48
C ASN A 60 -4.62 10.00 7.73
N PRO A 61 -5.35 10.11 8.82
CA PRO A 61 -4.76 10.51 10.13
C PRO A 61 -4.00 9.34 10.79
N SER A 62 -4.71 8.36 11.28
CA SER A 62 -4.04 7.20 11.94
C SER A 62 -3.37 6.29 10.92
N PHE A 63 -3.35 6.69 9.68
CA PHE A 63 -2.71 5.85 8.62
C PHE A 63 -1.36 5.34 9.11
N ARG A 64 -0.50 6.21 9.55
CA ARG A 64 0.83 5.75 10.03
C ARG A 64 0.63 4.61 11.01
N ALA A 65 -0.25 4.81 11.94
CA ALA A 65 -0.54 3.74 12.94
C ALA A 65 -1.06 2.49 12.25
N VAL A 66 -1.97 2.64 11.33
CA VAL A 66 -2.50 1.43 10.63
C VAL A 66 -1.36 0.75 9.86
N VAL A 67 -0.47 1.51 9.27
CA VAL A 67 0.66 0.88 8.53
C VAL A 67 1.63 0.22 9.51
N GLN A 68 2.10 0.95 10.50
CA GLN A 68 3.03 0.33 11.47
C GLN A 68 2.31 -0.84 12.14
N GLN A 69 1.01 -0.81 12.18
CA GLN A 69 0.26 -1.94 12.79
C GLN A 69 0.52 -3.20 11.95
N LEU A 70 0.46 -3.08 10.65
CA LEU A 70 0.74 -4.27 9.79
C LEU A 70 2.15 -4.75 10.12
N CYS A 71 3.07 -3.83 10.19
CA CYS A 71 4.48 -4.19 10.55
C CYS A 71 4.51 -4.79 11.95
N PHE A 72 3.78 -4.20 12.87
CA PHE A 72 3.75 -4.71 14.27
C PHE A 72 3.42 -6.21 14.28
N GLU A 73 2.37 -6.58 13.61
CA GLU A 73 2.00 -8.02 13.56
C GLU A 73 3.00 -8.75 12.67
N GLY A 74 3.63 -8.04 11.78
CA GLY A 74 4.61 -8.67 10.88
C GLY A 74 4.03 -8.72 9.47
N VAL A 75 2.97 -8.01 9.23
CA VAL A 75 2.36 -8.03 7.86
C VAL A 75 3.15 -7.11 6.94
N VAL A 76 3.99 -7.65 6.11
CA VAL A 76 4.78 -6.80 5.18
C VAL A 76 4.47 -7.15 3.73
N VAL A 77 4.14 -6.17 2.93
CA VAL A 77 3.81 -6.43 1.50
C VAL A 77 4.27 -5.27 0.62
N PRO A 78 4.29 -5.51 -0.67
CA PRO A 78 4.66 -4.44 -1.62
C PRO A 78 3.56 -3.39 -1.59
N ALA A 79 3.65 -2.50 -0.65
CA ALA A 79 2.58 -1.48 -0.47
C ALA A 79 2.89 -0.17 -1.22
N ILE A 80 1.92 0.33 -1.94
CA ILE A 80 2.12 1.62 -2.67
C ILE A 80 1.51 2.75 -1.83
N VAL A 81 2.28 3.76 -1.53
CA VAL A 81 1.74 4.87 -0.68
C VAL A 81 1.38 6.09 -1.52
N VAL A 82 0.31 6.74 -1.19
CA VAL A 82 -0.12 7.94 -1.96
C VAL A 82 0.03 9.21 -1.14
N GLY A 83 0.49 10.28 -1.75
CA GLY A 83 0.64 11.56 -1.01
C GLY A 83 1.84 11.50 -0.07
N ASP A 84 3.02 11.72 -0.57
CA ASP A 84 4.23 11.71 0.30
C ASP A 84 5.08 12.96 0.03
N ARG A 85 5.05 13.91 0.93
CA ARG A 85 5.86 15.14 0.71
C ARG A 85 7.24 15.01 1.34
N ASP A 86 8.00 16.07 1.34
CA ASP A 86 9.35 16.02 1.93
C ASP A 86 9.36 16.76 3.27
N SER A 87 10.38 17.52 3.54
CA SER A 87 10.44 18.27 4.83
C SER A 87 10.14 17.34 6.00
N GLU A 88 11.14 16.84 6.65
CA GLU A 88 10.89 15.92 7.80
C GLU A 88 10.42 16.75 9.01
N ASP A 89 9.34 17.45 8.86
CA ASP A 89 8.81 18.27 9.99
C ASP A 89 7.82 17.44 10.83
N PRO A 90 7.46 17.98 11.96
CA PRO A 90 6.52 17.28 12.87
C PRO A 90 5.10 17.33 12.29
N ASP A 91 4.67 18.48 11.87
CA ASP A 91 3.31 18.60 11.30
C ASP A 91 3.23 17.81 9.98
N GLU A 92 4.33 17.62 9.31
CA GLU A 92 4.32 16.85 8.04
C GLU A 92 5.21 15.61 8.17
N PRO A 93 4.68 14.60 8.82
CA PRO A 93 5.44 13.34 9.02
C PRO A 93 5.44 12.50 7.75
N ALA A 94 5.91 13.05 6.66
CA ALA A 94 5.92 12.28 5.39
C ALA A 94 7.23 11.48 5.23
N LYS A 95 7.80 11.04 6.31
CA LYS A 95 9.06 10.25 6.21
C LYS A 95 8.82 8.94 5.45
N GLU A 96 9.87 8.27 5.08
CA GLU A 96 9.72 6.99 4.32
C GLU A 96 9.39 5.84 5.28
N GLN A 97 9.33 6.11 6.56
CA GLN A 97 9.00 5.02 7.53
C GLN A 97 7.49 4.83 7.63
N LEU A 98 6.74 5.32 6.66
CA LEU A 98 5.28 5.12 6.70
C LEU A 98 5.03 3.63 6.76
N TYR A 99 5.78 2.91 6.00
CA TYR A 99 5.66 1.44 5.98
C TYR A 99 7.06 0.81 6.00
N HIS A 100 7.37 -0.07 5.10
CA HIS A 100 8.74 -0.66 5.09
C HIS A 100 9.62 0.08 4.09
N SER A 101 10.80 -0.43 3.85
CA SER A 101 11.72 0.25 2.89
C SER A 101 11.45 -0.24 1.46
N ALA A 102 10.39 -0.98 1.26
CA ALA A 102 10.09 -1.49 -0.11
C ALA A 102 8.79 -0.90 -0.65
N GLU A 103 7.91 -0.42 0.21
CA GLU A 103 6.63 0.16 -0.30
C GLU A 103 6.91 1.23 -1.35
N LEU A 104 6.20 1.20 -2.45
CA LEU A 104 6.42 2.22 -3.50
C LEU A 104 5.62 3.47 -3.16
N HIS A 105 6.00 4.60 -3.68
CA HIS A 105 5.26 5.86 -3.38
C HIS A 105 4.58 6.37 -4.64
N LEU A 106 3.40 6.91 -4.51
CA LEU A 106 2.70 7.45 -5.71
C LEU A 106 2.10 8.82 -5.37
N GLY A 107 2.21 9.74 -6.27
CA GLY A 107 1.66 11.11 -6.01
C GLY A 107 0.14 11.06 -5.99
N ILE A 108 -0.49 11.88 -5.20
CA ILE A 108 -1.96 11.89 -5.14
C ILE A 108 -2.51 12.20 -6.54
N HIS A 109 -1.85 13.07 -7.25
CA HIS A 109 -2.31 13.40 -8.63
C HIS A 109 -1.77 12.36 -9.62
N GLN A 110 -1.12 11.35 -9.13
CA GLN A 110 -0.57 10.31 -10.04
C GLN A 110 -1.36 9.00 -9.90
N LEU A 111 -2.60 9.06 -9.50
CA LEU A 111 -3.36 7.80 -9.34
C LEU A 111 -3.64 7.20 -10.72
N GLU A 112 -2.83 6.26 -11.10
CA GLU A 112 -2.96 5.59 -12.42
C GLU A 112 -1.75 4.67 -12.61
N GLN A 113 -0.65 5.02 -11.99
CA GLN A 113 0.58 4.20 -12.10
C GLN A 113 0.52 3.01 -11.14
N LEU A 114 -0.54 2.89 -10.39
CA LEU A 114 -0.69 1.77 -9.42
C LEU A 114 -0.36 0.40 -10.05
N PRO A 115 -0.86 0.15 -11.24
CA PRO A 115 -0.56 -1.16 -11.88
C PRO A 115 0.94 -1.24 -12.17
N TYR A 116 1.45 -0.35 -12.97
CA TYR A 116 2.91 -0.38 -13.24
C TYR A 116 3.65 -0.25 -11.91
N GLN A 117 3.04 0.43 -10.95
CA GLN A 117 3.68 0.57 -9.61
C GLN A 117 3.55 -0.76 -8.87
N VAL A 118 2.42 -1.40 -9.00
CA VAL A 118 2.22 -2.70 -8.33
C VAL A 118 3.31 -3.66 -8.82
N ASP A 119 3.53 -3.72 -10.11
CA ASP A 119 4.60 -4.60 -10.64
C ASP A 119 5.94 -4.13 -10.07
N ALA A 120 6.23 -2.86 -10.21
CA ALA A 120 7.50 -2.33 -9.66
C ALA A 120 7.54 -2.58 -8.16
N ALA A 121 6.43 -2.39 -7.49
CA ALA A 121 6.40 -2.64 -6.03
C ALA A 121 6.65 -4.12 -5.76
N LEU A 122 6.00 -4.99 -6.48
CA LEU A 122 6.22 -6.44 -6.27
C LEU A 122 7.71 -6.75 -6.40
N ALA A 123 8.32 -6.32 -7.47
CA ALA A 123 9.76 -6.59 -7.65
C ALA A 123 10.54 -5.86 -6.54
N GLU A 124 10.21 -4.63 -6.28
CA GLU A 124 10.93 -3.88 -5.21
C GLU A 124 10.74 -4.59 -3.86
N PHE A 125 9.58 -5.14 -3.60
CA PHE A 125 9.37 -5.82 -2.30
C PHE A 125 10.07 -7.19 -2.29
N LEU A 126 9.99 -7.93 -3.36
CA LEU A 126 10.65 -9.27 -3.39
C LEU A 126 12.17 -9.11 -3.25
N ARG A 127 12.77 -8.33 -4.10
CA ARG A 127 14.24 -8.13 -3.99
C ARG A 127 14.60 -7.55 -2.63
N LEU A 128 13.68 -6.88 -2.02
CA LEU A 128 13.95 -6.26 -0.69
C LEU A 128 13.38 -7.14 0.44
N ALA A 129 12.56 -8.10 0.11
CA ALA A 129 12.00 -8.98 1.17
C ALA A 129 13.05 -10.02 1.58
N PRO A 130 13.15 -10.28 2.86
CA PRO A 130 12.28 -9.60 3.86
C PRO A 130 12.74 -8.15 4.12
N VAL A 131 11.89 -7.19 3.86
CA VAL A 131 12.27 -5.77 4.11
C VAL A 131 12.12 -5.46 5.61
N GLU A 132 12.79 -4.45 6.09
CA GLU A 132 12.69 -4.10 7.54
C GLU A 132 11.41 -3.30 7.81
N THR A 133 10.56 -3.81 8.68
CA THR A 133 9.31 -3.07 9.01
C THR A 133 9.36 -2.54 10.45
N MET A 134 10.14 -1.52 10.69
CA MET A 134 10.24 -0.97 12.07
C MET A 134 8.92 -0.28 12.47
N ALA A 135 8.01 -0.13 11.55
CA ALA A 135 6.72 0.53 11.87
C ALA A 135 6.93 2.02 12.15
N MET A 1 3.38 -18.24 -13.87
CA MET A 1 2.15 -17.59 -14.38
C MET A 1 1.17 -17.32 -13.23
N LEU A 2 1.18 -16.14 -12.70
CA LEU A 2 0.24 -15.82 -11.59
C LEU A 2 -1.19 -15.79 -12.12
N SER A 3 -2.11 -16.39 -11.41
CA SER A 3 -3.53 -16.36 -11.89
C SER A 3 -4.10 -14.97 -11.66
N GLN A 4 -3.96 -14.46 -10.48
CA GLN A 4 -4.48 -13.10 -10.18
C GLN A 4 -3.69 -12.48 -9.04
N ILE A 5 -3.68 -11.19 -8.97
CA ILE A 5 -2.93 -10.49 -7.89
C ILE A 5 -3.87 -10.13 -6.75
N ALA A 6 -3.42 -10.30 -5.53
CA ALA A 6 -4.29 -9.95 -4.38
C ALA A 6 -3.85 -8.60 -3.81
N ILE A 7 -4.65 -7.60 -4.02
CA ILE A 7 -4.29 -6.24 -3.53
C ILE A 7 -5.30 -5.78 -2.48
N CYS A 8 -4.84 -5.12 -1.47
CA CYS A 8 -5.78 -4.63 -0.42
C CYS A 8 -5.62 -3.12 -0.28
N ILE A 9 -6.61 -2.36 -0.64
CA ILE A 9 -6.44 -0.89 -0.52
C ILE A 9 -7.20 -0.36 0.68
N TRP A 10 -6.70 0.67 1.28
CA TRP A 10 -7.39 1.28 2.45
C TRP A 10 -7.64 2.75 2.15
N VAL A 11 -8.82 3.07 1.69
CA VAL A 11 -9.12 4.49 1.35
C VAL A 11 -10.53 4.86 1.82
N GLU A 12 -10.72 6.04 2.33
CA GLU A 12 -12.07 6.45 2.83
C GLU A 12 -12.82 7.27 1.77
N SER A 13 -12.15 7.68 0.73
CA SER A 13 -12.85 8.47 -0.33
C SER A 13 -13.18 7.54 -1.50
N THR A 14 -14.43 7.31 -1.77
CA THR A 14 -14.74 6.39 -2.88
C THR A 14 -14.04 6.87 -4.16
N ALA A 15 -13.95 8.17 -4.35
CA ALA A 15 -13.24 8.69 -5.56
C ALA A 15 -11.81 8.15 -5.59
N ILE A 16 -11.13 8.25 -4.48
CA ILE A 16 -9.74 7.72 -4.40
C ILE A 16 -9.79 6.21 -4.57
N LEU A 17 -10.70 5.57 -3.89
CA LEU A 17 -10.84 4.10 -4.03
C LEU A 17 -11.14 3.78 -5.49
N GLN A 18 -12.05 4.50 -6.08
CA GLN A 18 -12.36 4.27 -7.51
C GLN A 18 -11.14 4.60 -8.37
N ASP A 19 -10.55 5.75 -8.14
CA ASP A 19 -9.34 6.11 -8.94
C ASP A 19 -8.22 5.10 -8.68
N CYS A 20 -8.02 4.72 -7.45
CA CYS A 20 -6.94 3.75 -7.13
C CYS A 20 -7.27 2.38 -7.74
N GLN A 21 -8.47 1.90 -7.57
CA GLN A 21 -8.81 0.57 -8.17
C GLN A 21 -8.94 0.73 -9.68
N ARG A 22 -9.31 1.88 -10.15
CA ARG A 22 -9.43 2.06 -11.62
C ARG A 22 -8.11 1.68 -12.28
N ALA A 23 -7.02 2.27 -11.85
CA ALA A 23 -5.71 1.90 -12.45
C ALA A 23 -5.48 0.41 -12.25
N LEU A 24 -5.64 -0.06 -11.03
CA LEU A 24 -5.46 -1.50 -10.75
C LEU A 24 -6.74 -2.25 -11.13
N SER A 25 -7.08 -2.24 -12.39
CA SER A 25 -8.31 -2.93 -12.85
C SER A 25 -7.93 -4.19 -13.63
N ALA A 26 -6.66 -4.38 -13.86
CA ALA A 26 -6.20 -5.57 -14.62
C ALA A 26 -7.03 -6.81 -14.26
N ASP A 27 -7.46 -7.53 -15.25
CA ASP A 27 -8.29 -8.74 -15.00
C ASP A 27 -7.66 -9.60 -13.90
N ARG A 28 -6.39 -9.46 -13.65
CA ARG A 28 -5.76 -10.30 -12.58
C ARG A 28 -5.61 -9.50 -11.29
N TYR A 29 -6.48 -8.57 -11.02
CA TYR A 29 -6.36 -7.81 -9.74
C TYR A 29 -7.50 -8.15 -8.79
N GLN A 30 -7.16 -8.44 -7.57
CA GLN A 30 -8.20 -8.76 -6.56
C GLN A 30 -8.07 -7.75 -5.42
N LEU A 31 -8.52 -6.54 -5.67
CA LEU A 31 -8.39 -5.49 -4.64
C LEU A 31 -9.41 -5.67 -3.52
N GLN A 32 -8.98 -5.68 -2.29
CA GLN A 32 -9.95 -5.80 -1.18
C GLN A 32 -10.13 -4.41 -0.57
N VAL A 33 -11.29 -3.84 -0.71
CA VAL A 33 -11.51 -2.47 -0.18
C VAL A 33 -11.84 -2.49 1.31
N CYS A 34 -11.11 -1.75 2.09
CA CYS A 34 -11.41 -1.71 3.54
C CYS A 34 -11.92 -0.32 3.91
N GLU A 35 -13.13 -0.23 4.38
CA GLU A 35 -13.70 1.09 4.75
C GLU A 35 -12.85 1.76 5.83
N SER A 36 -12.27 0.98 6.71
CA SER A 36 -11.44 1.59 7.78
C SER A 36 -10.02 1.03 7.68
N GLY A 37 -9.19 1.29 8.66
CA GLY A 37 -7.80 0.75 8.62
C GLY A 37 -7.79 -0.51 9.46
N GLU A 38 -8.61 -0.52 10.47
CA GLU A 38 -8.73 -1.70 11.35
C GLU A 38 -9.27 -2.84 10.50
N MET A 39 -10.20 -2.53 9.64
CA MET A 39 -10.75 -3.56 8.74
C MET A 39 -9.62 -4.08 7.84
N LEU A 40 -8.76 -3.18 7.42
CA LEU A 40 -7.61 -3.58 6.56
C LEU A 40 -6.74 -4.57 7.33
N LEU A 41 -6.41 -4.26 8.55
CA LEU A 41 -5.56 -5.17 9.35
C LEU A 41 -6.17 -6.57 9.39
N GLU A 42 -7.46 -6.66 9.52
CA GLU A 42 -8.10 -8.00 9.56
C GLU A 42 -7.80 -8.75 8.26
N TYR A 43 -7.95 -8.09 7.14
CA TYR A 43 -7.66 -8.78 5.86
C TYR A 43 -6.19 -9.23 5.86
N ALA A 44 -5.31 -8.37 6.28
CA ALA A 44 -3.87 -8.73 6.31
C ALA A 44 -3.57 -9.63 7.52
N GLN A 45 -4.47 -9.71 8.47
CA GLN A 45 -4.23 -10.58 9.66
C GLN A 45 -4.47 -12.04 9.30
N THR A 46 -5.04 -12.28 8.16
CA THR A 46 -5.29 -13.70 7.76
C THR A 46 -4.70 -13.95 6.38
N HIS A 47 -4.06 -12.94 5.83
CA HIS A 47 -3.44 -13.07 4.49
C HIS A 47 -2.33 -12.03 4.37
N ARG A 48 -1.14 -12.34 4.84
CA ARG A 48 -0.04 -11.32 4.76
C ARG A 48 0.81 -11.55 3.52
N ASP A 49 1.35 -12.71 3.39
CA ASP A 49 2.21 -13.02 2.21
C ASP A 49 1.34 -13.27 0.97
N GLN A 50 0.17 -13.81 1.16
CA GLN A 50 -0.74 -14.06 0.01
C GLN A 50 -1.08 -12.74 -0.69
N ILE A 51 -0.98 -11.64 0.00
CA ILE A 51 -1.29 -10.33 -0.65
C ILE A 51 -0.24 -10.02 -1.70
N ASP A 52 -0.63 -9.43 -2.78
CA ASP A 52 0.35 -9.10 -3.85
C ASP A 52 0.61 -7.59 -3.90
N CYS A 53 -0.19 -6.80 -3.25
CA CYS A 53 0.04 -5.34 -3.28
C CYS A 53 -0.98 -4.59 -2.42
N LEU A 54 -0.57 -4.01 -1.32
CA LEU A 54 -1.55 -3.27 -0.47
C LEU A 54 -1.50 -1.78 -0.84
N ILE A 55 -2.63 -1.13 -0.91
CA ILE A 55 -2.61 0.32 -1.25
C ILE A 55 -2.85 1.16 -0.01
N LEU A 56 -2.17 2.26 0.10
CA LEU A 56 -2.36 3.12 1.30
C LEU A 56 -2.34 4.59 0.92
N VAL A 57 -3.00 5.40 1.70
CA VAL A 57 -3.03 6.85 1.42
C VAL A 57 -2.39 7.61 2.59
N ALA A 58 -1.36 8.37 2.34
CA ALA A 58 -0.71 9.13 3.46
C ALA A 58 -1.59 10.30 3.89
N ALA A 59 -2.51 10.69 3.05
CA ALA A 59 -3.42 11.82 3.42
C ALA A 59 -4.16 11.49 4.72
N ASN A 60 -4.11 10.26 5.15
CA ASN A 60 -4.81 9.88 6.42
C ASN A 60 -3.91 10.17 7.63
N PRO A 61 -4.52 10.60 8.70
CA PRO A 61 -3.76 10.94 9.92
C PRO A 61 -3.26 9.68 10.64
N SER A 62 -4.13 8.84 11.12
CA SER A 62 -3.68 7.61 11.82
C SER A 62 -3.12 6.58 10.83
N PHE A 63 -3.11 6.92 9.56
CA PHE A 63 -2.58 5.96 8.55
C PHE A 63 -1.27 5.34 9.03
N ARG A 64 -0.31 6.14 9.43
CA ARG A 64 0.96 5.57 9.92
C ARG A 64 0.65 4.61 11.07
N ALA A 65 -0.29 4.97 11.90
CA ALA A 65 -0.69 4.08 13.02
C ALA A 65 -1.20 2.76 12.46
N VAL A 66 -2.03 2.83 11.47
CA VAL A 66 -2.57 1.59 10.85
C VAL A 66 -1.43 0.83 10.16
N VAL A 67 -0.55 1.53 9.49
CA VAL A 67 0.58 0.84 8.81
C VAL A 67 1.48 0.15 9.85
N GLN A 68 1.70 0.78 10.97
CA GLN A 68 2.56 0.14 12.00
C GLN A 68 1.90 -1.18 12.44
N GLN A 69 0.58 -1.20 12.51
CA GLN A 69 -0.09 -2.46 12.92
C GLN A 69 0.28 -3.57 11.93
N LEU A 70 0.15 -3.31 10.65
CA LEU A 70 0.53 -4.35 9.66
C LEU A 70 1.93 -4.84 10.01
N CYS A 71 2.88 -3.96 10.05
CA CYS A 71 4.27 -4.38 10.41
C CYS A 71 4.28 -4.96 11.83
N PHE A 72 3.50 -4.41 12.72
CA PHE A 72 3.49 -4.94 14.11
C PHE A 72 3.03 -6.39 14.10
N GLU A 73 2.02 -6.69 13.34
CA GLU A 73 1.51 -8.08 13.26
C GLU A 73 2.44 -8.92 12.36
N GLY A 74 3.41 -8.28 11.76
CA GLY A 74 4.36 -9.03 10.87
C GLY A 74 3.81 -9.07 9.45
N VAL A 75 2.86 -8.23 9.13
CA VAL A 75 2.30 -8.24 7.75
C VAL A 75 3.07 -7.26 6.87
N VAL A 76 3.99 -7.73 6.08
CA VAL A 76 4.76 -6.82 5.18
C VAL A 76 4.47 -7.20 3.74
N VAL A 77 3.82 -6.35 3.01
CA VAL A 77 3.48 -6.66 1.60
C VAL A 77 3.94 -5.55 0.67
N PRO A 78 3.97 -5.86 -0.58
CA PRO A 78 4.35 -4.85 -1.61
C PRO A 78 3.32 -3.74 -1.54
N ALA A 79 3.61 -2.69 -0.83
CA ALA A 79 2.61 -1.60 -0.65
C ALA A 79 3.00 -0.31 -1.38
N ILE A 80 2.01 0.38 -1.90
CA ILE A 80 2.27 1.67 -2.60
C ILE A 80 1.67 2.80 -1.74
N VAL A 81 2.41 3.85 -1.48
CA VAL A 81 1.86 4.94 -0.63
C VAL A 81 1.56 6.17 -1.49
N VAL A 82 0.47 6.84 -1.20
CA VAL A 82 0.10 8.04 -2.01
C VAL A 82 0.13 9.32 -1.14
N GLY A 83 0.17 10.47 -1.77
CA GLY A 83 0.20 11.76 -1.00
C GLY A 83 1.64 12.21 -0.75
N ASP A 84 2.60 11.57 -1.35
CA ASP A 84 4.02 11.99 -1.14
C ASP A 84 4.50 12.85 -2.30
N ARG A 85 5.25 13.88 -2.02
CA ARG A 85 5.75 14.75 -3.13
C ARG A 85 7.28 14.74 -3.18
N ASP A 86 7.85 15.31 -4.20
CA ASP A 86 9.33 15.35 -4.33
C ASP A 86 9.86 16.68 -3.77
N SER A 87 9.01 17.44 -3.13
CA SER A 87 9.46 18.75 -2.57
C SER A 87 10.40 18.56 -1.39
N GLU A 88 10.58 17.34 -0.96
CA GLU A 88 11.47 17.10 0.21
C GLU A 88 12.74 17.94 0.12
N ASP A 89 12.77 19.06 0.76
CA ASP A 89 13.97 19.93 0.70
C ASP A 89 14.58 20.19 2.10
N PRO A 90 13.76 20.53 3.07
CA PRO A 90 14.27 20.83 4.41
C PRO A 90 14.35 19.55 5.28
N ASP A 91 13.30 19.23 5.99
CA ASP A 91 13.34 18.02 6.84
C ASP A 91 12.16 17.08 6.51
N GLU A 92 12.04 16.68 5.27
CA GLU A 92 10.91 15.75 4.89
C GLU A 92 11.47 14.42 4.40
N PRO A 93 12.01 13.67 5.34
CA PRO A 93 12.59 12.35 5.01
C PRO A 93 11.48 11.31 4.86
N ALA A 94 10.51 11.58 4.03
CA ALA A 94 9.39 10.62 3.83
C ALA A 94 9.84 9.47 2.91
N LYS A 95 10.21 8.37 3.48
CA LYS A 95 10.65 7.20 2.66
C LYS A 95 10.10 5.90 3.28
N GLU A 96 10.83 5.29 4.17
CA GLU A 96 10.34 4.03 4.80
C GLU A 96 9.63 4.32 6.13
N GLN A 97 9.47 5.56 6.50
CA GLN A 97 8.81 5.88 7.80
C GLN A 97 7.33 5.47 7.80
N LEU A 98 6.69 5.43 6.67
CA LEU A 98 5.25 5.04 6.64
C LEU A 98 5.10 3.53 6.74
N TYR A 99 5.74 2.82 5.86
CA TYR A 99 5.60 1.34 5.87
C TYR A 99 7.00 0.69 5.77
N HIS A 100 7.08 -0.48 5.20
CA HIS A 100 8.39 -1.18 5.07
C HIS A 100 9.28 -0.44 4.07
N SER A 101 10.49 -0.89 3.90
CA SER A 101 11.41 -0.19 2.96
C SER A 101 11.11 -0.56 1.51
N ALA A 102 10.17 -1.45 1.28
CA ALA A 102 9.82 -1.83 -0.11
C ALA A 102 8.61 -1.03 -0.59
N GLU A 103 7.86 -0.45 0.32
CA GLU A 103 6.67 0.34 -0.09
C GLU A 103 7.05 1.29 -1.23
N LEU A 104 6.15 1.52 -2.15
CA LEU A 104 6.47 2.45 -3.26
C LEU A 104 5.62 3.71 -3.13
N HIS A 105 6.12 4.82 -3.53
CA HIS A 105 5.32 6.08 -3.40
C HIS A 105 4.72 6.48 -4.75
N LEU A 106 3.49 6.95 -4.74
CA LEU A 106 2.85 7.36 -6.02
C LEU A 106 2.25 8.77 -5.89
N GLY A 107 2.25 9.52 -6.97
CA GLY A 107 1.69 10.91 -6.93
C GLY A 107 0.19 10.88 -6.66
N ILE A 108 -0.33 11.88 -6.02
CA ILE A 108 -1.78 11.93 -5.74
C ILE A 108 -2.58 11.92 -7.04
N HIS A 109 -2.12 12.62 -8.04
CA HIS A 109 -2.86 12.62 -9.34
C HIS A 109 -2.30 11.56 -10.27
N GLN A 110 -1.50 10.65 -9.74
CA GLN A 110 -0.94 9.57 -10.60
C GLN A 110 -1.52 8.20 -10.21
N LEU A 111 -2.67 8.20 -9.59
CA LEU A 111 -3.28 6.90 -9.16
C LEU A 111 -3.27 5.90 -10.31
N GLU A 112 -3.35 6.38 -11.50
CA GLU A 112 -3.35 5.48 -12.69
C GLU A 112 -2.00 4.73 -12.76
N GLN A 113 -1.03 5.17 -12.01
CA GLN A 113 0.31 4.50 -12.02
C GLN A 113 0.33 3.33 -11.04
N LEU A 114 -0.72 3.17 -10.28
CA LEU A 114 -0.77 2.06 -9.29
C LEU A 114 -0.45 0.70 -9.94
N PRO A 115 -1.00 0.45 -11.10
CA PRO A 115 -0.74 -0.85 -11.78
C PRO A 115 0.73 -0.97 -12.14
N TYR A 116 1.35 0.11 -12.54
CA TYR A 116 2.80 0.03 -12.84
C TYR A 116 3.57 0.09 -11.53
N GLN A 117 3.02 0.80 -10.57
CA GLN A 117 3.68 0.88 -9.24
C GLN A 117 3.56 -0.49 -8.58
N VAL A 118 2.44 -1.13 -8.76
CA VAL A 118 2.25 -2.48 -8.19
C VAL A 118 3.33 -3.43 -8.73
N ASP A 119 3.41 -3.58 -10.03
CA ASP A 119 4.45 -4.48 -10.61
C ASP A 119 5.82 -4.07 -10.05
N ALA A 120 6.08 -2.80 -9.98
CA ALA A 120 7.38 -2.36 -9.41
C ALA A 120 7.38 -2.71 -7.93
N ALA A 121 6.26 -2.55 -7.28
CA ALA A 121 6.17 -2.88 -5.83
C ALA A 121 6.46 -4.37 -5.61
N LEU A 122 6.12 -5.21 -6.55
CA LEU A 122 6.41 -6.66 -6.36
C LEU A 122 7.91 -6.89 -6.39
N ALA A 123 8.56 -6.37 -7.41
CA ALA A 123 10.03 -6.56 -7.51
C ALA A 123 10.71 -5.91 -6.31
N GLU A 124 10.31 -4.73 -5.95
CA GLU A 124 10.94 -4.07 -4.77
C GLU A 124 10.68 -4.93 -3.54
N PHE A 125 9.49 -5.43 -3.39
CA PHE A 125 9.17 -6.28 -2.21
C PHE A 125 10.03 -7.56 -2.22
N LEU A 126 10.08 -8.21 -3.34
CA LEU A 126 10.87 -9.47 -3.41
C LEU A 126 12.35 -9.20 -3.15
N ARG A 127 12.90 -8.24 -3.80
CA ARG A 127 14.35 -7.94 -3.58
C ARG A 127 14.60 -7.54 -2.13
N LEU A 128 13.71 -6.79 -1.54
CA LEU A 128 13.92 -6.36 -0.13
C LEU A 128 13.53 -7.45 0.87
N ALA A 129 12.82 -8.47 0.45
CA ALA A 129 12.43 -9.55 1.40
C ALA A 129 13.66 -10.33 1.89
N PRO A 130 13.77 -10.51 3.18
CA PRO A 130 12.76 -9.98 4.13
C PRO A 130 12.90 -8.46 4.24
N VAL A 131 11.82 -7.74 4.23
CA VAL A 131 11.91 -6.26 4.31
C VAL A 131 12.11 -5.80 5.76
N GLU A 132 12.56 -4.60 5.94
CA GLU A 132 12.78 -4.08 7.32
C GLU A 132 11.69 -3.09 7.72
N THR A 133 10.73 -3.50 8.50
CA THR A 133 9.66 -2.56 8.93
C THR A 133 10.04 -1.95 10.29
N MET A 134 10.06 -0.65 10.39
CA MET A 134 10.45 -0.02 11.69
C MET A 134 9.22 0.44 12.49
N ALA A 135 8.06 -0.03 12.14
CA ALA A 135 6.83 0.37 12.88
C ALA A 135 7.08 0.24 14.39
N MET A 1 0.13 -17.73 -8.63
CA MET A 1 0.58 -16.32 -8.43
C MET A 1 0.16 -15.45 -9.62
N LEU A 2 0.88 -15.52 -10.71
CA LEU A 2 0.53 -14.68 -11.90
C LEU A 2 -0.96 -14.81 -12.23
N SER A 3 -1.59 -15.87 -11.80
CA SER A 3 -3.04 -16.03 -12.10
C SER A 3 -3.78 -14.75 -11.72
N GLN A 4 -3.61 -14.31 -10.50
CA GLN A 4 -4.28 -13.06 -10.06
C GLN A 4 -3.49 -12.38 -8.95
N ILE A 5 -3.75 -11.13 -8.69
CA ILE A 5 -3.01 -10.42 -7.62
C ILE A 5 -3.96 -9.95 -6.51
N ALA A 6 -3.59 -10.15 -5.27
CA ALA A 6 -4.46 -9.71 -4.15
C ALA A 6 -4.03 -8.33 -3.69
N ILE A 7 -4.87 -7.36 -3.84
CA ILE A 7 -4.50 -5.98 -3.41
C ILE A 7 -5.57 -5.42 -2.48
N CYS A 8 -5.19 -4.99 -1.31
CA CYS A 8 -6.18 -4.42 -0.36
C CYS A 8 -5.85 -2.94 -0.12
N ILE A 9 -6.72 -2.05 -0.51
CA ILE A 9 -6.43 -0.61 -0.32
C ILE A 9 -7.18 -0.02 0.86
N TRP A 10 -6.61 0.97 1.48
CA TRP A 10 -7.31 1.63 2.61
C TRP A 10 -7.53 3.11 2.28
N VAL A 11 -8.69 3.44 1.82
CA VAL A 11 -8.97 4.86 1.50
C VAL A 11 -10.44 5.18 1.77
N GLU A 12 -10.67 6.12 2.64
CA GLU A 12 -12.07 6.49 3.01
C GLU A 12 -12.81 7.14 1.82
N SER A 13 -12.09 7.66 0.87
CA SER A 13 -12.76 8.31 -0.30
C SER A 13 -13.02 7.28 -1.40
N THR A 14 -14.24 7.17 -1.87
CA THR A 14 -14.52 6.18 -2.96
C THR A 14 -13.77 6.60 -4.22
N ALA A 15 -13.85 7.85 -4.59
CA ALA A 15 -13.15 8.31 -5.81
C ALA A 15 -11.68 7.87 -5.76
N ILE A 16 -11.01 8.15 -4.68
CA ILE A 16 -9.59 7.72 -4.57
C ILE A 16 -9.54 6.20 -4.60
N LEU A 17 -10.42 5.58 -3.87
CA LEU A 17 -10.48 4.10 -3.87
C LEU A 17 -10.71 3.64 -5.31
N GLN A 18 -11.66 4.24 -5.95
CA GLN A 18 -11.96 3.88 -7.37
C GLN A 18 -10.75 4.21 -8.25
N ASP A 19 -10.11 5.33 -8.01
CA ASP A 19 -8.93 5.68 -8.84
C ASP A 19 -7.88 4.59 -8.74
N CYS A 20 -7.63 4.10 -7.55
CA CYS A 20 -6.62 3.02 -7.39
C CYS A 20 -7.10 1.77 -8.11
N GLN A 21 -8.34 1.42 -7.93
CA GLN A 21 -8.88 0.22 -8.62
C GLN A 21 -8.82 0.43 -10.13
N ARG A 22 -9.21 1.57 -10.59
CA ARG A 22 -9.16 1.85 -12.05
C ARG A 22 -7.82 1.44 -12.64
N ALA A 23 -6.77 1.91 -12.05
CA ALA A 23 -5.41 1.58 -12.58
C ALA A 23 -5.07 0.11 -12.31
N LEU A 24 -5.20 -0.33 -11.08
CA LEU A 24 -4.84 -1.75 -10.74
C LEU A 24 -5.86 -2.76 -11.25
N SER A 25 -7.11 -2.38 -11.29
CA SER A 25 -8.18 -3.32 -11.75
C SER A 25 -7.82 -4.00 -13.08
N ALA A 26 -6.96 -4.97 -13.04
CA ALA A 26 -6.56 -5.69 -14.27
C ALA A 26 -7.29 -7.03 -14.31
N ASP A 27 -7.26 -7.72 -15.41
CA ASP A 27 -7.98 -9.03 -15.49
C ASP A 27 -7.44 -10.01 -14.45
N ARG A 28 -6.32 -9.71 -13.87
CA ARG A 28 -5.74 -10.63 -12.85
C ARG A 28 -5.64 -9.93 -11.49
N TYR A 29 -6.49 -8.98 -11.22
CA TYR A 29 -6.41 -8.24 -9.93
C TYR A 29 -7.55 -8.59 -8.99
N GLN A 30 -7.23 -8.86 -7.76
CA GLN A 30 -8.29 -9.16 -6.76
C GLN A 30 -8.40 -7.96 -5.82
N LEU A 31 -9.17 -6.98 -6.21
CA LEU A 31 -9.28 -5.74 -5.39
C LEU A 31 -10.06 -5.98 -4.09
N GLN A 32 -9.68 -5.29 -3.06
CA GLN A 32 -10.36 -5.40 -1.74
C GLN A 32 -10.36 -4.02 -1.08
N VAL A 33 -11.50 -3.46 -0.79
CA VAL A 33 -11.52 -2.09 -0.19
C VAL A 33 -11.86 -2.13 1.30
N CYS A 34 -11.09 -1.44 2.09
CA CYS A 34 -11.37 -1.40 3.55
C CYS A 34 -11.81 0.01 3.95
N GLU A 35 -13.00 0.14 4.48
CA GLU A 35 -13.52 1.48 4.88
C GLU A 35 -12.60 2.15 5.92
N SER A 36 -11.91 1.36 6.69
CA SER A 36 -11.03 1.96 7.73
C SER A 36 -9.60 1.43 7.60
N GLY A 37 -8.77 1.65 8.60
CA GLY A 37 -7.38 1.14 8.56
C GLY A 37 -7.36 -0.15 9.36
N GLU A 38 -8.26 -0.24 10.30
CA GLU A 38 -8.38 -1.45 11.14
C GLU A 38 -8.95 -2.56 10.27
N MET A 39 -9.91 -2.21 9.45
CA MET A 39 -10.53 -3.20 8.55
C MET A 39 -9.46 -3.77 7.62
N LEU A 40 -8.48 -2.97 7.31
CA LEU A 40 -7.38 -3.44 6.43
C LEU A 40 -6.55 -4.50 7.14
N LEU A 41 -6.30 -4.30 8.40
CA LEU A 41 -5.50 -5.29 9.16
C LEU A 41 -6.23 -6.62 9.22
N GLU A 42 -7.51 -6.61 9.48
CA GLU A 42 -8.27 -7.88 9.54
C GLU A 42 -8.16 -8.61 8.20
N TYR A 43 -8.25 -7.90 7.11
CA TYR A 43 -8.14 -8.58 5.79
C TYR A 43 -6.74 -9.19 5.63
N ALA A 44 -5.73 -8.49 6.04
CA ALA A 44 -4.34 -9.02 5.89
C ALA A 44 -3.95 -9.92 7.06
N GLN A 45 -4.41 -9.64 8.26
CA GLN A 45 -4.03 -10.48 9.43
C GLN A 45 -4.23 -11.96 9.12
N THR A 46 -5.04 -12.26 8.17
CA THR A 46 -5.29 -13.68 7.84
C THR A 46 -4.79 -13.98 6.42
N HIS A 47 -4.32 -12.98 5.74
CA HIS A 47 -3.80 -13.17 4.36
C HIS A 47 -2.46 -12.45 4.20
N ARG A 48 -1.78 -12.18 5.29
CA ARG A 48 -0.47 -11.47 5.18
C ARG A 48 0.35 -12.07 4.05
N ASP A 49 0.47 -13.37 4.06
CA ASP A 49 1.26 -14.06 3.01
C ASP A 49 0.44 -14.22 1.72
N GLN A 50 -0.77 -13.72 1.71
CA GLN A 50 -1.60 -13.84 0.49
C GLN A 50 -1.85 -12.46 -0.12
N ILE A 51 -1.51 -11.40 0.57
CA ILE A 51 -1.72 -10.06 -0.02
C ILE A 51 -0.56 -9.72 -0.94
N ASP A 52 -0.82 -9.55 -2.21
CA ASP A 52 0.27 -9.25 -3.17
C ASP A 52 0.68 -7.78 -3.07
N CYS A 53 -0.25 -6.90 -2.83
CA CYS A 53 0.12 -5.45 -2.76
C CYS A 53 -0.85 -4.69 -1.83
N LEU A 54 -0.36 -3.73 -1.11
CA LEU A 54 -1.29 -2.96 -0.22
C LEU A 54 -1.29 -1.48 -0.61
N ILE A 55 -2.46 -0.89 -0.77
CA ILE A 55 -2.49 0.54 -1.16
C ILE A 55 -2.75 1.40 0.08
N LEU A 56 -1.98 2.44 0.26
CA LEU A 56 -2.20 3.29 1.46
C LEU A 56 -2.27 4.76 1.09
N VAL A 57 -2.97 5.51 1.87
CA VAL A 57 -3.08 6.96 1.61
C VAL A 57 -2.49 7.70 2.82
N ALA A 58 -1.59 8.61 2.60
CA ALA A 58 -0.99 9.34 3.74
C ALA A 58 -1.84 10.55 4.10
N ALA A 59 -2.99 10.67 3.50
CA ALA A 59 -3.88 11.81 3.79
C ALA A 59 -4.77 11.48 4.98
N ASN A 60 -4.55 10.35 5.60
CA ASN A 60 -5.38 9.97 6.76
C ASN A 60 -4.67 10.41 8.05
N PRO A 61 -5.43 10.45 9.11
CA PRO A 61 -4.89 10.89 10.41
C PRO A 61 -3.92 9.86 11.00
N SER A 62 -4.44 8.84 11.64
CA SER A 62 -3.54 7.82 12.26
C SER A 62 -3.20 6.72 11.25
N PHE A 63 -3.05 7.09 10.00
CA PHE A 63 -2.71 6.06 8.97
C PHE A 63 -1.36 5.40 9.28
N ARG A 64 -0.38 6.17 9.64
CA ARG A 64 0.96 5.56 9.95
C ARG A 64 0.82 4.52 11.06
N ALA A 65 -0.04 4.75 12.01
CA ALA A 65 -0.23 3.76 13.10
C ALA A 65 -0.85 2.48 12.55
N VAL A 66 -1.74 2.60 11.61
CA VAL A 66 -2.36 1.39 11.01
C VAL A 66 -1.29 0.59 10.24
N VAL A 67 -0.47 1.27 9.49
CA VAL A 67 0.59 0.56 8.72
C VAL A 67 1.52 -0.15 9.70
N GLN A 68 1.89 0.49 10.77
CA GLN A 68 2.79 -0.14 11.76
C GLN A 68 2.13 -1.41 12.30
N GLN A 69 0.84 -1.40 12.46
CA GLN A 69 0.14 -2.62 12.96
C GLN A 69 0.38 -3.77 11.99
N LEU A 70 0.32 -3.51 10.71
CA LEU A 70 0.59 -4.61 9.72
C LEU A 70 1.99 -5.17 9.99
N CYS A 71 2.96 -4.32 10.10
CA CYS A 71 4.35 -4.80 10.39
C CYS A 71 4.39 -5.45 11.77
N PHE A 72 3.65 -4.91 12.70
CA PHE A 72 3.62 -5.48 14.08
C PHE A 72 3.29 -6.97 14.04
N GLU A 73 2.37 -7.36 13.18
CA GLU A 73 2.01 -8.80 13.08
C GLU A 73 2.91 -9.48 12.05
N GLY A 74 3.63 -8.72 11.27
CA GLY A 74 4.52 -9.33 10.26
C GLY A 74 3.93 -9.22 8.85
N VAL A 75 2.84 -8.50 8.69
CA VAL A 75 2.26 -8.38 7.32
C VAL A 75 3.07 -7.39 6.49
N VAL A 76 3.96 -7.87 5.69
CA VAL A 76 4.78 -6.95 4.85
C VAL A 76 4.49 -7.21 3.38
N VAL A 77 4.15 -6.19 2.65
CA VAL A 77 3.84 -6.37 1.20
C VAL A 77 4.26 -5.14 0.43
N PRO A 78 4.30 -5.26 -0.87
CA PRO A 78 4.64 -4.10 -1.70
C PRO A 78 3.53 -3.07 -1.54
N ALA A 79 3.65 -2.22 -0.58
CA ALA A 79 2.58 -1.23 -0.32
C ALA A 79 2.87 0.09 -1.03
N ILE A 80 1.94 0.54 -1.84
CA ILE A 80 2.12 1.82 -2.55
C ILE A 80 1.44 2.93 -1.74
N VAL A 81 2.17 3.95 -1.37
CA VAL A 81 1.56 5.03 -0.55
C VAL A 81 1.20 6.25 -1.41
N VAL A 82 0.08 6.85 -1.12
CA VAL A 82 -0.36 8.04 -1.91
C VAL A 82 -0.34 9.30 -1.03
N GLY A 83 -0.13 10.44 -1.62
CA GLY A 83 -0.13 11.70 -0.82
C GLY A 83 1.23 11.92 -0.15
N ASP A 84 2.31 11.58 -0.79
CA ASP A 84 3.65 11.79 -0.16
C ASP A 84 4.01 13.28 -0.22
N ARG A 85 5.02 13.70 0.48
CA ARG A 85 5.41 15.14 0.46
C ARG A 85 6.80 15.32 -0.16
N ASP A 86 7.12 16.53 -0.54
CA ASP A 86 8.46 16.80 -1.12
C ASP A 86 9.38 17.36 -0.06
N SER A 87 9.01 17.26 1.20
CA SER A 87 9.88 17.80 2.27
C SER A 87 11.28 17.21 2.15
N GLU A 88 12.25 18.04 1.91
CA GLU A 88 13.64 17.54 1.75
C GLU A 88 14.36 17.52 3.10
N ASP A 89 13.67 17.76 4.18
CA ASP A 89 14.33 17.74 5.51
C ASP A 89 14.71 16.30 5.88
N PRO A 90 15.84 16.17 6.53
CA PRO A 90 16.32 14.83 6.95
C PRO A 90 15.57 14.34 8.19
N ASP A 91 15.03 15.24 8.97
CA ASP A 91 14.28 14.80 10.19
C ASP A 91 12.95 14.16 9.78
N GLU A 92 12.57 14.31 8.54
CA GLU A 92 11.29 13.70 8.07
C GLU A 92 11.59 12.72 6.94
N PRO A 93 11.97 11.53 7.34
CA PRO A 93 12.32 10.47 6.36
C PRO A 93 11.07 9.90 5.70
N ALA A 94 10.41 10.68 4.90
CA ALA A 94 9.18 10.19 4.22
C ALA A 94 9.45 8.83 3.55
N LYS A 95 10.66 8.60 3.12
CA LYS A 95 10.96 7.29 2.46
C LYS A 95 10.90 6.15 3.48
N GLU A 96 11.07 6.46 4.75
CA GLU A 96 11.03 5.39 5.79
C GLU A 96 10.25 5.87 7.01
N GLN A 97 8.97 5.62 7.05
CA GLN A 97 8.16 6.05 8.24
C GLN A 97 6.71 5.61 8.08
N LEU A 98 6.23 5.48 6.87
CA LEU A 98 4.82 5.05 6.66
C LEU A 98 4.74 3.52 6.67
N TYR A 99 5.67 2.87 6.04
CA TYR A 99 5.68 1.37 6.01
C TYR A 99 7.12 0.87 5.93
N HIS A 100 7.37 -0.14 5.15
CA HIS A 100 8.79 -0.64 5.02
C HIS A 100 9.49 0.03 3.85
N SER A 101 10.77 -0.16 3.73
CA SER A 101 11.53 0.47 2.61
C SER A 101 11.06 -0.09 1.27
N ALA A 102 10.32 -1.16 1.30
CA ALA A 102 9.82 -1.77 0.03
C ALA A 102 8.58 -1.03 -0.47
N GLU A 103 7.87 -0.39 0.42
CA GLU A 103 6.64 0.35 0.02
C GLU A 103 6.96 1.41 -1.05
N LEU A 104 6.11 1.57 -2.02
CA LEU A 104 6.37 2.60 -3.07
C LEU A 104 5.46 3.80 -2.86
N HIS A 105 5.85 4.95 -3.32
CA HIS A 105 5.00 6.16 -3.14
C HIS A 105 4.47 6.63 -4.49
N LEU A 106 3.26 7.12 -4.52
CA LEU A 106 2.69 7.57 -5.82
C LEU A 106 2.10 8.97 -5.68
N GLY A 107 2.28 9.81 -6.66
CA GLY A 107 1.72 11.19 -6.58
C GLY A 107 0.19 11.11 -6.46
N ILE A 108 -0.41 12.01 -5.73
CA ILE A 108 -1.88 11.97 -5.57
C ILE A 108 -2.57 12.08 -6.93
N HIS A 109 -2.13 12.96 -7.77
CA HIS A 109 -2.76 13.11 -9.11
C HIS A 109 -2.14 12.08 -10.07
N GLN A 110 -1.31 11.22 -9.55
CA GLN A 110 -0.66 10.20 -10.41
C GLN A 110 -1.40 8.87 -10.27
N LEU A 111 -2.62 8.91 -9.80
CA LEU A 111 -3.38 7.64 -9.64
C LEU A 111 -3.64 7.04 -11.02
N GLU A 112 -2.87 6.04 -11.36
CA GLU A 112 -2.99 5.36 -12.69
C GLU A 112 -1.74 4.50 -12.87
N GLN A 113 -0.65 4.92 -12.27
CA GLN A 113 0.62 4.16 -12.36
C GLN A 113 0.56 2.98 -11.39
N LEU A 114 -0.44 2.95 -10.57
CA LEU A 114 -0.59 1.86 -9.56
C LEU A 114 -0.27 0.48 -10.15
N PRO A 115 -0.86 0.16 -11.28
CA PRO A 115 -0.62 -1.17 -11.89
C PRO A 115 0.85 -1.31 -12.24
N TYR A 116 1.39 -0.33 -12.90
CA TYR A 116 2.83 -0.39 -13.22
C TYR A 116 3.62 -0.27 -11.92
N GLN A 117 3.07 0.43 -10.95
CA GLN A 117 3.75 0.58 -9.62
C GLN A 117 3.62 -0.74 -8.87
N VAL A 118 2.47 -1.35 -8.97
CA VAL A 118 2.23 -2.64 -8.28
C VAL A 118 3.24 -3.69 -8.76
N ASP A 119 3.40 -3.84 -10.05
CA ASP A 119 4.41 -4.84 -10.52
C ASP A 119 5.78 -4.41 -10.01
N ALA A 120 6.03 -3.13 -10.03
CA ALA A 120 7.33 -2.60 -9.53
C ALA A 120 7.41 -2.83 -8.03
N ALA A 121 6.36 -2.52 -7.31
CA ALA A 121 6.38 -2.72 -5.84
C ALA A 121 6.63 -4.20 -5.55
N LEU A 122 6.00 -5.07 -6.30
CA LEU A 122 6.23 -6.52 -6.08
C LEU A 122 7.72 -6.84 -6.23
N ALA A 123 8.32 -6.39 -7.30
CA ALA A 123 9.77 -6.66 -7.48
C ALA A 123 10.55 -5.99 -6.35
N GLU A 124 10.23 -4.75 -6.09
CA GLU A 124 10.92 -4.00 -5.00
C GLU A 124 10.78 -4.77 -3.68
N PHE A 125 9.61 -5.25 -3.40
CA PHE A 125 9.40 -6.00 -2.13
C PHE A 125 10.23 -7.29 -2.12
N LEU A 126 10.19 -8.03 -3.19
CA LEU A 126 10.98 -9.29 -3.24
C LEU A 126 12.47 -8.99 -3.14
N ARG A 127 12.91 -7.93 -3.77
CA ARG A 127 14.35 -7.57 -3.71
C ARG A 127 14.78 -7.26 -2.27
N LEU A 128 13.91 -6.67 -1.48
CA LEU A 128 14.29 -6.35 -0.08
C LEU A 128 13.64 -7.31 0.90
N ALA A 129 12.92 -8.30 0.44
CA ALA A 129 12.28 -9.26 1.38
C ALA A 129 13.34 -10.14 2.03
N PRO A 130 13.34 -10.22 3.34
CA PRO A 130 12.35 -9.47 4.16
C PRO A 130 12.72 -7.98 4.24
N VAL A 131 11.91 -7.12 3.69
CA VAL A 131 12.24 -5.66 3.74
C VAL A 131 12.31 -5.21 5.19
N GLU A 132 12.94 -4.10 5.44
CA GLU A 132 13.04 -3.61 6.84
C GLU A 132 11.83 -2.75 7.22
N THR A 133 10.96 -3.29 8.03
CA THR A 133 9.75 -2.52 8.46
C THR A 133 10.05 -1.72 9.72
N MET A 134 9.73 -0.45 9.73
CA MET A 134 9.98 0.37 10.94
C MET A 134 9.21 -0.22 12.13
N ALA A 135 8.02 -0.68 11.88
CA ALA A 135 7.22 -1.28 12.99
C ALA A 135 7.35 -2.80 12.96
N MET A 1 2.17 -17.34 -9.28
CA MET A 1 0.76 -16.92 -8.98
C MET A 1 0.38 -15.73 -9.86
N LEU A 2 0.87 -15.70 -11.07
CA LEU A 2 0.53 -14.57 -11.98
C LEU A 2 -0.98 -14.52 -12.20
N SER A 3 -1.64 -15.65 -12.10
CA SER A 3 -3.12 -15.70 -12.31
C SER A 3 -3.78 -14.40 -11.87
N GLN A 4 -3.70 -14.08 -10.60
CA GLN A 4 -4.31 -12.79 -10.12
C GLN A 4 -3.53 -12.24 -8.93
N ILE A 5 -3.63 -10.96 -8.68
CA ILE A 5 -2.90 -10.33 -7.54
C ILE A 5 -3.89 -9.88 -6.46
N ALA A 6 -3.60 -10.13 -5.21
CA ALA A 6 -4.54 -9.68 -4.15
C ALA A 6 -4.09 -8.32 -3.63
N ILE A 7 -4.83 -7.30 -3.91
CA ILE A 7 -4.43 -5.95 -3.46
C ILE A 7 -5.43 -5.40 -2.45
N CYS A 8 -4.98 -5.12 -1.26
CA CYS A 8 -5.89 -4.56 -0.23
C CYS A 8 -5.64 -3.06 -0.11
N ILE A 9 -6.58 -2.27 -0.53
CA ILE A 9 -6.38 -0.80 -0.45
C ILE A 9 -7.16 -0.20 0.70
N TRP A 10 -6.56 0.72 1.39
CA TRP A 10 -7.30 1.39 2.49
C TRP A 10 -7.59 2.83 2.10
N VAL A 11 -8.83 3.15 1.91
CA VAL A 11 -9.16 4.54 1.50
C VAL A 11 -10.64 4.80 1.72
N GLU A 12 -10.96 5.77 2.52
CA GLU A 12 -12.40 6.10 2.79
C GLU A 12 -12.98 6.89 1.62
N SER A 13 -12.16 7.65 0.96
CA SER A 13 -12.66 8.44 -0.20
C SER A 13 -12.87 7.50 -1.38
N THR A 14 -14.10 7.24 -1.74
CA THR A 14 -14.34 6.32 -2.89
C THR A 14 -13.58 6.82 -4.12
N ALA A 15 -13.64 8.10 -4.39
CA ALA A 15 -12.93 8.65 -5.57
C ALA A 15 -11.47 8.21 -5.56
N ILE A 16 -10.79 8.38 -4.46
CA ILE A 16 -9.37 7.94 -4.38
C ILE A 16 -9.36 6.42 -4.51
N LEU A 17 -10.31 5.80 -3.89
CA LEU A 17 -10.43 4.32 -3.95
C LEU A 17 -10.67 3.87 -5.39
N GLN A 18 -11.65 4.44 -6.05
CA GLN A 18 -11.90 4.05 -7.47
C GLN A 18 -10.65 4.31 -8.32
N ASP A 19 -9.95 5.36 -8.04
CA ASP A 19 -8.72 5.67 -8.84
C ASP A 19 -7.74 4.50 -8.74
N CYS A 20 -7.47 4.03 -7.56
CA CYS A 20 -6.52 2.90 -7.40
C CYS A 20 -7.06 1.66 -8.12
N GLN A 21 -8.34 1.44 -8.05
CA GLN A 21 -8.93 0.26 -8.74
C GLN A 21 -8.90 0.51 -10.24
N ARG A 22 -9.13 1.73 -10.64
CA ARG A 22 -9.11 2.06 -12.09
C ARG A 22 -7.74 1.70 -12.65
N ALA A 23 -6.70 2.19 -12.05
CA ALA A 23 -5.34 1.85 -12.52
C ALA A 23 -5.10 0.36 -12.26
N LEU A 24 -5.34 -0.08 -11.04
CA LEU A 24 -5.17 -1.53 -10.72
C LEU A 24 -6.45 -2.28 -11.08
N SER A 25 -6.84 -2.23 -12.32
CA SER A 25 -8.08 -2.93 -12.76
C SER A 25 -7.74 -4.13 -13.63
N ALA A 26 -6.48 -4.32 -13.91
CA ALA A 26 -6.03 -5.47 -14.75
C ALA A 26 -6.94 -6.69 -14.49
N ASP A 27 -7.16 -7.49 -15.50
CA ASP A 27 -8.05 -8.68 -15.30
C ASP A 27 -7.47 -9.62 -14.25
N ARG A 28 -6.25 -9.42 -13.85
CA ARG A 28 -5.64 -10.32 -12.83
C ARG A 28 -5.54 -9.63 -11.47
N TYR A 29 -6.32 -8.61 -11.22
CA TYR A 29 -6.23 -7.92 -9.90
C TYR A 29 -7.40 -8.27 -8.98
N GLN A 30 -7.08 -8.63 -7.77
CA GLN A 30 -8.15 -8.95 -6.77
C GLN A 30 -8.13 -7.86 -5.70
N LEU A 31 -8.84 -6.80 -5.93
CA LEU A 31 -8.83 -5.67 -4.97
C LEU A 31 -9.77 -5.90 -3.77
N GLN A 32 -9.40 -5.35 -2.65
CA GLN A 32 -10.24 -5.46 -1.42
C GLN A 32 -10.27 -4.08 -0.76
N VAL A 33 -11.41 -3.46 -0.70
CA VAL A 33 -11.45 -2.09 -0.11
C VAL A 33 -11.76 -2.13 1.38
N CYS A 34 -11.02 -1.40 2.16
CA CYS A 34 -11.27 -1.36 3.63
C CYS A 34 -11.85 0.00 4.00
N GLU A 35 -13.04 0.02 4.54
CA GLU A 35 -13.66 1.32 4.92
C GLU A 35 -12.83 2.00 6.01
N SER A 36 -12.16 1.25 6.83
CA SER A 36 -11.35 1.90 7.90
C SER A 36 -9.91 1.43 7.83
N GLY A 37 -9.13 1.69 8.84
CA GLY A 37 -7.71 1.26 8.82
C GLY A 37 -7.62 -0.01 9.65
N GLU A 38 -8.54 -0.18 10.54
CA GLU A 38 -8.57 -1.41 11.37
C GLU A 38 -9.07 -2.56 10.51
N MET A 39 -9.93 -2.26 9.57
CA MET A 39 -10.44 -3.32 8.67
C MET A 39 -9.30 -3.89 7.85
N LEU A 40 -8.41 -3.04 7.41
CA LEU A 40 -7.25 -3.52 6.61
C LEU A 40 -6.43 -4.50 7.44
N LEU A 41 -6.28 -4.23 8.71
CA LEU A 41 -5.48 -5.16 9.55
C LEU A 41 -6.17 -6.54 9.62
N GLU A 42 -7.47 -6.55 9.77
CA GLU A 42 -8.22 -7.84 9.85
C GLU A 42 -8.02 -8.65 8.56
N TYR A 43 -8.00 -7.98 7.43
CA TYR A 43 -7.82 -8.70 6.14
C TYR A 43 -6.37 -9.19 5.98
N ALA A 44 -5.43 -8.43 6.47
CA ALA A 44 -4.00 -8.86 6.34
C ALA A 44 -3.58 -9.68 7.55
N GLN A 45 -4.25 -9.53 8.65
CA GLN A 45 -3.90 -10.31 9.87
C GLN A 45 -4.14 -11.79 9.64
N THR A 46 -4.79 -12.13 8.56
CA THR A 46 -5.08 -13.57 8.31
C THR A 46 -4.70 -13.94 6.87
N HIS A 47 -3.89 -13.14 6.22
CA HIS A 47 -3.50 -13.48 4.81
C HIS A 47 -2.21 -12.74 4.41
N ARG A 48 -1.36 -12.44 5.35
CA ARG A 48 -0.10 -11.69 4.99
C ARG A 48 0.53 -12.30 3.75
N ASP A 49 0.80 -13.57 3.80
CA ASP A 49 1.44 -14.25 2.64
C ASP A 49 0.46 -14.37 1.47
N GLN A 50 -0.76 -13.94 1.63
CA GLN A 50 -1.75 -14.03 0.52
C GLN A 50 -2.01 -12.64 -0.08
N ILE A 51 -1.44 -11.61 0.49
CA ILE A 51 -1.67 -10.25 -0.07
C ILE A 51 -0.55 -9.94 -1.08
N ASP A 52 -0.89 -9.65 -2.30
CA ASP A 52 0.18 -9.36 -3.28
C ASP A 52 0.65 -7.91 -3.15
N CYS A 53 -0.25 -6.98 -3.02
CA CYS A 53 0.16 -5.55 -2.89
C CYS A 53 -0.83 -4.78 -2.01
N LEU A 54 -0.36 -3.86 -1.21
CA LEU A 54 -1.33 -3.09 -0.37
C LEU A 54 -1.36 -1.62 -0.80
N ILE A 55 -2.51 -1.02 -0.83
CA ILE A 55 -2.56 0.42 -1.22
C ILE A 55 -2.85 1.25 0.01
N LEU A 56 -2.18 2.33 0.18
CA LEU A 56 -2.44 3.16 1.38
C LEU A 56 -2.52 4.63 1.03
N VAL A 57 -3.17 5.37 1.84
CA VAL A 57 -3.29 6.83 1.61
C VAL A 57 -2.66 7.55 2.81
N ALA A 58 -1.82 8.50 2.57
CA ALA A 58 -1.17 9.22 3.71
C ALA A 58 -1.98 10.46 4.10
N ALA A 59 -3.13 10.60 3.52
CA ALA A 59 -3.99 11.78 3.85
C ALA A 59 -4.77 11.52 5.14
N ASN A 60 -4.89 10.28 5.52
CA ASN A 60 -5.64 9.95 6.77
C ASN A 60 -4.84 10.37 8.01
N PRO A 61 -5.54 10.50 9.10
CA PRO A 61 -4.90 10.92 10.38
C PRO A 61 -4.00 9.81 10.95
N SER A 62 -4.57 8.89 11.69
CA SER A 62 -3.74 7.80 12.27
C SER A 62 -3.48 6.69 11.24
N PHE A 63 -3.31 7.04 9.99
CA PHE A 63 -3.05 6.00 8.95
C PHE A 63 -1.69 5.34 9.23
N ARG A 64 -0.68 6.12 9.49
CA ARG A 64 0.67 5.52 9.77
C ARG A 64 0.53 4.44 10.83
N ALA A 65 -0.23 4.71 11.84
CA ALA A 65 -0.42 3.72 12.93
C ALA A 65 -0.95 2.41 12.33
N VAL A 66 -1.87 2.52 11.40
CA VAL A 66 -2.42 1.31 10.75
C VAL A 66 -1.30 0.56 10.02
N VAL A 67 -0.54 1.24 9.24
CA VAL A 67 0.56 0.57 8.51
C VAL A 67 1.53 -0.04 9.52
N GLN A 68 1.82 0.68 10.58
CA GLN A 68 2.75 0.12 11.60
C GLN A 68 2.15 -1.15 12.22
N GLN A 69 0.85 -1.19 12.34
CA GLN A 69 0.20 -2.41 12.91
C GLN A 69 0.53 -3.59 11.99
N LEU A 70 0.47 -3.39 10.69
CA LEU A 70 0.81 -4.48 9.76
C LEU A 70 2.25 -4.91 10.00
N CYS A 71 3.14 -3.95 10.11
CA CYS A 71 4.57 -4.29 10.39
C CYS A 71 4.66 -4.99 11.75
N PHE A 72 3.91 -4.52 12.71
CA PHE A 72 3.94 -5.13 14.07
C PHE A 72 3.51 -6.59 14.00
N GLU A 73 2.41 -6.85 13.33
CA GLU A 73 1.91 -8.25 13.22
C GLU A 73 2.89 -9.07 12.40
N GLY A 74 3.68 -8.43 11.59
CA GLY A 74 4.65 -9.16 10.75
C GLY A 74 4.16 -9.17 9.30
N VAL A 75 3.18 -8.35 9.00
CA VAL A 75 2.65 -8.32 7.60
C VAL A 75 3.42 -7.31 6.76
N VAL A 76 4.24 -7.77 5.86
CA VAL A 76 5.00 -6.83 4.99
C VAL A 76 4.68 -7.14 3.52
N VAL A 77 4.22 -6.16 2.79
CA VAL A 77 3.88 -6.40 1.35
C VAL A 77 4.32 -5.20 0.52
N PRO A 78 4.33 -5.38 -0.76
CA PRO A 78 4.68 -4.26 -1.67
C PRO A 78 3.56 -3.24 -1.57
N ALA A 79 3.68 -2.31 -0.67
CA ALA A 79 2.59 -1.31 -0.46
C ALA A 79 2.89 0.02 -1.16
N ILE A 80 1.93 0.53 -1.89
CA ILE A 80 2.11 1.83 -2.58
C ILE A 80 1.48 2.94 -1.73
N VAL A 81 2.20 4.00 -1.49
CA VAL A 81 1.65 5.09 -0.61
C VAL A 81 1.25 6.32 -1.44
N VAL A 82 0.15 6.92 -1.11
CA VAL A 82 -0.33 8.12 -1.87
C VAL A 82 -0.32 9.36 -0.97
N GLY A 83 -0.18 10.52 -1.54
CA GLY A 83 -0.20 11.76 -0.71
C GLY A 83 1.20 12.08 -0.20
N ASP A 84 2.11 12.41 -1.08
CA ASP A 84 3.48 12.74 -0.63
C ASP A 84 3.92 14.07 -1.25
N ARG A 85 5.01 14.62 -0.79
CA ARG A 85 5.47 15.92 -1.32
C ARG A 85 6.99 16.01 -1.28
N ASP A 86 7.54 16.99 -1.94
CA ASP A 86 9.03 17.13 -1.93
C ASP A 86 9.43 18.57 -1.56
N SER A 87 8.48 19.39 -1.23
CA SER A 87 8.81 20.81 -0.88
C SER A 87 8.50 21.10 0.59
N GLU A 88 7.57 20.39 1.17
CA GLU A 88 7.23 20.64 2.61
C GLU A 88 8.12 19.79 3.50
N ASP A 89 9.38 19.69 3.15
CA ASP A 89 10.34 18.88 3.95
C ASP A 89 10.39 19.37 5.41
N PRO A 90 10.44 20.66 5.60
CA PRO A 90 10.52 21.20 6.98
C PRO A 90 9.22 20.91 7.72
N ASP A 91 8.12 21.34 7.18
CA ASP A 91 6.81 21.07 7.84
C ASP A 91 6.60 19.56 7.98
N GLU A 92 6.97 18.82 6.97
CA GLU A 92 6.80 17.34 7.02
C GLU A 92 7.91 16.66 6.22
N PRO A 93 8.74 15.95 6.93
CA PRO A 93 9.88 15.24 6.29
C PRO A 93 9.39 14.06 5.45
N ALA A 94 8.21 13.59 5.71
CA ALA A 94 7.72 12.42 4.92
C ALA A 94 8.76 11.31 4.98
N LYS A 95 9.32 11.09 6.14
CA LYS A 95 10.36 10.02 6.26
C LYS A 95 9.75 8.66 5.92
N GLU A 96 10.53 7.77 5.37
CA GLU A 96 9.99 6.44 5.00
C GLU A 96 9.58 5.66 6.25
N GLN A 97 8.62 6.16 6.99
CA GLN A 97 8.17 5.45 8.23
C GLN A 97 6.72 5.00 8.04
N LEU A 98 6.09 5.39 6.97
CA LEU A 98 4.70 4.99 6.73
C LEU A 98 4.62 3.49 6.68
N TYR A 99 5.64 2.88 6.14
CA TYR A 99 5.66 1.40 6.04
C TYR A 99 7.09 0.89 5.94
N HIS A 100 7.27 -0.19 5.24
CA HIS A 100 8.65 -0.76 5.06
C HIS A 100 9.43 0.05 4.02
N SER A 101 10.64 -0.36 3.74
CA SER A 101 11.49 0.37 2.74
C SER A 101 11.16 -0.05 1.31
N ALA A 102 10.26 -0.98 1.13
CA ALA A 102 9.91 -1.41 -0.25
C ALA A 102 8.70 -0.62 -0.74
N GLU A 103 7.92 -0.11 0.17
CA GLU A 103 6.71 0.68 -0.20
C GLU A 103 6.97 1.61 -1.38
N LEU A 104 6.09 1.62 -2.34
CA LEU A 104 6.27 2.54 -3.48
C LEU A 104 5.46 3.80 -3.22
N HIS A 105 5.83 4.90 -3.80
CA HIS A 105 5.06 6.15 -3.57
C HIS A 105 4.39 6.60 -4.86
N LEU A 106 3.20 7.10 -4.76
CA LEU A 106 2.49 7.56 -5.97
C LEU A 106 1.87 8.94 -5.74
N GLY A 107 2.14 9.87 -6.61
CA GLY A 107 1.56 11.23 -6.45
C GLY A 107 0.04 11.13 -6.39
N ILE A 108 -0.60 11.99 -5.66
CA ILE A 108 -2.08 11.93 -5.56
C ILE A 108 -2.73 12.08 -6.93
N HIS A 109 -2.23 12.98 -7.74
CA HIS A 109 -2.81 13.15 -9.10
C HIS A 109 -2.16 12.14 -10.05
N GLN A 110 -1.41 11.23 -9.51
CA GLN A 110 -0.74 10.20 -10.36
C GLN A 110 -1.48 8.89 -10.25
N LEU A 111 -2.74 8.92 -9.97
CA LEU A 111 -3.51 7.66 -9.84
C LEU A 111 -3.73 7.04 -11.22
N GLU A 112 -2.90 6.09 -11.54
CA GLU A 112 -2.98 5.41 -12.86
C GLU A 112 -1.74 4.54 -13.03
N GLN A 113 -0.66 4.94 -12.41
CA GLN A 113 0.62 4.16 -12.51
C GLN A 113 0.60 3.01 -11.51
N LEU A 114 -0.45 2.90 -10.74
CA LEU A 114 -0.55 1.82 -9.73
C LEU A 114 -0.28 0.43 -10.31
N PRO A 115 -0.84 0.12 -11.45
CA PRO A 115 -0.60 -1.22 -12.04
C PRO A 115 0.89 -1.36 -12.37
N TYR A 116 1.42 -0.45 -13.14
CA TYR A 116 2.87 -0.54 -13.44
C TYR A 116 3.63 -0.41 -12.10
N GLN A 117 3.15 0.44 -11.23
CA GLN A 117 3.79 0.59 -9.89
C GLN A 117 3.65 -0.70 -9.08
N VAL A 118 2.52 -1.33 -9.15
CA VAL A 118 2.32 -2.60 -8.39
C VAL A 118 3.31 -3.65 -8.89
N ASP A 119 3.44 -3.79 -10.18
CA ASP A 119 4.41 -4.79 -10.71
C ASP A 119 5.81 -4.41 -10.24
N ALA A 120 6.09 -3.14 -10.23
CA ALA A 120 7.42 -2.67 -9.76
C ALA A 120 7.49 -2.82 -8.24
N ALA A 121 6.41 -2.53 -7.56
CA ALA A 121 6.41 -2.69 -6.08
C ALA A 121 6.56 -4.18 -5.76
N LEU A 122 5.97 -5.02 -6.57
CA LEU A 122 6.07 -6.49 -6.31
C LEU A 122 7.54 -6.93 -6.31
N ALA A 123 8.24 -6.74 -7.40
CA ALA A 123 9.67 -7.13 -7.43
C ALA A 123 10.45 -6.36 -6.34
N GLU A 124 10.11 -5.12 -6.14
CA GLU A 124 10.82 -4.33 -5.09
C GLU A 124 10.61 -4.99 -3.72
N PHE A 125 9.42 -5.48 -3.46
CA PHE A 125 9.14 -6.14 -2.15
C PHE A 125 9.84 -7.51 -2.09
N LEU A 126 9.71 -8.29 -3.13
CA LEU A 126 10.34 -9.64 -3.15
C LEU A 126 11.86 -9.52 -3.05
N ARG A 127 12.44 -8.59 -3.77
CA ARG A 127 13.92 -8.41 -3.70
C ARG A 127 14.33 -7.95 -2.31
N LEU A 128 13.56 -7.09 -1.71
CA LEU A 128 13.91 -6.60 -0.35
C LEU A 128 13.43 -7.59 0.73
N ALA A 129 12.73 -8.61 0.34
CA ALA A 129 12.22 -9.60 1.35
C ALA A 129 13.35 -10.45 1.92
N PRO A 130 13.40 -10.57 3.23
CA PRO A 130 12.43 -9.86 4.11
C PRO A 130 12.70 -8.34 4.11
N VAL A 131 11.66 -7.55 4.06
CA VAL A 131 11.86 -6.06 4.04
C VAL A 131 12.05 -5.53 5.45
N GLU A 132 12.66 -4.38 5.59
CA GLU A 132 12.85 -3.81 6.95
C GLU A 132 11.67 -2.90 7.28
N THR A 133 10.91 -3.25 8.28
CA THR A 133 9.74 -2.41 8.65
C THR A 133 10.08 -1.64 9.93
N MET A 134 9.78 -0.37 9.96
CA MET A 134 10.10 0.44 11.17
C MET A 134 9.40 -0.15 12.39
N ALA A 135 8.21 -0.66 12.20
CA ALA A 135 7.46 -1.26 13.34
C ALA A 135 7.53 -2.79 13.25
N MET A 1 1.02 -21.14 -9.55
CA MET A 1 -0.33 -20.74 -9.06
C MET A 1 -0.47 -19.21 -9.03
N LEU A 2 -0.12 -18.55 -10.09
CA LEU A 2 -0.25 -17.06 -10.12
C LEU A 2 -1.72 -16.67 -9.99
N SER A 3 -2.59 -17.42 -10.62
CA SER A 3 -4.05 -17.10 -10.55
C SER A 3 -4.26 -15.59 -10.70
N GLN A 4 -4.43 -14.90 -9.62
CA GLN A 4 -4.62 -13.42 -9.70
C GLN A 4 -3.80 -12.73 -8.63
N ILE A 5 -3.68 -11.44 -8.70
CA ILE A 5 -2.90 -10.70 -7.67
C ILE A 5 -3.84 -10.13 -6.62
N ALA A 6 -3.48 -10.26 -5.38
CA ALA A 6 -4.35 -9.73 -4.31
C ALA A 6 -3.88 -8.35 -3.88
N ILE A 7 -4.66 -7.35 -4.16
CA ILE A 7 -4.26 -5.97 -3.77
C ILE A 7 -5.28 -5.39 -2.80
N CYS A 8 -4.85 -5.10 -1.61
CA CYS A 8 -5.79 -4.52 -0.61
C CYS A 8 -5.56 -3.01 -0.48
N ILE A 9 -6.57 -2.22 -0.70
CA ILE A 9 -6.38 -0.75 -0.60
C ILE A 9 -7.19 -0.21 0.57
N TRP A 10 -6.70 0.83 1.18
CA TRP A 10 -7.46 1.43 2.30
C TRP A 10 -7.77 2.89 1.97
N VAL A 11 -9.00 3.18 1.68
CA VAL A 11 -9.36 4.57 1.33
C VAL A 11 -10.81 4.84 1.72
N GLU A 12 -11.05 5.96 2.36
CA GLU A 12 -12.45 6.29 2.79
C GLU A 12 -13.18 7.07 1.69
N SER A 13 -12.44 7.66 0.78
CA SER A 13 -13.10 8.42 -0.32
C SER A 13 -13.30 7.49 -1.52
N THR A 14 -14.50 7.37 -2.02
CA THR A 14 -14.73 6.45 -3.19
C THR A 14 -13.92 6.89 -4.39
N ALA A 15 -13.83 8.18 -4.63
CA ALA A 15 -13.05 8.67 -5.79
C ALA A 15 -11.62 8.14 -5.72
N ILE A 16 -10.99 8.23 -4.58
CA ILE A 16 -9.61 7.70 -4.46
C ILE A 16 -9.69 6.19 -4.64
N LEU A 17 -10.66 5.60 -4.01
CA LEU A 17 -10.86 4.14 -4.15
C LEU A 17 -11.05 3.79 -5.62
N GLN A 18 -11.79 4.57 -6.34
CA GLN A 18 -12.01 4.28 -7.80
C GLN A 18 -10.73 4.52 -8.58
N ASP A 19 -10.14 5.68 -8.45
CA ASP A 19 -8.89 5.95 -9.20
C ASP A 19 -7.84 4.91 -8.80
N CYS A 20 -7.71 4.63 -7.53
CA CYS A 20 -6.69 3.64 -7.10
C CYS A 20 -7.01 2.25 -7.69
N GLN A 21 -8.24 1.85 -7.67
CA GLN A 21 -8.59 0.52 -8.23
C GLN A 21 -8.76 0.62 -9.75
N ARG A 22 -9.06 1.78 -10.25
CA ARG A 22 -9.21 1.91 -11.74
C ARG A 22 -7.90 1.52 -12.40
N ALA A 23 -6.82 2.07 -11.93
CA ALA A 23 -5.50 1.70 -12.51
C ALA A 23 -5.30 0.20 -12.33
N LEU A 24 -5.58 -0.30 -11.16
CA LEU A 24 -5.44 -1.75 -10.90
C LEU A 24 -6.75 -2.45 -11.25
N SER A 25 -7.10 -2.45 -12.50
CA SER A 25 -8.36 -3.10 -12.95
C SER A 25 -8.03 -4.34 -13.78
N ALA A 26 -6.77 -4.64 -13.95
CA ALA A 26 -6.39 -5.83 -14.75
C ALA A 26 -7.34 -6.98 -14.40
N ASP A 27 -7.64 -7.84 -15.33
CA ASP A 27 -8.58 -8.95 -15.03
C ASP A 27 -7.96 -9.95 -14.05
N ARG A 28 -6.71 -9.77 -13.71
CA ARG A 28 -6.06 -10.70 -12.75
C ARG A 28 -5.85 -10.00 -11.41
N TYR A 29 -6.50 -8.90 -11.18
CA TYR A 29 -6.31 -8.17 -9.91
C TYR A 29 -7.46 -8.46 -8.95
N GLN A 30 -7.16 -8.58 -7.70
CA GLN A 30 -8.23 -8.83 -6.69
C GLN A 30 -8.26 -7.64 -5.74
N LEU A 31 -8.94 -6.59 -6.14
CA LEU A 31 -8.97 -5.37 -5.30
C LEU A 31 -9.84 -5.57 -4.05
N GLN A 32 -9.31 -5.21 -2.92
CA GLN A 32 -10.11 -5.32 -1.66
C GLN A 32 -10.23 -3.92 -1.07
N VAL A 33 -11.41 -3.46 -0.79
CA VAL A 33 -11.55 -2.10 -0.23
C VAL A 33 -11.77 -2.12 1.28
N CYS A 34 -10.94 -1.43 1.99
CA CYS A 34 -11.08 -1.38 3.48
C CYS A 34 -11.59 0.00 3.91
N GLU A 35 -12.80 0.08 4.37
CA GLU A 35 -13.35 1.40 4.79
C GLU A 35 -12.54 2.00 5.95
N SER A 36 -12.04 1.19 6.85
CA SER A 36 -11.27 1.77 7.99
C SER A 36 -9.81 1.34 7.93
N GLY A 37 -9.08 1.58 8.98
CA GLY A 37 -7.66 1.17 9.01
C GLY A 37 -7.59 -0.11 9.83
N GLU A 38 -8.54 -0.26 10.72
CA GLU A 38 -8.61 -1.48 11.55
C GLU A 38 -9.07 -2.64 10.68
N MET A 39 -10.00 -2.35 9.82
CA MET A 39 -10.53 -3.39 8.91
C MET A 39 -9.38 -3.92 8.04
N LEU A 40 -8.51 -3.05 7.64
CA LEU A 40 -7.34 -3.47 6.80
C LEU A 40 -6.45 -4.43 7.59
N LEU A 41 -6.33 -4.21 8.88
CA LEU A 41 -5.50 -5.12 9.71
C LEU A 41 -6.07 -6.54 9.65
N GLU A 42 -7.36 -6.67 9.84
CA GLU A 42 -7.99 -8.03 9.80
C GLU A 42 -7.72 -8.72 8.47
N TYR A 43 -7.89 -8.04 7.38
CA TYR A 43 -7.64 -8.68 6.05
C TYR A 43 -6.16 -9.01 5.88
N ALA A 44 -5.28 -8.19 6.38
CA ALA A 44 -3.83 -8.48 6.24
C ALA A 44 -3.35 -9.36 7.39
N GLN A 45 -4.11 -9.44 8.46
CA GLN A 45 -3.69 -10.29 9.62
C GLN A 45 -3.93 -11.77 9.35
N THR A 46 -4.55 -12.10 8.25
CA THR A 46 -4.82 -13.54 7.98
C THR A 46 -4.51 -13.88 6.52
N HIS A 47 -3.61 -13.15 5.93
CA HIS A 47 -3.23 -13.39 4.51
C HIS A 47 -1.99 -12.56 4.17
N ARG A 48 -1.19 -12.25 5.16
CA ARG A 48 0.01 -11.39 4.90
C ARG A 48 0.70 -11.84 3.63
N ASP A 49 1.05 -13.09 3.56
CA ASP A 49 1.74 -13.62 2.35
C ASP A 49 0.79 -13.62 1.16
N GLN A 50 -0.48 -13.77 1.43
CA GLN A 50 -1.50 -13.80 0.34
C GLN A 50 -1.70 -12.42 -0.29
N ILE A 51 -1.52 -11.36 0.45
CA ILE A 51 -1.72 -10.02 -0.16
C ILE A 51 -0.52 -9.72 -1.05
N ASP A 52 -0.75 -9.43 -2.30
CA ASP A 52 0.37 -9.16 -3.22
C ASP A 52 0.79 -7.69 -3.17
N CYS A 53 -0.15 -6.80 -3.02
CA CYS A 53 0.21 -5.35 -2.96
C CYS A 53 -0.81 -4.59 -2.11
N LEU A 54 -0.37 -3.71 -1.26
CA LEU A 54 -1.36 -2.96 -0.44
C LEU A 54 -1.34 -1.47 -0.80
N ILE A 55 -2.50 -0.88 -0.93
CA ILE A 55 -2.57 0.58 -1.28
C ILE A 55 -2.91 1.37 -0.02
N LEU A 56 -2.33 2.53 0.13
CA LEU A 56 -2.61 3.34 1.34
C LEU A 56 -2.68 4.83 0.98
N VAL A 57 -3.31 5.62 1.81
CA VAL A 57 -3.39 7.07 1.54
C VAL A 57 -2.76 7.84 2.71
N ALA A 58 -1.57 8.33 2.53
CA ALA A 58 -0.87 9.06 3.64
C ALA A 58 -1.68 10.27 4.13
N ALA A 59 -2.62 10.73 3.35
CA ALA A 59 -3.43 11.91 3.79
C ALA A 59 -4.16 11.61 5.11
N ASN A 60 -4.26 10.35 5.47
CA ASN A 60 -4.96 10.00 6.75
C ASN A 60 -4.06 10.27 7.96
N PRO A 61 -4.70 10.64 9.03
CA PRO A 61 -3.96 10.97 10.28
C PRO A 61 -3.42 9.71 10.98
N SER A 62 -4.28 8.84 11.41
CA SER A 62 -3.80 7.61 12.11
C SER A 62 -3.34 6.57 11.09
N PHE A 63 -3.32 6.93 9.83
CA PHE A 63 -2.89 5.95 8.79
C PHE A 63 -1.59 5.28 9.23
N ARG A 64 -0.63 6.04 9.68
CA ARG A 64 0.65 5.45 10.13
C ARG A 64 0.39 4.38 11.19
N ALA A 65 -0.45 4.67 12.14
CA ALA A 65 -0.75 3.68 13.20
C ALA A 65 -1.28 2.39 12.55
N VAL A 66 -2.09 2.51 11.54
CA VAL A 66 -2.63 1.30 10.85
C VAL A 66 -1.49 0.57 10.13
N VAL A 67 -0.61 1.30 9.49
CA VAL A 67 0.52 0.62 8.80
C VAL A 67 1.41 -0.04 9.85
N GLN A 68 1.63 0.62 10.96
CA GLN A 68 2.47 0.00 12.01
C GLN A 68 1.92 -1.38 12.34
N GLN A 69 0.62 -1.48 12.49
CA GLN A 69 0.05 -2.82 12.80
C GLN A 69 0.49 -3.81 11.73
N LEU A 70 0.37 -3.46 10.48
CA LEU A 70 0.82 -4.41 9.44
C LEU A 70 2.23 -4.86 9.80
N CYS A 71 3.13 -3.92 10.00
CA CYS A 71 4.52 -4.30 10.39
C CYS A 71 4.51 -4.99 11.75
N PHE A 72 3.71 -4.51 12.66
CA PHE A 72 3.64 -5.13 14.01
C PHE A 72 3.42 -6.63 13.88
N GLU A 73 2.39 -7.04 13.17
CA GLU A 73 2.15 -8.49 12.98
C GLU A 73 3.25 -9.08 12.12
N GLY A 74 3.87 -8.25 11.32
CA GLY A 74 4.93 -8.74 10.41
C GLY A 74 4.37 -8.78 8.99
N VAL A 75 3.27 -8.13 8.77
CA VAL A 75 2.67 -8.13 7.41
C VAL A 75 3.40 -7.15 6.51
N VAL A 76 4.28 -7.62 5.67
CA VAL A 76 5.01 -6.67 4.78
C VAL A 76 4.71 -7.00 3.33
N VAL A 77 4.33 -6.01 2.58
CA VAL A 77 4.02 -6.22 1.14
C VAL A 77 4.41 -4.99 0.35
N PRO A 78 4.42 -5.12 -0.96
CA PRO A 78 4.72 -3.97 -1.81
C PRO A 78 3.58 -2.99 -1.66
N ALA A 79 3.69 -2.08 -0.76
CA ALA A 79 2.56 -1.15 -0.53
C ALA A 79 2.79 0.19 -1.22
N ILE A 80 1.82 0.61 -1.98
CA ILE A 80 1.96 1.91 -2.70
C ILE A 80 1.30 3.01 -1.88
N VAL A 81 2.05 4.00 -1.50
CA VAL A 81 1.47 5.09 -0.68
C VAL A 81 1.17 6.32 -1.56
N VAL A 82 0.12 7.02 -1.24
CA VAL A 82 -0.27 8.20 -2.05
C VAL A 82 -0.23 9.48 -1.21
N GLY A 83 -0.33 10.62 -1.84
CA GLY A 83 -0.32 11.92 -1.09
C GLY A 83 1.09 12.25 -0.56
N ASP A 84 2.11 11.77 -1.20
CA ASP A 84 3.49 12.10 -0.69
C ASP A 84 4.46 12.38 -1.85
N ARG A 85 5.12 13.50 -1.78
CA ARG A 85 6.11 13.87 -2.85
C ARG A 85 7.51 14.04 -2.24
N ASP A 86 8.40 14.68 -2.96
CA ASP A 86 9.78 14.89 -2.42
C ASP A 86 9.77 15.95 -1.32
N SER A 87 9.64 15.55 -0.08
CA SER A 87 9.63 16.56 1.02
C SER A 87 11.06 17.05 1.29
N GLU A 88 11.28 18.33 1.22
CA GLU A 88 12.65 18.85 1.48
C GLU A 88 13.03 18.62 2.95
N ASP A 89 12.06 18.46 3.81
CA ASP A 89 12.36 18.23 5.25
C ASP A 89 12.21 16.75 5.59
N PRO A 90 13.32 16.11 5.83
CA PRO A 90 13.31 14.67 6.18
C PRO A 90 12.81 14.47 7.62
N ASP A 91 13.05 15.41 8.49
CA ASP A 91 12.58 15.26 9.90
C ASP A 91 11.08 15.01 9.93
N GLU A 92 10.34 15.69 9.10
CA GLU A 92 8.86 15.50 9.09
C GLU A 92 8.53 14.05 8.69
N PRO A 93 7.30 13.69 8.91
CA PRO A 93 6.83 12.33 8.59
C PRO A 93 6.49 12.25 7.08
N ALA A 94 5.69 11.30 6.70
CA ALA A 94 5.29 11.16 5.25
C ALA A 94 6.45 10.66 4.40
N LYS A 95 6.97 9.51 4.70
CA LYS A 95 8.10 8.98 3.91
C LYS A 95 8.05 7.45 3.89
N GLU A 96 9.08 6.83 3.37
CA GLU A 96 9.11 5.35 3.34
C GLU A 96 8.77 4.78 4.72
N GLN A 97 8.97 5.55 5.76
CA GLN A 97 8.68 5.07 7.13
C GLN A 97 7.19 4.78 7.33
N LEU A 98 6.35 5.36 6.53
CA LEU A 98 4.90 5.12 6.70
C LEU A 98 4.69 3.61 6.69
N TYR A 99 5.55 2.91 6.01
CA TYR A 99 5.44 1.43 5.99
C TYR A 99 6.83 0.78 6.10
N HIS A 100 7.18 -0.10 5.20
CA HIS A 100 8.51 -0.75 5.27
C HIS A 100 9.49 -0.06 4.31
N SER A 101 10.72 -0.51 4.27
CA SER A 101 11.73 0.14 3.39
C SER A 101 11.53 -0.24 1.92
N ALA A 102 10.51 -0.96 1.58
CA ALA A 102 10.33 -1.32 0.15
C ALA A 102 9.02 -0.75 -0.42
N GLU A 103 8.04 -0.50 0.41
CA GLU A 103 6.76 0.07 -0.12
C GLU A 103 7.07 1.21 -1.11
N LEU A 104 6.28 1.34 -2.15
CA LEU A 104 6.55 2.42 -3.13
C LEU A 104 5.67 3.65 -2.83
N HIS A 105 6.06 4.79 -3.33
CA HIS A 105 5.25 6.01 -3.11
C HIS A 105 4.66 6.49 -4.44
N LEU A 106 3.43 6.91 -4.46
CA LEU A 106 2.82 7.36 -5.74
C LEU A 106 2.22 8.76 -5.60
N GLY A 107 2.31 9.55 -6.62
CA GLY A 107 1.73 10.91 -6.55
C GLY A 107 0.21 10.81 -6.47
N ILE A 108 -0.44 11.81 -5.96
CA ILE A 108 -1.92 11.78 -5.86
C ILE A 108 -2.54 11.65 -7.25
N HIS A 109 -2.02 12.37 -8.21
CA HIS A 109 -2.58 12.28 -9.60
C HIS A 109 -1.90 11.14 -10.37
N GLN A 110 -1.07 10.38 -9.71
CA GLN A 110 -0.38 9.26 -10.43
C GLN A 110 -1.02 7.92 -10.09
N LEU A 111 -2.21 7.94 -9.54
CA LEU A 111 -2.88 6.67 -9.18
C LEU A 111 -2.92 5.70 -10.36
N GLU A 112 -3.15 6.20 -11.53
CA GLU A 112 -3.20 5.30 -12.72
C GLU A 112 -1.89 4.53 -12.84
N GLN A 113 -0.87 4.96 -12.15
CA GLN A 113 0.43 4.24 -12.24
C GLN A 113 0.42 3.06 -11.28
N LEU A 114 -0.65 2.86 -10.58
CA LEU A 114 -0.72 1.75 -9.61
C LEU A 114 -0.39 0.39 -10.25
N PRO A 115 -1.00 0.09 -11.37
CA PRO A 115 -0.72 -1.22 -12.02
C PRO A 115 0.75 -1.28 -12.45
N TYR A 116 1.28 -0.22 -12.98
CA TYR A 116 2.73 -0.24 -13.34
C TYR A 116 3.52 -0.18 -12.03
N GLN A 117 3.05 0.60 -11.10
CA GLN A 117 3.73 0.68 -9.78
C GLN A 117 3.58 -0.64 -9.04
N VAL A 118 2.42 -1.23 -9.13
CA VAL A 118 2.20 -2.54 -8.46
C VAL A 118 3.18 -3.56 -9.04
N ASP A 119 3.29 -3.65 -10.34
CA ASP A 119 4.26 -4.62 -10.92
C ASP A 119 5.66 -4.28 -10.42
N ALA A 120 5.96 -3.01 -10.40
CA ALA A 120 7.28 -2.54 -9.93
C ALA A 120 7.38 -2.70 -8.41
N ALA A 121 6.32 -2.43 -7.71
CA ALA A 121 6.34 -2.55 -6.23
C ALA A 121 6.51 -4.03 -5.87
N LEU A 122 5.87 -4.89 -6.60
CA LEU A 122 6.01 -6.35 -6.32
C LEU A 122 7.48 -6.78 -6.42
N ALA A 123 8.08 -6.55 -7.56
CA ALA A 123 9.51 -6.92 -7.72
C ALA A 123 10.37 -6.12 -6.76
N GLU A 124 10.05 -4.87 -6.57
CA GLU A 124 10.85 -4.05 -5.63
C GLU A 124 10.69 -4.61 -4.22
N PHE A 125 9.50 -5.02 -3.84
CA PHE A 125 9.32 -5.59 -2.48
C PHE A 125 10.07 -6.92 -2.35
N LEU A 126 9.92 -7.80 -3.32
CA LEU A 126 10.63 -9.11 -3.21
C LEU A 126 12.14 -8.90 -3.15
N ARG A 127 12.66 -7.97 -3.90
CA ARG A 127 14.14 -7.74 -3.86
C ARG A 127 14.59 -7.34 -2.44
N LEU A 128 13.72 -6.76 -1.65
CA LEU A 128 14.13 -6.35 -0.27
C LEU A 128 13.56 -7.30 0.78
N ALA A 129 12.85 -8.31 0.37
CA ALA A 129 12.27 -9.26 1.37
C ALA A 129 13.37 -10.22 1.86
N PRO A 130 13.40 -10.45 3.15
CA PRO A 130 12.42 -9.84 4.08
C PRO A 130 12.77 -8.36 4.29
N VAL A 131 11.78 -7.54 4.57
CA VAL A 131 12.06 -6.09 4.78
C VAL A 131 12.09 -5.77 6.27
N GLU A 132 12.72 -4.70 6.65
CA GLU A 132 12.77 -4.33 8.09
C GLU A 132 11.52 -3.52 8.47
N THR A 133 10.53 -4.16 9.05
CA THR A 133 9.30 -3.41 9.45
C THR A 133 9.25 -3.22 10.97
N MET A 134 9.84 -2.16 11.46
CA MET A 134 9.83 -1.92 12.94
C MET A 134 8.56 -1.17 13.37
N ALA A 135 7.75 -0.76 12.44
CA ALA A 135 6.50 -0.03 12.81
C ALA A 135 6.80 1.04 13.88
N MET A 1 0.75 -18.12 -8.54
CA MET A 1 -0.62 -17.53 -8.71
C MET A 1 -0.58 -16.42 -9.74
N LEU A 2 -0.39 -16.76 -10.99
CA LEU A 2 -0.37 -15.69 -12.04
C LEU A 2 -1.79 -15.40 -12.53
N SER A 3 -2.73 -16.24 -12.17
CA SER A 3 -4.13 -16.01 -12.62
C SER A 3 -4.63 -14.65 -12.12
N GLN A 4 -4.32 -14.31 -10.90
CA GLN A 4 -4.78 -12.99 -10.36
C GLN A 4 -3.86 -12.51 -9.23
N ILE A 5 -4.03 -11.28 -8.82
CA ILE A 5 -3.20 -10.72 -7.72
C ILE A 5 -4.13 -10.19 -6.63
N ALA A 6 -3.78 -10.35 -5.38
CA ALA A 6 -4.65 -9.84 -4.30
C ALA A 6 -4.15 -8.48 -3.82
N ILE A 7 -4.93 -7.46 -4.00
CA ILE A 7 -4.47 -6.11 -3.55
C ILE A 7 -5.51 -5.50 -2.60
N CYS A 8 -5.13 -5.25 -1.38
CA CYS A 8 -6.07 -4.65 -0.41
C CYS A 8 -5.78 -3.16 -0.26
N ILE A 9 -6.65 -2.31 -0.72
CA ILE A 9 -6.39 -0.85 -0.61
C ILE A 9 -7.15 -0.25 0.57
N TRP A 10 -6.62 0.77 1.17
CA TRP A 10 -7.31 1.42 2.30
C TRP A 10 -7.50 2.90 1.99
N VAL A 11 -8.72 3.34 1.92
CA VAL A 11 -8.97 4.76 1.60
C VAL A 11 -10.42 5.12 1.93
N GLU A 12 -10.62 6.13 2.72
CA GLU A 12 -12.02 6.51 3.11
C GLU A 12 -12.70 7.30 1.99
N SER A 13 -12.01 7.55 0.91
CA SER A 13 -12.61 8.31 -0.21
C SER A 13 -12.86 7.40 -1.41
N THR A 14 -14.05 7.42 -1.95
CA THR A 14 -14.34 6.55 -3.13
C THR A 14 -13.49 6.98 -4.32
N ALA A 15 -13.44 8.26 -4.57
CA ALA A 15 -12.62 8.75 -5.71
C ALA A 15 -11.20 8.18 -5.60
N ILE A 16 -10.60 8.30 -4.45
CA ILE A 16 -9.23 7.73 -4.29
C ILE A 16 -9.32 6.21 -4.37
N LEU A 17 -10.37 5.65 -3.81
CA LEU A 17 -10.55 4.17 -3.89
C LEU A 17 -10.73 3.77 -5.36
N GLN A 18 -11.55 4.50 -6.06
CA GLN A 18 -11.77 4.17 -7.50
C GLN A 18 -10.48 4.39 -8.29
N ASP A 19 -9.85 5.53 -8.15
CA ASP A 19 -8.59 5.77 -8.91
C ASP A 19 -7.55 4.72 -8.53
N CYS A 20 -7.44 4.41 -7.26
CA CYS A 20 -6.44 3.39 -6.83
C CYS A 20 -6.77 2.05 -7.49
N GLN A 21 -8.03 1.71 -7.58
CA GLN A 21 -8.42 0.42 -8.20
C GLN A 21 -8.54 0.55 -9.72
N ARG A 22 -9.03 1.66 -10.18
CA ARG A 22 -9.18 1.83 -11.65
C ARG A 22 -7.87 1.47 -12.34
N ALA A 23 -6.78 2.03 -11.91
CA ALA A 23 -5.48 1.68 -12.55
C ALA A 23 -5.23 0.19 -12.33
N LEU A 24 -5.34 -0.28 -11.11
CA LEU A 24 -5.13 -1.73 -10.84
C LEU A 24 -6.38 -2.51 -11.23
N SER A 25 -6.72 -2.51 -12.49
CA SER A 25 -7.95 -3.23 -12.95
C SER A 25 -7.60 -4.47 -13.79
N ALA A 26 -6.34 -4.68 -14.07
CA ALA A 26 -5.91 -5.87 -14.88
C ALA A 26 -6.85 -7.07 -14.63
N ASP A 27 -7.17 -7.81 -15.66
CA ASP A 27 -8.07 -8.98 -15.50
C ASP A 27 -7.59 -9.90 -14.38
N ARG A 28 -6.36 -9.76 -13.97
CA ARG A 28 -5.85 -10.65 -12.89
C ARG A 28 -5.67 -9.89 -11.58
N TYR A 29 -6.51 -8.91 -11.32
CA TYR A 29 -6.36 -8.16 -10.05
C TYR A 29 -7.54 -8.40 -9.12
N GLN A 30 -7.26 -8.62 -7.88
CA GLN A 30 -8.37 -8.83 -6.90
C GLN A 30 -8.29 -7.69 -5.88
N LEU A 31 -8.94 -6.61 -6.16
CA LEU A 31 -8.88 -5.44 -5.24
C LEU A 31 -9.84 -5.55 -4.07
N GLN A 32 -9.31 -5.46 -2.88
CA GLN A 32 -10.17 -5.53 -1.67
C GLN A 32 -10.32 -4.11 -1.13
N VAL A 33 -11.49 -3.74 -0.71
CA VAL A 33 -11.67 -2.35 -0.20
C VAL A 33 -11.88 -2.33 1.31
N CYS A 34 -11.10 -1.54 2.00
CA CYS A 34 -11.25 -1.45 3.48
C CYS A 34 -11.80 -0.07 3.85
N GLU A 35 -13.00 -0.02 4.35
CA GLU A 35 -13.60 1.29 4.71
C GLU A 35 -12.75 1.98 5.79
N SER A 36 -12.09 1.22 6.63
CA SER A 36 -11.25 1.84 7.69
C SER A 36 -9.81 1.34 7.60
N GLY A 37 -9.02 1.58 8.62
CA GLY A 37 -7.62 1.10 8.61
C GLY A 37 -7.56 -0.14 9.49
N GLU A 38 -8.40 -0.14 10.49
CA GLU A 38 -8.48 -1.31 11.39
C GLU A 38 -9.05 -2.47 10.61
N MET A 39 -9.98 -2.19 9.73
CA MET A 39 -10.56 -3.26 8.90
C MET A 39 -9.46 -3.86 8.02
N LEU A 40 -8.63 -3.01 7.47
CA LEU A 40 -7.52 -3.51 6.62
C LEU A 40 -6.66 -4.48 7.43
N LEU A 41 -6.34 -4.13 8.64
CA LEU A 41 -5.52 -5.01 9.49
C LEU A 41 -6.16 -6.38 9.63
N GLU A 42 -7.44 -6.42 9.84
CA GLU A 42 -8.14 -7.73 10.00
C GLU A 42 -8.04 -8.53 8.69
N TYR A 43 -8.18 -7.89 7.57
CA TYR A 43 -8.07 -8.65 6.28
C TYR A 43 -6.63 -9.10 6.07
N ALA A 44 -5.67 -8.31 6.45
CA ALA A 44 -4.25 -8.71 6.28
C ALA A 44 -3.85 -9.72 7.36
N GLN A 45 -4.34 -9.54 8.55
CA GLN A 45 -3.99 -10.49 9.66
C GLN A 45 -4.26 -11.93 9.26
N THR A 46 -5.02 -12.15 8.22
CA THR A 46 -5.30 -13.56 7.83
C THR A 46 -4.96 -13.82 6.36
N HIS A 47 -4.22 -12.95 5.75
CA HIS A 47 -3.84 -13.16 4.31
C HIS A 47 -2.50 -12.49 4.00
N ARG A 48 -1.74 -12.15 5.01
CA ARG A 48 -0.42 -11.46 4.78
C ARG A 48 0.28 -12.10 3.59
N ASP A 49 0.48 -13.38 3.67
CA ASP A 49 1.15 -14.10 2.56
C ASP A 49 0.27 -14.08 1.30
N GLN A 50 -1.02 -14.02 1.49
CA GLN A 50 -1.93 -13.99 0.31
C GLN A 50 -2.03 -12.57 -0.25
N ILE A 51 -1.83 -11.57 0.56
CA ILE A 51 -1.92 -10.17 0.05
C ILE A 51 -0.71 -9.89 -0.84
N ASP A 52 -0.93 -9.77 -2.12
CA ASP A 52 0.20 -9.50 -3.05
C ASP A 52 0.64 -8.05 -2.97
N CYS A 53 -0.29 -7.14 -2.85
CA CYS A 53 0.09 -5.69 -2.79
C CYS A 53 -0.87 -4.90 -1.91
N LEU A 54 -0.39 -3.94 -1.16
CA LEU A 54 -1.32 -3.13 -0.29
C LEU A 54 -1.32 -1.66 -0.73
N ILE A 55 -2.48 -1.06 -0.90
CA ILE A 55 -2.51 0.38 -1.29
C ILE A 55 -2.85 1.22 -0.07
N LEU A 56 -2.07 2.23 0.21
CA LEU A 56 -2.36 3.06 1.40
C LEU A 56 -2.34 4.55 1.06
N VAL A 57 -3.11 5.33 1.77
CA VAL A 57 -3.14 6.80 1.52
C VAL A 57 -2.51 7.51 2.73
N ALA A 58 -1.46 8.24 2.51
CA ALA A 58 -0.81 8.93 3.67
C ALA A 58 -1.67 10.11 4.14
N ALA A 59 -2.51 10.64 3.29
CA ALA A 59 -3.36 11.79 3.72
C ALA A 59 -4.17 11.42 4.97
N ASN A 60 -4.25 10.16 5.31
CA ASN A 60 -5.00 9.77 6.54
C ASN A 60 -4.20 10.17 7.79
N PRO A 61 -4.90 10.23 8.89
CA PRO A 61 -4.27 10.62 10.18
C PRO A 61 -3.59 9.43 10.86
N SER A 62 -4.37 8.53 11.38
CA SER A 62 -3.79 7.35 12.08
C SER A 62 -3.27 6.32 11.08
N PHE A 63 -3.27 6.66 9.82
CA PHE A 63 -2.79 5.69 8.79
C PHE A 63 -1.41 5.15 9.21
N ARG A 64 -0.49 6.00 9.56
CA ARG A 64 0.85 5.52 9.97
C ARG A 64 0.71 4.52 11.13
N ALA A 65 -0.18 4.80 12.05
CA ALA A 65 -0.39 3.87 13.19
C ALA A 65 -0.95 2.54 12.69
N VAL A 66 -1.93 2.60 11.84
CA VAL A 66 -2.50 1.33 11.29
C VAL A 66 -1.41 0.58 10.54
N VAL A 67 -0.59 1.29 9.83
CA VAL A 67 0.53 0.64 9.09
C VAL A 67 1.45 -0.09 10.05
N GLN A 68 1.85 0.53 11.14
CA GLN A 68 2.75 -0.18 12.07
C GLN A 68 2.08 -1.47 12.50
N GLN A 69 0.79 -1.44 12.68
CA GLN A 69 0.07 -2.68 13.07
C GLN A 69 0.39 -3.77 12.05
N LEU A 70 0.21 -3.48 10.77
CA LEU A 70 0.54 -4.51 9.74
C LEU A 70 1.96 -5.01 10.00
N CYS A 71 2.89 -4.10 10.05
CA CYS A 71 4.31 -4.50 10.32
C CYS A 71 4.44 -5.17 11.69
N PHE A 72 3.75 -4.66 12.67
CA PHE A 72 3.84 -5.26 14.04
C PHE A 72 3.55 -6.76 13.99
N GLU A 73 2.48 -7.15 13.36
CA GLU A 73 2.17 -8.60 13.26
C GLU A 73 3.12 -9.25 12.25
N GLY A 74 3.82 -8.44 11.49
CA GLY A 74 4.78 -9.01 10.50
C GLY A 74 4.17 -8.95 9.09
N VAL A 75 3.03 -8.33 8.94
CA VAL A 75 2.41 -8.25 7.59
C VAL A 75 3.14 -7.22 6.72
N VAL A 76 4.09 -7.66 5.93
CA VAL A 76 4.85 -6.70 5.06
C VAL A 76 4.61 -7.06 3.59
N VAL A 77 4.13 -6.13 2.81
CA VAL A 77 3.86 -6.40 1.37
C VAL A 77 4.28 -5.21 0.52
N PRO A 78 4.32 -5.40 -0.77
CA PRO A 78 4.68 -4.28 -1.67
C PRO A 78 3.54 -3.27 -1.60
N ALA A 79 3.63 -2.38 -0.66
CA ALA A 79 2.54 -1.40 -0.46
C ALA A 79 2.84 -0.07 -1.15
N ILE A 80 1.86 0.45 -1.83
CA ILE A 80 2.03 1.75 -2.54
C ILE A 80 1.35 2.86 -1.74
N VAL A 81 2.10 3.84 -1.31
CA VAL A 81 1.49 4.94 -0.50
C VAL A 81 1.13 6.14 -1.39
N VAL A 82 0.09 6.86 -1.07
CA VAL A 82 -0.33 8.01 -1.91
C VAL A 82 -0.33 9.31 -1.10
N GLY A 83 -0.20 10.43 -1.77
CA GLY A 83 -0.21 11.75 -1.05
C GLY A 83 1.11 11.96 -0.32
N ASP A 84 2.20 11.95 -1.04
CA ASP A 84 3.52 12.15 -0.37
C ASP A 84 4.25 13.35 -0.97
N ARG A 85 4.86 14.15 -0.14
CA ARG A 85 5.60 15.34 -0.66
C ARG A 85 7.10 15.13 -0.51
N ASP A 86 7.88 15.98 -1.14
CA ASP A 86 9.36 15.85 -1.03
C ASP A 86 9.95 17.17 -0.53
N SER A 87 9.18 17.94 0.19
CA SER A 87 9.70 19.24 0.69
C SER A 87 11.12 19.06 1.20
N GLU A 88 12.00 19.98 0.90
CA GLU A 88 13.42 19.85 1.36
C GLU A 88 13.48 19.79 2.89
N ASP A 89 12.50 20.35 3.55
CA ASP A 89 12.48 20.35 5.05
C ASP A 89 13.02 19.00 5.57
N PRO A 90 14.20 19.05 6.12
CA PRO A 90 14.84 17.83 6.65
C PRO A 90 14.12 17.37 7.92
N ASP A 91 13.35 18.24 8.52
CA ASP A 91 12.63 17.85 9.76
C ASP A 91 11.69 16.69 9.48
N GLU A 92 11.07 16.66 8.33
CA GLU A 92 10.13 15.54 7.99
C GLU A 92 10.59 14.79 6.73
N PRO A 93 11.35 13.75 6.97
CA PRO A 93 11.89 12.90 5.86
C PRO A 93 10.78 11.99 5.30
N ALA A 94 9.77 12.57 4.70
CA ALA A 94 8.66 11.76 4.14
C ALA A 94 9.17 10.69 3.16
N LYS A 95 10.37 10.87 2.66
CA LYS A 95 10.92 9.88 1.68
C LYS A 95 10.96 8.46 2.25
N GLU A 96 11.09 8.30 3.54
CA GLU A 96 11.14 6.91 4.08
C GLU A 96 10.19 6.72 5.27
N GLN A 97 9.01 6.20 5.02
CA GLN A 97 8.04 5.96 6.14
C GLN A 97 6.71 5.44 5.59
N LEU A 98 5.66 5.49 6.39
CA LEU A 98 4.31 5.00 5.97
C LEU A 98 4.28 3.47 5.94
N TYR A 99 5.42 2.85 5.84
CA TYR A 99 5.46 1.36 5.83
C TYR A 99 6.93 0.91 5.78
N HIS A 100 7.25 -0.09 5.01
CA HIS A 100 8.68 -0.54 4.97
C HIS A 100 9.42 0.20 3.85
N SER A 101 10.72 0.09 3.81
CA SER A 101 11.50 0.80 2.76
C SER A 101 11.19 0.23 1.37
N ALA A 102 10.44 -0.82 1.30
CA ALA A 102 10.11 -1.41 -0.03
C ALA A 102 8.82 -0.81 -0.60
N GLU A 103 7.91 -0.39 0.23
CA GLU A 103 6.64 0.19 -0.29
C GLU A 103 6.95 1.28 -1.32
N LEU A 104 6.08 1.47 -2.27
CA LEU A 104 6.32 2.53 -3.30
C LEU A 104 5.41 3.73 -3.02
N HIS A 105 5.82 4.91 -3.39
CA HIS A 105 4.97 6.10 -3.14
C HIS A 105 4.37 6.61 -4.45
N LEU A 106 3.10 6.95 -4.44
CA LEU A 106 2.47 7.45 -5.69
C LEU A 106 1.80 8.80 -5.44
N GLY A 107 1.88 9.70 -6.40
CA GLY A 107 1.24 11.03 -6.23
C GLY A 107 -0.28 10.89 -6.29
N ILE A 108 -0.99 11.73 -5.58
CA ILE A 108 -2.48 11.66 -5.59
C ILE A 108 -3.01 11.89 -7.00
N HIS A 109 -2.46 12.83 -7.73
CA HIS A 109 -2.95 13.10 -9.11
C HIS A 109 -2.27 12.16 -10.10
N GLN A 110 -1.52 11.22 -9.62
CA GLN A 110 -0.85 10.26 -10.54
C GLN A 110 -1.52 8.89 -10.42
N LEU A 111 -2.76 8.86 -10.03
CA LEU A 111 -3.47 7.56 -9.91
C LEU A 111 -3.66 6.94 -11.29
N GLU A 112 -2.78 6.04 -11.62
CA GLU A 112 -2.82 5.36 -12.94
C GLU A 112 -1.59 4.44 -13.03
N GLN A 113 -0.55 4.81 -12.35
CA GLN A 113 0.70 4.00 -12.37
C GLN A 113 0.62 2.88 -11.33
N LEU A 114 -0.47 2.81 -10.61
CA LEU A 114 -0.61 1.74 -9.57
C LEU A 114 -0.25 0.37 -10.12
N PRO A 115 -0.73 0.02 -11.28
CA PRO A 115 -0.41 -1.30 -11.86
C PRO A 115 1.09 -1.39 -12.17
N TYR A 116 1.60 -0.53 -13.00
CA TYR A 116 3.06 -0.56 -13.26
C TYR A 116 3.78 -0.40 -11.92
N GLN A 117 3.23 0.41 -11.05
CA GLN A 117 3.84 0.60 -9.70
C GLN A 117 3.70 -0.70 -8.91
N VAL A 118 2.53 -1.30 -8.97
CA VAL A 118 2.30 -2.58 -8.24
C VAL A 118 3.26 -3.64 -8.76
N ASP A 119 3.37 -3.79 -10.06
CA ASP A 119 4.33 -4.80 -10.58
C ASP A 119 5.72 -4.42 -10.13
N ALA A 120 6.04 -3.14 -10.14
CA ALA A 120 7.38 -2.69 -9.68
C ALA A 120 7.46 -2.85 -8.17
N ALA A 121 6.37 -2.63 -7.49
CA ALA A 121 6.36 -2.76 -6.02
C ALA A 121 6.55 -4.25 -5.67
N LEU A 122 5.91 -5.11 -6.40
CA LEU A 122 6.06 -6.56 -6.13
C LEU A 122 7.54 -6.94 -6.27
N ALA A 123 8.18 -6.49 -7.31
CA ALA A 123 9.62 -6.80 -7.48
C ALA A 123 10.41 -6.05 -6.40
N GLU A 124 10.14 -4.78 -6.23
CA GLU A 124 10.86 -3.99 -5.20
C GLU A 124 10.63 -4.61 -3.81
N PHE A 125 9.45 -5.08 -3.53
CA PHE A 125 9.22 -5.69 -2.19
C PHE A 125 9.95 -7.03 -2.11
N LEU A 126 9.93 -7.79 -3.17
CA LEU A 126 10.63 -9.11 -3.17
C LEU A 126 12.14 -8.94 -3.01
N ARG A 127 12.75 -8.11 -3.82
CA ARG A 127 14.23 -7.94 -3.68
C ARG A 127 14.55 -7.47 -2.26
N LEU A 128 13.86 -6.46 -1.79
CA LEU A 128 14.12 -5.96 -0.41
C LEU A 128 13.59 -6.96 0.61
N ALA A 129 12.57 -7.71 0.27
CA ALA A 129 12.04 -8.70 1.24
C ALA A 129 13.11 -9.73 1.59
N PRO A 130 13.25 -10.02 2.86
CA PRO A 130 12.43 -9.36 3.91
C PRO A 130 12.88 -7.92 4.13
N VAL A 131 12.02 -6.96 3.94
CA VAL A 131 12.40 -5.53 4.15
C VAL A 131 12.43 -5.21 5.65
N GLU A 132 13.09 -4.15 6.03
CA GLU A 132 13.14 -3.78 7.48
C GLU A 132 11.98 -2.85 7.82
N THR A 133 10.99 -3.33 8.52
CA THR A 133 9.84 -2.43 8.87
C THR A 133 10.14 -1.69 10.18
N MET A 134 10.00 -0.39 10.16
CA MET A 134 10.29 0.41 11.38
C MET A 134 9.43 -0.04 12.56
N ALA A 135 8.18 -0.36 12.31
CA ALA A 135 7.29 -0.82 13.43
C ALA A 135 7.80 -2.14 14.00
N MET A 1 1.12 -19.05 -14.02
CA MET A 1 1.38 -17.68 -14.58
C MET A 1 1.04 -16.62 -13.53
N LEU A 2 0.70 -15.42 -13.95
CA LEU A 2 0.35 -14.35 -12.97
C LEU A 2 -1.01 -14.63 -12.31
N SER A 3 -1.76 -15.56 -12.82
CA SER A 3 -3.10 -15.86 -12.22
C SER A 3 -3.80 -14.57 -11.80
N GLN A 4 -3.72 -14.22 -10.54
CA GLN A 4 -4.36 -12.96 -10.07
C GLN A 4 -3.57 -12.36 -8.91
N ILE A 5 -3.63 -11.08 -8.74
CA ILE A 5 -2.87 -10.43 -7.63
C ILE A 5 -3.83 -9.96 -6.54
N ALA A 6 -3.55 -10.24 -5.30
CA ALA A 6 -4.46 -9.76 -4.22
C ALA A 6 -3.99 -8.39 -3.77
N ILE A 7 -4.75 -7.38 -4.06
CA ILE A 7 -4.33 -6.01 -3.65
C ILE A 7 -5.37 -5.40 -2.72
N CYS A 8 -4.99 -5.11 -1.52
CA CYS A 8 -5.95 -4.50 -0.56
C CYS A 8 -5.65 -3.02 -0.42
N ILE A 9 -6.64 -2.19 -0.57
CA ILE A 9 -6.40 -0.73 -0.45
C ILE A 9 -7.16 -0.13 0.71
N TRP A 10 -6.58 0.83 1.36
CA TRP A 10 -7.31 1.49 2.48
C TRP A 10 -7.55 2.95 2.11
N VAL A 11 -8.75 3.29 1.77
CA VAL A 11 -9.04 4.69 1.39
C VAL A 11 -10.51 5.01 1.70
N GLU A 12 -10.78 6.12 2.30
CA GLU A 12 -12.18 6.47 2.65
C GLU A 12 -12.88 7.22 1.50
N SER A 13 -12.13 7.78 0.59
CA SER A 13 -12.78 8.51 -0.54
C SER A 13 -13.04 7.53 -1.69
N THR A 14 -14.25 7.47 -2.17
CA THR A 14 -14.55 6.51 -3.28
C THR A 14 -13.70 6.84 -4.51
N ALA A 15 -13.66 8.08 -4.90
CA ALA A 15 -12.86 8.46 -6.10
C ALA A 15 -11.44 7.88 -5.97
N ILE A 16 -10.79 8.10 -4.85
CA ILE A 16 -9.42 7.53 -4.68
C ILE A 16 -9.51 6.01 -4.74
N LEU A 17 -10.41 5.44 -3.98
CA LEU A 17 -10.57 3.97 -4.00
C LEU A 17 -10.84 3.53 -5.43
N GLN A 18 -11.68 4.25 -6.13
CA GLN A 18 -11.95 3.90 -7.54
C GLN A 18 -10.73 4.21 -8.39
N ASP A 19 -10.16 5.37 -8.22
CA ASP A 19 -8.97 5.74 -9.02
C ASP A 19 -7.82 4.77 -8.72
N CYS A 20 -7.60 4.43 -7.48
CA CYS A 20 -6.51 3.48 -7.16
C CYS A 20 -6.82 2.11 -7.75
N GLN A 21 -8.05 1.68 -7.63
CA GLN A 21 -8.43 0.36 -8.19
C GLN A 21 -8.55 0.46 -9.71
N ARG A 22 -9.11 1.54 -10.19
CA ARG A 22 -9.24 1.71 -11.66
C ARG A 22 -7.93 1.36 -12.33
N ALA A 23 -6.87 1.99 -11.92
CA ALA A 23 -5.55 1.67 -12.52
C ALA A 23 -5.27 0.18 -12.31
N LEU A 24 -5.43 -0.29 -11.10
CA LEU A 24 -5.22 -1.74 -10.83
C LEU A 24 -6.44 -2.55 -11.25
N SER A 25 -6.77 -2.53 -12.51
CA SER A 25 -7.96 -3.28 -12.99
C SER A 25 -7.53 -4.49 -13.83
N ALA A 26 -6.25 -4.73 -13.91
CA ALA A 26 -5.77 -5.90 -14.72
C ALA A 26 -6.63 -7.13 -14.43
N ASP A 27 -6.94 -7.89 -15.43
CA ASP A 27 -7.78 -9.10 -15.21
C ASP A 27 -7.25 -9.94 -14.05
N ARG A 28 -5.99 -9.77 -13.71
CA ARG A 28 -5.42 -10.57 -12.58
C ARG A 28 -5.28 -9.71 -11.32
N TYR A 29 -6.28 -8.93 -11.00
CA TYR A 29 -6.20 -8.07 -9.78
C TYR A 29 -7.37 -8.33 -8.85
N GLN A 30 -7.09 -8.61 -7.61
CA GLN A 30 -8.21 -8.83 -6.63
C GLN A 30 -8.28 -7.63 -5.70
N LEU A 31 -8.98 -6.61 -6.11
CA LEU A 31 -9.06 -5.38 -5.28
C LEU A 31 -9.89 -5.61 -4.01
N GLN A 32 -9.40 -5.11 -2.91
CA GLN A 32 -10.15 -5.24 -1.62
C GLN A 32 -10.25 -3.85 -0.99
N VAL A 33 -11.43 -3.41 -0.66
CA VAL A 33 -11.58 -2.05 -0.09
C VAL A 33 -11.84 -2.07 1.42
N CYS A 34 -11.13 -1.25 2.14
CA CYS A 34 -11.33 -1.18 3.62
C CYS A 34 -11.67 0.27 4.00
N GLU A 35 -12.86 0.50 4.51
CA GLU A 35 -13.26 1.88 4.88
C GLU A 35 -12.43 2.41 6.06
N SER A 36 -11.93 1.54 6.89
CA SER A 36 -11.13 2.01 8.06
C SER A 36 -9.69 1.51 7.99
N GLY A 37 -8.95 1.66 9.04
CA GLY A 37 -7.54 1.17 9.05
C GLY A 37 -7.53 -0.11 9.86
N GLU A 38 -8.44 -0.21 10.79
CA GLU A 38 -8.55 -1.44 11.61
C GLU A 38 -9.09 -2.55 10.72
N MET A 39 -10.01 -2.19 9.87
CA MET A 39 -10.58 -3.19 8.94
C MET A 39 -9.48 -3.77 8.06
N LEU A 40 -8.54 -2.95 7.67
CA LEU A 40 -7.40 -3.44 6.83
C LEU A 40 -6.61 -4.48 7.62
N LEU A 41 -6.39 -4.23 8.89
CA LEU A 41 -5.62 -5.17 9.72
C LEU A 41 -6.29 -6.54 9.71
N GLU A 42 -7.60 -6.57 9.81
CA GLU A 42 -8.32 -7.87 9.81
C GLU A 42 -8.08 -8.61 8.50
N TYR A 43 -8.15 -7.91 7.39
CA TYR A 43 -7.94 -8.58 6.09
C TYR A 43 -6.48 -9.04 5.96
N ALA A 44 -5.57 -8.26 6.45
CA ALA A 44 -4.13 -8.65 6.36
C ALA A 44 -3.71 -9.48 7.58
N GLN A 45 -4.48 -9.46 8.63
CA GLN A 45 -4.11 -10.26 9.84
C GLN A 45 -4.32 -11.75 9.58
N THR A 46 -4.86 -12.10 8.46
CA THR A 46 -5.13 -13.54 8.21
C THR A 46 -4.75 -13.90 6.77
N HIS A 47 -4.22 -12.97 6.04
CA HIS A 47 -3.83 -13.25 4.63
C HIS A 47 -2.50 -12.57 4.31
N ARG A 48 -1.70 -12.28 5.32
CA ARG A 48 -0.39 -11.58 5.05
C ARG A 48 0.25 -12.19 3.81
N ASP A 49 0.48 -13.46 3.86
CA ASP A 49 1.10 -14.15 2.69
C ASP A 49 0.12 -14.13 1.52
N GLN A 50 -1.15 -14.19 1.82
CA GLN A 50 -2.18 -14.20 0.76
C GLN A 50 -2.33 -12.82 0.10
N ILE A 51 -1.78 -11.79 0.70
CA ILE A 51 -1.90 -10.42 0.08
C ILE A 51 -0.71 -10.16 -0.85
N ASP A 52 -0.95 -9.67 -2.03
CA ASP A 52 0.17 -9.43 -2.98
C ASP A 52 0.63 -7.97 -2.93
N CYS A 53 -0.28 -7.03 -2.87
CA CYS A 53 0.14 -5.58 -2.82
C CYS A 53 -0.84 -4.76 -1.98
N LEU A 54 -0.34 -3.88 -1.15
CA LEU A 54 -1.27 -3.06 -0.30
C LEU A 54 -1.27 -1.59 -0.72
N ILE A 55 -2.42 -0.98 -0.85
CA ILE A 55 -2.45 0.46 -1.23
C ILE A 55 -2.73 1.29 0.03
N LEU A 56 -2.06 2.39 0.18
CA LEU A 56 -2.30 3.22 1.40
C LEU A 56 -2.40 4.71 1.06
N VAL A 57 -3.07 5.45 1.89
CA VAL A 57 -3.20 6.91 1.65
C VAL A 57 -2.70 7.66 2.89
N ALA A 58 -1.61 8.35 2.78
CA ALA A 58 -1.07 9.08 3.97
C ALA A 58 -2.02 10.19 4.42
N ALA A 59 -2.80 10.73 3.52
CA ALA A 59 -3.74 11.81 3.89
C ALA A 59 -4.57 11.41 5.11
N ASN A 60 -4.65 10.15 5.42
CA ASN A 60 -5.46 9.73 6.60
C ASN A 60 -4.78 10.19 7.90
N PRO A 61 -5.55 10.20 8.96
CA PRO A 61 -5.04 10.66 10.27
C PRO A 61 -4.07 9.64 10.89
N SER A 62 -4.58 8.64 11.55
CA SER A 62 -3.70 7.64 12.21
C SER A 62 -3.30 6.53 11.23
N PHE A 63 -3.42 6.77 9.97
CA PHE A 63 -3.05 5.73 8.96
C PHE A 63 -1.69 5.11 9.29
N ARG A 64 -0.71 5.91 9.59
CA ARG A 64 0.64 5.35 9.90
C ARG A 64 0.52 4.30 11.01
N ALA A 65 -0.23 4.58 12.04
CA ALA A 65 -0.39 3.59 13.14
C ALA A 65 -0.93 2.27 12.57
N VAL A 66 -1.84 2.36 11.65
CA VAL A 66 -2.40 1.11 11.05
C VAL A 66 -1.30 0.39 10.26
N VAL A 67 -0.48 1.11 9.55
CA VAL A 67 0.61 0.46 8.78
C VAL A 67 1.62 -0.19 9.73
N GLN A 68 2.02 0.49 10.78
CA GLN A 68 2.99 -0.14 11.72
C GLN A 68 2.37 -1.43 12.27
N GLN A 69 1.07 -1.48 12.39
CA GLN A 69 0.44 -2.72 12.89
C GLN A 69 0.73 -3.85 11.90
N LEU A 70 0.50 -3.63 10.63
CA LEU A 70 0.81 -4.70 9.63
C LEU A 70 2.26 -5.13 9.86
N CYS A 71 3.14 -4.16 9.95
CA CYS A 71 4.58 -4.47 10.20
C CYS A 71 4.75 -5.16 11.55
N PHE A 72 4.03 -4.70 12.54
CA PHE A 72 4.15 -5.30 13.89
C PHE A 72 3.78 -6.78 13.86
N GLU A 73 2.69 -7.12 13.24
CA GLU A 73 2.27 -8.54 13.18
C GLU A 73 3.19 -9.30 12.22
N GLY A 74 3.82 -8.61 11.31
CA GLY A 74 4.72 -9.30 10.35
C GLY A 74 4.13 -9.21 8.95
N VAL A 75 3.09 -8.43 8.78
CA VAL A 75 2.49 -8.32 7.42
C VAL A 75 3.28 -7.33 6.57
N VAL A 76 4.21 -7.80 5.80
CA VAL A 76 5.01 -6.88 4.95
C VAL A 76 4.73 -7.18 3.48
N VAL A 77 4.21 -6.22 2.77
CA VAL A 77 3.89 -6.44 1.33
C VAL A 77 4.32 -5.23 0.50
N PRO A 78 4.31 -5.41 -0.79
CA PRO A 78 4.66 -4.30 -1.71
C PRO A 78 3.55 -3.26 -1.62
N ALA A 79 3.69 -2.33 -0.73
CA ALA A 79 2.62 -1.33 -0.53
C ALA A 79 2.93 0.00 -1.22
N ILE A 80 1.97 0.53 -1.92
CA ILE A 80 2.16 1.85 -2.60
C ILE A 80 1.46 2.92 -1.77
N VAL A 81 2.10 4.04 -1.53
CA VAL A 81 1.46 5.09 -0.69
C VAL A 81 1.06 6.32 -1.51
N VAL A 82 0.04 7.02 -1.09
CA VAL A 82 -0.42 8.22 -1.85
C VAL A 82 -0.38 9.48 -0.96
N GLY A 83 -0.32 10.63 -1.56
CA GLY A 83 -0.32 11.89 -0.76
C GLY A 83 1.02 12.04 -0.02
N ASP A 84 2.12 12.07 -0.73
CA ASP A 84 3.44 12.24 -0.06
C ASP A 84 4.00 13.63 -0.35
N ARG A 85 4.59 14.25 0.64
CA ARG A 85 5.16 15.62 0.40
C ARG A 85 6.69 15.56 0.40
N ASP A 86 7.32 16.30 -0.47
CA ASP A 86 8.81 16.29 -0.52
C ASP A 86 9.38 17.19 0.57
N SER A 87 9.45 16.71 1.78
CA SER A 87 9.98 17.56 2.88
C SER A 87 11.02 16.78 3.70
N GLU A 88 11.75 17.46 4.54
CA GLU A 88 12.77 16.76 5.38
C GLU A 88 12.19 16.45 6.77
N ASP A 89 11.88 17.45 7.54
CA ASP A 89 11.30 17.20 8.89
C ASP A 89 10.73 18.50 9.47
N PRO A 90 9.80 19.05 8.74
CA PRO A 90 9.15 20.31 9.17
C PRO A 90 8.05 20.02 10.20
N ASP A 91 6.87 19.69 9.74
CA ASP A 91 5.76 19.39 10.70
C ASP A 91 5.20 18.00 10.41
N GLU A 92 5.46 17.47 9.25
CA GLU A 92 4.93 16.11 8.90
C GLU A 92 6.03 15.29 8.21
N PRO A 93 6.58 14.37 8.96
CA PRO A 93 7.67 13.51 8.44
C PRO A 93 7.14 12.49 7.42
N ALA A 94 6.50 12.96 6.39
CA ALA A 94 5.97 12.01 5.37
C ALA A 94 7.12 11.36 4.59
N LYS A 95 7.34 10.09 4.79
CA LYS A 95 8.43 9.39 4.06
C LYS A 95 8.13 7.89 3.98
N GLU A 96 9.11 7.08 3.69
CA GLU A 96 8.86 5.63 3.59
C GLU A 96 8.51 5.06 4.97
N GLN A 97 8.80 5.78 6.02
CA GLN A 97 8.46 5.26 7.38
C GLN A 97 6.98 4.94 7.48
N LEU A 98 6.18 5.41 6.56
CA LEU A 98 4.73 5.11 6.62
C LEU A 98 4.58 3.60 6.65
N TYR A 99 5.50 2.93 6.03
CA TYR A 99 5.45 1.44 5.99
C TYR A 99 6.89 0.89 6.03
N HIS A 100 7.25 0.03 5.11
CA HIS A 100 8.65 -0.49 5.12
C HIS A 100 9.50 0.28 4.12
N SER A 101 10.68 -0.19 3.84
CA SER A 101 11.58 0.53 2.89
C SER A 101 11.32 0.06 1.45
N ALA A 102 10.32 -0.73 1.24
CA ALA A 102 10.05 -1.23 -0.15
C ALA A 102 8.72 -0.67 -0.68
N GLU A 103 7.87 -0.17 0.16
CA GLU A 103 6.58 0.37 -0.34
C GLU A 103 6.86 1.41 -1.42
N LEU A 104 5.97 1.56 -2.37
CA LEU A 104 6.20 2.56 -3.45
C LEU A 104 5.38 3.83 -3.17
N HIS A 105 5.77 4.93 -3.73
CA HIS A 105 5.01 6.19 -3.51
C HIS A 105 4.30 6.59 -4.79
N LEU A 106 3.11 7.10 -4.68
CA LEU A 106 2.35 7.49 -5.90
C LEU A 106 1.81 8.91 -5.74
N GLY A 107 1.73 9.65 -6.81
CA GLY A 107 1.22 11.05 -6.71
C GLY A 107 -0.30 11.01 -6.61
N ILE A 108 -0.88 11.93 -5.88
CA ILE A 108 -2.36 11.96 -5.74
C ILE A 108 -2.99 12.12 -7.12
N HIS A 109 -2.44 12.97 -7.94
CA HIS A 109 -3.00 13.17 -9.30
C HIS A 109 -2.37 12.17 -10.27
N GLN A 110 -1.57 11.27 -9.75
CA GLN A 110 -0.92 10.25 -10.64
C GLN A 110 -1.64 8.90 -10.50
N LEU A 111 -2.90 8.91 -10.18
CA LEU A 111 -3.64 7.62 -10.02
C LEU A 111 -3.75 6.90 -11.35
N GLU A 112 -2.63 6.51 -11.88
CA GLU A 112 -2.60 5.78 -13.18
C GLU A 112 -1.38 4.86 -13.23
N GLN A 113 -0.46 5.02 -12.31
CA GLN A 113 0.77 4.16 -12.30
C GLN A 113 0.61 3.02 -11.31
N LEU A 114 -0.46 3.01 -10.58
CA LEU A 114 -0.66 1.93 -9.56
C LEU A 114 -0.32 0.54 -10.14
N PRO A 115 -0.80 0.23 -11.32
CA PRO A 115 -0.50 -1.10 -11.91
C PRO A 115 0.99 -1.20 -12.22
N TYR A 116 1.51 -0.31 -13.01
CA TYR A 116 2.96 -0.34 -13.31
C TYR A 116 3.72 -0.19 -11.98
N GLN A 117 3.14 0.52 -11.05
CA GLN A 117 3.77 0.68 -9.72
C GLN A 117 3.65 -0.63 -8.96
N VAL A 118 2.48 -1.22 -9.01
CA VAL A 118 2.28 -2.52 -8.31
C VAL A 118 3.34 -3.50 -8.79
N ASP A 119 3.52 -3.63 -10.08
CA ASP A 119 4.58 -4.57 -10.57
C ASP A 119 5.93 -4.07 -10.08
N ALA A 120 6.13 -2.77 -10.11
CA ALA A 120 7.41 -2.21 -9.63
C ALA A 120 7.50 -2.40 -8.12
N ALA A 121 6.38 -2.47 -7.45
CA ALA A 121 6.39 -2.68 -5.98
C ALA A 121 6.62 -4.16 -5.66
N LEU A 122 6.03 -5.04 -6.40
CA LEU A 122 6.21 -6.50 -6.13
C LEU A 122 7.68 -6.87 -6.26
N ALA A 123 8.29 -6.52 -7.36
CA ALA A 123 9.74 -6.84 -7.54
C ALA A 123 10.56 -6.09 -6.50
N GLU A 124 10.25 -4.84 -6.28
CA GLU A 124 11.00 -4.06 -5.26
C GLU A 124 10.82 -4.69 -3.89
N PHE A 125 9.62 -5.16 -3.60
CA PHE A 125 9.38 -5.79 -2.27
C PHE A 125 9.99 -7.20 -2.22
N LEU A 126 9.79 -7.99 -3.23
CA LEU A 126 10.36 -9.37 -3.22
C LEU A 126 11.88 -9.27 -3.09
N ARG A 127 12.48 -8.40 -3.83
CA ARG A 127 13.96 -8.23 -3.74
C ARG A 127 14.37 -7.84 -2.32
N LEU A 128 13.59 -6.99 -1.70
CA LEU A 128 13.94 -6.55 -0.31
C LEU A 128 13.33 -7.52 0.71
N ALA A 129 12.62 -8.52 0.26
CA ALA A 129 12.01 -9.47 1.23
C ALA A 129 13.11 -10.40 1.80
N PRO A 130 13.10 -10.57 3.10
CA PRO A 130 12.08 -9.92 3.96
C PRO A 130 12.41 -8.42 4.12
N VAL A 131 11.46 -7.57 3.88
CA VAL A 131 11.73 -6.12 4.01
C VAL A 131 11.91 -5.74 5.48
N GLU A 132 12.53 -4.62 5.74
CA GLU A 132 12.73 -4.19 7.15
C GLU A 132 11.52 -3.37 7.59
N THR A 133 10.79 -3.87 8.55
CA THR A 133 9.59 -3.12 9.01
C THR A 133 9.74 -2.70 10.47
N MET A 134 10.72 -1.92 10.80
CA MET A 134 10.90 -1.49 12.21
C MET A 134 9.65 -0.76 12.70
N ALA A 135 8.93 -0.14 11.79
CA ALA A 135 7.69 0.58 12.19
C ALA A 135 7.98 1.52 13.37
N MET A 1 -0.14 -17.60 -6.17
CA MET A 1 -0.65 -18.05 -7.49
C MET A 1 -0.77 -16.85 -8.43
N LEU A 2 -0.35 -17.01 -9.66
CA LEU A 2 -0.44 -15.86 -10.61
C LEU A 2 -1.85 -15.73 -11.21
N SER A 3 -2.73 -16.65 -10.89
CA SER A 3 -4.11 -16.54 -11.46
C SER A 3 -4.60 -15.09 -11.34
N GLN A 4 -4.50 -14.54 -10.17
CA GLN A 4 -4.90 -13.12 -9.97
C GLN A 4 -4.02 -12.50 -8.89
N ILE A 5 -3.97 -11.20 -8.84
CA ILE A 5 -3.13 -10.50 -7.83
C ILE A 5 -3.98 -10.02 -6.66
N ALA A 6 -3.51 -10.20 -5.45
CA ALA A 6 -4.29 -9.74 -4.27
C ALA A 6 -3.78 -8.38 -3.78
N ILE A 7 -4.57 -7.36 -3.92
CA ILE A 7 -4.13 -6.02 -3.47
C ILE A 7 -5.12 -5.46 -2.45
N CYS A 8 -4.70 -5.17 -1.25
CA CYS A 8 -5.64 -4.61 -0.26
C CYS A 8 -5.47 -3.10 -0.17
N ILE A 9 -6.47 -2.37 -0.56
CA ILE A 9 -6.34 -0.89 -0.50
C ILE A 9 -7.16 -0.30 0.64
N TRP A 10 -6.65 0.71 1.26
CA TRP A 10 -7.41 1.37 2.35
C TRP A 10 -7.68 2.81 1.96
N VAL A 11 -8.90 3.20 1.91
CA VAL A 11 -9.21 4.58 1.51
C VAL A 11 -10.63 4.94 1.95
N GLU A 12 -10.79 5.98 2.71
CA GLU A 12 -12.16 6.36 3.20
C GLU A 12 -12.98 7.00 2.08
N SER A 13 -12.36 7.40 1.00
CA SER A 13 -13.14 8.04 -0.10
C SER A 13 -13.37 7.05 -1.25
N THR A 14 -14.59 6.92 -1.70
CA THR A 14 -14.86 6.00 -2.84
C THR A 14 -14.13 6.50 -4.08
N ALA A 15 -14.21 7.77 -4.35
CA ALA A 15 -13.50 8.32 -5.54
C ALA A 15 -12.04 7.87 -5.48
N ILE A 16 -11.41 8.07 -4.36
CA ILE A 16 -10.00 7.62 -4.22
C ILE A 16 -9.95 6.09 -4.36
N LEU A 17 -10.89 5.42 -3.76
CA LEU A 17 -10.94 3.94 -3.87
C LEU A 17 -11.12 3.55 -5.33
N GLN A 18 -12.02 4.18 -6.01
CA GLN A 18 -12.26 3.85 -7.44
C GLN A 18 -11.00 4.10 -8.27
N ASP A 19 -10.35 5.22 -8.06
CA ASP A 19 -9.12 5.51 -8.85
C ASP A 19 -8.05 4.46 -8.54
N CYS A 20 -7.85 4.14 -7.30
CA CYS A 20 -6.80 3.13 -6.96
C CYS A 20 -7.14 1.81 -7.65
N GLN A 21 -8.39 1.45 -7.68
CA GLN A 21 -8.77 0.18 -8.35
C GLN A 21 -8.87 0.41 -9.85
N ARG A 22 -9.11 1.63 -10.25
CA ARG A 22 -9.21 1.95 -11.69
C ARG A 22 -7.90 1.56 -12.38
N ALA A 23 -6.79 2.00 -11.85
CA ALA A 23 -5.49 1.65 -12.46
C ALA A 23 -5.23 0.15 -12.24
N LEU A 24 -5.44 -0.33 -11.04
CA LEU A 24 -5.24 -1.78 -10.76
C LEU A 24 -6.53 -2.56 -11.06
N SER A 25 -7.08 -2.36 -12.22
CA SER A 25 -8.34 -3.08 -12.57
C SER A 25 -8.04 -4.29 -13.46
N ALA A 26 -6.80 -4.47 -13.81
CA ALA A 26 -6.40 -5.64 -14.65
C ALA A 26 -7.32 -6.84 -14.36
N ASP A 27 -7.60 -7.64 -15.34
CA ASP A 27 -8.51 -8.81 -15.09
C ASP A 27 -7.94 -9.71 -13.99
N ARG A 28 -6.71 -9.50 -13.60
CA ARG A 28 -6.10 -10.36 -12.55
C ARG A 28 -5.87 -9.57 -11.25
N TYR A 29 -6.64 -8.54 -10.98
CA TYR A 29 -6.40 -7.78 -9.72
C TYR A 29 -7.51 -8.02 -8.72
N GLN A 30 -7.15 -8.39 -7.53
CA GLN A 30 -8.17 -8.62 -6.46
C GLN A 30 -8.04 -7.51 -5.43
N LEU A 31 -8.72 -6.42 -5.64
CA LEU A 31 -8.60 -5.28 -4.70
C LEU A 31 -9.64 -5.34 -3.60
N GLN A 32 -9.21 -5.46 -2.38
CA GLN A 32 -10.16 -5.46 -1.24
C GLN A 32 -10.20 -4.04 -0.69
N VAL A 33 -11.37 -3.45 -0.64
CA VAL A 33 -11.44 -2.05 -0.15
C VAL A 33 -11.84 -1.99 1.32
N CYS A 34 -11.14 -1.21 2.09
CA CYS A 34 -11.47 -1.09 3.54
C CYS A 34 -11.81 0.36 3.88
N GLU A 35 -13.00 0.61 4.32
CA GLU A 35 -13.40 2.00 4.66
C GLU A 35 -12.55 2.53 5.83
N SER A 36 -12.09 1.65 6.68
CA SER A 36 -11.27 2.11 7.84
C SER A 36 -9.80 1.69 7.68
N GLY A 37 -9.04 1.80 8.72
CA GLY A 37 -7.61 1.39 8.65
C GLY A 37 -7.49 0.07 9.38
N GLU A 38 -8.29 -0.11 10.38
CA GLU A 38 -8.30 -1.39 11.13
C GLU A 38 -8.87 -2.47 10.23
N MET A 39 -9.80 -2.10 9.40
CA MET A 39 -10.42 -3.08 8.47
C MET A 39 -9.34 -3.69 7.56
N LEU A 40 -8.55 -2.85 6.94
CA LEU A 40 -7.47 -3.37 6.06
C LEU A 40 -6.62 -4.34 6.88
N LEU A 41 -6.30 -3.99 8.08
CA LEU A 41 -5.47 -4.88 8.93
C LEU A 41 -6.11 -6.27 9.03
N GLU A 42 -7.35 -6.34 9.42
CA GLU A 42 -7.99 -7.68 9.56
C GLU A 42 -7.86 -8.49 8.27
N TYR A 43 -8.07 -7.87 7.13
CA TYR A 43 -7.94 -8.65 5.86
C TYR A 43 -6.52 -9.20 5.71
N ALA A 44 -5.53 -8.40 5.97
CA ALA A 44 -4.13 -8.88 5.82
C ALA A 44 -3.80 -9.94 6.87
N GLN A 45 -4.27 -9.77 8.07
CA GLN A 45 -3.97 -10.76 9.15
C GLN A 45 -4.37 -12.18 8.71
N THR A 46 -5.19 -12.29 7.70
CA THR A 46 -5.62 -13.65 7.27
C THR A 46 -4.82 -14.10 6.03
N HIS A 47 -4.32 -13.18 5.26
CA HIS A 47 -3.56 -13.56 4.04
C HIS A 47 -2.30 -12.71 3.86
N ARG A 48 -1.65 -12.34 4.94
CA ARG A 48 -0.42 -11.49 4.82
C ARG A 48 0.44 -11.98 3.66
N ASP A 49 0.78 -13.23 3.69
CA ASP A 49 1.64 -13.81 2.62
C ASP A 49 0.90 -13.87 1.29
N GLN A 50 -0.40 -13.93 1.31
CA GLN A 50 -1.15 -14.00 0.04
C GLN A 50 -1.50 -12.62 -0.52
N ILE A 51 -1.14 -11.56 0.16
CA ILE A 51 -1.45 -10.20 -0.38
C ILE A 51 -0.35 -9.80 -1.37
N ASP A 52 -0.71 -9.45 -2.57
CA ASP A 52 0.33 -9.07 -3.57
C ASP A 52 0.68 -7.59 -3.49
N CYS A 53 -0.17 -6.75 -2.95
CA CYS A 53 0.18 -5.29 -2.88
C CYS A 53 -0.78 -4.52 -1.96
N LEU A 54 -0.27 -3.69 -1.09
CA LEU A 54 -1.18 -2.92 -0.19
C LEU A 54 -1.26 -1.45 -0.65
N ILE A 55 -2.44 -0.92 -0.82
CA ILE A 55 -2.53 0.51 -1.23
C ILE A 55 -2.86 1.35 0.00
N LEU A 56 -2.14 2.41 0.22
CA LEU A 56 -2.41 3.24 1.40
C LEU A 56 -2.46 4.72 1.03
N VAL A 57 -3.16 5.50 1.80
CA VAL A 57 -3.24 6.95 1.53
C VAL A 57 -2.66 7.72 2.71
N ALA A 58 -1.51 8.32 2.55
CA ALA A 58 -0.89 9.07 3.68
C ALA A 58 -1.79 10.24 4.10
N ALA A 59 -2.64 10.69 3.21
CA ALA A 59 -3.53 11.83 3.56
C ALA A 59 -4.23 11.60 4.90
N ASN A 60 -4.30 10.38 5.37
CA ASN A 60 -4.98 10.12 6.67
C ASN A 60 -4.02 10.38 7.83
N PRO A 61 -4.59 10.68 8.97
CA PRO A 61 -3.78 10.99 10.18
C PRO A 61 -3.25 9.71 10.84
N SER A 62 -4.10 8.94 11.45
CA SER A 62 -3.62 7.68 12.13
C SER A 62 -3.17 6.64 11.10
N PHE A 63 -3.24 6.96 9.83
CA PHE A 63 -2.82 5.97 8.81
C PHE A 63 -1.46 5.36 9.20
N ARG A 64 -0.50 6.17 9.55
CA ARG A 64 0.83 5.61 9.93
C ARG A 64 0.65 4.53 10.99
N ALA A 65 -0.26 4.74 11.91
CA ALA A 65 -0.50 3.72 12.96
C ALA A 65 -1.06 2.45 12.32
N VAL A 66 -1.82 2.60 11.28
CA VAL A 66 -2.39 1.41 10.60
C VAL A 66 -1.29 0.64 9.88
N VAL A 67 -0.41 1.34 9.22
CA VAL A 67 0.70 0.64 8.51
C VAL A 67 1.63 -0.04 9.51
N GLN A 68 1.97 0.63 10.58
CA GLN A 68 2.86 -0.02 11.58
C GLN A 68 2.13 -1.21 12.19
N GLN A 69 0.83 -1.15 12.28
CA GLN A 69 0.07 -2.30 12.84
C GLN A 69 0.33 -3.54 11.97
N LEU A 70 0.25 -3.38 10.67
CA LEU A 70 0.52 -4.55 9.77
C LEU A 70 1.90 -5.12 10.10
N CYS A 71 2.86 -4.25 10.20
CA CYS A 71 4.24 -4.69 10.54
C CYS A 71 4.25 -5.40 11.89
N PHE A 72 3.50 -4.89 12.84
CA PHE A 72 3.47 -5.56 14.17
C PHE A 72 3.01 -7.01 14.03
N GLU A 73 1.95 -7.23 13.32
CA GLU A 73 1.44 -8.62 13.13
C GLU A 73 2.45 -9.42 12.31
N GLY A 74 3.21 -8.76 11.49
CA GLY A 74 4.21 -9.47 10.65
C GLY A 74 3.73 -9.46 9.20
N VAL A 75 2.89 -8.54 8.85
CA VAL A 75 2.38 -8.46 7.45
C VAL A 75 3.20 -7.45 6.64
N VAL A 76 4.10 -7.93 5.84
CA VAL A 76 4.94 -7.00 5.02
C VAL A 76 4.64 -7.22 3.54
N VAL A 77 4.14 -6.21 2.86
CA VAL A 77 3.81 -6.39 1.41
C VAL A 77 4.27 -5.18 0.60
N PRO A 78 4.32 -5.36 -0.69
CA PRO A 78 4.71 -4.25 -1.59
C PRO A 78 3.64 -3.18 -1.49
N ALA A 79 3.76 -2.32 -0.52
CA ALA A 79 2.74 -1.27 -0.31
C ALA A 79 3.09 0.04 -1.03
N ILE A 80 2.18 0.54 -1.81
CA ILE A 80 2.42 1.82 -2.51
C ILE A 80 1.77 2.93 -1.68
N VAL A 81 2.49 3.96 -1.37
CA VAL A 81 1.90 5.04 -0.51
C VAL A 81 1.52 6.24 -1.37
N VAL A 82 0.36 6.80 -1.14
CA VAL A 82 -0.08 7.98 -1.95
C VAL A 82 -0.08 9.25 -1.09
N GLY A 83 0.10 10.38 -1.71
CA GLY A 83 0.09 11.66 -0.93
C GLY A 83 1.44 11.83 -0.23
N ASP A 84 2.43 11.06 -0.63
CA ASP A 84 3.77 11.18 0.00
C ASP A 84 4.75 11.91 -0.94
N ARG A 85 6.01 11.74 -0.72
CA ARG A 85 7.01 12.40 -1.61
C ARG A 85 8.31 11.60 -1.62
N ASP A 86 9.19 11.88 -2.55
CA ASP A 86 10.48 11.13 -2.62
C ASP A 86 11.66 12.12 -2.59
N SER A 87 11.45 13.29 -2.05
CA SER A 87 12.56 14.30 -2.00
C SER A 87 13.42 14.09 -0.75
N GLU A 88 14.59 14.71 -0.72
CA GLU A 88 15.49 14.55 0.46
C GLU A 88 15.16 15.57 1.55
N ASP A 89 14.18 16.42 1.33
CA ASP A 89 13.84 17.42 2.38
C ASP A 89 13.48 16.71 3.69
N PRO A 90 14.26 16.98 4.71
CA PRO A 90 14.04 16.36 6.03
C PRO A 90 12.96 17.13 6.80
N ASP A 91 12.77 18.37 6.47
CA ASP A 91 11.74 19.18 7.18
C ASP A 91 10.41 18.42 7.21
N GLU A 92 10.12 17.67 6.18
CA GLU A 92 8.84 16.92 6.14
C GLU A 92 9.02 15.51 6.71
N PRO A 93 8.06 15.13 7.51
CA PRO A 93 8.09 13.79 8.14
C PRO A 93 7.68 12.72 7.10
N ALA A 94 7.13 11.63 7.54
CA ALA A 94 6.73 10.57 6.57
C ALA A 94 7.93 10.16 5.73
N LYS A 95 9.03 9.89 6.38
CA LYS A 95 10.26 9.49 5.63
C LYS A 95 10.53 7.99 5.78
N GLU A 96 10.12 7.21 4.82
CA GLU A 96 10.38 5.75 4.89
C GLU A 96 9.89 5.20 6.24
N GLN A 97 8.91 5.83 6.84
CA GLN A 97 8.39 5.35 8.15
C GLN A 97 6.91 5.00 8.05
N LEU A 98 6.28 5.40 6.97
CA LEU A 98 4.83 5.10 6.81
C LEU A 98 4.66 3.58 6.81
N TYR A 99 5.60 2.90 6.23
CA TYR A 99 5.55 1.43 6.19
C TYR A 99 6.97 0.87 6.23
N HIS A 100 7.28 -0.09 5.40
CA HIS A 100 8.67 -0.63 5.41
C HIS A 100 9.51 0.06 4.32
N SER A 101 10.77 -0.28 4.25
CA SER A 101 11.65 0.35 3.23
C SER A 101 11.27 -0.11 1.82
N ALA A 102 10.42 -1.08 1.70
CA ALA A 102 10.04 -1.57 0.35
C ALA A 102 8.78 -0.87 -0.16
N GLU A 103 8.05 -0.19 0.68
CA GLU A 103 6.83 0.51 0.22
C GLU A 103 7.17 1.45 -0.95
N LEU A 104 6.30 1.54 -1.92
CA LEU A 104 6.57 2.44 -3.08
C LEU A 104 5.74 3.73 -2.91
N HIS A 105 6.12 4.80 -3.55
CA HIS A 105 5.36 6.05 -3.40
C HIS A 105 4.66 6.44 -4.72
N LEU A 106 3.45 6.92 -4.64
CA LEU A 106 2.70 7.31 -5.88
C LEU A 106 2.08 8.70 -5.72
N GLY A 107 2.12 9.48 -6.76
CA GLY A 107 1.52 10.85 -6.69
C GLY A 107 0.00 10.74 -6.57
N ILE A 108 -0.62 11.63 -5.86
CA ILE A 108 -2.08 11.58 -5.69
C ILE A 108 -2.81 11.56 -7.04
N HIS A 109 -2.39 12.36 -7.98
CA HIS A 109 -3.06 12.38 -9.31
C HIS A 109 -2.42 11.35 -10.24
N GLN A 110 -1.51 10.57 -9.74
CA GLN A 110 -0.85 9.55 -10.60
C GLN A 110 -1.35 8.16 -10.22
N LEU A 111 -2.54 8.06 -9.70
CA LEU A 111 -3.09 6.73 -9.31
C LEU A 111 -3.07 5.76 -10.49
N GLU A 112 -3.24 6.26 -11.67
CA GLU A 112 -3.23 5.38 -12.87
C GLU A 112 -1.90 4.61 -12.96
N GLN A 113 -0.91 5.03 -12.22
CA GLN A 113 0.42 4.34 -12.24
C GLN A 113 0.45 3.17 -11.26
N LEU A 114 -0.58 3.03 -10.49
CA LEU A 114 -0.62 1.92 -9.48
C LEU A 114 -0.25 0.56 -10.09
N PRO A 115 -0.77 0.26 -11.26
CA PRO A 115 -0.43 -1.05 -11.88
C PRO A 115 1.05 -1.10 -12.22
N TYR A 116 1.57 -0.06 -12.80
CA TYR A 116 3.02 -0.05 -13.11
C TYR A 116 3.78 0.00 -11.78
N GLN A 117 3.25 0.71 -10.83
CA GLN A 117 3.91 0.77 -9.50
C GLN A 117 3.74 -0.59 -8.80
N VAL A 118 2.59 -1.18 -8.96
CA VAL A 118 2.32 -2.52 -8.34
C VAL A 118 3.35 -3.53 -8.86
N ASP A 119 3.48 -3.67 -10.15
CA ASP A 119 4.49 -4.64 -10.67
C ASP A 119 5.88 -4.21 -10.17
N ALA A 120 6.16 -2.94 -10.20
CA ALA A 120 7.47 -2.46 -9.69
C ALA A 120 7.55 -2.73 -8.20
N ALA A 121 6.48 -2.49 -7.50
CA ALA A 121 6.45 -2.73 -6.04
C ALA A 121 6.62 -4.21 -5.75
N LEU A 122 6.11 -5.05 -6.60
CA LEU A 122 6.26 -6.52 -6.37
C LEU A 122 7.72 -6.91 -6.47
N ALA A 123 8.37 -6.64 -7.56
CA ALA A 123 9.81 -7.00 -7.67
C ALA A 123 10.62 -6.20 -6.65
N GLU A 124 10.25 -4.98 -6.40
CA GLU A 124 11.01 -4.18 -5.41
C GLU A 124 10.84 -4.78 -4.02
N PHE A 125 9.67 -5.27 -3.69
CA PHE A 125 9.47 -5.88 -2.34
C PHE A 125 10.27 -7.19 -2.23
N LEU A 126 10.37 -7.95 -3.30
CA LEU A 126 11.14 -9.22 -3.22
C LEU A 126 12.62 -8.90 -2.96
N ARG A 127 13.13 -7.91 -3.64
CA ARG A 127 14.55 -7.53 -3.42
C ARG A 127 14.71 -7.07 -1.97
N LEU A 128 13.81 -6.26 -1.51
CA LEU A 128 13.85 -5.78 -0.11
C LEU A 128 13.41 -6.91 0.83
N ALA A 129 12.61 -7.81 0.33
CA ALA A 129 12.13 -8.95 1.17
C ALA A 129 13.25 -9.98 1.35
N PRO A 130 13.46 -10.41 2.57
CA PRO A 130 12.66 -9.92 3.73
C PRO A 130 13.04 -8.47 4.06
N VAL A 131 12.10 -7.57 3.97
CA VAL A 131 12.42 -6.14 4.27
C VAL A 131 12.19 -5.87 5.75
N GLU A 132 12.69 -4.77 6.23
CA GLU A 132 12.53 -4.43 7.68
C GLU A 132 11.35 -3.50 7.88
N THR A 133 10.45 -3.85 8.76
CA THR A 133 9.27 -2.98 9.01
C THR A 133 9.45 -2.25 10.35
N MET A 134 10.00 -1.07 10.33
CA MET A 134 10.21 -0.32 11.60
C MET A 134 8.90 0.33 12.06
N ALA A 135 7.86 -0.45 12.19
CA ALA A 135 6.56 0.12 12.65
C ALA A 135 6.79 1.09 13.82
N MET A 1 -2.11 -14.84 -18.63
CA MET A 1 -0.89 -15.65 -18.36
C MET A 1 -0.74 -15.91 -16.85
N LEU A 2 -0.72 -14.88 -16.05
CA LEU A 2 -0.57 -15.09 -14.58
C LEU A 2 -1.96 -15.10 -13.91
N SER A 3 -2.18 -16.07 -13.05
CA SER A 3 -3.51 -16.16 -12.36
C SER A 3 -4.03 -14.77 -11.96
N GLN A 4 -3.87 -14.37 -10.73
CA GLN A 4 -4.38 -13.03 -10.33
C GLN A 4 -3.54 -12.44 -9.20
N ILE A 5 -3.61 -11.15 -9.01
CA ILE A 5 -2.83 -10.49 -7.95
C ILE A 5 -3.77 -10.03 -6.83
N ALA A 6 -3.43 -10.29 -5.60
CA ALA A 6 -4.32 -9.86 -4.48
C ALA A 6 -3.87 -8.50 -3.97
N ILE A 7 -4.68 -7.49 -4.17
CA ILE A 7 -4.27 -6.15 -3.69
C ILE A 7 -5.30 -5.60 -2.71
N CYS A 8 -4.86 -5.17 -1.56
CA CYS A 8 -5.79 -4.61 -0.56
C CYS A 8 -5.57 -3.10 -0.46
N ILE A 9 -6.60 -2.31 -0.49
CA ILE A 9 -6.39 -0.84 -0.41
C ILE A 9 -7.17 -0.24 0.74
N TRP A 10 -6.68 0.86 1.25
CA TRP A 10 -7.40 1.54 2.36
C TRP A 10 -7.69 2.97 1.96
N VAL A 11 -8.93 3.35 1.96
CA VAL A 11 -9.25 4.74 1.57
C VAL A 11 -10.68 5.06 2.01
N GLU A 12 -10.84 6.07 2.80
CA GLU A 12 -12.22 6.43 3.29
C GLU A 12 -13.02 7.15 2.20
N SER A 13 -12.37 7.57 1.15
CA SER A 13 -13.11 8.28 0.05
C SER A 13 -13.32 7.33 -1.13
N THR A 14 -14.53 7.16 -1.58
CA THR A 14 -14.78 6.25 -2.73
C THR A 14 -14.12 6.81 -3.99
N ALA A 15 -14.24 8.09 -4.22
CA ALA A 15 -13.61 8.69 -5.42
C ALA A 15 -12.14 8.30 -5.47
N ILE A 16 -11.48 8.35 -4.35
CA ILE A 16 -10.05 7.95 -4.29
C ILE A 16 -9.96 6.43 -4.47
N LEU A 17 -10.83 5.72 -3.79
CA LEU A 17 -10.86 4.24 -3.92
C LEU A 17 -11.06 3.86 -5.38
N GLN A 18 -11.99 4.50 -6.03
CA GLN A 18 -12.25 4.19 -7.47
C GLN A 18 -11.00 4.41 -8.32
N ASP A 19 -10.30 5.49 -8.09
CA ASP A 19 -9.06 5.74 -8.88
C ASP A 19 -8.06 4.61 -8.66
N CYS A 20 -8.03 4.07 -7.47
CA CYS A 20 -7.07 2.96 -7.17
C CYS A 20 -7.42 1.71 -7.97
N GLN A 21 -8.69 1.40 -8.08
CA GLN A 21 -9.08 0.19 -8.85
C GLN A 21 -8.94 0.48 -10.33
N ARG A 22 -9.31 1.67 -10.73
CA ARG A 22 -9.19 2.03 -12.16
C ARG A 22 -7.82 1.61 -12.66
N ALA A 23 -6.80 2.14 -12.06
CA ALA A 23 -5.42 1.75 -12.48
C ALA A 23 -5.25 0.26 -12.21
N LEU A 24 -5.48 -0.18 -10.99
CA LEU A 24 -5.37 -1.63 -10.70
C LEU A 24 -6.68 -2.33 -11.05
N SER A 25 -7.01 -2.37 -12.32
CA SER A 25 -8.29 -3.02 -12.75
C SER A 25 -7.98 -4.30 -13.53
N ALA A 26 -6.73 -4.52 -13.85
CA ALA A 26 -6.36 -5.75 -14.62
C ALA A 26 -7.15 -6.95 -14.11
N ASP A 27 -7.66 -7.75 -14.99
CA ASP A 27 -8.43 -8.95 -14.55
C ASP A 27 -7.60 -9.76 -13.57
N ARG A 28 -6.31 -9.61 -13.62
CA ARG A 28 -5.43 -10.35 -12.69
C ARG A 28 -5.25 -9.57 -11.38
N TYR A 29 -6.25 -8.84 -10.96
CA TYR A 29 -6.10 -8.08 -9.69
C TYR A 29 -7.23 -8.42 -8.72
N GLN A 30 -6.94 -8.34 -7.46
CA GLN A 30 -7.99 -8.62 -6.44
C GLN A 30 -8.08 -7.42 -5.51
N LEU A 31 -8.83 -6.44 -5.88
CA LEU A 31 -8.93 -5.22 -5.05
C LEU A 31 -9.87 -5.43 -3.87
N GLN A 32 -9.40 -5.20 -2.68
CA GLN A 32 -10.28 -5.34 -1.48
C GLN A 32 -10.34 -3.98 -0.78
N VAL A 33 -11.47 -3.34 -0.80
CA VAL A 33 -11.57 -2.00 -0.17
C VAL A 33 -11.92 -2.09 1.32
N CYS A 34 -11.20 -1.39 2.14
CA CYS A 34 -11.50 -1.40 3.60
C CYS A 34 -11.95 0.00 4.04
N GLU A 35 -13.15 0.13 4.52
CA GLU A 35 -13.66 1.47 4.95
C GLU A 35 -12.76 2.09 6.02
N SER A 36 -12.19 1.29 6.87
CA SER A 36 -11.32 1.84 7.94
C SER A 36 -9.89 1.33 7.79
N GLY A 37 -9.08 1.54 8.79
CA GLY A 37 -7.68 1.05 8.74
C GLY A 37 -7.66 -0.26 9.52
N GLU A 38 -8.55 -0.36 10.45
CA GLU A 38 -8.66 -1.60 11.25
C GLU A 38 -9.20 -2.69 10.34
N MET A 39 -10.09 -2.33 9.45
CA MET A 39 -10.62 -3.34 8.49
C MET A 39 -9.46 -3.85 7.63
N LEU A 40 -8.58 -2.96 7.24
CA LEU A 40 -7.41 -3.39 6.43
C LEU A 40 -6.64 -4.45 7.21
N LEU A 41 -6.37 -4.21 8.46
CA LEU A 41 -5.62 -5.21 9.27
C LEU A 41 -6.34 -6.55 9.23
N GLU A 42 -7.61 -6.57 9.55
CA GLU A 42 -8.35 -7.85 9.54
C GLU A 42 -8.11 -8.56 8.22
N TYR A 43 -8.07 -7.84 7.13
CA TYR A 43 -7.83 -8.49 5.82
C TYR A 43 -6.42 -9.10 5.77
N ALA A 44 -5.43 -8.34 6.17
CA ALA A 44 -4.03 -8.87 6.13
C ALA A 44 -3.73 -9.74 7.36
N GLN A 45 -4.57 -9.68 8.36
CA GLN A 45 -4.34 -10.51 9.59
C GLN A 45 -4.72 -11.95 9.34
N THR A 46 -5.18 -12.24 8.16
CA THR A 46 -5.58 -13.64 7.86
C THR A 46 -5.04 -14.02 6.49
N HIS A 47 -4.04 -13.31 6.05
CA HIS A 47 -3.43 -13.58 4.72
C HIS A 47 -2.39 -12.50 4.42
N ARG A 48 -1.18 -12.63 4.90
CA ARG A 48 -0.15 -11.59 4.61
C ARG A 48 0.55 -11.93 3.29
N ASP A 49 1.09 -13.11 3.23
CA ASP A 49 1.82 -13.54 1.99
C ASP A 49 0.88 -13.64 0.78
N GLN A 50 -0.37 -13.96 1.02
CA GLN A 50 -1.32 -14.07 -0.13
C GLN A 50 -1.58 -12.69 -0.74
N ILE A 51 -1.18 -11.66 -0.05
CA ILE A 51 -1.39 -10.28 -0.58
C ILE A 51 -0.30 -9.94 -1.58
N ASP A 52 -0.66 -9.36 -2.69
CA ASP A 52 0.35 -9.03 -3.72
C ASP A 52 0.65 -7.53 -3.76
N CYS A 53 -0.16 -6.71 -3.13
CA CYS A 53 0.13 -5.24 -3.15
C CYS A 53 -0.90 -4.47 -2.31
N LEU A 54 -0.48 -3.81 -1.27
CA LEU A 54 -1.44 -3.02 -0.45
C LEU A 54 -1.40 -1.54 -0.87
N ILE A 55 -2.54 -0.92 -0.98
CA ILE A 55 -2.56 0.53 -1.38
C ILE A 55 -2.79 1.37 -0.13
N LEU A 56 -2.09 2.46 0.03
CA LEU A 56 -2.30 3.28 1.24
C LEU A 56 -2.38 4.78 0.91
N VAL A 57 -3.09 5.51 1.71
CA VAL A 57 -3.24 6.98 1.47
C VAL A 57 -2.67 7.74 2.67
N ALA A 58 -1.58 8.43 2.48
CA ALA A 58 -0.99 9.20 3.62
C ALA A 58 -1.91 10.35 4.01
N ALA A 59 -2.70 10.82 3.09
CA ALA A 59 -3.63 11.94 3.40
C ALA A 59 -4.38 11.68 4.71
N ASN A 60 -4.47 10.43 5.09
CA ASN A 60 -5.19 10.09 6.35
C ASN A 60 -4.43 10.59 7.59
N PRO A 61 -5.16 10.70 8.66
CA PRO A 61 -4.58 11.17 9.94
C PRO A 61 -3.74 10.06 10.59
N SER A 62 -4.37 9.16 11.26
CA SER A 62 -3.62 8.06 11.94
C SER A 62 -3.30 6.91 10.96
N PHE A 63 -3.35 7.17 9.67
CA PHE A 63 -3.02 6.09 8.69
C PHE A 63 -1.65 5.49 9.00
N ARG A 64 -0.69 6.32 9.27
CA ARG A 64 0.67 5.78 9.58
C ARG A 64 0.59 4.75 10.69
N ALA A 65 -0.20 5.00 11.70
CA ALA A 65 -0.32 4.01 12.81
C ALA A 65 -0.83 2.69 12.24
N VAL A 66 -1.71 2.76 11.28
CA VAL A 66 -2.25 1.51 10.69
C VAL A 66 -1.14 0.77 9.95
N VAL A 67 -0.33 1.45 9.17
CA VAL A 67 0.77 0.75 8.45
C VAL A 67 1.72 0.14 9.48
N GLN A 68 2.03 0.86 10.52
CA GLN A 68 2.93 0.29 11.57
C GLN A 68 2.27 -0.96 12.14
N GLN A 69 0.96 -0.96 12.20
CA GLN A 69 0.23 -2.14 12.73
C GLN A 69 0.54 -3.36 11.87
N LEU A 70 0.55 -3.19 10.57
CA LEU A 70 0.87 -4.35 9.68
C LEU A 70 2.28 -4.86 10.02
N CYS A 71 3.22 -3.96 10.10
CA CYS A 71 4.61 -4.36 10.44
C CYS A 71 4.67 -4.97 11.84
N PHE A 72 3.91 -4.45 12.77
CA PHE A 72 3.94 -4.99 14.14
C PHE A 72 3.59 -6.48 14.12
N GLU A 73 2.64 -6.86 13.33
CA GLU A 73 2.26 -8.29 13.26
C GLU A 73 3.18 -9.02 12.29
N GLY A 74 3.86 -8.30 11.45
CA GLY A 74 4.78 -8.94 10.48
C GLY A 74 4.11 -8.98 9.09
N VAL A 75 3.04 -8.26 8.90
CA VAL A 75 2.39 -8.28 7.57
C VAL A 75 3.12 -7.32 6.62
N VAL A 76 4.18 -7.76 5.99
CA VAL A 76 4.92 -6.86 5.06
C VAL A 76 4.57 -7.21 3.61
N VAL A 77 4.12 -6.24 2.86
CA VAL A 77 3.76 -6.51 1.43
C VAL A 77 4.17 -5.33 0.56
N PRO A 78 4.17 -5.55 -0.72
CA PRO A 78 4.51 -4.47 -1.67
C PRO A 78 3.42 -3.39 -1.58
N ALA A 79 3.60 -2.47 -0.68
CA ALA A 79 2.57 -1.42 -0.47
C ALA A 79 2.94 -0.12 -1.19
N ILE A 80 1.99 0.44 -1.88
CA ILE A 80 2.24 1.73 -2.59
C ILE A 80 1.65 2.86 -1.75
N VAL A 81 2.43 3.87 -1.44
CA VAL A 81 1.88 4.98 -0.61
C VAL A 81 1.51 6.16 -1.50
N VAL A 82 0.45 6.84 -1.18
CA VAL A 82 0.02 7.99 -2.03
C VAL A 82 0.14 9.32 -1.28
N GLY A 83 0.14 10.41 -2.01
CA GLY A 83 0.22 11.75 -1.36
C GLY A 83 1.63 12.02 -0.83
N ASP A 84 2.60 11.30 -1.30
CA ASP A 84 3.99 11.55 -0.82
C ASP A 84 4.77 12.38 -1.84
N ARG A 85 5.15 13.57 -1.49
CA ARG A 85 5.91 14.41 -2.46
C ARG A 85 7.27 13.78 -2.73
N ASP A 86 7.83 14.05 -3.88
CA ASP A 86 9.16 13.47 -4.22
C ASP A 86 10.27 14.36 -3.68
N SER A 87 10.61 14.23 -2.42
CA SER A 87 11.69 15.07 -1.83
C SER A 87 12.68 14.19 -1.05
N GLU A 88 13.94 14.24 -1.38
CA GLU A 88 14.95 13.41 -0.66
C GLU A 88 15.20 13.98 0.74
N ASP A 89 14.58 15.09 1.06
CA ASP A 89 14.76 15.69 2.41
C ASP A 89 14.27 14.73 3.50
N PRO A 90 15.09 14.49 4.48
CA PRO A 90 14.72 13.57 5.58
C PRO A 90 13.90 14.31 6.65
N ASP A 91 14.10 15.59 6.79
CA ASP A 91 13.34 16.36 7.81
C ASP A 91 11.83 16.19 7.60
N GLU A 92 11.39 16.21 6.38
CA GLU A 92 9.93 16.05 6.10
C GLU A 92 9.46 14.65 6.53
N PRO A 93 8.30 14.61 7.12
CA PRO A 93 7.72 13.33 7.59
C PRO A 93 7.09 12.53 6.44
N ALA A 94 7.80 12.35 5.36
CA ALA A 94 7.23 11.58 4.22
C ALA A 94 8.26 10.61 3.64
N LYS A 95 8.68 9.65 4.42
CA LYS A 95 9.69 8.66 3.92
C LYS A 95 9.23 7.22 4.20
N GLU A 96 10.15 6.34 4.49
CA GLU A 96 9.78 4.91 4.75
C GLU A 96 9.02 4.77 6.09
N GLN A 97 8.93 5.82 6.86
CA GLN A 97 8.21 5.70 8.17
C GLN A 97 6.75 5.32 7.95
N LEU A 98 6.24 5.56 6.78
CA LEU A 98 4.82 5.21 6.49
C LEU A 98 4.65 3.70 6.54
N TYR A 99 5.56 2.98 5.94
CA TYR A 99 5.48 1.49 5.95
C TYR A 99 6.91 0.93 5.91
N HIS A 100 7.09 -0.24 5.37
CA HIS A 100 8.47 -0.82 5.30
C HIS A 100 9.35 0.03 4.37
N SER A 101 10.60 -0.29 4.25
CA SER A 101 11.49 0.51 3.36
C SER A 101 11.21 0.22 1.88
N ALA A 102 10.41 -0.76 1.59
CA ALA A 102 10.12 -1.07 0.15
C ALA A 102 8.90 -0.30 -0.34
N GLU A 103 8.01 0.06 0.56
CA GLU A 103 6.78 0.80 0.16
C GLU A 103 7.09 1.80 -0.98
N LEU A 104 6.39 1.71 -2.07
CA LEU A 104 6.63 2.68 -3.17
C LEU A 104 5.76 3.91 -2.92
N HIS A 105 6.16 5.04 -3.42
CA HIS A 105 5.34 6.27 -3.18
C HIS A 105 4.70 6.72 -4.48
N LEU A 106 3.45 7.09 -4.43
CA LEU A 106 2.77 7.52 -5.68
C LEU A 106 2.07 8.87 -5.49
N GLY A 107 2.07 9.70 -6.51
CA GLY A 107 1.42 11.03 -6.40
C GLY A 107 -0.09 10.86 -6.18
N ILE A 108 -0.73 11.87 -5.67
CA ILE A 108 -2.20 11.77 -5.44
C ILE A 108 -2.94 11.50 -6.75
N HIS A 109 -2.62 12.23 -7.79
CA HIS A 109 -3.28 12.01 -9.10
C HIS A 109 -2.52 10.95 -9.90
N GLN A 110 -1.45 10.45 -9.36
CA GLN A 110 -0.64 9.42 -10.10
C GLN A 110 -1.15 8.01 -9.78
N LEU A 111 -2.31 7.90 -9.24
CA LEU A 111 -2.86 6.56 -8.89
C LEU A 111 -2.87 5.66 -10.12
N GLU A 112 -3.06 6.21 -11.27
CA GLU A 112 -3.08 5.40 -12.51
C GLU A 112 -1.79 4.58 -12.63
N GLN A 113 -0.77 4.98 -11.93
CA GLN A 113 0.53 4.23 -11.98
C GLN A 113 0.47 3.01 -11.06
N LEU A 114 -0.55 2.93 -10.25
CA LEU A 114 -0.68 1.78 -9.31
C LEU A 114 -0.35 0.45 -10.00
N PRO A 115 -0.92 0.21 -11.16
CA PRO A 115 -0.64 -1.06 -11.86
C PRO A 115 0.86 -1.16 -12.19
N TYR A 116 1.43 -0.15 -12.78
CA TYR A 116 2.88 -0.19 -13.06
C TYR A 116 3.63 -0.12 -11.71
N GLN A 117 3.05 0.54 -10.75
CA GLN A 117 3.68 0.62 -9.40
C GLN A 117 3.55 -0.74 -8.71
N VAL A 118 2.44 -1.41 -8.93
CA VAL A 118 2.24 -2.74 -8.32
C VAL A 118 3.29 -3.72 -8.85
N ASP A 119 3.46 -3.79 -10.15
CA ASP A 119 4.50 -4.71 -10.70
C ASP A 119 5.87 -4.28 -10.16
N ALA A 120 6.13 -3.01 -10.15
CA ALA A 120 7.43 -2.52 -9.62
C ALA A 120 7.47 -2.72 -8.11
N ALA A 121 6.39 -2.45 -7.43
CA ALA A 121 6.38 -2.65 -5.95
C ALA A 121 6.59 -4.12 -5.63
N LEU A 122 6.13 -4.99 -6.48
CA LEU A 122 6.34 -6.44 -6.21
C LEU A 122 7.84 -6.75 -6.30
N ALA A 123 8.46 -6.35 -7.37
CA ALA A 123 9.92 -6.59 -7.52
C ALA A 123 10.67 -5.93 -6.37
N GLU A 124 10.40 -4.68 -6.12
CA GLU A 124 11.10 -3.99 -5.00
C GLU A 124 10.86 -4.74 -3.70
N PHE A 125 9.67 -5.23 -3.49
CA PHE A 125 9.39 -5.98 -2.24
C PHE A 125 10.14 -7.31 -2.24
N LEU A 126 10.07 -8.04 -3.32
CA LEU A 126 10.78 -9.35 -3.36
C LEU A 126 12.29 -9.17 -3.14
N ARG A 127 12.85 -8.17 -3.76
CA ARG A 127 14.32 -7.93 -3.61
C ARG A 127 14.68 -7.60 -2.16
N LEU A 128 13.82 -6.90 -1.47
CA LEU A 128 14.13 -6.55 -0.06
C LEU A 128 13.54 -7.59 0.90
N ALA A 129 12.69 -8.45 0.38
CA ALA A 129 12.07 -9.48 1.26
C ALA A 129 13.14 -10.48 1.74
N PRO A 130 13.15 -10.76 3.02
CA PRO A 130 12.19 -10.13 3.97
C PRO A 130 12.54 -8.66 4.18
N VAL A 131 11.62 -7.78 3.90
CA VAL A 131 11.89 -6.32 4.08
C VAL A 131 12.13 -6.01 5.55
N GLU A 132 12.68 -4.87 5.83
CA GLU A 132 12.94 -4.49 7.26
C GLU A 132 11.86 -3.53 7.76
N THR A 133 10.93 -4.01 8.52
CA THR A 133 9.84 -3.12 9.04
C THR A 133 10.15 -2.71 10.48
N MET A 134 10.16 -1.43 10.76
CA MET A 134 10.48 -0.97 12.16
C MET A 134 9.28 -1.20 13.10
N ALA A 135 8.08 -0.98 12.64
CA ALA A 135 6.90 -1.17 13.52
C ALA A 135 6.49 -2.64 13.56
N MET A 1 -0.61 -21.61 -10.99
CA MET A 1 -1.92 -21.07 -10.55
C MET A 1 -1.79 -19.59 -10.17
N LEU A 2 -1.23 -18.79 -11.03
CA LEU A 2 -1.08 -17.34 -10.70
C LEU A 2 -2.45 -16.74 -10.40
N SER A 3 -3.44 -17.22 -11.09
CA SER A 3 -4.83 -16.71 -10.87
C SER A 3 -4.85 -15.17 -10.91
N GLN A 4 -4.86 -14.53 -9.77
CA GLN A 4 -4.91 -13.05 -9.77
C GLN A 4 -4.08 -12.46 -8.62
N ILE A 5 -3.93 -11.17 -8.60
CA ILE A 5 -3.14 -10.51 -7.52
C ILE A 5 -4.07 -9.95 -6.45
N ALA A 6 -3.73 -10.09 -5.20
CA ALA A 6 -4.62 -9.55 -4.14
C ALA A 6 -4.08 -8.23 -3.62
N ILE A 7 -4.75 -7.16 -3.93
CA ILE A 7 -4.28 -5.82 -3.46
C ILE A 7 -5.31 -5.22 -2.50
N CYS A 8 -4.97 -5.10 -1.25
CA CYS A 8 -5.94 -4.54 -0.27
C CYS A 8 -5.72 -3.04 -0.17
N ILE A 9 -6.66 -2.25 -0.60
CA ILE A 9 -6.48 -0.79 -0.52
C ILE A 9 -7.28 -0.22 0.65
N TRP A 10 -6.76 0.81 1.26
CA TRP A 10 -7.48 1.44 2.40
C TRP A 10 -7.66 2.92 2.08
N VAL A 11 -8.88 3.36 2.03
CA VAL A 11 -9.12 4.77 1.69
C VAL A 11 -10.57 5.14 2.03
N GLU A 12 -10.76 6.14 2.84
CA GLU A 12 -12.15 6.54 3.23
C GLU A 12 -12.80 7.40 2.14
N SER A 13 -12.14 7.54 1.02
CA SER A 13 -12.71 8.35 -0.09
C SER A 13 -13.01 7.44 -1.29
N THR A 14 -14.12 7.63 -1.94
CA THR A 14 -14.45 6.74 -3.10
C THR A 14 -13.63 7.14 -4.33
N ALA A 15 -13.53 8.40 -4.61
CA ALA A 15 -12.75 8.83 -5.80
C ALA A 15 -11.34 8.25 -5.72
N ILE A 16 -10.71 8.37 -4.58
CA ILE A 16 -9.35 7.78 -4.43
C ILE A 16 -9.46 6.26 -4.52
N LEU A 17 -10.42 5.71 -3.84
CA LEU A 17 -10.63 4.24 -3.89
C LEU A 17 -10.83 3.81 -5.34
N GLN A 18 -11.66 4.54 -6.05
CA GLN A 18 -11.89 4.20 -7.49
C GLN A 18 -10.61 4.45 -8.27
N ASP A 19 -9.96 5.56 -8.01
CA ASP A 19 -8.70 5.87 -8.74
C ASP A 19 -7.66 4.77 -8.47
N CYS A 20 -7.49 4.38 -7.23
CA CYS A 20 -6.52 3.30 -6.94
C CYS A 20 -6.96 2.01 -7.64
N GLN A 21 -8.25 1.81 -7.73
CA GLN A 21 -8.78 0.61 -8.43
C GLN A 21 -8.65 0.78 -9.94
N ARG A 22 -9.06 1.91 -10.44
CA ARG A 22 -8.97 2.16 -11.90
C ARG A 22 -7.61 1.72 -12.42
N ALA A 23 -6.57 2.19 -11.81
CA ALA A 23 -5.20 1.79 -12.24
C ALA A 23 -5.04 0.28 -12.03
N LEU A 24 -5.37 -0.20 -10.86
CA LEU A 24 -5.26 -1.66 -10.59
C LEU A 24 -6.56 -2.37 -10.93
N SER A 25 -7.00 -2.24 -12.15
CA SER A 25 -8.25 -2.91 -12.58
C SER A 25 -7.93 -4.04 -13.53
N ALA A 26 -6.70 -4.47 -13.54
CA ALA A 26 -6.31 -5.58 -14.44
C ALA A 26 -7.23 -6.78 -14.22
N ASP A 27 -7.46 -7.55 -15.23
CA ASP A 27 -8.35 -8.73 -15.09
C ASP A 27 -7.83 -9.69 -14.02
N ARG A 28 -6.58 -9.60 -13.69
CA ARG A 28 -6.02 -10.52 -12.65
C ARG A 28 -5.84 -9.78 -11.32
N TYR A 29 -6.60 -8.73 -11.10
CA TYR A 29 -6.45 -7.98 -9.82
C TYR A 29 -7.58 -8.30 -8.83
N GLN A 30 -7.22 -8.64 -7.63
CA GLN A 30 -8.23 -8.93 -6.59
C GLN A 30 -8.10 -7.86 -5.51
N LEU A 31 -8.84 -6.79 -5.65
CA LEU A 31 -8.73 -5.69 -4.67
C LEU A 31 -9.77 -5.79 -3.55
N GLN A 32 -9.33 -5.58 -2.34
CA GLN A 32 -10.25 -5.62 -1.18
C GLN A 32 -10.34 -4.21 -0.60
N VAL A 33 -11.47 -3.58 -0.65
CA VAL A 33 -11.59 -2.20 -0.13
C VAL A 33 -11.90 -2.22 1.37
N CYS A 34 -11.05 -1.60 2.14
CA CYS A 34 -11.28 -1.56 3.61
C CYS A 34 -11.84 -0.20 4.01
N GLU A 35 -13.08 -0.15 4.39
CA GLU A 35 -13.70 1.14 4.79
C GLU A 35 -12.90 1.77 5.93
N SER A 36 -12.29 0.96 6.75
CA SER A 36 -11.49 1.51 7.88
C SER A 36 -10.01 1.15 7.73
N GLY A 37 -9.22 1.41 8.73
CA GLY A 37 -7.79 1.04 8.65
C GLY A 37 -7.59 -0.19 9.52
N GLU A 38 -8.43 -0.30 10.52
CA GLU A 38 -8.38 -1.47 11.41
C GLU A 38 -8.96 -2.68 10.67
N MET A 39 -9.98 -2.44 9.88
CA MET A 39 -10.61 -3.54 9.11
C MET A 39 -9.58 -4.15 8.17
N LEU A 40 -8.81 -3.33 7.53
CA LEU A 40 -7.77 -3.82 6.61
C LEU A 40 -6.78 -4.71 7.36
N LEU A 41 -6.37 -4.31 8.53
CA LEU A 41 -5.42 -5.13 9.32
C LEU A 41 -5.97 -6.54 9.52
N GLU A 42 -7.22 -6.65 9.89
CA GLU A 42 -7.81 -8.00 10.10
C GLU A 42 -7.74 -8.81 8.80
N TYR A 43 -8.07 -8.20 7.70
CA TYR A 43 -8.03 -8.95 6.40
C TYR A 43 -6.59 -9.36 6.09
N ALA A 44 -5.65 -8.50 6.35
CA ALA A 44 -4.22 -8.84 6.07
C ALA A 44 -3.63 -9.60 7.26
N GLN A 45 -4.31 -9.59 8.38
CA GLN A 45 -3.79 -10.31 9.58
C GLN A 45 -4.08 -11.81 9.48
N THR A 46 -4.76 -12.23 8.45
CA THR A 46 -5.09 -13.67 8.33
C THR A 46 -4.88 -14.14 6.89
N HIS A 47 -4.03 -13.46 6.18
CA HIS A 47 -3.74 -13.85 4.77
C HIS A 47 -2.62 -12.96 4.22
N ARG A 48 -1.72 -12.53 5.08
CA ARG A 48 -0.60 -11.65 4.64
C ARG A 48 -0.04 -12.15 3.31
N ASP A 49 0.34 -13.39 3.28
CA ASP A 49 0.91 -13.96 2.03
C ASP A 49 -0.11 -13.88 0.88
N GLN A 50 -1.37 -14.02 1.18
CA GLN A 50 -2.39 -13.94 0.10
C GLN A 50 -2.43 -12.51 -0.45
N ILE A 51 -2.29 -11.54 0.41
CA ILE A 51 -2.30 -10.12 -0.06
C ILE A 51 -1.04 -9.86 -0.89
N ASP A 52 -1.22 -9.43 -2.11
CA ASP A 52 -0.03 -9.18 -2.97
C ASP A 52 0.45 -7.73 -2.87
N CYS A 53 -0.43 -6.77 -2.76
CA CYS A 53 0.01 -5.35 -2.68
C CYS A 53 -0.93 -4.52 -1.79
N LEU A 54 -0.39 -3.68 -0.94
CA LEU A 54 -1.28 -2.88 -0.06
C LEU A 54 -1.33 -1.42 -0.52
N ILE A 55 -2.50 -0.89 -0.80
CA ILE A 55 -2.56 0.53 -1.23
C ILE A 55 -2.86 1.37 0.00
N LEU A 56 -2.21 2.49 0.14
CA LEU A 56 -2.48 3.32 1.33
C LEU A 56 -2.51 4.80 0.97
N VAL A 57 -3.23 5.58 1.75
CA VAL A 57 -3.33 7.04 1.48
C VAL A 57 -2.79 7.81 2.69
N ALA A 58 -1.65 8.42 2.56
CA ALA A 58 -1.07 9.17 3.72
C ALA A 58 -2.00 10.29 4.20
N ALA A 59 -2.84 10.79 3.34
CA ALA A 59 -3.76 11.89 3.74
C ALA A 59 -4.54 11.51 5.01
N ASN A 60 -4.56 10.26 5.36
CA ASN A 60 -5.32 9.83 6.59
C ASN A 60 -4.62 10.32 7.86
N PRO A 61 -5.36 10.26 8.95
CA PRO A 61 -4.84 10.69 10.26
C PRO A 61 -3.94 9.61 10.87
N SER A 62 -4.52 8.66 11.56
CA SER A 62 -3.70 7.57 12.18
C SER A 62 -3.38 6.47 11.16
N PHE A 63 -3.16 6.84 9.93
CA PHE A 63 -2.82 5.83 8.89
C PHE A 63 -1.48 5.17 9.20
N ARG A 64 -0.47 5.94 9.48
CA ARG A 64 0.85 5.34 9.79
C ARG A 64 0.69 4.33 10.92
N ALA A 65 -0.18 4.61 11.85
CA ALA A 65 -0.41 3.66 12.97
C ALA A 65 -1.01 2.36 12.43
N VAL A 66 -1.90 2.46 11.49
CA VAL A 66 -2.51 1.24 10.92
C VAL A 66 -1.45 0.45 10.14
N VAL A 67 -0.68 1.11 9.33
CA VAL A 67 0.38 0.39 8.57
C VAL A 67 1.33 -0.29 9.54
N GLN A 68 1.69 0.37 10.61
CA GLN A 68 2.61 -0.28 11.58
C GLN A 68 1.97 -1.56 12.11
N GLN A 69 0.68 -1.55 12.30
CA GLN A 69 -0.01 -2.78 12.79
C GLN A 69 0.25 -3.92 11.80
N LEU A 70 0.23 -3.63 10.53
CA LEU A 70 0.51 -4.71 9.53
C LEU A 70 1.90 -5.28 9.79
N CYS A 71 2.89 -4.42 9.86
CA CYS A 71 4.27 -4.89 10.12
C CYS A 71 4.34 -5.60 11.48
N PHE A 72 3.72 -5.02 12.47
CA PHE A 72 3.74 -5.65 13.82
C PHE A 72 3.31 -7.12 13.73
N GLU A 73 2.35 -7.42 12.91
CA GLU A 73 1.90 -8.83 12.76
C GLU A 73 2.83 -9.57 11.80
N GLY A 74 3.69 -8.85 11.13
CA GLY A 74 4.62 -9.50 10.17
C GLY A 74 4.01 -9.42 8.76
N VAL A 75 3.08 -8.53 8.56
CA VAL A 75 2.46 -8.41 7.20
C VAL A 75 3.21 -7.38 6.35
N VAL A 76 4.26 -7.78 5.69
CA VAL A 76 5.01 -6.83 4.84
C VAL A 76 4.72 -7.12 3.36
N VAL A 77 4.07 -6.21 2.70
CA VAL A 77 3.74 -6.42 1.26
C VAL A 77 4.17 -5.19 0.46
N PRO A 78 4.17 -5.32 -0.84
CA PRO A 78 4.53 -4.16 -1.69
C PRO A 78 3.44 -3.11 -1.50
N ALA A 79 3.66 -2.19 -0.62
CA ALA A 79 2.63 -1.16 -0.35
C ALA A 79 2.94 0.14 -1.08
N ILE A 80 2.05 0.56 -1.94
CA ILE A 80 2.28 1.84 -2.66
C ILE A 80 1.58 2.96 -1.90
N VAL A 81 2.31 3.94 -1.47
CA VAL A 81 1.69 5.06 -0.69
C VAL A 81 1.34 6.24 -1.60
N VAL A 82 0.22 6.87 -1.35
CA VAL A 82 -0.19 8.03 -2.21
C VAL A 82 0.03 9.35 -1.46
N GLY A 83 0.49 10.35 -2.15
CA GLY A 83 0.72 11.67 -1.49
C GLY A 83 2.14 11.70 -0.91
N ASP A 84 2.51 12.79 -0.32
CA ASP A 84 3.88 12.90 0.26
C ASP A 84 4.94 12.75 -0.84
N ARG A 85 5.92 13.60 -0.84
CA ARG A 85 6.98 13.53 -1.89
C ARG A 85 8.20 12.77 -1.38
N ASP A 86 9.09 12.39 -2.25
CA ASP A 86 10.31 11.65 -1.81
C ASP A 86 11.01 12.40 -0.68
N SER A 87 10.88 13.70 -0.65
CA SER A 87 11.55 14.48 0.44
C SER A 87 10.97 14.09 1.80
N GLU A 88 11.70 14.33 2.86
CA GLU A 88 11.19 13.97 4.20
C GLU A 88 11.25 15.18 5.14
N ASP A 89 10.54 16.23 4.81
CA ASP A 89 10.56 17.44 5.69
C ASP A 89 9.91 17.12 7.03
N PRO A 90 10.60 17.45 8.09
CA PRO A 90 10.09 17.20 9.46
C PRO A 90 8.95 18.17 9.79
N ASP A 91 8.79 19.21 9.01
CA ASP A 91 7.70 20.19 9.29
C ASP A 91 6.34 19.48 9.19
N GLU A 92 6.22 18.51 8.33
CA GLU A 92 4.94 17.77 8.20
C GLU A 92 5.15 16.29 8.49
N PRO A 93 4.07 15.59 8.71
CA PRO A 93 4.13 14.15 9.02
C PRO A 93 4.48 13.34 7.76
N ALA A 94 5.59 13.66 7.14
CA ALA A 94 6.00 12.92 5.91
C ALA A 94 7.30 12.16 6.15
N LYS A 95 7.25 11.03 6.81
CA LYS A 95 8.49 10.24 7.07
C LYS A 95 8.44 8.91 6.31
N GLU A 96 9.52 8.18 6.29
CA GLU A 96 9.53 6.88 5.55
C GLU A 96 8.88 5.77 6.39
N GLN A 97 8.40 6.07 7.56
CA GLN A 97 7.76 5.01 8.40
C GLN A 97 6.35 4.68 7.92
N LEU A 98 5.91 5.30 6.86
CA LEU A 98 4.55 5.01 6.36
C LEU A 98 4.39 3.51 6.25
N TYR A 99 5.48 2.84 6.01
CA TYR A 99 5.44 1.36 5.91
C TYR A 99 6.88 0.83 5.90
N HIS A 100 7.23 -0.04 4.98
CA HIS A 100 8.64 -0.56 4.97
C HIS A 100 9.48 0.21 3.94
N SER A 101 10.78 0.09 4.01
CA SER A 101 11.65 0.83 3.05
C SER A 101 11.38 0.42 1.61
N ALA A 102 10.63 -0.63 1.39
CA ALA A 102 10.34 -1.05 -0.01
C ALA A 102 9.02 -0.42 -0.49
N GLU A 103 8.14 -0.10 0.42
CA GLU A 103 6.84 0.51 -0.01
C GLU A 103 7.08 1.57 -1.09
N LEU A 104 6.31 1.53 -2.15
CA LEU A 104 6.51 2.53 -3.24
C LEU A 104 5.61 3.75 -3.01
N HIS A 105 5.97 4.87 -3.55
CA HIS A 105 5.13 6.09 -3.35
C HIS A 105 4.51 6.53 -4.67
N LEU A 106 3.30 7.00 -4.62
CA LEU A 106 2.62 7.46 -5.86
C LEU A 106 2.04 8.86 -5.66
N GLY A 107 2.16 9.71 -6.64
CA GLY A 107 1.61 11.08 -6.50
C GLY A 107 0.09 11.02 -6.36
N ILE A 108 -0.49 12.02 -5.76
CA ILE A 108 -1.97 12.03 -5.59
C ILE A 108 -2.66 12.09 -6.95
N HIS A 109 -2.22 12.96 -7.83
CA HIS A 109 -2.87 13.07 -9.16
C HIS A 109 -2.23 12.07 -10.14
N GLN A 110 -1.33 11.26 -9.66
CA GLN A 110 -0.67 10.26 -10.56
C GLN A 110 -1.36 8.91 -10.42
N LEU A 111 -2.57 8.89 -9.96
CA LEU A 111 -3.27 7.60 -9.80
C LEU A 111 -3.45 6.94 -11.17
N GLU A 112 -2.62 5.98 -11.43
CA GLU A 112 -2.66 5.25 -12.73
C GLU A 112 -1.42 4.37 -12.83
N GLN A 113 -0.36 4.75 -12.16
CA GLN A 113 0.89 3.93 -12.20
C GLN A 113 0.77 2.77 -11.22
N LEU A 114 -0.27 2.76 -10.42
CA LEU A 114 -0.46 1.65 -9.45
C LEU A 114 -0.17 0.28 -10.08
N PRO A 115 -0.71 0.03 -11.25
CA PRO A 115 -0.48 -1.28 -11.90
C PRO A 115 1.00 -1.44 -12.22
N TYR A 116 1.57 -0.53 -12.96
CA TYR A 116 3.01 -0.63 -13.25
C TYR A 116 3.79 -0.53 -11.92
N GLN A 117 3.23 0.17 -10.96
CA GLN A 117 3.89 0.29 -9.64
C GLN A 117 3.72 -1.04 -8.89
N VAL A 118 2.56 -1.62 -8.99
CA VAL A 118 2.29 -2.92 -8.31
C VAL A 118 3.24 -3.98 -8.87
N ASP A 119 3.44 -4.01 -10.17
CA ASP A 119 4.38 -5.02 -10.72
C ASP A 119 5.79 -4.70 -10.23
N ALA A 120 6.14 -3.43 -10.24
CA ALA A 120 7.49 -3.02 -9.76
C ALA A 120 7.56 -3.22 -8.25
N ALA A 121 6.56 -2.76 -7.54
CA ALA A 121 6.54 -2.91 -6.06
C ALA A 121 6.64 -4.38 -5.68
N LEU A 122 6.12 -5.26 -6.50
CA LEU A 122 6.21 -6.71 -6.17
C LEU A 122 7.66 -7.17 -6.29
N ALA A 123 8.24 -6.98 -7.43
CA ALA A 123 9.66 -7.40 -7.61
C ALA A 123 10.55 -6.56 -6.71
N GLU A 124 10.21 -5.30 -6.54
CA GLU A 124 11.03 -4.44 -5.66
C GLU A 124 10.95 -4.95 -4.22
N PHE A 125 9.79 -5.38 -3.81
CA PHE A 125 9.65 -5.89 -2.41
C PHE A 125 10.48 -7.16 -2.23
N LEU A 126 10.47 -8.07 -3.17
CA LEU A 126 11.27 -9.32 -3.02
C LEU A 126 12.76 -8.98 -2.97
N ARG A 127 13.22 -8.14 -3.85
CA ARG A 127 14.67 -7.78 -3.86
C ARG A 127 15.06 -7.20 -2.49
N LEU A 128 14.14 -6.52 -1.84
CA LEU A 128 14.45 -5.92 -0.52
C LEU A 128 13.93 -6.83 0.61
N ALA A 129 13.23 -7.87 0.27
CA ALA A 129 12.71 -8.78 1.32
C ALA A 129 13.86 -9.60 1.93
N PRO A 130 13.85 -9.74 3.23
CA PRO A 130 12.79 -9.13 4.07
C PRO A 130 13.08 -7.65 4.28
N VAL A 131 12.25 -6.78 3.77
CA VAL A 131 12.49 -5.32 3.95
C VAL A 131 12.46 -4.99 5.44
N GLU A 132 12.87 -3.82 5.82
CA GLU A 132 12.86 -3.46 7.27
C GLU A 132 11.62 -2.65 7.61
N THR A 133 10.71 -3.23 8.35
CA THR A 133 9.48 -2.51 8.72
C THR A 133 9.67 -1.82 10.08
N MET A 134 9.77 -0.53 10.10
CA MET A 134 9.96 0.18 11.39
C MET A 134 8.61 0.64 11.96
N ALA A 135 7.69 -0.28 12.08
CA ALA A 135 6.34 0.09 12.63
C ALA A 135 6.43 0.37 14.13
N MET A 1 1.81 -17.99 -10.88
CA MET A 1 2.77 -16.86 -10.80
C MET A 1 2.05 -15.52 -11.04
N LEU A 2 1.56 -15.31 -12.24
CA LEU A 2 0.84 -14.04 -12.53
C LEU A 2 -0.67 -14.26 -12.59
N SER A 3 -1.11 -15.43 -12.23
CA SER A 3 -2.57 -15.72 -12.27
C SER A 3 -3.35 -14.49 -11.78
N GLN A 4 -3.29 -14.20 -10.51
CA GLN A 4 -4.01 -13.00 -9.99
C GLN A 4 -3.21 -12.36 -8.85
N ILE A 5 -3.47 -11.11 -8.58
CA ILE A 5 -2.72 -10.42 -7.50
C ILE A 5 -3.69 -9.95 -6.41
N ALA A 6 -3.40 -10.21 -5.16
CA ALA A 6 -4.31 -9.76 -4.09
C ALA A 6 -3.87 -8.37 -3.64
N ILE A 7 -4.60 -7.38 -4.05
CA ILE A 7 -4.24 -5.99 -3.66
C ILE A 7 -5.26 -5.46 -2.67
N CYS A 8 -4.82 -5.09 -1.51
CA CYS A 8 -5.76 -4.58 -0.48
C CYS A 8 -5.55 -3.09 -0.26
N ILE A 9 -6.50 -2.28 -0.68
CA ILE A 9 -6.35 -0.82 -0.50
C ILE A 9 -7.17 -0.30 0.68
N TRP A 10 -6.65 0.70 1.33
CA TRP A 10 -7.39 1.31 2.46
C TRP A 10 -7.70 2.77 2.09
N VAL A 11 -8.94 3.10 1.90
CA VAL A 11 -9.26 4.50 1.51
C VAL A 11 -10.73 4.82 1.83
N GLU A 12 -10.97 5.96 2.42
CA GLU A 12 -12.38 6.32 2.77
C GLU A 12 -13.04 7.12 1.63
N SER A 13 -12.27 7.61 0.70
CA SER A 13 -12.86 8.39 -0.43
C SER A 13 -13.18 7.47 -1.61
N THR A 14 -14.39 7.50 -2.10
CA THR A 14 -14.74 6.62 -3.26
C THR A 14 -13.84 6.94 -4.45
N ALA A 15 -13.66 8.19 -4.75
CA ALA A 15 -12.80 8.56 -5.91
C ALA A 15 -11.40 7.94 -5.75
N ILE A 16 -10.81 8.09 -4.60
CA ILE A 16 -9.46 7.49 -4.39
C ILE A 16 -9.56 5.97 -4.47
N LEU A 17 -10.59 5.41 -3.89
CA LEU A 17 -10.76 3.93 -3.95
C LEU A 17 -10.97 3.53 -5.42
N GLN A 18 -11.71 4.31 -6.15
CA GLN A 18 -11.92 3.99 -7.59
C GLN A 18 -10.65 4.27 -8.40
N ASP A 19 -10.01 5.38 -8.15
CA ASP A 19 -8.76 5.69 -8.90
C ASP A 19 -7.68 4.65 -8.60
N CYS A 20 -7.58 4.26 -7.35
CA CYS A 20 -6.56 3.23 -6.99
C CYS A 20 -6.93 1.89 -7.63
N GLN A 21 -8.18 1.55 -7.61
CA GLN A 21 -8.61 0.26 -8.23
C GLN A 21 -8.70 0.42 -9.74
N ARG A 22 -9.18 1.55 -10.20
CA ARG A 22 -9.30 1.76 -11.67
C ARG A 22 -7.98 1.36 -12.32
N ALA A 23 -6.92 2.00 -11.91
CA ALA A 23 -5.59 1.64 -12.48
C ALA A 23 -5.33 0.16 -12.21
N LEU A 24 -5.50 -0.29 -10.99
CA LEU A 24 -5.29 -1.72 -10.67
C LEU A 24 -6.56 -2.53 -11.01
N SER A 25 -6.98 -2.47 -12.23
CA SER A 25 -8.19 -3.22 -12.66
C SER A 25 -7.79 -4.32 -13.62
N ALA A 26 -6.55 -4.71 -13.59
CA ALA A 26 -6.06 -5.78 -14.51
C ALA A 26 -6.85 -7.07 -14.29
N ASP A 27 -6.97 -7.88 -15.31
CA ASP A 27 -7.73 -9.16 -15.18
C ASP A 27 -7.17 -10.00 -14.02
N ARG A 28 -5.92 -9.79 -13.70
CA ARG A 28 -5.29 -10.57 -12.59
C ARG A 28 -5.24 -9.75 -11.30
N TYR A 29 -6.18 -8.87 -11.08
CA TYR A 29 -6.13 -8.05 -9.83
C TYR A 29 -7.28 -8.37 -8.89
N GLN A 30 -6.97 -8.66 -7.66
CA GLN A 30 -8.04 -8.92 -6.66
C GLN A 30 -8.01 -7.76 -5.66
N LEU A 31 -8.73 -6.72 -5.93
CA LEU A 31 -8.71 -5.54 -5.02
C LEU A 31 -9.60 -5.74 -3.80
N GLN A 32 -9.10 -5.39 -2.65
CA GLN A 32 -9.91 -5.50 -1.41
C GLN A 32 -10.02 -4.09 -0.80
N VAL A 33 -11.21 -3.59 -0.65
CA VAL A 33 -11.34 -2.21 -0.10
C VAL A 33 -11.70 -2.24 1.38
N CYS A 34 -11.10 -1.36 2.14
CA CYS A 34 -11.39 -1.31 3.60
C CYS A 34 -11.91 0.10 3.97
N GLU A 35 -13.11 0.18 4.48
CA GLU A 35 -13.66 1.53 4.84
C GLU A 35 -12.77 2.21 5.87
N SER A 36 -12.25 1.49 6.82
CA SER A 36 -11.39 2.12 7.85
C SER A 36 -9.94 1.65 7.70
N GLY A 37 -9.08 2.04 8.60
CA GLY A 37 -7.66 1.60 8.53
C GLY A 37 -7.56 0.40 9.45
N GLU A 38 -8.40 0.37 10.44
CA GLU A 38 -8.44 -0.76 11.39
C GLU A 38 -8.99 -1.99 10.65
N MET A 39 -9.90 -1.75 9.75
CA MET A 39 -10.50 -2.88 8.99
C MET A 39 -9.43 -3.56 8.12
N LEU A 40 -8.57 -2.79 7.51
CA LEU A 40 -7.49 -3.39 6.67
C LEU A 40 -6.60 -4.29 7.53
N LEU A 41 -6.31 -3.87 8.74
CA LEU A 41 -5.45 -4.71 9.62
C LEU A 41 -6.12 -6.06 9.87
N GLU A 42 -7.40 -6.06 10.13
CA GLU A 42 -8.10 -7.35 10.37
C GLU A 42 -7.96 -8.25 9.15
N TYR A 43 -8.12 -7.71 7.98
CA TYR A 43 -7.98 -8.56 6.77
C TYR A 43 -6.52 -8.99 6.60
N ALA A 44 -5.60 -8.07 6.74
CA ALA A 44 -4.16 -8.42 6.59
C ALA A 44 -3.67 -9.18 7.83
N GLN A 45 -4.41 -9.14 8.90
CA GLN A 45 -3.98 -9.85 10.14
C GLN A 45 -4.31 -11.34 10.04
N THR A 46 -4.92 -11.74 8.97
CA THR A 46 -5.27 -13.19 8.85
C THR A 46 -5.01 -13.65 7.42
N HIS A 47 -4.11 -12.97 6.76
CA HIS A 47 -3.76 -13.31 5.36
C HIS A 47 -2.72 -12.30 4.85
N ARG A 48 -1.47 -12.49 5.17
CA ARG A 48 -0.43 -11.51 4.73
C ARG A 48 0.16 -11.94 3.40
N ASP A 49 0.67 -13.14 3.37
CA ASP A 49 1.27 -13.67 2.11
C ASP A 49 0.22 -13.68 1.01
N GLN A 50 -1.03 -13.83 1.37
CA GLN A 50 -2.12 -13.85 0.35
C GLN A 50 -2.29 -12.46 -0.25
N ILE A 51 -1.68 -11.47 0.35
CA ILE A 51 -1.80 -10.09 -0.17
C ILE A 51 -0.62 -9.79 -1.10
N ASP A 52 -0.88 -9.42 -2.32
CA ASP A 52 0.26 -9.15 -3.23
C ASP A 52 0.66 -7.67 -3.23
N CYS A 53 -0.24 -6.79 -2.84
CA CYS A 53 0.12 -5.34 -2.83
C CYS A 53 -0.84 -4.56 -1.93
N LEU A 54 -0.34 -3.72 -1.06
CA LEU A 54 -1.27 -2.94 -0.19
C LEU A 54 -1.29 -1.48 -0.65
N ILE A 55 -2.45 -0.91 -0.79
CA ILE A 55 -2.52 0.51 -1.22
C ILE A 55 -2.87 1.38 -0.02
N LEU A 56 -2.20 2.48 0.14
CA LEU A 56 -2.50 3.35 1.32
C LEU A 56 -2.56 4.81 0.93
N VAL A 57 -3.26 5.58 1.70
CA VAL A 57 -3.39 7.03 1.43
C VAL A 57 -2.91 7.80 2.67
N ALA A 58 -1.86 8.56 2.56
CA ALA A 58 -1.38 9.32 3.76
C ALA A 58 -2.48 10.24 4.29
N ALA A 59 -3.39 10.63 3.44
CA ALA A 59 -4.49 11.53 3.88
C ALA A 59 -5.37 10.83 4.92
N ASN A 60 -5.28 9.53 5.04
CA ASN A 60 -6.13 8.82 6.05
C ASN A 60 -5.64 9.15 7.46
N PRO A 61 -6.56 9.18 8.38
CA PRO A 61 -6.22 9.48 9.79
C PRO A 61 -5.48 8.28 10.40
N SER A 62 -4.76 8.51 11.46
CA SER A 62 -3.98 7.42 12.11
C SER A 62 -3.46 6.41 11.08
N PHE A 63 -3.21 6.86 9.88
CA PHE A 63 -2.71 5.93 8.84
C PHE A 63 -1.34 5.41 9.23
N ARG A 64 -0.47 6.28 9.65
CA ARG A 64 0.89 5.82 10.07
C ARG A 64 0.74 4.68 11.08
N ALA A 65 -0.15 4.84 12.01
CA ALA A 65 -0.37 3.77 13.04
C ALA A 65 -0.94 2.51 12.38
N VAL A 66 -1.76 2.68 11.38
CA VAL A 66 -2.35 1.51 10.69
C VAL A 66 -1.24 0.72 9.97
N VAL A 67 -0.31 1.41 9.37
CA VAL A 67 0.78 0.70 8.67
C VAL A 67 1.69 0.01 9.68
N GLN A 68 2.06 0.68 10.73
CA GLN A 68 2.93 0.02 11.76
C GLN A 68 2.17 -1.19 12.31
N GLN A 69 0.88 -1.11 12.41
CA GLN A 69 0.10 -2.27 12.91
C GLN A 69 0.34 -3.45 11.98
N LEU A 70 0.35 -3.20 10.69
CA LEU A 70 0.61 -4.32 9.73
C LEU A 70 2.00 -4.88 9.99
N CYS A 71 2.99 -4.02 10.03
CA CYS A 71 4.38 -4.48 10.30
C CYS A 71 4.47 -5.14 11.69
N PHE A 72 3.75 -4.61 12.64
CA PHE A 72 3.79 -5.21 14.01
C PHE A 72 3.37 -6.68 13.95
N GLU A 73 2.35 -7.00 13.20
CA GLU A 73 1.92 -8.41 13.09
C GLU A 73 2.87 -9.16 12.15
N GLY A 74 3.70 -8.44 11.45
CA GLY A 74 4.66 -9.10 10.53
C GLY A 74 4.14 -9.05 9.09
N VAL A 75 3.11 -8.27 8.85
CA VAL A 75 2.59 -8.19 7.45
C VAL A 75 3.41 -7.23 6.61
N VAL A 76 4.16 -7.73 5.67
CA VAL A 76 4.99 -6.83 4.81
C VAL A 76 4.70 -7.11 3.34
N VAL A 77 4.30 -6.11 2.61
CA VAL A 77 3.96 -6.33 1.17
C VAL A 77 4.31 -5.07 0.37
N PRO A 78 4.37 -5.21 -0.92
CA PRO A 78 4.67 -4.05 -1.78
C PRO A 78 3.55 -3.03 -1.61
N ALA A 79 3.73 -2.12 -0.69
CA ALA A 79 2.66 -1.13 -0.43
C ALA A 79 2.93 0.19 -1.14
N ILE A 80 2.03 0.60 -1.99
CA ILE A 80 2.20 1.89 -2.70
C ILE A 80 1.55 3.00 -1.86
N VAL A 81 2.30 3.98 -1.45
CA VAL A 81 1.72 5.07 -0.62
C VAL A 81 1.45 6.30 -1.48
N VAL A 82 0.37 6.98 -1.23
CA VAL A 82 0.03 8.19 -2.05
C VAL A 82 0.13 9.46 -1.22
N GLY A 83 0.66 10.51 -1.79
CA GLY A 83 0.78 11.79 -1.05
C GLY A 83 2.25 12.13 -0.82
N ASP A 84 3.10 11.74 -1.72
CA ASP A 84 4.56 12.03 -1.55
C ASP A 84 5.08 12.86 -2.73
N ARG A 85 6.17 13.55 -2.53
CA ARG A 85 6.74 14.39 -3.62
C ARG A 85 8.05 13.79 -4.13
N ASP A 86 8.63 14.40 -5.14
CA ASP A 86 9.92 13.87 -5.70
C ASP A 86 11.10 14.53 -5.00
N SER A 87 10.85 15.60 -4.28
CA SER A 87 11.95 16.31 -3.58
C SER A 87 12.57 15.43 -2.48
N GLU A 88 13.38 16.01 -1.65
CA GLU A 88 14.04 15.23 -0.56
C GLU A 88 13.08 14.97 0.60
N ASP A 89 11.82 15.31 0.44
CA ASP A 89 10.85 15.09 1.56
C ASP A 89 11.34 15.81 2.81
N PRO A 90 11.40 17.12 2.70
CA PRO A 90 11.87 17.96 3.81
C PRO A 90 10.82 18.05 4.93
N ASP A 91 9.61 18.35 4.58
CA ASP A 91 8.54 18.47 5.62
C ASP A 91 8.51 17.18 6.45
N GLU A 92 8.80 16.07 5.85
CA GLU A 92 8.77 14.80 6.62
C GLU A 92 9.62 13.74 5.91
N PRO A 93 10.29 12.95 6.70
CA PRO A 93 11.14 11.86 6.16
C PRO A 93 10.26 10.70 5.68
N ALA A 94 9.28 10.98 4.87
CA ALA A 94 8.37 9.92 4.37
C ALA A 94 9.15 8.84 3.63
N LYS A 95 10.37 9.11 3.25
CA LYS A 95 11.16 8.08 2.52
C LYS A 95 11.12 6.74 3.26
N GLU A 96 11.38 6.75 4.54
CA GLU A 96 11.35 5.47 5.31
C GLU A 96 10.68 5.66 6.67
N GLN A 97 9.40 5.37 6.76
CA GLN A 97 8.68 5.52 8.06
C GLN A 97 7.20 5.15 7.91
N LEU A 98 6.65 5.33 6.73
CA LEU A 98 5.22 4.98 6.52
C LEU A 98 5.05 3.46 6.57
N TYR A 99 5.81 2.77 5.77
CA TYR A 99 5.72 1.29 5.77
C TYR A 99 7.14 0.72 5.76
N HIS A 100 7.45 -0.19 4.88
CA HIS A 100 8.83 -0.74 4.86
C HIS A 100 9.66 -0.07 3.76
N SER A 101 10.95 -0.32 3.74
CA SER A 101 11.83 0.32 2.71
C SER A 101 11.40 -0.06 1.29
N ALA A 102 10.63 -1.10 1.13
CA ALA A 102 10.22 -1.51 -0.25
C ALA A 102 8.95 -0.77 -0.69
N GLU A 103 8.13 -0.34 0.22
CA GLU A 103 6.89 0.38 -0.15
C GLU A 103 7.14 1.37 -1.29
N LEU A 104 6.31 1.37 -2.29
CA LEU A 104 6.51 2.35 -3.40
C LEU A 104 5.65 3.58 -3.13
N HIS A 105 5.91 4.66 -3.79
CA HIS A 105 5.10 5.89 -3.54
C HIS A 105 4.48 6.42 -4.83
N LEU A 106 3.30 6.97 -4.73
CA LEU A 106 2.63 7.53 -5.93
C LEU A 106 2.08 8.93 -5.61
N GLY A 107 1.87 9.75 -6.60
CA GLY A 107 1.35 11.12 -6.32
C GLY A 107 -0.15 11.06 -6.09
N ILE A 108 -0.70 12.00 -5.36
CA ILE A 108 -2.15 12.00 -5.11
C ILE A 108 -2.92 12.09 -6.43
N HIS A 109 -2.54 13.00 -7.29
CA HIS A 109 -3.24 13.13 -8.59
C HIS A 109 -2.62 12.15 -9.61
N GLN A 110 -1.65 11.38 -9.18
CA GLN A 110 -1.00 10.41 -10.12
C GLN A 110 -1.67 9.05 -9.99
N LEU A 111 -2.88 9.01 -9.51
CA LEU A 111 -3.56 7.70 -9.35
C LEU A 111 -3.84 7.10 -10.72
N GLU A 112 -3.02 6.16 -11.10
CA GLU A 112 -3.15 5.48 -12.42
C GLU A 112 -1.89 4.65 -12.65
N GLN A 113 -0.80 5.05 -12.06
CA GLN A 113 0.48 4.29 -12.21
C GLN A 113 0.51 3.09 -11.25
N LEU A 114 -0.51 2.95 -10.45
CA LEU A 114 -0.57 1.83 -9.48
C LEU A 114 -0.29 0.46 -10.11
N PRO A 115 -0.88 0.20 -11.26
CA PRO A 115 -0.67 -1.12 -11.91
C PRO A 115 0.79 -1.27 -12.30
N TYR A 116 1.31 -0.33 -13.01
CA TYR A 116 2.74 -0.41 -13.38
C TYR A 116 3.57 -0.26 -12.09
N GLN A 117 3.10 0.57 -11.19
CA GLN A 117 3.81 0.72 -9.89
C GLN A 117 3.73 -0.60 -9.12
N VAL A 118 2.62 -1.26 -9.21
CA VAL A 118 2.45 -2.57 -8.50
C VAL A 118 3.50 -3.57 -9.01
N ASP A 119 3.56 -3.81 -10.30
CA ASP A 119 4.59 -4.76 -10.80
C ASP A 119 5.97 -4.28 -10.37
N ALA A 120 6.19 -2.99 -10.40
CA ALA A 120 7.51 -2.45 -9.96
C ALA A 120 7.60 -2.59 -8.44
N ALA A 121 6.51 -2.35 -7.76
CA ALA A 121 6.52 -2.48 -6.27
C ALA A 121 6.78 -3.93 -5.89
N LEU A 122 6.23 -4.85 -6.63
CA LEU A 122 6.44 -6.29 -6.33
C LEU A 122 7.92 -6.64 -6.42
N ALA A 123 8.55 -6.33 -7.52
CA ALA A 123 10.00 -6.66 -7.65
C ALA A 123 10.77 -5.94 -6.54
N GLU A 124 10.44 -4.72 -6.27
CA GLU A 124 11.14 -3.98 -5.19
C GLU A 124 10.90 -4.68 -3.85
N PHE A 125 9.67 -5.00 -3.56
CA PHE A 125 9.38 -5.70 -2.28
C PHE A 125 9.89 -7.14 -2.33
N LEU A 126 9.67 -7.84 -3.41
CA LEU A 126 10.15 -9.25 -3.51
C LEU A 126 11.67 -9.28 -3.43
N ARG A 127 12.34 -8.41 -4.12
CA ARG A 127 13.83 -8.39 -4.07
C ARG A 127 14.32 -7.92 -2.71
N LEU A 128 13.45 -7.35 -1.91
CA LEU A 128 13.88 -6.87 -0.56
C LEU A 128 13.32 -7.80 0.52
N ALA A 129 12.72 -8.89 0.14
CA ALA A 129 12.16 -9.84 1.14
C ALA A 129 13.27 -10.76 1.68
N PRO A 130 13.28 -10.97 2.98
CA PRO A 130 12.27 -10.35 3.88
C PRO A 130 12.57 -8.86 4.07
N VAL A 131 11.66 -8.00 3.71
CA VAL A 131 11.91 -6.55 3.87
C VAL A 131 12.08 -6.20 5.34
N GLU A 132 12.66 -5.06 5.61
CA GLU A 132 12.85 -4.64 7.03
C GLU A 132 11.78 -3.63 7.42
N THR A 133 10.91 -3.98 8.32
CA THR A 133 9.86 -3.02 8.73
C THR A 133 10.20 -2.40 10.08
N MET A 134 10.17 -1.10 10.16
CA MET A 134 10.48 -0.43 11.45
C MET A 134 9.50 -0.88 12.52
N ALA A 135 8.25 -1.04 12.15
CA ALA A 135 7.24 -1.50 13.13
C ALA A 135 7.27 -3.03 13.25
N MET A 1 0.12 -14.83 -7.29
CA MET A 1 0.71 -15.48 -8.50
C MET A 1 0.30 -14.70 -9.76
N LEU A 2 0.78 -15.13 -10.90
CA LEU A 2 0.42 -14.43 -12.17
C LEU A 2 -1.10 -14.51 -12.41
N SER A 3 -1.70 -15.63 -12.13
CA SER A 3 -3.16 -15.77 -12.36
C SER A 3 -3.88 -14.50 -11.90
N GLN A 4 -3.86 -14.24 -10.62
CA GLN A 4 -4.53 -13.02 -10.10
C GLN A 4 -3.75 -12.46 -8.91
N ILE A 5 -3.90 -11.19 -8.65
CA ILE A 5 -3.16 -10.55 -7.52
C ILE A 5 -4.11 -10.06 -6.43
N ALA A 6 -3.76 -10.20 -5.18
CA ALA A 6 -4.64 -9.72 -4.10
C ALA A 6 -4.15 -8.36 -3.62
N ILE A 7 -4.88 -7.34 -3.91
CA ILE A 7 -4.45 -5.97 -3.50
C ILE A 7 -5.44 -5.38 -2.51
N CYS A 8 -5.00 -5.10 -1.30
CA CYS A 8 -5.92 -4.51 -0.30
C CYS A 8 -5.65 -3.01 -0.20
N ILE A 9 -6.65 -2.21 -0.40
CA ILE A 9 -6.43 -0.74 -0.31
C ILE A 9 -7.23 -0.13 0.82
N TRP A 10 -6.69 0.86 1.44
CA TRP A 10 -7.45 1.55 2.52
C TRP A 10 -7.67 3.00 2.11
N VAL A 11 -8.84 3.31 1.66
CA VAL A 11 -9.11 4.71 1.22
C VAL A 11 -10.53 5.11 1.58
N GLU A 12 -10.68 6.25 2.21
CA GLU A 12 -12.05 6.70 2.59
C GLU A 12 -12.68 7.51 1.47
N SER A 13 -11.94 7.79 0.43
CA SER A 13 -12.50 8.56 -0.71
C SER A 13 -12.79 7.62 -1.88
N THR A 14 -14.00 7.57 -2.34
CA THR A 14 -14.34 6.66 -3.47
C THR A 14 -13.49 7.02 -4.70
N ALA A 15 -13.15 8.26 -4.86
CA ALA A 15 -12.33 8.67 -6.04
C ALA A 15 -10.94 8.02 -5.95
N ILE A 16 -10.26 8.20 -4.84
CA ILE A 16 -8.92 7.57 -4.67
C ILE A 16 -9.11 6.06 -4.80
N LEU A 17 -10.15 5.57 -4.18
CA LEU A 17 -10.45 4.12 -4.26
C LEU A 17 -10.71 3.77 -5.73
N GLN A 18 -11.61 4.47 -6.35
CA GLN A 18 -11.91 4.21 -7.79
C GLN A 18 -10.67 4.46 -8.64
N ASP A 19 -9.96 5.52 -8.36
CA ASP A 19 -8.72 5.82 -9.15
C ASP A 19 -7.71 4.69 -8.98
N CYS A 20 -7.56 4.20 -7.78
CA CYS A 20 -6.60 3.07 -7.57
C CYS A 20 -7.14 1.83 -8.28
N GLN A 21 -8.41 1.56 -8.13
CA GLN A 21 -9.02 0.39 -8.80
C GLN A 21 -8.95 0.57 -10.32
N ARG A 22 -9.32 1.74 -10.78
CA ARG A 22 -9.27 2.00 -12.24
C ARG A 22 -7.92 1.57 -12.77
N ALA A 23 -6.87 2.01 -12.14
CA ALA A 23 -5.51 1.61 -12.59
C ALA A 23 -5.29 0.14 -12.24
N LEU A 24 -5.49 -0.24 -11.01
CA LEU A 24 -5.32 -1.67 -10.63
C LEU A 24 -6.59 -2.45 -10.99
N SER A 25 -7.02 -2.34 -12.21
CA SER A 25 -8.26 -3.07 -12.64
C SER A 25 -7.89 -4.25 -13.53
N ALA A 26 -6.62 -4.44 -13.78
CA ALA A 26 -6.15 -5.57 -14.63
C ALA A 26 -7.07 -6.78 -14.46
N ASP A 27 -7.18 -7.59 -15.47
CA ASP A 27 -8.07 -8.78 -15.39
C ASP A 27 -7.58 -9.76 -14.31
N ARG A 28 -6.42 -9.54 -13.77
CA ARG A 28 -5.90 -10.47 -12.73
C ARG A 28 -5.76 -9.76 -11.38
N TYR A 29 -6.55 -8.75 -11.11
CA TYR A 29 -6.44 -8.05 -9.81
C TYR A 29 -7.61 -8.39 -8.89
N GLN A 30 -7.33 -8.64 -7.65
CA GLN A 30 -8.41 -8.93 -6.69
C GLN A 30 -8.50 -7.76 -5.71
N LEU A 31 -9.19 -6.73 -6.11
CA LEU A 31 -9.28 -5.50 -5.26
C LEU A 31 -10.13 -5.72 -4.00
N GLN A 32 -9.65 -5.21 -2.90
CA GLN A 32 -10.41 -5.29 -1.63
C GLN A 32 -10.38 -3.91 -0.97
N VAL A 33 -11.51 -3.35 -0.68
CA VAL A 33 -11.50 -1.98 -0.09
C VAL A 33 -11.84 -2.00 1.41
N CYS A 34 -11.03 -1.34 2.20
CA CYS A 34 -11.29 -1.30 3.66
C CYS A 34 -11.76 0.11 4.06
N GLU A 35 -12.92 0.21 4.64
CA GLU A 35 -13.44 1.55 5.02
C GLU A 35 -12.60 2.18 6.14
N SER A 36 -11.94 1.40 6.94
CA SER A 36 -11.13 1.98 8.05
C SER A 36 -9.70 1.44 8.03
N GLY A 37 -8.97 1.65 9.10
CA GLY A 37 -7.57 1.13 9.15
C GLY A 37 -7.59 -0.13 9.99
N GLU A 38 -8.54 -0.20 10.88
CA GLU A 38 -8.68 -1.38 11.73
C GLU A 38 -9.22 -2.53 10.88
N MET A 39 -10.13 -2.19 10.00
CA MET A 39 -10.69 -3.21 9.08
C MET A 39 -9.56 -3.82 8.25
N LEU A 40 -8.64 -2.99 7.84
CA LEU A 40 -7.49 -3.48 7.04
C LEU A 40 -6.68 -4.51 7.85
N LEU A 41 -6.57 -4.29 9.14
CA LEU A 41 -5.81 -5.26 9.97
C LEU A 41 -6.47 -6.63 9.91
N GLU A 42 -7.77 -6.68 10.04
CA GLU A 42 -8.46 -8.00 9.99
C GLU A 42 -8.14 -8.70 8.67
N TYR A 43 -8.22 -7.98 7.58
CA TYR A 43 -7.92 -8.60 6.25
C TYR A 43 -6.44 -9.01 6.18
N ALA A 44 -5.56 -8.16 6.63
CA ALA A 44 -4.11 -8.48 6.58
C ALA A 44 -3.70 -9.34 7.78
N GLN A 45 -4.55 -9.45 8.77
CA GLN A 45 -4.20 -10.26 9.97
C GLN A 45 -4.37 -11.76 9.69
N THR A 46 -4.89 -12.12 8.56
CA THR A 46 -5.09 -13.58 8.30
C THR A 46 -4.64 -13.97 6.89
N HIS A 47 -4.41 -13.02 6.03
CA HIS A 47 -3.97 -13.36 4.64
C HIS A 47 -2.67 -12.60 4.32
N ARG A 48 -1.85 -12.36 5.31
CA ARG A 48 -0.59 -11.61 5.07
C ARG A 48 0.13 -12.14 3.83
N ASP A 49 0.40 -13.41 3.81
CA ASP A 49 1.11 -14.01 2.64
C ASP A 49 0.25 -13.91 1.38
N GLN A 50 -1.05 -14.04 1.52
CA GLN A 50 -1.94 -13.96 0.33
C GLN A 50 -1.94 -12.55 -0.23
N ILE A 51 -1.84 -11.55 0.61
CA ILE A 51 -1.86 -10.15 0.08
C ILE A 51 -0.68 -9.94 -0.84
N ASP A 52 -0.94 -9.51 -2.05
CA ASP A 52 0.17 -9.30 -3.02
C ASP A 52 0.64 -7.83 -2.99
N CYS A 53 -0.25 -6.90 -2.80
CA CYS A 53 0.16 -5.47 -2.77
C CYS A 53 -0.83 -4.66 -1.93
N LEU A 54 -0.36 -3.76 -1.10
CA LEU A 54 -1.31 -2.96 -0.28
C LEU A 54 -1.33 -1.50 -0.73
N ILE A 55 -2.48 -0.90 -0.81
CA ILE A 55 -2.54 0.53 -1.22
C ILE A 55 -2.79 1.39 0.02
N LEU A 56 -2.03 2.41 0.23
CA LEU A 56 -2.26 3.25 1.43
C LEU A 56 -2.30 4.73 1.08
N VAL A 57 -3.08 5.47 1.78
CA VAL A 57 -3.16 6.94 1.53
C VAL A 57 -2.75 7.68 2.81
N ALA A 58 -1.64 8.36 2.78
CA ALA A 58 -1.17 9.08 4.01
C ALA A 58 -2.23 10.06 4.50
N ALA A 59 -3.09 10.53 3.63
CA ALA A 59 -4.15 11.49 4.06
C ALA A 59 -5.08 10.84 5.09
N ASN A 60 -5.00 9.55 5.25
CA ASN A 60 -5.89 8.87 6.23
C ASN A 60 -5.37 9.04 7.66
N PRO A 61 -6.30 9.16 8.58
CA PRO A 61 -5.95 9.33 10.00
C PRO A 61 -5.39 8.02 10.56
N SER A 62 -4.78 8.08 11.72
CA SER A 62 -4.18 6.85 12.34
C SER A 62 -3.63 5.93 11.25
N PHE A 63 -3.16 6.48 10.17
CA PHE A 63 -2.61 5.64 9.08
C PHE A 63 -1.27 5.05 9.50
N ARG A 64 -0.30 5.88 9.75
CA ARG A 64 1.02 5.36 10.18
C ARG A 64 0.80 4.34 11.29
N ALA A 65 -0.14 4.61 12.16
CA ALA A 65 -0.43 3.65 13.25
C ALA A 65 -0.94 2.34 12.65
N VAL A 66 -1.90 2.42 11.76
CA VAL A 66 -2.43 1.19 11.12
C VAL A 66 -1.31 0.47 10.38
N VAL A 67 -0.47 1.21 9.70
CA VAL A 67 0.64 0.55 8.97
C VAL A 67 1.56 -0.14 9.98
N GLN A 68 1.77 0.47 11.11
CA GLN A 68 2.64 -0.16 12.14
C GLN A 68 2.01 -1.50 12.55
N GLN A 69 0.71 -1.58 12.56
CA GLN A 69 0.06 -2.87 12.92
C GLN A 69 0.49 -3.93 11.91
N LEU A 70 0.38 -3.63 10.65
CA LEU A 70 0.82 -4.61 9.62
C LEU A 70 2.26 -4.99 9.91
N CYS A 71 3.11 -4.00 10.04
CA CYS A 71 4.55 -4.26 10.36
C CYS A 71 4.66 -4.94 11.72
N PHE A 72 3.78 -4.63 12.63
CA PHE A 72 3.85 -5.24 13.98
C PHE A 72 3.70 -6.76 13.92
N GLU A 73 2.71 -7.25 13.23
CA GLU A 73 2.52 -8.74 13.14
C GLU A 73 3.50 -9.34 12.13
N GLY A 74 4.02 -8.54 11.24
CA GLY A 74 4.96 -9.06 10.23
C GLY A 74 4.29 -9.00 8.86
N VAL A 75 3.12 -8.42 8.77
CA VAL A 75 2.45 -8.34 7.44
C VAL A 75 3.21 -7.36 6.54
N VAL A 76 4.19 -7.83 5.81
CA VAL A 76 4.96 -6.91 4.92
C VAL A 76 4.65 -7.21 3.46
N VAL A 77 4.18 -6.22 2.74
CA VAL A 77 3.84 -6.42 1.29
C VAL A 77 4.27 -5.19 0.49
N PRO A 78 4.26 -5.32 -0.80
CA PRO A 78 4.61 -4.17 -1.66
C PRO A 78 3.51 -3.14 -1.53
N ALA A 79 3.66 -2.21 -0.64
CA ALA A 79 2.60 -1.20 -0.41
C ALA A 79 2.91 0.10 -1.14
N ILE A 80 1.97 0.56 -1.92
CA ILE A 80 2.16 1.84 -2.66
C ILE A 80 1.53 2.97 -1.84
N VAL A 81 2.31 3.94 -1.46
CA VAL A 81 1.77 5.05 -0.62
C VAL A 81 1.34 6.24 -1.49
N VAL A 82 0.32 6.95 -1.07
CA VAL A 82 -0.18 8.10 -1.87
C VAL A 82 -0.16 9.40 -1.06
N GLY A 83 -0.11 10.53 -1.72
CA GLY A 83 -0.09 11.83 -0.98
C GLY A 83 1.33 12.16 -0.52
N ASP A 84 2.28 12.06 -1.39
CA ASP A 84 3.69 12.37 -0.99
C ASP A 84 4.11 13.73 -1.54
N ARG A 85 4.59 14.60 -0.69
CA ARG A 85 5.03 15.95 -1.15
C ARG A 85 6.51 16.16 -0.83
N ASP A 86 7.19 16.92 -1.64
CA ASP A 86 8.64 17.18 -1.37
C ASP A 86 8.80 18.55 -0.72
N SER A 87 9.13 18.59 0.56
CA SER A 87 9.30 19.89 1.25
C SER A 87 10.36 19.78 2.35
N GLU A 88 10.84 20.89 2.83
CA GLU A 88 11.89 20.86 3.91
C GLU A 88 11.25 20.56 5.27
N ASP A 89 9.97 20.29 5.31
CA ASP A 89 9.32 20.01 6.62
C ASP A 89 10.00 18.81 7.29
N PRO A 90 10.62 19.07 8.41
CA PRO A 90 11.32 18.01 9.15
C PRO A 90 10.34 17.18 9.99
N ASP A 91 9.29 17.78 10.45
CA ASP A 91 8.30 17.04 11.28
C ASP A 91 7.51 16.07 10.42
N GLU A 92 7.13 16.47 9.23
CA GLU A 92 6.36 15.57 8.35
C GLU A 92 7.04 15.47 6.98
N PRO A 93 8.19 14.86 6.98
CA PRO A 93 8.98 14.69 5.74
C PRO A 93 8.43 13.51 4.92
N ALA A 94 9.25 12.94 4.08
CA ALA A 94 8.78 11.79 3.25
C ALA A 94 9.71 10.59 3.44
N LYS A 95 10.76 10.50 2.65
CA LYS A 95 11.72 9.36 2.79
C LYS A 95 10.96 8.06 3.12
N GLU A 96 11.54 7.20 3.89
CA GLU A 96 10.85 5.93 4.25
C GLU A 96 10.39 5.96 5.70
N GLN A 97 9.15 5.64 5.95
CA GLN A 97 8.66 5.65 7.36
C GLN A 97 7.17 5.26 7.42
N LEU A 98 6.43 5.47 6.36
CA LEU A 98 4.99 5.12 6.37
C LEU A 98 4.84 3.61 6.46
N TYR A 99 5.72 2.89 5.82
CA TYR A 99 5.65 1.41 5.86
C TYR A 99 7.06 0.82 5.91
N HIS A 100 7.36 -0.15 5.10
CA HIS A 100 8.73 -0.74 5.12
C HIS A 100 9.60 -0.02 4.09
N SER A 101 10.82 -0.47 3.89
CA SER A 101 11.70 0.20 2.90
C SER A 101 11.41 -0.32 1.50
N ALA A 102 10.33 -1.01 1.33
CA ALA A 102 9.98 -1.55 -0.01
C ALA A 102 8.65 -0.96 -0.52
N GLU A 103 7.87 -0.36 0.33
CA GLU A 103 6.59 0.23 -0.16
C GLU A 103 6.87 1.29 -1.23
N LEU A 104 6.21 1.20 -2.35
CA LEU A 104 6.45 2.20 -3.43
C LEU A 104 5.68 3.48 -3.12
N HIS A 105 6.05 4.57 -3.73
CA HIS A 105 5.34 5.85 -3.47
C HIS A 105 4.65 6.34 -4.74
N LEU A 106 3.47 6.88 -4.63
CA LEU A 106 2.76 7.38 -5.84
C LEU A 106 2.16 8.77 -5.58
N GLY A 107 2.12 9.59 -6.58
CA GLY A 107 1.54 10.95 -6.41
C GLY A 107 0.01 10.86 -6.39
N ILE A 108 -0.64 11.79 -5.75
CA ILE A 108 -2.12 11.78 -5.69
C ILE A 108 -2.71 12.01 -7.08
N HIS A 109 -2.09 12.88 -7.84
CA HIS A 109 -2.59 13.16 -9.21
C HIS A 109 -1.99 12.16 -10.20
N GLN A 110 -1.23 11.23 -9.72
CA GLN A 110 -0.61 10.22 -10.62
C GLN A 110 -1.29 8.86 -10.43
N LEU A 111 -2.55 8.86 -10.11
CA LEU A 111 -3.28 7.57 -9.91
C LEU A 111 -3.46 6.83 -11.23
N GLU A 112 -2.38 6.57 -11.89
CA GLU A 112 -2.45 5.82 -13.18
C GLU A 112 -1.27 4.84 -13.28
N GLN A 113 -0.32 4.94 -12.39
CA GLN A 113 0.85 4.01 -12.43
C GLN A 113 0.67 2.90 -11.39
N LEU A 114 -0.42 2.92 -10.67
CA LEU A 114 -0.65 1.87 -9.64
C LEU A 114 -0.38 0.46 -10.19
N PRO A 115 -0.97 0.14 -11.31
CA PRO A 115 -0.76 -1.22 -11.88
C PRO A 115 0.72 -1.43 -12.19
N TYR A 116 1.30 -0.57 -12.97
CA TYR A 116 2.75 -0.71 -13.27
C TYR A 116 3.53 -0.57 -11.95
N GLN A 117 3.13 0.35 -11.12
CA GLN A 117 3.80 0.52 -9.80
C GLN A 117 3.60 -0.76 -8.98
N VAL A 118 2.43 -1.33 -9.06
CA VAL A 118 2.15 -2.59 -8.31
C VAL A 118 3.09 -3.68 -8.83
N ASP A 119 3.10 -3.91 -10.12
CA ASP A 119 4.01 -4.96 -10.67
C ASP A 119 5.44 -4.62 -10.27
N ALA A 120 5.79 -3.36 -10.32
CA ALA A 120 7.16 -2.95 -9.90
C ALA A 120 7.28 -3.10 -8.38
N ALA A 121 6.22 -2.76 -7.68
CA ALA A 121 6.25 -2.87 -6.20
C ALA A 121 6.47 -4.34 -5.81
N LEU A 122 5.86 -5.25 -6.52
CA LEU A 122 6.05 -6.69 -6.20
C LEU A 122 7.51 -7.07 -6.37
N ALA A 123 8.06 -6.80 -7.53
CA ALA A 123 9.50 -7.12 -7.76
C ALA A 123 10.36 -6.30 -6.80
N GLU A 124 10.00 -5.07 -6.57
CA GLU A 124 10.80 -4.22 -5.65
C GLU A 124 10.74 -4.78 -4.23
N PHE A 125 9.59 -5.24 -3.80
CA PHE A 125 9.48 -5.80 -2.42
C PHE A 125 10.30 -7.10 -2.31
N LEU A 126 10.28 -7.90 -3.34
CA LEU A 126 11.04 -9.18 -3.29
C LEU A 126 12.54 -8.93 -3.09
N ARG A 127 13.11 -8.05 -3.86
CA ARG A 127 14.57 -7.78 -3.70
C ARG A 127 14.87 -7.24 -2.30
N LEU A 128 14.02 -6.39 -1.79
CA LEU A 128 14.25 -5.82 -0.43
C LEU A 128 13.73 -6.78 0.66
N ALA A 129 12.84 -7.66 0.31
CA ALA A 129 12.30 -8.59 1.34
C ALA A 129 13.39 -9.58 1.78
N PRO A 130 13.47 -9.83 3.06
CA PRO A 130 12.56 -9.17 4.05
C PRO A 130 12.99 -7.72 4.31
N VAL A 131 12.15 -6.78 3.97
CA VAL A 131 12.52 -5.34 4.22
C VAL A 131 12.50 -5.06 5.72
N GLU A 132 13.01 -3.93 6.13
CA GLU A 132 13.02 -3.62 7.59
C GLU A 132 11.79 -2.79 7.97
N THR A 133 10.80 -3.42 8.55
CA THR A 133 9.57 -2.68 8.95
C THR A 133 9.78 -2.06 10.34
N MET A 134 10.62 -1.07 10.44
CA MET A 134 10.90 -0.42 11.76
C MET A 134 9.70 0.44 12.20
N ALA A 135 8.52 -0.13 12.23
CA ALA A 135 7.34 0.67 12.67
C ALA A 135 7.64 1.34 14.02
N MET A 1 -1.70 -22.11 -12.19
CA MET A 1 -1.53 -21.81 -10.73
C MET A 1 -1.87 -20.35 -10.46
N LEU A 2 -1.10 -19.44 -11.00
CA LEU A 2 -1.39 -18.00 -10.74
C LEU A 2 -2.73 -17.63 -11.36
N SER A 3 -3.70 -17.33 -10.54
CA SER A 3 -5.03 -16.95 -11.08
C SER A 3 -5.15 -15.43 -11.16
N GLN A 4 -5.03 -14.78 -10.03
CA GLN A 4 -5.13 -13.30 -10.00
C GLN A 4 -4.21 -12.73 -8.92
N ILE A 5 -4.03 -11.44 -8.90
CA ILE A 5 -3.15 -10.81 -7.87
C ILE A 5 -4.01 -10.24 -6.74
N ALA A 6 -3.61 -10.46 -5.50
CA ALA A 6 -4.42 -9.93 -4.39
C ALA A 6 -3.86 -8.58 -3.93
N ILE A 7 -4.66 -7.55 -3.98
CA ILE A 7 -4.16 -6.22 -3.53
C ILE A 7 -5.08 -5.68 -2.43
N CYS A 8 -4.53 -5.09 -1.42
CA CYS A 8 -5.38 -4.57 -0.31
C CYS A 8 -5.31 -3.05 -0.24
N ILE A 9 -6.38 -2.38 -0.58
CA ILE A 9 -6.36 -0.90 -0.54
C ILE A 9 -7.17 -0.38 0.65
N TRP A 10 -6.62 0.59 1.35
CA TRP A 10 -7.37 1.18 2.50
C TRP A 10 -7.63 2.64 2.17
N VAL A 11 -8.80 2.96 1.72
CA VAL A 11 -9.08 4.37 1.38
C VAL A 11 -10.53 4.73 1.68
N GLU A 12 -10.72 5.75 2.47
CA GLU A 12 -12.10 6.19 2.82
C GLU A 12 -12.73 6.94 1.65
N SER A 13 -11.94 7.59 0.84
CA SER A 13 -12.51 8.34 -0.32
C SER A 13 -12.85 7.38 -1.46
N THR A 14 -14.04 7.46 -1.99
CA THR A 14 -14.42 6.56 -3.11
C THR A 14 -13.58 6.89 -4.34
N ALA A 15 -13.43 8.16 -4.63
CA ALA A 15 -12.61 8.55 -5.83
C ALA A 15 -11.24 7.88 -5.75
N ILE A 16 -10.56 8.01 -4.64
CA ILE A 16 -9.23 7.37 -4.52
C ILE A 16 -9.42 5.85 -4.62
N LEU A 17 -10.44 5.36 -3.98
CA LEU A 17 -10.73 3.90 -4.05
C LEU A 17 -10.95 3.51 -5.50
N GLN A 18 -11.67 4.31 -6.23
CA GLN A 18 -11.92 4.00 -7.66
C GLN A 18 -10.64 4.17 -8.46
N ASP A 19 -10.01 5.30 -8.35
CA ASP A 19 -8.75 5.52 -9.11
C ASP A 19 -7.74 4.42 -8.80
N CYS A 20 -7.63 4.04 -7.54
CA CYS A 20 -6.67 2.97 -7.19
C CYS A 20 -7.03 1.67 -7.90
N GLN A 21 -8.27 1.27 -7.88
CA GLN A 21 -8.66 0.03 -8.57
C GLN A 21 -8.79 0.28 -10.06
N ARG A 22 -9.31 1.41 -10.44
CA ARG A 22 -9.43 1.69 -11.90
C ARG A 22 -8.09 1.38 -12.54
N ALA A 23 -7.04 1.93 -12.00
CA ALA A 23 -5.70 1.63 -12.54
C ALA A 23 -5.44 0.13 -12.33
N LEU A 24 -5.63 -0.35 -11.12
CA LEU A 24 -5.44 -1.80 -10.86
C LEU A 24 -6.74 -2.56 -11.20
N SER A 25 -7.21 -2.43 -12.41
CA SER A 25 -8.46 -3.12 -12.79
C SER A 25 -8.16 -4.36 -13.63
N ALA A 26 -6.90 -4.58 -13.94
CA ALA A 26 -6.51 -5.79 -14.73
C ALA A 26 -7.41 -6.96 -14.34
N ASP A 27 -7.85 -7.74 -15.28
CA ASP A 27 -8.74 -8.89 -14.95
C ASP A 27 -8.12 -9.79 -13.88
N ARG A 28 -6.85 -9.65 -13.63
CA ARG A 28 -6.21 -10.51 -12.61
C ARG A 28 -5.96 -9.72 -11.32
N TYR A 29 -6.75 -8.70 -11.08
CA TYR A 29 -6.52 -7.91 -9.84
C TYR A 29 -7.63 -8.16 -8.83
N GLN A 30 -7.27 -8.52 -7.64
CA GLN A 30 -8.27 -8.78 -6.58
C GLN A 30 -8.07 -7.73 -5.49
N LEU A 31 -8.72 -6.62 -5.61
CA LEU A 31 -8.53 -5.53 -4.62
C LEU A 31 -9.56 -5.61 -3.48
N GLN A 32 -9.08 -5.59 -2.27
CA GLN A 32 -10.01 -5.61 -1.10
C GLN A 32 -10.11 -4.18 -0.56
N VAL A 33 -11.28 -3.61 -0.55
CA VAL A 33 -11.38 -2.21 -0.03
C VAL A 33 -11.92 -2.19 1.39
N CYS A 34 -11.23 -1.52 2.26
CA CYS A 34 -11.68 -1.45 3.68
C CYS A 34 -12.09 -0.02 4.02
N GLU A 35 -13.29 0.18 4.47
CA GLU A 35 -13.74 1.56 4.81
C GLU A 35 -12.82 2.17 5.86
N SER A 36 -12.34 1.38 6.78
CA SER A 36 -11.42 1.91 7.83
C SER A 36 -10.01 1.39 7.62
N GLY A 37 -9.16 1.56 8.58
CA GLY A 37 -7.78 1.03 8.46
C GLY A 37 -7.75 -0.26 9.26
N GLU A 38 -8.57 -0.31 10.28
CA GLU A 38 -8.69 -1.52 11.10
C GLU A 38 -9.21 -2.64 10.22
N MET A 39 -10.12 -2.30 9.35
CA MET A 39 -10.68 -3.31 8.43
C MET A 39 -9.58 -3.80 7.50
N LEU A 40 -8.72 -2.91 7.06
CA LEU A 40 -7.60 -3.34 6.19
C LEU A 40 -6.69 -4.24 7.01
N LEU A 41 -6.39 -3.85 8.22
CA LEU A 41 -5.52 -4.69 9.08
C LEU A 41 -6.10 -6.08 9.24
N GLU A 42 -7.36 -6.17 9.60
CA GLU A 42 -8.00 -7.51 9.77
C GLU A 42 -7.89 -8.34 8.50
N TYR A 43 -8.08 -7.74 7.35
CA TYR A 43 -7.97 -8.51 6.10
C TYR A 43 -6.58 -9.11 5.97
N ALA A 44 -5.58 -8.34 6.26
CA ALA A 44 -4.19 -8.86 6.15
C ALA A 44 -3.95 -9.97 7.20
N GLN A 45 -4.67 -9.94 8.29
CA GLN A 45 -4.50 -11.00 9.33
C GLN A 45 -4.82 -12.37 8.72
N THR A 46 -5.67 -12.38 7.73
CA THR A 46 -6.05 -13.67 7.09
C THR A 46 -5.07 -13.97 5.97
N HIS A 47 -4.50 -12.95 5.41
CA HIS A 47 -3.52 -13.14 4.32
C HIS A 47 -2.44 -12.06 4.43
N ARG A 48 -1.29 -12.42 4.89
CA ARG A 48 -0.19 -11.42 5.01
C ARG A 48 0.65 -11.47 3.76
N ASP A 49 1.13 -12.64 3.45
CA ASP A 49 1.98 -12.84 2.24
C ASP A 49 1.10 -13.05 1.00
N GLN A 50 -0.09 -13.55 1.18
CA GLN A 50 -0.98 -13.78 0.00
C GLN A 50 -1.34 -12.43 -0.62
N ILE A 51 -1.19 -11.36 0.10
CA ILE A 51 -1.51 -10.03 -0.47
C ILE A 51 -0.41 -9.65 -1.45
N ASP A 52 -0.76 -9.49 -2.69
CA ASP A 52 0.26 -9.15 -3.71
C ASP A 52 0.60 -7.66 -3.71
N CYS A 53 -0.23 -6.83 -3.13
CA CYS A 53 0.09 -5.38 -3.13
C CYS A 53 -0.89 -4.63 -2.25
N LEU A 54 -0.40 -3.90 -1.27
CA LEU A 54 -1.35 -3.15 -0.39
C LEU A 54 -1.30 -1.66 -0.72
N ILE A 55 -2.44 -1.02 -0.84
CA ILE A 55 -2.42 0.43 -1.16
C ILE A 55 -2.71 1.26 0.09
N LEU A 56 -2.08 2.38 0.21
CA LEU A 56 -2.32 3.22 1.40
C LEU A 56 -2.35 4.71 1.03
N VAL A 57 -3.05 5.48 1.81
CA VAL A 57 -3.13 6.94 1.53
C VAL A 57 -2.43 7.68 2.67
N ALA A 58 -1.22 8.12 2.45
CA ALA A 58 -0.46 8.83 3.53
C ALA A 58 -1.22 10.08 3.99
N ALA A 59 -2.14 10.55 3.20
CA ALA A 59 -2.89 11.77 3.59
C ALA A 59 -3.62 11.57 4.93
N ASN A 60 -3.89 10.36 5.33
CA ASN A 60 -4.59 10.13 6.62
C ASN A 60 -3.63 10.36 7.81
N PRO A 61 -4.22 10.65 8.95
CA PRO A 61 -3.43 10.90 10.17
C PRO A 61 -3.01 9.59 10.86
N SER A 62 -3.96 8.84 11.35
CA SER A 62 -3.62 7.55 12.04
C SER A 62 -3.13 6.52 11.02
N PHE A 63 -3.09 6.87 9.77
CA PHE A 63 -2.63 5.90 8.74
C PHE A 63 -1.29 5.26 9.16
N ARG A 64 -0.31 6.05 9.54
CA ARG A 64 0.99 5.46 9.95
C ARG A 64 0.77 4.44 11.06
N ALA A 65 -0.19 4.70 11.91
CA ALA A 65 -0.48 3.74 13.01
C ALA A 65 -1.04 2.45 12.42
N VAL A 66 -1.88 2.56 11.44
CA VAL A 66 -2.45 1.34 10.81
C VAL A 66 -1.33 0.59 10.10
N VAL A 67 -0.45 1.30 9.44
CA VAL A 67 0.66 0.61 8.72
C VAL A 67 1.55 -0.15 9.72
N GLN A 68 1.97 0.49 10.78
CA GLN A 68 2.83 -0.25 11.75
C GLN A 68 2.06 -1.44 12.31
N GLN A 69 0.76 -1.33 12.38
CA GLN A 69 -0.07 -2.48 12.89
C GLN A 69 0.17 -3.68 11.97
N LEU A 70 0.18 -3.45 10.68
CA LEU A 70 0.43 -4.58 9.73
C LEU A 70 1.78 -5.20 10.07
N CYS A 71 2.78 -4.39 10.21
CA CYS A 71 4.14 -4.90 10.57
C CYS A 71 4.11 -5.64 11.90
N PHE A 72 3.25 -5.25 12.81
CA PHE A 72 3.20 -5.93 14.13
C PHE A 72 2.98 -7.44 13.94
N GLU A 73 1.92 -7.82 13.28
CA GLU A 73 1.71 -9.28 13.05
C GLU A 73 2.75 -9.78 12.05
N GLY A 74 3.43 -8.88 11.41
CA GLY A 74 4.47 -9.28 10.42
C GLY A 74 3.90 -9.19 9.00
N VAL A 75 2.70 -8.69 8.85
CA VAL A 75 2.13 -8.60 7.47
C VAL A 75 2.87 -7.55 6.65
N VAL A 76 3.97 -7.92 6.06
CA VAL A 76 4.74 -6.94 5.22
C VAL A 76 4.47 -7.26 3.74
N VAL A 77 4.14 -6.26 2.96
CA VAL A 77 3.81 -6.52 1.52
C VAL A 77 4.29 -5.37 0.63
N PRO A 78 4.27 -5.59 -0.65
CA PRO A 78 4.64 -4.52 -1.60
C PRO A 78 3.55 -3.46 -1.52
N ALA A 79 3.65 -2.58 -0.58
CA ALA A 79 2.59 -1.56 -0.40
C ALA A 79 2.91 -0.25 -1.11
N ILE A 80 1.95 0.32 -1.78
CA ILE A 80 2.16 1.63 -2.48
C ILE A 80 1.59 2.75 -1.61
N VAL A 81 2.30 3.84 -1.45
CA VAL A 81 1.77 4.94 -0.59
C VAL A 81 1.33 6.14 -1.44
N VAL A 82 0.18 6.70 -1.13
CA VAL A 82 -0.32 7.88 -1.90
C VAL A 82 -0.33 9.13 -1.03
N GLY A 83 0.13 10.24 -1.55
CA GLY A 83 0.13 11.51 -0.74
C GLY A 83 1.57 11.89 -0.38
N ASP A 84 1.96 13.11 -0.66
CA ASP A 84 3.36 13.54 -0.32
C ASP A 84 3.40 15.05 -0.07
N ARG A 85 4.33 15.51 0.74
CA ARG A 85 4.43 16.98 1.00
C ARG A 85 4.83 17.71 -0.28
N ASP A 86 4.50 18.97 -0.38
CA ASP A 86 4.87 19.73 -1.62
C ASP A 86 6.05 20.67 -1.33
N SER A 87 6.74 20.45 -0.24
CA SER A 87 7.89 21.34 0.09
C SER A 87 9.13 20.53 0.44
N GLU A 88 10.29 21.12 0.33
CA GLU A 88 11.54 20.39 0.66
C GLU A 88 11.87 20.59 2.14
N ASP A 89 10.96 21.15 2.88
CA ASP A 89 11.22 21.37 4.34
C ASP A 89 11.75 20.07 4.95
N PRO A 90 12.93 20.14 5.49
CA PRO A 90 13.53 18.94 6.12
C PRO A 90 12.82 18.64 7.44
N ASP A 91 12.07 19.60 7.92
CA ASP A 91 11.34 19.41 9.20
C ASP A 91 10.29 18.30 9.07
N GLU A 92 9.69 18.14 7.92
CA GLU A 92 8.64 17.08 7.76
C GLU A 92 8.74 16.43 6.37
N PRO A 93 9.68 15.54 6.23
CA PRO A 93 9.87 14.84 4.94
C PRO A 93 8.82 13.74 4.75
N ALA A 94 9.10 12.83 3.86
CA ALA A 94 8.14 11.70 3.60
C ALA A 94 8.83 10.66 2.71
N LYS A 95 9.40 9.64 3.30
CA LYS A 95 10.08 8.60 2.47
C LYS A 95 10.57 7.45 3.37
N GLU A 96 10.20 6.24 3.03
CA GLU A 96 10.64 5.06 3.84
C GLU A 96 10.26 5.24 5.31
N GLN A 97 9.08 5.73 5.61
CA GLN A 97 8.71 5.93 7.04
C GLN A 97 7.28 5.45 7.33
N LEU A 98 6.41 5.52 6.37
CA LEU A 98 5.00 5.09 6.60
C LEU A 98 4.92 3.57 6.67
N TYR A 99 5.63 2.91 5.80
CA TYR A 99 5.62 1.42 5.82
C TYR A 99 7.07 0.93 5.82
N HIS A 100 7.34 -0.20 5.22
CA HIS A 100 8.75 -0.69 5.21
C HIS A 100 9.57 0.03 4.14
N SER A 101 10.83 -0.31 4.03
CA SER A 101 11.71 0.35 3.02
C SER A 101 11.42 -0.15 1.60
N ALA A 102 10.41 -0.95 1.42
CA ALA A 102 10.11 -1.47 0.06
C ALA A 102 8.82 -0.86 -0.50
N GLU A 103 7.90 -0.45 0.33
CA GLU A 103 6.63 0.14 -0.18
C GLU A 103 6.92 1.09 -1.35
N LEU A 104 5.94 1.32 -2.18
CA LEU A 104 6.16 2.24 -3.34
C LEU A 104 5.47 3.58 -3.09
N HIS A 105 5.80 4.58 -3.84
CA HIS A 105 5.16 5.90 -3.63
C HIS A 105 4.41 6.33 -4.89
N LEU A 106 3.28 6.98 -4.74
CA LEU A 106 2.53 7.42 -5.93
C LEU A 106 1.90 8.80 -5.67
N GLY A 107 2.12 9.74 -6.55
CA GLY A 107 1.56 11.10 -6.36
C GLY A 107 0.03 11.03 -6.25
N ILE A 108 -0.56 11.92 -5.49
CA ILE A 108 -2.03 11.91 -5.34
C ILE A 108 -2.72 12.09 -6.70
N HIS A 109 -2.21 12.94 -7.55
CA HIS A 109 -2.84 13.16 -8.88
C HIS A 109 -2.29 12.16 -9.90
N GLN A 110 -1.44 11.27 -9.46
CA GLN A 110 -0.87 10.27 -10.42
C GLN A 110 -1.57 8.93 -10.25
N LEU A 111 -2.80 8.94 -9.83
CA LEU A 111 -3.53 7.65 -9.64
C LEU A 111 -3.82 7.02 -11.01
N GLU A 112 -3.02 6.05 -11.34
CA GLU A 112 -3.15 5.32 -12.65
C GLU A 112 -1.91 4.44 -12.82
N GLN A 113 -0.83 4.82 -12.19
CA GLN A 113 0.43 4.03 -12.27
C GLN A 113 0.37 2.85 -11.30
N LEU A 114 -0.68 2.76 -10.53
CA LEU A 114 -0.82 1.64 -9.56
C LEU A 114 -0.50 0.29 -10.19
N PRO A 115 -1.03 0.04 -11.37
CA PRO A 115 -0.76 -1.27 -12.02
C PRO A 115 0.74 -1.39 -12.30
N TYR A 116 1.35 -0.40 -12.88
CA TYR A 116 2.81 -0.48 -13.11
C TYR A 116 3.50 -0.39 -11.74
N GLN A 117 2.94 0.38 -10.84
CA GLN A 117 3.54 0.50 -9.47
C GLN A 117 3.36 -0.82 -8.73
N VAL A 118 2.27 -1.50 -8.96
CA VAL A 118 2.05 -2.80 -8.29
C VAL A 118 3.13 -3.79 -8.72
N ASP A 119 3.39 -3.88 -9.99
CA ASP A 119 4.47 -4.81 -10.46
C ASP A 119 5.82 -4.29 -9.97
N ALA A 120 6.02 -3.00 -10.04
CA ALA A 120 7.32 -2.45 -9.55
C ALA A 120 7.37 -2.58 -8.03
N ALA A 121 6.25 -2.36 -7.38
CA ALA A 121 6.22 -2.51 -5.89
C ALA A 121 6.52 -3.95 -5.54
N LEU A 122 5.95 -4.88 -6.27
CA LEU A 122 6.21 -6.31 -5.99
C LEU A 122 7.70 -6.59 -6.12
N ALA A 123 8.28 -6.20 -7.22
CA ALA A 123 9.74 -6.43 -7.42
C ALA A 123 10.54 -5.66 -6.37
N GLU A 124 10.19 -4.42 -6.13
CA GLU A 124 10.94 -3.64 -5.10
C GLU A 124 10.75 -4.29 -3.73
N PHE A 125 9.61 -4.89 -3.49
CA PHE A 125 9.38 -5.55 -2.16
C PHE A 125 10.29 -6.77 -2.01
N LEU A 126 10.42 -7.56 -3.03
CA LEU A 126 11.28 -8.78 -2.95
C LEU A 126 12.75 -8.40 -2.76
N ARG A 127 13.19 -7.34 -3.37
CA ARG A 127 14.61 -6.92 -3.22
C ARG A 127 14.93 -6.63 -1.76
N LEU A 128 14.08 -5.91 -1.09
CA LEU A 128 14.33 -5.58 0.34
C LEU A 128 13.77 -6.68 1.24
N ALA A 129 13.09 -7.64 0.66
CA ALA A 129 12.53 -8.75 1.48
C ALA A 129 13.64 -9.67 1.99
N PRO A 130 13.64 -9.93 3.27
CA PRO A 130 12.61 -9.35 4.19
C PRO A 130 12.90 -7.86 4.43
N VAL A 131 12.02 -6.99 4.01
CA VAL A 131 12.26 -5.54 4.24
C VAL A 131 12.27 -5.26 5.73
N GLU A 132 12.80 -4.15 6.15
CA GLU A 132 12.83 -3.85 7.61
C GLU A 132 11.70 -2.89 7.97
N THR A 133 10.64 -3.39 8.55
CA THR A 133 9.51 -2.51 8.94
C THR A 133 9.85 -1.80 10.25
N MET A 134 9.69 -0.50 10.30
CA MET A 134 10.05 0.24 11.54
C MET A 134 8.84 0.36 12.48
N ALA A 135 7.76 -0.30 12.16
CA ALA A 135 6.56 -0.23 13.04
C ALA A 135 6.97 -0.31 14.50
#